data_9BEA
#
_entry.id   9BEA
#
_cell.length_a   1.00
_cell.length_b   1.00
_cell.length_c   1.00
_cell.angle_alpha   90.00
_cell.angle_beta   90.00
_cell.angle_gamma   90.00
#
_symmetry.space_group_name_H-M   'P 1'
#
loop_
_entity.id
_entity.type
_entity.pdbx_description
1 polymer 'Spike glycoprotein'
2 branched beta-D-mannopyranose-(1-4)-2-acetamido-2-deoxy-beta-D-glucopyranose-(1-4)-2-acetamido-2-deoxy-beta-D-glucopyranose
3 branched 2-acetamido-2-deoxy-beta-D-glucopyranose-(1-4)-2-acetamido-2-deoxy-beta-D-glucopyranose
4 branched alpha-D-mannopyranose-(1-3)-beta-D-mannopyranose-(1-4)-2-acetamido-2-deoxy-beta-D-glucopyranose-(1-4)-2-acetamido-2-deoxy-beta-D-glucopyranose
5 branched alpha-D-mannopyranose-(1-3)-[alpha-D-mannopyranose-(1-6)]beta-D-mannopyranose-(1-4)-2-acetamido-2-deoxy-beta-D-glucopyranose-(1-4)-2-acetamido-2-deoxy-beta-D-glucopyranose
6 branched 2-acetamido-2-deoxy-beta-D-glucopyranose-(1-4)-[alpha-L-fucopyranose-(1-6)]2-acetamido-2-deoxy-beta-D-glucopyranose
7 branched alpha-D-mannopyranose-(1-3)-alpha-D-mannopyranose-(1-4)-2-acetamido-2-deoxy-beta-D-glucopyranose-(1-4)-2-acetamido-2-deoxy-beta-D-glucopyranose
8 branched alpha-D-mannopyranose-(1-6)-alpha-D-mannopyranose-(1-4)-2-acetamido-2-deoxy-beta-D-glucopyranose-(1-4)-2-acetamido-2-deoxy-beta-D-glucopyranose
9 branched beta-D-mannopyranose-(1-4)-2-acetamido-2-deoxy-beta-D-glucopyranose
10 branched alpha-D-mannopyranose-(1-6)-beta-D-mannopyranose-(1-4)-2-acetamido-2-deoxy-beta-D-glucopyranose-(1-4)-2-acetamido-2-deoxy-beta-D-glucopyranose
11 branched alpha-L-fucopyranose-(1-6)-2-acetamido-2-deoxy-beta-D-glucopyranose
12 branched alpha-D-mannopyranose-(1-3)-[alpha-D-mannopyranose-(1-6)]beta-D-mannopyranose-(1-4)-2-acetamido-2-deoxy-beta-D-glucopyranose-(1-4)-[alpha-L-fucopyranose-(1-6)]2-acetamido-2-deoxy-beta-D-glucopyranose
13 non-polymer 2-acetamido-2-deoxy-beta-D-glucopyranose
#
_entity_poly.entity_id   1
_entity_poly.type   'polypeptide(L)'
_entity_poly.pdbx_seq_one_letter_code
;MFVFLVLLPLVSSQCVNLSAWSHPQFEKGGGSGGGSGGSSAWSHPQFEKSALVPRGSTTRTQLPPAYTNSFTRGVYYPDK
VFRSSVLHSTQDLFLPFFSNVTWFHAIHVSGTNGTKRFDNPVLPFNDGVYFASTEKSNIIRGWIFGTTLDSKTQSLLIVN
NATNVVIKVCEFQFCNDPFLGVYYHKNNKSWMESEFRVYSSANNCTFEYVSQPFLMDLEGKQGNFKNLREFVFKNIDGYF
KIYSKHTPINLVRDLPQGFSALEPLVDLPIGINITRFQTLLALHRSYLTPGDSSSGWTAGAAAYYVGYLQPRTFLLKYNE
NGTITDAVDCALDPLSETKCTLKSFTVEKGIYQTSNFRVQPTESIVRFPNITNLCPFGEVFNATRFASVYAWNRKRISNC
VADYSVLYNSASFSTFKCYGVSPTKLNDLCFTNVYADSFVIRGDEVRQIAPGQTGKIADYNYKLPDDFTGCVIAWNSNNL
DSKVGGNYNYLYRLFRKSNLKPFERDISTEIYQAGSTPCNGVEGFNCYFPLQSYGFQPTNGVGYQPYRVVVLSFELLHAP
ATVCGPKKSTNLVKNKCVNFNFNGLTGTGVLTESNKKFLPFQQFGRDIADTTDAVRDPQTLEILDITPCSFGGVSVITPG
TNTSNQVAVLYQGVNCTEVPVAIHADQLTPTWRVYSTGSNVFQTRAGCLIGAEHVNNSYECDIPIGAGICASYQTQTNSP
GSASSVASQSIIAYTMSLGAENSVAYSNNSIAIPTNFTISVTTEILPVSMTKTSVDCTMYICGDSTECSNLLLQYGSFCT
QLNRALTGIAVEQDKNTQEVFAQVKQIYKTPPIKDFGGFNFSQILPDPSKPSKRSFIEDLLFNKVTLADAGFIKQYGDCL
GDIAARDLICAQKFNGLTVLPPLLTDEMIAQYTSALLAGTITSGWTFGAGAALQIPFAMQMAYRFNGIGVTQNVLYENQK
LIANQFNSAIGKIQDSLSSTASALGKLQDVVNQNAQALNTLVKQLSSNFGAISSVLNDILSRLDPPEAEVQIDRLITGRL
QSLQTYVTQQLIRAAEIRASANLAATKMSECVLGQSKRVDFCGKGYHLMSFPQSAPHGVVFLHVTYVPAQEKNFTTAPAI
CHDGKAHFPREGVFVSNGTHWFVTQRNFYEPQIITTDNTFVSGNCDVVIGIVNNTVYDPLQPELDSFKEELDKYFKNHTS
PDVDLGDISGINASVVNIQKEIDRLNEVAKNLNESLIDLQELGKYEQYIKWPWYIWLGFIAGLIAIVMVTIMLCCMTSCC
SCLKGCCSCGSCCKFDEDDSEPVLKGVKLHYT
;
_entity_poly.pdbx_strand_id   A,B,C
#
loop_
_chem_comp.id
_chem_comp.type
_chem_comp.name
_chem_comp.formula
BMA D-saccharide, beta linking beta-D-mannopyranose 'C6 H12 O6'
FUC L-saccharide, alpha linking alpha-L-fucopyranose 'C6 H12 O5'
MAN D-saccharide, alpha linking alpha-D-mannopyranose 'C6 H12 O6'
NAG D-saccharide, beta linking 2-acetamido-2-deoxy-beta-D-glucopyranose 'C8 H15 N O6'
#
# COMPACT_ATOMS: atom_id res chain seq x y z
N ALA A 66 33.56 -48.78 3.67
CA ALA A 66 34.44 -47.62 3.55
C ALA A 66 33.63 -46.33 3.47
N TYR A 67 34.29 -45.23 3.12
CA TYR A 67 33.66 -43.92 3.01
C TYR A 67 33.99 -43.32 1.65
N THR A 68 32.99 -42.69 1.03
CA THR A 68 33.18 -42.05 -0.26
C THR A 68 32.23 -40.87 -0.37
N ASN A 69 32.52 -39.98 -1.32
CA ASN A 69 31.78 -38.75 -1.48
C ASN A 69 30.63 -38.93 -2.45
N SER A 70 29.44 -38.47 -2.07
CA SER A 70 28.26 -38.49 -2.94
C SER A 70 28.40 -37.35 -3.94
N PHE A 71 29.08 -37.64 -5.05
CA PHE A 71 29.45 -36.59 -5.98
C PHE A 71 28.26 -35.87 -6.59
N THR A 72 27.47 -36.56 -7.41
CA THR A 72 26.38 -35.93 -8.14
C THR A 72 25.18 -36.87 -8.26
N ARG A 73 24.87 -37.59 -7.18
CA ARG A 73 23.79 -38.57 -7.20
C ARG A 73 22.69 -38.14 -6.23
N GLY A 74 21.69 -39.00 -6.07
CA GLY A 74 20.56 -38.69 -5.23
C GLY A 74 19.67 -37.60 -5.79
N VAL A 75 19.42 -37.61 -7.10
CA VAL A 75 18.55 -36.66 -7.75
C VAL A 75 17.36 -37.42 -8.34
N TYR A 76 16.16 -37.09 -7.87
CA TYR A 76 14.95 -37.74 -8.31
C TYR A 76 13.89 -36.70 -8.63
N TYR A 77 13.03 -37.01 -9.58
CA TYR A 77 11.95 -36.11 -9.93
C TYR A 77 11.03 -35.96 -8.72
N PRO A 78 10.83 -34.75 -8.19
CA PRO A 78 10.08 -34.61 -6.93
C PRO A 78 8.58 -34.68 -7.09
N ASP A 79 8.05 -34.58 -8.29
CA ASP A 79 6.61 -34.51 -8.49
C ASP A 79 6.27 -35.14 -9.83
N LYS A 80 5.06 -34.89 -10.31
CA LYS A 80 4.56 -35.43 -11.56
C LYS A 80 4.30 -34.32 -12.58
N VAL A 81 5.15 -33.30 -12.58
CA VAL A 81 4.98 -32.11 -13.40
C VAL A 81 6.01 -32.10 -14.52
N PHE A 82 5.58 -31.64 -15.68
CA PHE A 82 6.47 -31.44 -16.83
C PHE A 82 6.87 -29.98 -16.92
N ARG A 83 8.15 -29.74 -17.20
CA ARG A 83 8.67 -28.40 -17.37
C ARG A 83 9.67 -28.40 -18.52
N SER A 84 9.87 -27.23 -19.11
CA SER A 84 10.71 -27.11 -20.29
C SER A 84 11.61 -25.88 -20.20
N SER A 85 12.90 -26.07 -20.50
CA SER A 85 13.85 -24.96 -20.62
C SER A 85 13.76 -24.00 -19.45
N VAL A 86 13.41 -24.50 -18.27
CA VAL A 86 13.20 -23.67 -17.10
C VAL A 86 13.97 -24.26 -15.93
N LEU A 87 14.50 -23.38 -15.08
CA LEU A 87 15.20 -23.77 -13.86
C LEU A 87 14.21 -23.63 -12.71
N HIS A 88 13.65 -24.76 -12.28
CA HIS A 88 12.61 -24.77 -11.25
C HIS A 88 13.23 -25.04 -9.89
N SER A 89 12.90 -24.20 -8.92
CA SER A 89 13.38 -24.37 -7.56
C SER A 89 12.53 -25.39 -6.82
N THR A 90 13.19 -26.21 -5.99
CA THR A 90 12.52 -27.26 -5.25
C THR A 90 13.07 -27.31 -3.83
N GLN A 91 12.23 -27.80 -2.92
CA GLN A 91 12.61 -27.96 -1.51
C GLN A 91 11.99 -29.26 -1.01
N ASP A 92 12.83 -30.27 -0.77
CA ASP A 92 12.35 -31.57 -0.36
C ASP A 92 13.53 -32.34 0.23
N LEU A 93 13.22 -33.45 0.89
CA LEU A 93 14.26 -34.35 1.35
C LEU A 93 15.13 -34.77 0.17
N PHE A 94 16.44 -34.68 0.35
CA PHE A 94 17.37 -34.95 -0.72
C PHE A 94 18.65 -35.52 -0.15
N LEU A 95 19.42 -36.18 -1.00
CA LEU A 95 20.76 -36.62 -0.63
C LEU A 95 21.64 -35.38 -0.53
N PRO A 96 22.22 -35.08 0.63
CA PRO A 96 23.08 -33.89 0.72
C PRO A 96 24.21 -33.97 -0.30
N PHE A 97 24.48 -32.85 -0.96
CA PHE A 97 25.42 -32.83 -2.06
C PHE A 97 26.85 -32.96 -1.54
N PHE A 98 27.66 -33.73 -2.26
CA PHE A 98 29.05 -33.96 -1.89
C PHE A 98 29.15 -34.45 -0.45
N SER A 99 28.22 -35.31 -0.06
CA SER A 99 28.20 -35.88 1.27
C SER A 99 28.92 -37.22 1.30
N ASN A 100 29.53 -37.53 2.43
CA ASN A 100 30.21 -38.80 2.60
C ASN A 100 29.18 -39.90 2.79
N VAL A 101 29.22 -40.91 1.93
CA VAL A 101 28.28 -42.02 1.96
C VAL A 101 29.04 -43.28 2.34
N THR A 102 28.52 -44.01 3.32
CA THR A 102 29.19 -45.21 3.79
C THR A 102 29.19 -46.28 2.72
N TRP A 103 30.34 -46.94 2.57
CA TRP A 103 30.48 -48.09 1.68
C TRP A 103 30.54 -49.35 2.52
N PHE A 104 29.56 -50.22 2.34
CA PHE A 104 29.48 -51.48 3.07
C PHE A 104 29.89 -52.61 2.13
N HIS A 105 30.92 -53.37 2.53
CA HIS A 105 31.43 -54.47 1.74
C HIS A 105 31.59 -55.69 2.61
N ALA A 106 31.16 -56.84 2.10
CA ALA A 106 31.28 -58.13 2.77
C ALA A 106 32.17 -59.04 1.94
N ILE A 107 33.10 -59.71 2.60
CA ILE A 107 34.03 -60.64 1.94
C ILE A 107 33.57 -62.05 2.24
N HIS A 108 33.14 -62.77 1.20
CA HIS A 108 32.68 -64.15 1.35
C HIS A 108 31.58 -64.23 2.40
N LYS A 116 35.44 -64.29 4.78
CA LYS A 116 34.56 -65.37 5.20
C LYS A 116 33.55 -64.87 6.23
N ARG A 117 33.21 -63.57 6.14
CA ARG A 117 32.29 -62.94 7.06
C ARG A 117 31.24 -62.17 6.27
N PHE A 118 29.99 -62.21 6.75
CA PHE A 118 28.88 -61.53 6.11
C PHE A 118 28.60 -60.23 6.85
N ASP A 119 28.52 -59.13 6.09
CA ASP A 119 28.28 -57.80 6.65
C ASP A 119 26.93 -57.33 6.13
N ASN A 120 25.87 -57.72 6.84
CA ASN A 120 24.49 -57.35 6.47
C ASN A 120 23.74 -56.94 7.74
N PRO A 121 24.12 -55.81 8.33
CA PRO A 121 23.43 -55.35 9.53
C PRO A 121 22.13 -54.61 9.21
N VAL A 122 21.29 -54.49 10.23
CA VAL A 122 19.99 -53.83 10.10
C VAL A 122 20.24 -52.34 10.31
N LEU A 123 20.50 -51.63 9.21
CA LEU A 123 20.75 -50.20 9.30
C LEU A 123 19.46 -49.46 9.65
N PRO A 124 19.58 -48.29 10.28
CA PRO A 124 18.38 -47.53 10.67
C PRO A 124 17.82 -46.73 9.51
N PHE A 125 16.50 -46.53 9.56
CA PHE A 125 15.78 -45.73 8.58
C PHE A 125 15.21 -44.51 9.28
N ASN A 126 15.43 -43.33 8.68
CA ASN A 126 14.92 -42.09 9.25
C ASN A 126 14.78 -41.07 8.12
N ASP A 127 13.55 -40.64 7.85
CA ASP A 127 13.29 -39.61 6.85
C ASP A 127 13.89 -39.98 5.50
N GLY A 128 13.78 -41.25 5.13
CA GLY A 128 14.29 -41.72 3.87
C GLY A 128 15.78 -42.01 3.92
N VAL A 129 16.22 -42.81 2.95
CA VAL A 129 17.62 -43.21 2.84
C VAL A 129 17.97 -43.38 1.37
N TYR A 130 19.25 -43.31 1.07
CA TYR A 130 19.76 -43.48 -0.28
C TYR A 130 20.53 -44.80 -0.37
N PHE A 131 20.26 -45.56 -1.42
CA PHE A 131 20.92 -46.84 -1.65
C PHE A 131 21.35 -46.94 -3.10
N ALA A 132 22.51 -47.55 -3.32
CA ALA A 132 23.04 -47.75 -4.66
C ALA A 132 24.20 -48.72 -4.59
N SER A 133 24.31 -49.58 -5.60
CA SER A 133 25.37 -50.57 -5.63
C SER A 133 25.58 -51.03 -7.06
N THR A 134 26.74 -51.65 -7.30
CA THR A 134 27.06 -52.22 -8.60
C THR A 134 26.31 -53.53 -8.74
N GLU A 135 25.06 -53.43 -9.17
CA GLU A 135 24.20 -54.61 -9.31
C GLU A 135 24.73 -55.50 -10.42
N LYS A 136 25.15 -56.71 -10.06
CA LYS A 136 25.62 -57.70 -11.01
C LYS A 136 24.82 -58.98 -10.83
N SER A 137 24.15 -59.41 -11.89
CA SER A 137 23.32 -60.62 -11.85
C SER A 137 22.21 -60.51 -10.80
N ASN A 138 21.78 -59.28 -10.52
CA ASN A 138 20.71 -59.05 -9.54
C ASN A 138 21.04 -59.72 -8.22
N ILE A 139 22.30 -59.55 -7.78
CA ILE A 139 22.77 -60.25 -6.58
C ILE A 139 21.91 -59.89 -5.38
N ILE A 140 21.51 -58.62 -5.27
CA ILE A 140 20.66 -58.18 -4.17
C ILE A 140 19.22 -58.54 -4.50
N ARG A 141 18.60 -59.34 -3.63
CA ARG A 141 17.26 -59.84 -3.88
C ARG A 141 16.15 -58.93 -3.36
N GLY A 142 16.49 -57.91 -2.60
CA GLY A 142 15.49 -56.99 -2.09
C GLY A 142 15.91 -56.41 -0.76
N TRP A 143 14.99 -55.68 -0.15
CA TRP A 143 15.23 -55.02 1.13
C TRP A 143 14.02 -55.23 2.02
N ILE A 144 14.26 -55.12 3.33
CA ILE A 144 13.23 -55.27 4.34
C ILE A 144 13.18 -53.98 5.16
N PHE A 145 11.99 -53.42 5.31
CA PHE A 145 11.78 -52.18 6.03
C PHE A 145 10.77 -52.38 7.16
N GLY A 146 10.91 -51.59 8.20
CA GLY A 146 9.98 -51.66 9.31
C GLY A 146 10.42 -50.76 10.44
N THR A 147 9.59 -50.74 11.49
CA THR A 147 9.84 -49.95 12.69
C THR A 147 10.36 -50.79 13.85
N THR A 148 9.84 -52.00 14.03
CA THR A 148 10.35 -52.92 15.05
C THR A 148 10.82 -54.23 14.44
N LEU A 149 10.11 -54.77 13.45
CA LEU A 149 10.52 -55.98 12.76
C LEU A 149 10.78 -57.12 13.76
N ASP A 150 9.68 -57.53 14.40
CA ASP A 150 9.71 -58.65 15.34
C ASP A 150 8.56 -59.63 15.08
N SER A 151 7.91 -59.53 13.93
CA SER A 151 6.85 -60.41 13.44
C SER A 151 5.52 -60.18 14.14
N LYS A 152 5.45 -59.32 15.16
CA LYS A 152 4.18 -58.97 15.78
C LYS A 152 3.66 -57.62 15.32
N THR A 153 4.51 -56.77 14.75
CA THR A 153 4.10 -55.55 14.09
C THR A 153 4.08 -55.78 12.58
N GLN A 154 3.64 -54.77 11.85
CA GLN A 154 3.62 -54.86 10.39
C GLN A 154 5.04 -54.95 9.85
N SER A 155 5.20 -55.70 8.76
CA SER A 155 6.50 -55.96 8.17
C SER A 155 6.42 -55.78 6.66
N LEU A 156 7.58 -55.48 6.07
CA LEU A 156 7.71 -55.18 4.65
C LEU A 156 8.62 -56.19 3.99
N LEU A 157 8.26 -56.61 2.78
CA LEU A 157 8.90 -57.73 2.09
C LEU A 157 9.21 -57.37 0.64
N ILE A 158 9.85 -56.22 0.43
CA ILE A 158 10.25 -55.83 -0.91
C ILE A 158 11.33 -56.79 -1.38
N VAL A 159 10.96 -57.69 -2.30
CA VAL A 159 11.89 -58.70 -2.83
C VAL A 159 11.63 -58.89 -4.31
N ASN A 160 12.59 -59.56 -4.95
CA ASN A 160 12.54 -59.80 -6.40
C ASN A 160 13.33 -61.08 -6.67
N ASN A 161 12.65 -62.24 -6.65
CA ASN A 161 13.33 -63.47 -7.02
C ASN A 161 13.14 -63.69 -8.52
N ALA A 162 13.45 -64.90 -8.98
CA ALA A 162 13.41 -65.20 -10.39
C ALA A 162 12.03 -64.98 -11.00
N THR A 163 10.98 -64.98 -10.18
CA THR A 163 9.62 -64.80 -10.72
C THR A 163 9.35 -63.35 -11.07
N ASN A 164 9.38 -62.47 -10.09
CA ASN A 164 9.06 -61.06 -10.30
C ASN A 164 9.44 -60.29 -9.04
N VAL A 165 9.15 -59.00 -9.05
CA VAL A 165 9.26 -58.18 -7.84
C VAL A 165 8.03 -58.44 -6.99
N VAL A 166 8.23 -58.98 -5.80
CA VAL A 166 7.14 -59.37 -4.91
C VAL A 166 7.09 -58.38 -3.77
N ILE A 167 5.91 -57.80 -3.54
CA ILE A 167 5.69 -56.81 -2.50
C ILE A 167 4.68 -57.41 -1.53
N LYS A 168 5.19 -57.95 -0.42
CA LYS A 168 4.35 -58.55 0.61
C LYS A 168 4.43 -57.70 1.87
N VAL A 169 3.27 -57.28 2.37
CA VAL A 169 3.17 -56.43 3.55
C VAL A 169 2.31 -57.16 4.57
N CYS A 170 2.97 -57.84 5.51
CA CYS A 170 2.29 -58.63 6.53
C CYS A 170 3.10 -58.50 7.81
N GLU A 171 2.80 -59.36 8.78
CA GLU A 171 3.61 -59.49 10.00
C GLU A 171 4.44 -60.76 9.88
N PHE A 172 5.56 -60.65 9.17
CA PHE A 172 6.35 -61.82 8.81
C PHE A 172 7.23 -62.26 9.96
N GLN A 173 7.38 -63.58 10.10
CA GLN A 173 8.32 -64.17 11.04
C GLN A 173 9.67 -64.36 10.35
N PHE A 174 10.23 -63.23 9.93
CA PHE A 174 11.48 -63.22 9.18
C PHE A 174 12.58 -63.92 9.99
N CYS A 175 13.33 -64.79 9.32
CA CYS A 175 14.43 -65.48 9.96
C CYS A 175 15.62 -64.52 10.12
N ASN A 176 16.50 -64.86 11.06
CA ASN A 176 17.65 -64.03 11.35
C ASN A 176 18.67 -63.98 10.21
N ASP A 177 18.55 -64.88 9.22
CA ASP A 177 19.49 -64.96 8.10
C ASP A 177 18.71 -65.01 6.79
N PRO A 178 18.12 -63.89 6.36
CA PRO A 178 17.45 -63.87 5.05
C PRO A 178 18.45 -63.77 3.91
N PHE A 179 18.65 -64.88 3.21
CA PHE A 179 19.56 -64.93 2.06
C PHE A 179 19.37 -66.29 1.40
N LEU A 180 20.20 -66.55 0.39
CA LEU A 180 20.18 -67.81 -0.35
C LEU A 180 21.46 -68.58 -0.03
N GLY A 181 21.30 -69.80 0.46
CA GLY A 181 22.44 -70.60 0.88
C GLY A 181 23.09 -71.35 -0.25
N VAL A 182 24.29 -70.92 -0.64
CA VAL A 182 25.04 -71.51 -1.74
C VAL A 182 26.41 -71.92 -1.23
N TYR A 183 26.85 -73.11 -1.60
CA TYR A 183 28.17 -73.59 -1.21
C TYR A 183 29.24 -72.62 -1.69
N TYR A 184 30.16 -72.27 -0.78
CA TYR A 184 31.25 -71.35 -1.10
C TYR A 184 32.50 -72.12 -1.52
N HIS A 185 32.34 -72.93 -2.57
CA HIS A 185 33.42 -73.73 -3.10
C HIS A 185 34.17 -72.94 -4.17
N LYS A 186 35.13 -73.60 -4.84
CA LYS A 186 35.88 -72.93 -5.90
C LYS A 186 34.94 -72.50 -7.02
N ASN A 187 33.94 -73.30 -7.32
CA ASN A 187 32.97 -73.00 -8.37
C ASN A 187 31.64 -72.60 -7.73
N ASN A 188 31.04 -71.53 -8.27
CA ASN A 188 29.76 -71.03 -7.79
C ASN A 188 28.70 -71.10 -8.88
N LYS A 189 28.85 -72.04 -9.81
CA LYS A 189 27.85 -72.19 -10.88
C LYS A 189 26.47 -72.46 -10.30
N SER A 190 26.41 -73.24 -9.21
CA SER A 190 25.14 -73.49 -8.52
C SER A 190 24.86 -72.39 -7.49
N TRP A 191 24.79 -71.16 -8.00
CA TRP A 191 24.60 -69.98 -7.19
C TRP A 191 23.16 -69.47 -7.19
N MET A 192 22.21 -70.30 -7.64
CA MET A 192 20.82 -69.90 -7.68
C MET A 192 20.16 -70.12 -6.32
N GLU A 193 18.87 -69.82 -6.24
CA GLU A 193 18.14 -69.96 -4.99
C GLU A 193 18.12 -71.42 -4.55
N SER A 194 18.79 -71.71 -3.43
CA SER A 194 18.84 -73.06 -2.88
C SER A 194 18.18 -73.14 -1.51
N GLU A 195 18.54 -72.26 -0.59
CA GLU A 195 17.96 -72.22 0.74
C GLU A 195 17.20 -70.91 0.92
N PHE A 196 15.93 -71.01 1.28
CA PHE A 196 15.07 -69.86 1.51
C PHE A 196 14.96 -69.65 3.02
N ARG A 197 15.93 -68.94 3.59
CA ARG A 197 15.98 -68.66 5.02
C ARG A 197 15.48 -67.25 5.32
N VAL A 198 14.46 -66.81 4.60
CA VAL A 198 13.97 -65.44 4.76
C VAL A 198 13.01 -65.33 5.94
N TYR A 199 11.92 -66.07 5.90
CA TYR A 199 10.87 -65.93 6.90
C TYR A 199 10.16 -67.27 7.08
N SER A 200 9.39 -67.36 8.17
CA SER A 200 8.64 -68.56 8.50
C SER A 200 7.18 -68.46 8.07
N SER A 201 6.50 -67.36 8.38
CA SER A 201 5.09 -67.21 8.07
C SER A 201 4.77 -65.72 8.00
N ALA A 202 3.47 -65.40 7.94
CA ALA A 202 3.02 -64.02 7.85
C ALA A 202 1.99 -63.71 8.94
N ASN A 203 1.17 -64.70 9.29
CA ASN A 203 0.12 -64.52 10.31
C ASN A 203 -0.75 -63.34 9.88
N ASN A 204 -1.12 -62.44 10.79
CA ASN A 204 -1.91 -61.28 10.41
C ASN A 204 -1.17 -60.46 9.36
N CYS A 205 -1.91 -60.04 8.33
CA CYS A 205 -1.29 -59.37 7.20
C CYS A 205 -2.03 -58.11 6.79
N THR A 206 -1.61 -57.49 5.70
CA THR A 206 -2.16 -56.22 5.24
C THR A 206 -2.09 -56.21 3.71
N PHE A 207 -2.17 -55.02 3.12
CA PHE A 207 -2.18 -54.86 1.66
C PHE A 207 -1.12 -55.73 1.01
N GLU A 208 -1.41 -56.19 -0.22
CA GLU A 208 -0.52 -57.09 -0.94
C GLU A 208 -0.36 -56.61 -2.37
N TYR A 209 0.80 -56.94 -2.97
CA TYR A 209 1.05 -56.65 -4.37
C TYR A 209 2.13 -57.58 -4.87
N VAL A 210 1.82 -58.34 -5.92
CA VAL A 210 2.78 -59.27 -6.53
C VAL A 210 2.52 -59.25 -8.03
N SER A 211 3.45 -58.66 -8.78
CA SER A 211 3.32 -58.55 -10.23
C SER A 211 4.66 -58.08 -10.78
N GLN A 212 4.66 -57.72 -12.08
CA GLN A 212 5.82 -57.14 -12.74
C GLN A 212 6.99 -58.12 -12.79
N PRO A 213 6.88 -59.22 -13.54
CA PRO A 213 8.04 -60.10 -13.78
C PRO A 213 8.99 -59.51 -14.82
N PHE A 214 9.71 -58.47 -14.41
CA PHE A 214 10.64 -57.77 -15.28
C PHE A 214 12.04 -57.81 -14.68
N LEU A 215 13.05 -57.91 -15.55
CA LEU A 215 14.43 -57.99 -15.14
C LEU A 215 15.01 -56.60 -14.91
N MET A 216 16.11 -56.54 -14.17
CA MET A 216 16.72 -55.28 -13.78
C MET A 216 15.70 -54.34 -13.16
N LYS A 226 30.00 -52.66 -14.71
CA LYS A 226 29.64 -52.15 -16.02
C LYS A 226 28.29 -51.44 -16.00
N ASN A 227 27.49 -51.72 -14.97
CA ASN A 227 26.16 -51.13 -14.84
C ASN A 227 25.89 -50.79 -13.38
N LEU A 228 25.01 -49.82 -13.18
CA LEU A 228 24.63 -49.37 -11.85
C LEU A 228 23.11 -49.26 -11.77
N ARG A 229 22.58 -49.52 -10.59
CA ARG A 229 21.15 -49.46 -10.32
C ARG A 229 20.93 -48.67 -9.04
N GLU A 230 20.63 -47.39 -9.17
CA GLU A 230 20.40 -46.54 -8.01
C GLU A 230 19.03 -46.82 -7.42
N PHE A 231 18.89 -46.53 -6.13
CA PHE A 231 17.65 -46.81 -5.42
C PHE A 231 17.43 -45.78 -4.33
N VAL A 232 16.26 -45.16 -4.34
CA VAL A 232 15.87 -44.18 -3.33
C VAL A 232 14.51 -44.59 -2.77
N PHE A 233 14.41 -44.63 -1.45
CA PHE A 233 13.16 -44.99 -0.78
C PHE A 233 12.80 -43.91 0.23
N LYS A 234 11.52 -43.56 0.28
CA LYS A 234 11.05 -42.57 1.24
C LYS A 234 9.56 -42.80 1.47
N ASN A 235 9.10 -42.43 2.67
CA ASN A 235 7.70 -42.56 3.04
C ASN A 235 7.22 -41.27 3.70
N ILE A 236 6.12 -40.73 3.19
CA ILE A 236 5.49 -39.54 3.76
C ILE A 236 3.98 -39.73 3.70
N ASP A 237 3.30 -39.26 4.74
CA ASP A 237 1.84 -39.33 4.84
C ASP A 237 1.31 -40.68 4.40
N GLY A 238 2.03 -41.76 4.74
CA GLY A 238 1.58 -43.10 4.46
C GLY A 238 1.83 -43.59 3.06
N TYR A 239 2.45 -42.79 2.19
CA TYR A 239 2.78 -43.19 0.83
C TYR A 239 4.26 -43.48 0.76
N PHE A 240 4.61 -44.71 0.35
CA PHE A 240 6.01 -45.14 0.28
C PHE A 240 6.52 -44.87 -1.13
N LYS A 241 7.20 -43.75 -1.31
CA LYS A 241 7.76 -43.39 -2.61
C LYS A 241 9.07 -44.12 -2.85
N ILE A 242 9.25 -44.60 -4.07
CA ILE A 242 10.45 -45.30 -4.48
C ILE A 242 10.92 -44.77 -5.82
N TYR A 243 12.23 -44.57 -5.95
CA TYR A 243 12.83 -44.12 -7.20
C TYR A 243 14.06 -44.96 -7.50
N SER A 244 14.39 -45.07 -8.78
CA SER A 244 15.53 -45.86 -9.21
C SER A 244 15.81 -45.54 -10.67
N LYS A 245 16.92 -46.08 -11.17
CA LYS A 245 17.34 -45.87 -12.54
C LYS A 245 18.47 -46.83 -12.87
N HIS A 246 18.43 -47.38 -14.08
CA HIS A 246 19.48 -48.26 -14.58
C HIS A 246 20.47 -47.47 -15.42
N THR A 247 21.75 -47.72 -15.22
CA THR A 247 22.78 -46.96 -15.93
C THR A 247 24.00 -47.83 -16.21
N PRO A 248 24.41 -47.98 -17.48
CA PRO A 248 25.69 -48.65 -17.76
C PRO A 248 26.87 -47.76 -17.40
N ILE A 249 27.64 -48.17 -16.38
CA ILE A 249 28.71 -47.34 -15.86
C ILE A 249 30.05 -48.03 -16.08
N ASN A 250 31.14 -47.39 -15.66
CA ASN A 250 32.47 -47.96 -15.85
C ASN A 250 33.29 -47.94 -14.57
N LEU A 251 33.01 -46.99 -13.67
CA LEU A 251 33.73 -46.94 -12.40
C LEU A 251 33.28 -48.08 -11.49
N VAL A 252 34.18 -48.51 -10.62
CA VAL A 252 33.90 -49.63 -9.72
C VAL A 252 34.06 -49.19 -8.26
N ARG A 253 35.27 -48.79 -7.89
CA ARG A 253 35.55 -48.46 -6.50
C ARG A 253 35.03 -47.09 -6.09
N ASP A 254 34.76 -46.21 -7.07
CA ASP A 254 34.26 -44.88 -6.78
C ASP A 254 32.99 -44.64 -7.58
N LEU A 255 32.10 -43.81 -7.04
CA LEU A 255 30.85 -43.54 -7.71
C LEU A 255 31.11 -42.90 -9.06
N PRO A 256 30.37 -43.30 -10.11
CA PRO A 256 30.61 -42.71 -11.43
C PRO A 256 30.41 -41.20 -11.42
N GLN A 257 31.25 -40.50 -12.15
CA GLN A 257 31.17 -39.04 -12.23
C GLN A 257 30.28 -38.65 -13.40
N GLY A 258 29.27 -37.84 -13.12
CA GLY A 258 28.31 -37.45 -14.12
C GLY A 258 27.00 -37.07 -13.47
N PHE A 259 25.98 -36.93 -14.31
CA PHE A 259 24.64 -36.58 -13.84
C PHE A 259 23.63 -37.57 -14.37
N SER A 260 22.61 -37.84 -13.56
CA SER A 260 21.51 -38.71 -13.94
C SER A 260 20.31 -38.38 -13.08
N ALA A 261 19.14 -38.78 -13.55
CA ALA A 261 17.88 -38.58 -12.85
C ALA A 261 17.36 -39.91 -12.33
N LEU A 262 16.40 -39.83 -11.42
CA LEU A 262 15.79 -41.02 -10.83
C LEU A 262 14.28 -40.93 -10.97
N GLU A 263 13.71 -41.85 -11.73
CA GLU A 263 12.28 -41.86 -11.97
C GLU A 263 11.54 -42.54 -10.81
N PRO A 264 10.27 -42.23 -10.62
CA PRO A 264 9.49 -42.94 -9.59
C PRO A 264 9.13 -44.34 -10.05
N LEU A 265 9.15 -45.28 -9.10
CA LEU A 265 8.79 -46.67 -9.36
C LEU A 265 7.54 -47.11 -8.63
N VAL A 266 7.49 -46.93 -7.31
CA VAL A 266 6.34 -47.33 -6.51
C VAL A 266 6.05 -46.23 -5.51
N ASP A 267 4.77 -45.90 -5.37
CA ASP A 267 4.29 -44.91 -4.40
C ASP A 267 3.12 -45.48 -3.63
N LEU A 268 3.27 -46.72 -3.18
CA LEU A 268 2.16 -47.41 -2.55
C LEU A 268 1.73 -46.68 -1.28
N PRO A 269 0.43 -46.57 -1.02
CA PRO A 269 -0.03 -45.99 0.25
C PRO A 269 -0.04 -47.04 1.36
N ILE A 270 1.14 -47.61 1.62
CA ILE A 270 1.24 -48.65 2.63
C ILE A 270 0.70 -48.13 3.96
N GLY A 271 0.84 -46.83 4.20
CA GLY A 271 0.37 -46.27 5.45
C GLY A 271 0.97 -46.93 6.68
N ILE A 272 2.25 -47.33 6.61
CA ILE A 272 2.90 -48.03 7.70
C ILE A 272 4.17 -47.26 8.08
N ASN A 273 4.83 -47.80 9.10
CA ASN A 273 5.55 -47.04 10.11
C ASN A 273 6.93 -47.67 10.18
N ILE A 274 7.96 -46.95 9.76
CA ILE A 274 9.25 -47.56 9.45
C ILE A 274 10.36 -46.76 10.11
N THR A 275 11.26 -47.47 10.78
CA THR A 275 12.45 -46.88 11.39
C THR A 275 13.73 -47.69 11.19
N ARG A 276 13.64 -48.97 10.84
CA ARG A 276 14.82 -49.81 10.66
C ARG A 276 14.70 -50.57 9.34
N PHE A 277 15.84 -50.88 8.73
CA PHE A 277 15.84 -51.50 7.42
C PHE A 277 17.06 -52.39 7.25
N GLN A 278 16.95 -53.32 6.30
CA GLN A 278 18.04 -54.21 5.95
C GLN A 278 17.86 -54.67 4.51
N THR A 279 18.96 -55.03 3.86
CA THR A 279 18.94 -55.51 2.50
C THR A 279 18.94 -57.03 2.48
N LEU A 280 18.86 -57.59 1.27
CA LEU A 280 18.84 -59.03 1.07
C LEU A 280 19.82 -59.39 -0.04
N LEU A 281 20.66 -60.39 0.21
CA LEU A 281 21.72 -60.76 -0.71
C LEU A 281 21.61 -62.24 -1.07
N ALA A 282 22.03 -62.57 -2.29
CA ALA A 282 22.04 -63.94 -2.79
C ALA A 282 23.47 -64.40 -3.00
N LEU A 283 23.74 -65.66 -2.67
CA LEU A 283 25.08 -66.22 -2.79
C LEU A 283 25.13 -67.27 -3.90
N ALA A 301 30.51 -61.28 0.66
CA ALA A 301 30.44 -61.04 -0.78
C ALA A 301 29.44 -59.94 -1.09
N ALA A 302 29.65 -58.75 -0.54
CA ALA A 302 28.77 -57.61 -0.73
C ALA A 302 29.58 -56.37 -1.07
N ALA A 303 28.96 -55.47 -1.83
CA ALA A 303 29.59 -54.18 -2.15
C ALA A 303 28.45 -53.21 -2.49
N TYR A 304 28.11 -52.35 -1.53
CA TYR A 304 27.01 -51.40 -1.72
C TYR A 304 27.25 -50.17 -0.85
N TYR A 305 26.61 -49.08 -1.24
CA TYR A 305 26.70 -47.82 -0.54
C TYR A 305 25.33 -47.44 0.02
N VAL A 306 25.31 -46.89 1.23
CA VAL A 306 24.08 -46.49 1.90
C VAL A 306 24.22 -45.05 2.33
N GLY A 307 23.34 -44.19 1.84
CA GLY A 307 23.30 -42.79 2.21
C GLY A 307 22.02 -42.44 2.94
N TYR A 308 21.92 -41.16 3.30
CA TYR A 308 20.75 -40.65 4.00
C TYR A 308 20.37 -39.30 3.40
N LEU A 309 19.09 -38.98 3.51
CA LEU A 309 18.52 -37.78 2.91
C LEU A 309 18.26 -36.72 3.95
N GLN A 310 18.29 -35.46 3.52
CA GLN A 310 18.02 -34.32 4.37
C GLN A 310 17.21 -33.30 3.58
N PRO A 311 16.47 -32.44 4.25
CA PRO A 311 15.68 -31.41 3.55
C PRO A 311 16.57 -30.23 3.17
N ARG A 312 16.83 -30.09 1.88
CA ARG A 312 17.62 -28.98 1.35
C ARG A 312 16.90 -28.39 0.15
N THR A 313 17.09 -27.08 -0.04
CA THR A 313 16.47 -26.37 -1.16
C THR A 313 17.31 -26.61 -2.41
N PHE A 314 16.80 -27.44 -3.32
CA PHE A 314 17.52 -27.82 -4.51
C PHE A 314 17.06 -27.00 -5.71
N LEU A 315 17.97 -26.82 -6.66
CA LEU A 315 17.67 -26.24 -7.95
C LEU A 315 17.79 -27.32 -9.01
N LEU A 316 16.79 -27.41 -9.88
CA LEU A 316 16.75 -28.44 -10.91
C LEU A 316 16.59 -27.78 -12.27
N LYS A 317 17.30 -28.32 -13.26
CA LYS A 317 17.30 -27.78 -14.62
C LYS A 317 16.61 -28.79 -15.53
N TYR A 318 15.28 -28.69 -15.62
CA TYR A 318 14.54 -29.45 -16.63
C TYR A 318 15.01 -29.01 -18.00
N ASN A 319 15.34 -29.96 -18.87
CA ASN A 319 16.05 -29.53 -20.08
C ASN A 319 15.07 -28.95 -21.07
N GLU A 320 15.50 -28.79 -22.32
CA GLU A 320 14.69 -28.11 -23.32
C GLU A 320 13.27 -28.65 -23.35
N ASN A 321 13.09 -29.96 -23.27
CA ASN A 321 11.75 -30.54 -23.33
C ASN A 321 11.58 -31.69 -22.33
N GLY A 322 12.02 -31.48 -21.08
CA GLY A 322 11.44 -32.26 -20.00
C GLY A 322 12.31 -32.83 -18.89
N THR A 323 13.52 -33.29 -19.17
CA THR A 323 14.25 -34.06 -18.18
C THR A 323 15.21 -33.16 -17.41
N ILE A 324 15.61 -33.64 -16.23
CA ILE A 324 16.54 -32.92 -15.37
C ILE A 324 17.95 -33.36 -15.75
N THR A 325 18.78 -32.40 -16.16
CA THR A 325 20.13 -32.68 -16.59
C THR A 325 21.20 -32.12 -15.65
N ASP A 326 20.85 -31.19 -14.78
CA ASP A 326 21.80 -30.67 -13.79
C ASP A 326 21.02 -30.09 -12.63
N ALA A 327 21.66 -30.11 -11.46
CA ALA A 327 21.05 -29.59 -10.24
C ALA A 327 22.13 -28.88 -9.42
N VAL A 328 21.67 -27.96 -8.57
CA VAL A 328 22.55 -27.18 -7.71
C VAL A 328 21.90 -27.06 -6.35
N ASP A 329 22.71 -27.19 -5.30
CA ASP A 329 22.25 -27.09 -3.92
C ASP A 329 22.69 -25.75 -3.34
N CYS A 330 21.73 -24.99 -2.82
CA CYS A 330 22.08 -23.72 -2.17
C CYS A 330 22.97 -23.95 -0.96
N ALA A 331 22.69 -25.01 -0.19
CA ALA A 331 23.40 -25.23 1.07
C ALA A 331 24.83 -25.69 0.87
N LEU A 332 25.19 -26.15 -0.34
CA LEU A 332 26.52 -26.70 -0.53
C LEU A 332 27.61 -25.70 -0.15
N ASP A 333 27.53 -24.50 -0.69
CA ASP A 333 28.56 -23.50 -0.47
C ASP A 333 28.01 -22.14 -0.90
N PRO A 334 28.68 -21.06 -0.53
CA PRO A 334 28.17 -19.74 -0.93
C PRO A 334 28.01 -19.58 -2.43
N LEU A 335 28.94 -20.14 -3.22
CA LEU A 335 28.82 -20.03 -4.67
C LEU A 335 27.52 -20.63 -5.16
N SER A 336 27.23 -21.87 -4.73
CA SER A 336 25.98 -22.50 -5.12
C SER A 336 24.80 -21.69 -4.60
N GLU A 337 24.87 -21.23 -3.35
CA GLU A 337 23.80 -20.42 -2.79
C GLU A 337 23.54 -19.21 -3.68
N THR A 338 24.60 -18.59 -4.19
CA THR A 338 24.42 -17.46 -5.10
C THR A 338 23.69 -17.89 -6.36
N LYS A 339 24.05 -19.05 -6.92
CA LYS A 339 23.46 -19.49 -8.17
C LYS A 339 21.94 -19.65 -8.04
N CYS A 340 21.50 -20.32 -6.97
CA CYS A 340 20.07 -20.57 -6.82
C CYS A 340 19.33 -19.30 -6.43
N THR A 341 19.97 -18.41 -5.67
CA THR A 341 19.35 -17.11 -5.38
C THR A 341 19.10 -16.35 -6.66
N LEU A 342 20.03 -16.43 -7.61
CA LEU A 342 19.87 -15.80 -8.92
C LEU A 342 19.05 -16.65 -9.89
N LYS A 343 18.66 -17.86 -9.49
CA LYS A 343 17.85 -18.73 -10.35
C LYS A 343 18.52 -18.96 -11.69
N SER A 344 19.85 -18.99 -11.72
CA SER A 344 20.58 -19.20 -12.95
C SER A 344 21.86 -19.96 -12.64
N PHE A 345 22.25 -20.85 -13.55
CA PHE A 345 23.45 -21.66 -13.36
C PHE A 345 24.73 -20.91 -13.69
N THR A 346 24.62 -19.70 -14.26
CA THR A 346 25.78 -18.89 -14.60
C THR A 346 25.55 -17.48 -14.05
N VAL A 347 26.20 -17.17 -12.94
CA VAL A 347 26.09 -15.85 -12.34
C VAL A 347 27.15 -14.95 -12.96
N GLU A 348 26.88 -13.65 -12.95
CA GLU A 348 27.75 -12.67 -13.57
C GLU A 348 28.69 -12.06 -12.54
N LYS A 349 29.73 -11.40 -13.04
CA LYS A 349 30.66 -10.67 -12.18
C LYS A 349 29.90 -9.62 -11.37
N GLY A 350 30.20 -9.55 -10.08
CA GLY A 350 29.59 -8.56 -9.21
C GLY A 350 29.42 -9.11 -7.81
N ILE A 351 28.65 -8.36 -7.02
CA ILE A 351 28.35 -8.71 -5.64
C ILE A 351 26.85 -8.89 -5.51
N TYR A 352 26.42 -9.97 -4.88
CA TYR A 352 25.01 -10.34 -4.80
C TYR A 352 24.64 -10.67 -3.37
N GLN A 353 23.55 -10.08 -2.90
CA GLN A 353 23.06 -10.34 -1.55
C GLN A 353 22.47 -11.74 -1.46
N THR A 354 22.58 -12.32 -0.27
CA THR A 354 22.03 -13.66 -0.01
C THR A 354 21.42 -13.65 1.39
N SER A 355 21.17 -14.85 1.92
CA SER A 355 20.52 -14.96 3.21
C SER A 355 21.30 -14.25 4.29
N ASN A 356 20.58 -13.63 5.22
CA ASN A 356 21.21 -12.90 6.32
C ASN A 356 21.85 -13.88 7.29
N PHE A 357 22.75 -13.34 8.12
CA PHE A 357 23.43 -14.10 9.16
C PHE A 357 23.09 -13.52 10.51
N ARG A 358 22.66 -14.37 11.44
CA ARG A 358 22.30 -13.96 12.78
C ARG A 358 23.04 -14.83 13.78
N VAL A 359 23.68 -14.20 14.76
CA VAL A 359 24.40 -14.95 15.79
C VAL A 359 23.40 -15.67 16.68
N GLN A 360 23.57 -16.98 16.81
CA GLN A 360 22.65 -17.77 17.59
C GLN A 360 22.87 -17.55 19.09
N PRO A 361 21.82 -17.67 19.89
CA PRO A 361 22.02 -17.62 21.35
C PRO A 361 22.89 -18.77 21.81
N THR A 362 23.74 -18.50 22.81
CA THR A 362 24.65 -19.51 23.31
C THR A 362 24.03 -20.32 24.44
N GLU A 363 23.32 -19.68 25.35
CA GLU A 363 22.60 -20.36 26.43
C GLU A 363 21.63 -19.35 27.05
N SER A 364 21.03 -19.73 28.17
CA SER A 364 20.10 -18.88 28.89
C SER A 364 20.63 -18.62 30.30
N ILE A 365 20.28 -17.46 30.84
CA ILE A 365 20.69 -17.06 32.18
C ILE A 365 19.50 -16.41 32.87
N VAL A 366 19.31 -16.74 34.15
CA VAL A 366 18.15 -16.30 34.92
C VAL A 366 18.63 -15.65 36.21
N ARG A 367 18.11 -14.48 36.52
CA ARG A 367 18.42 -13.75 37.74
C ARG A 367 17.12 -13.33 38.41
N PHE A 368 16.99 -13.59 39.71
CA PHE A 368 15.78 -13.24 40.42
C PHE A 368 16.13 -12.84 41.84
N PRO A 369 15.22 -12.14 42.55
CA PRO A 369 15.57 -11.58 43.85
C PRO A 369 15.61 -12.56 45.01
N ASN A 370 15.79 -12.00 46.20
CA ASN A 370 15.87 -12.73 47.47
C ASN A 370 14.48 -12.82 48.11
N ILE A 371 14.46 -13.04 49.43
CA ILE A 371 13.28 -13.25 50.26
C ILE A 371 12.12 -12.35 49.85
N THR A 372 10.91 -12.89 49.95
CA THR A 372 9.70 -12.30 49.37
C THR A 372 8.61 -12.31 50.44
N ASN A 373 7.36 -12.18 50.02
CA ASN A 373 6.21 -12.08 50.93
C ASN A 373 5.55 -13.44 51.19
N LEU A 374 5.17 -13.68 52.45
CA LEU A 374 4.50 -14.90 52.88
C LEU A 374 2.98 -14.78 52.74
N CYS A 375 2.38 -15.57 51.86
CA CYS A 375 1.13 -16.19 52.27
C CYS A 375 1.41 -17.54 52.95
N PRO A 376 2.18 -18.43 52.30
CA PRO A 376 2.17 -19.85 52.70
C PRO A 376 3.23 -20.28 53.70
N PHE A 377 2.78 -21.03 54.71
CA PHE A 377 3.62 -21.80 55.63
C PHE A 377 4.91 -21.07 56.01
N GLY A 378 4.73 -19.89 56.62
CA GLY A 378 5.88 -19.23 57.24
C GLY A 378 6.38 -19.99 58.46
N GLU A 379 5.47 -20.49 59.28
CA GLU A 379 5.83 -21.16 60.53
C GLU A 379 5.10 -22.47 60.77
N VAL A 380 3.98 -22.74 60.07
CA VAL A 380 3.19 -23.93 60.36
C VAL A 380 4.04 -25.19 60.21
N PHE A 381 4.88 -25.24 59.19
CA PHE A 381 5.75 -26.38 58.95
C PHE A 381 6.97 -26.40 59.85
N ASN A 382 7.07 -25.46 60.80
CA ASN A 382 8.27 -25.29 61.62
C ASN A 382 7.84 -24.98 63.05
N ALA A 383 8.02 -25.93 63.96
CA ALA A 383 7.90 -25.65 65.38
C ALA A 383 8.08 -26.95 66.16
N THR A 384 8.41 -26.81 67.44
CA THR A 384 8.52 -27.93 68.36
C THR A 384 7.28 -28.10 69.24
N ARG A 385 6.25 -27.30 69.02
CA ARG A 385 5.04 -27.40 69.83
C ARG A 385 3.88 -26.79 69.03
N PHE A 386 2.86 -27.59 68.77
CA PHE A 386 1.66 -27.14 68.06
C PHE A 386 0.51 -26.92 69.03
N ALA A 387 -0.57 -26.36 68.51
CA ALA A 387 -1.73 -26.03 69.32
C ALA A 387 -2.54 -27.29 69.64
N SER A 388 -3.59 -27.10 70.44
CA SER A 388 -4.43 -28.22 70.85
C SER A 388 -5.26 -28.74 69.69
N VAL A 389 -5.58 -30.03 69.73
CA VAL A 389 -6.39 -30.64 68.68
C VAL A 389 -7.79 -30.04 68.68
N TYR A 390 -8.41 -29.92 69.85
CA TYR A 390 -9.73 -29.31 69.92
C TYR A 390 -9.68 -27.85 69.51
N ALA A 391 -8.65 -27.13 69.95
CA ALA A 391 -8.41 -25.75 69.53
C ALA A 391 -7.43 -25.72 68.34
N TRP A 392 -7.83 -26.40 67.27
CA TRP A 392 -7.00 -26.45 66.07
C TRP A 392 -6.65 -25.04 65.60
N ASN A 393 -5.37 -24.82 65.35
CA ASN A 393 -4.86 -23.48 65.12
C ASN A 393 -5.24 -22.95 63.75
N ARG A 394 -5.26 -21.62 63.64
CA ARG A 394 -5.49 -20.94 62.37
C ARG A 394 -4.68 -19.65 62.38
N LYS A 395 -3.60 -19.62 61.61
CA LYS A 395 -2.67 -18.50 61.59
C LYS A 395 -2.74 -17.77 60.25
N ARG A 396 -2.77 -16.46 60.31
CA ARG A 396 -2.67 -15.61 59.13
C ARG A 396 -1.21 -15.17 59.00
N ILE A 397 -0.60 -15.48 57.86
CA ILE A 397 0.85 -15.40 57.67
C ILE A 397 1.14 -14.35 56.60
N SER A 398 2.13 -13.49 56.87
CA SER A 398 2.36 -12.34 56.00
C SER A 398 3.81 -11.89 56.01
N ASN A 399 4.36 -11.71 54.81
CA ASN A 399 5.47 -10.80 54.47
C ASN A 399 6.88 -11.27 54.82
N CYS A 400 7.12 -12.57 55.05
CA CYS A 400 8.45 -13.13 54.90
C CYS A 400 8.48 -13.95 53.61
N VAL A 401 9.59 -14.62 53.33
CA VAL A 401 9.71 -15.31 52.05
C VAL A 401 8.69 -16.45 51.99
N ALA A 402 7.82 -16.39 50.99
CA ALA A 402 6.89 -17.49 50.72
C ALA A 402 7.66 -18.62 50.07
N ASP A 403 8.65 -19.15 50.79
CA ASP A 403 9.63 -20.04 50.18
C ASP A 403 9.21 -21.50 50.39
N TYR A 404 9.05 -22.22 49.29
CA TYR A 404 9.06 -23.67 49.34
C TYR A 404 10.47 -24.23 49.31
N SER A 405 11.47 -23.41 48.97
CA SER A 405 12.85 -23.84 49.08
C SER A 405 13.33 -23.89 50.52
N VAL A 406 12.57 -23.36 51.46
CA VAL A 406 12.83 -23.56 52.88
C VAL A 406 11.93 -24.66 53.46
N LEU A 407 10.81 -24.97 52.79
CA LEU A 407 9.94 -26.08 53.17
C LEU A 407 10.23 -27.32 52.33
N TYR A 408 10.13 -27.20 51.00
CA TYR A 408 10.38 -28.34 50.12
C TYR A 408 11.81 -28.84 50.22
N ASN A 409 12.73 -28.02 50.75
CA ASN A 409 14.12 -28.47 50.89
C ASN A 409 14.21 -29.70 51.77
N SER A 410 13.50 -29.70 52.90
CA SER A 410 13.54 -30.84 53.80
C SER A 410 13.00 -32.08 53.09
N ALA A 411 13.72 -33.18 53.23
CA ALA A 411 13.31 -34.46 52.66
C ALA A 411 12.46 -35.27 53.61
N SER A 412 12.14 -34.73 54.80
CA SER A 412 11.35 -35.48 55.76
C SER A 412 9.95 -35.78 55.22
N PHE A 413 9.33 -34.80 54.56
CA PHE A 413 7.98 -35.01 54.04
C PHE A 413 7.98 -36.15 53.03
N SER A 414 7.01 -37.07 53.18
CA SER A 414 6.91 -38.17 52.24
C SER A 414 6.39 -37.69 50.89
N THR A 415 5.37 -36.82 50.90
CA THR A 415 4.80 -36.31 49.67
C THR A 415 4.19 -34.94 49.94
N PHE A 416 4.66 -33.92 49.22
CA PHE A 416 4.07 -32.58 49.25
C PHE A 416 3.95 -32.15 47.79
N LYS A 417 2.85 -32.53 47.15
CA LYS A 417 2.59 -32.19 45.75
C LYS A 417 1.10 -31.87 45.66
N CYS A 418 0.77 -30.58 45.57
CA CYS A 418 -0.62 -30.17 45.57
C CYS A 418 -1.36 -30.64 44.32
N TYR A 419 -2.66 -30.87 44.51
CA TYR A 419 -3.50 -31.35 43.42
C TYR A 419 -3.64 -30.31 42.32
N GLY A 420 -3.77 -29.04 42.70
CA GLY A 420 -3.98 -27.98 41.73
C GLY A 420 -2.72 -27.26 41.32
N VAL A 421 -1.68 -27.31 42.15
CA VAL A 421 -0.42 -26.64 41.89
C VAL A 421 0.73 -27.57 42.31
N SER A 422 1.95 -27.13 42.05
CA SER A 422 3.14 -27.87 42.43
C SER A 422 4.10 -26.96 43.19
N PRO A 423 4.76 -27.47 44.23
CA PRO A 423 5.74 -26.62 44.94
C PRO A 423 6.86 -26.15 44.03
N THR A 424 7.28 -26.96 43.07
CA THR A 424 8.34 -26.55 42.15
C THR A 424 7.92 -25.33 41.34
N LYS A 425 6.68 -25.32 40.86
CA LYS A 425 6.15 -24.18 40.11
C LYS A 425 5.60 -23.09 41.02
N LEU A 426 5.66 -23.28 42.34
CA LEU A 426 5.21 -22.24 43.26
C LEU A 426 6.08 -20.99 43.19
N ASN A 427 7.27 -21.09 42.58
CA ASN A 427 8.14 -19.92 42.46
C ASN A 427 7.40 -18.75 41.81
N ASP A 428 6.79 -18.99 40.66
CA ASP A 428 6.11 -17.92 39.95
C ASP A 428 4.77 -17.56 40.58
N LEU A 429 4.08 -18.53 41.17
CA LEU A 429 2.73 -18.30 41.67
C LEU A 429 2.72 -17.27 42.78
N CYS A 430 1.73 -16.39 42.76
CA CYS A 430 1.51 -15.39 43.79
C CYS A 430 0.23 -15.73 44.54
N PHE A 431 0.29 -15.67 45.86
CA PHE A 431 -0.83 -16.03 46.71
C PHE A 431 -1.51 -14.79 47.28
N THR A 432 -2.65 -15.02 47.93
CA THR A 432 -3.42 -13.97 48.59
C THR A 432 -3.51 -14.18 50.09
N ASN A 433 -3.68 -15.41 50.55
CA ASN A 433 -3.71 -15.69 51.99
C ASN A 433 -3.66 -17.20 52.19
N VAL A 434 -2.91 -17.62 53.20
CA VAL A 434 -2.81 -19.03 53.58
C VAL A 434 -3.03 -19.13 55.08
N TYR A 435 -3.74 -20.17 55.50
CA TYR A 435 -4.03 -20.42 56.90
C TYR A 435 -3.34 -21.69 57.36
N ALA A 436 -2.91 -21.69 58.62
CA ALA A 436 -2.14 -22.78 59.20
C ALA A 436 -3.03 -23.65 60.07
N ASP A 437 -3.03 -24.96 59.80
CA ASP A 437 -3.76 -25.93 60.60
C ASP A 437 -2.74 -26.66 61.47
N SER A 438 -2.43 -26.07 62.63
CA SER A 438 -1.43 -26.61 63.55
C SER A 438 -2.15 -27.30 64.69
N PHE A 439 -1.98 -28.61 64.79
CA PHE A 439 -2.52 -29.39 65.90
C PHE A 439 -1.90 -30.77 65.85
N VAL A 440 -2.14 -31.56 66.90
CA VAL A 440 -1.57 -32.89 67.06
C VAL A 440 -2.71 -33.90 67.10
N ILE A 441 -2.58 -34.97 66.32
CA ILE A 441 -3.56 -36.03 66.24
C ILE A 441 -2.83 -37.36 66.16
N ARG A 442 -3.62 -38.44 66.08
CA ARG A 442 -3.07 -39.78 65.98
C ARG A 442 -2.42 -40.01 64.62
N GLY A 443 -1.44 -40.92 64.59
CA GLY A 443 -0.74 -41.19 63.36
C GLY A 443 -1.64 -41.72 62.25
N ASP A 444 -2.75 -42.36 62.62
CA ASP A 444 -3.69 -42.89 61.65
C ASP A 444 -4.67 -41.85 61.15
N GLU A 445 -4.64 -40.64 61.69
CA GLU A 445 -5.59 -39.59 61.36
C GLU A 445 -5.02 -38.56 60.38
N VAL A 446 -3.95 -38.91 59.66
CA VAL A 446 -3.38 -37.99 58.68
C VAL A 446 -4.32 -37.86 57.49
N ARG A 447 -4.60 -38.97 56.81
CA ARG A 447 -5.52 -38.93 55.67
C ARG A 447 -6.92 -38.53 56.11
N GLN A 448 -7.24 -38.66 57.41
CA GLN A 448 -8.50 -38.15 57.92
C GLN A 448 -8.61 -36.64 57.74
N ILE A 449 -7.49 -35.94 57.54
CA ILE A 449 -7.52 -34.51 57.26
C ILE A 449 -7.80 -34.22 55.80
N ALA A 450 -7.69 -35.22 54.92
CA ALA A 450 -7.91 -34.98 53.50
C ALA A 450 -9.38 -34.64 53.23
N PRO A 451 -9.65 -33.89 52.17
CA PRO A 451 -11.05 -33.59 51.82
C PRO A 451 -11.81 -34.87 51.51
N GLY A 452 -13.09 -34.90 51.88
CA GLY A 452 -13.89 -36.08 51.66
C GLY A 452 -13.33 -37.31 52.36
N GLN A 453 -12.88 -37.15 53.59
CA GLN A 453 -12.27 -38.25 54.32
C GLN A 453 -13.33 -39.26 54.76
N THR A 454 -12.85 -40.42 55.19
CA THR A 454 -13.70 -41.49 55.71
C THR A 454 -13.43 -41.63 57.20
N GLY A 455 -14.47 -41.52 58.01
CA GLY A 455 -14.34 -41.60 59.45
C GLY A 455 -14.81 -40.34 60.15
N LYS A 456 -15.73 -40.47 61.09
CA LYS A 456 -16.29 -39.32 61.79
C LYS A 456 -15.42 -38.87 62.96
N ILE A 457 -14.32 -39.55 63.23
CA ILE A 457 -13.42 -39.10 64.29
C ILE A 457 -12.88 -37.71 63.99
N ALA A 458 -12.58 -37.44 62.71
CA ALA A 458 -11.98 -36.17 62.34
C ALA A 458 -12.97 -35.02 62.48
N ASP A 459 -14.22 -35.23 62.05
CA ASP A 459 -15.19 -34.14 62.02
C ASP A 459 -15.36 -33.50 63.39
N TYR A 460 -15.33 -34.32 64.45
CA TYR A 460 -15.52 -33.79 65.79
C TYR A 460 -14.44 -32.77 66.15
N ASN A 461 -13.19 -33.05 65.77
CA ASN A 461 -12.08 -32.16 66.11
C ASN A 461 -11.72 -31.21 64.97
N TYR A 462 -11.92 -31.61 63.71
CA TYR A 462 -11.55 -30.78 62.58
C TYR A 462 -12.50 -31.12 61.42
N LYS A 463 -13.53 -30.29 61.25
CA LYS A 463 -14.49 -30.53 60.20
C LYS A 463 -13.86 -30.30 58.82
N LEU A 464 -14.24 -31.15 57.86
CA LEU A 464 -13.71 -31.06 56.51
C LEU A 464 -14.59 -30.14 55.68
N PRO A 465 -14.09 -29.00 55.21
CA PRO A 465 -14.92 -28.13 54.36
C PRO A 465 -15.13 -28.74 52.99
N ASP A 466 -16.24 -28.36 52.36
CA ASP A 466 -16.58 -28.88 51.04
C ASP A 466 -15.68 -28.36 49.94
N ASP A 467 -14.96 -27.26 50.19
CA ASP A 467 -14.12 -26.60 49.19
C ASP A 467 -12.71 -26.42 49.72
N PHE A 468 -12.15 -27.48 50.28
CA PHE A 468 -10.81 -27.43 50.83
C PHE A 468 -9.78 -27.41 49.71
N THR A 469 -8.85 -26.44 49.77
CA THR A 469 -7.73 -26.37 48.84
C THR A 469 -6.41 -26.78 49.49
N GLY A 470 -6.41 -27.06 50.80
CA GLY A 470 -5.19 -27.44 51.46
C GLY A 470 -4.65 -28.76 50.96
N CYS A 471 -3.34 -28.94 51.12
CA CYS A 471 -2.62 -30.07 50.55
C CYS A 471 -2.14 -30.95 51.70
N VAL A 472 -2.56 -32.21 51.70
CA VAL A 472 -2.15 -33.12 52.77
C VAL A 472 -0.65 -33.37 52.65
N ILE A 473 0.07 -33.10 53.74
CA ILE A 473 1.52 -33.30 53.80
C ILE A 473 1.81 -34.27 54.94
N ALA A 474 2.55 -35.32 54.63
CA ALA A 474 2.93 -36.34 55.60
C ALA A 474 4.40 -36.15 55.95
N TRP A 475 4.66 -35.73 57.19
CA TRP A 475 6.01 -35.51 57.68
C TRP A 475 6.16 -36.16 59.05
N ASN A 476 7.30 -36.80 59.29
CA ASN A 476 7.53 -37.47 60.56
C ASN A 476 7.44 -36.48 61.71
N SER A 477 6.59 -36.81 62.69
CA SER A 477 6.38 -35.93 63.84
C SER A 477 6.23 -36.70 65.15
N ASN A 478 6.76 -37.92 65.23
CA ASN A 478 6.58 -38.73 66.42
C ASN A 478 7.31 -38.14 67.62
N ASN A 479 8.57 -37.78 67.44
CA ASN A 479 9.38 -37.31 68.57
C ASN A 479 8.85 -36.00 69.12
N LEU A 480 8.40 -35.09 68.26
CA LEU A 480 8.01 -33.76 68.72
C LEU A 480 6.87 -33.83 69.73
N ASP A 481 5.85 -34.64 69.45
CA ASP A 481 4.73 -34.82 70.35
C ASP A 481 4.95 -35.97 71.34
N SER A 482 6.05 -36.70 71.22
CA SER A 482 6.29 -37.84 72.09
C SER A 482 6.41 -37.40 73.54
N LYS A 483 5.84 -38.20 74.44
CA LYS A 483 5.97 -38.00 75.88
C LYS A 483 6.39 -39.30 76.53
N VAL A 484 7.05 -39.18 77.68
CA VAL A 484 7.55 -40.36 78.37
C VAL A 484 6.40 -41.28 78.79
N GLY A 485 5.29 -40.70 79.25
CA GLY A 485 4.17 -41.48 79.70
C GLY A 485 2.95 -41.40 78.80
N GLY A 486 3.01 -40.55 77.77
CA GLY A 486 1.90 -40.38 76.86
C GLY A 486 0.98 -39.24 77.29
N ASN A 487 0.89 -38.19 76.48
CA ASN A 487 0.08 -37.04 76.83
C ASN A 487 -1.38 -37.29 76.43
N TYR A 488 -2.29 -37.08 77.39
CA TYR A 488 -3.71 -37.15 77.12
C TYR A 488 -4.32 -35.78 76.82
N ASN A 489 -3.54 -34.71 76.92
CA ASN A 489 -4.07 -33.37 76.68
C ASN A 489 -4.70 -33.25 75.31
N TYR A 490 -4.14 -33.94 74.31
CA TYR A 490 -4.69 -33.93 72.95
C TYR A 490 -5.88 -34.88 72.85
N LEU A 491 -6.86 -34.65 73.71
CA LEU A 491 -8.04 -35.49 73.76
C LEU A 491 -9.07 -35.03 72.73
N TYR A 492 -9.98 -35.94 72.40
CA TYR A 492 -11.02 -35.72 71.39
C TYR A 492 -12.40 -35.73 72.03
N ARG A 493 -12.53 -35.04 73.17
CA ARG A 493 -13.79 -35.01 73.91
C ARG A 493 -14.88 -34.24 73.19
N LEU A 494 -14.57 -33.53 72.10
CA LEU A 494 -15.57 -32.74 71.39
C LEU A 494 -16.67 -33.64 70.85
N PHE A 495 -17.85 -33.59 71.46
CA PHE A 495 -18.98 -34.42 71.08
C PHE A 495 -20.26 -33.58 71.01
N ARG A 496 -20.15 -32.37 70.47
CA ARG A 496 -21.33 -31.52 70.35
C ARG A 496 -22.37 -32.18 69.46
N LYS A 497 -23.63 -32.14 69.92
CA LYS A 497 -24.70 -32.78 69.16
C LYS A 497 -25.08 -31.99 67.92
N SER A 498 -24.90 -30.67 67.94
CA SER A 498 -25.20 -29.85 66.79
C SER A 498 -24.25 -30.19 65.64
N ASN A 499 -24.74 -29.99 64.42
CA ASN A 499 -23.93 -30.28 63.24
C ASN A 499 -22.73 -29.35 63.19
N LEU A 500 -21.66 -29.83 62.56
CA LEU A 500 -20.40 -29.11 62.47
C LEU A 500 -20.24 -28.52 61.06
N LYS A 501 -19.98 -27.23 61.00
CA LYS A 501 -19.94 -26.48 59.75
C LYS A 501 -18.51 -26.38 59.23
N PRO A 502 -18.33 -25.89 57.99
CA PRO A 502 -16.98 -25.78 57.43
C PRO A 502 -16.15 -24.68 58.09
N PHE A 503 -15.16 -25.06 58.90
CA PHE A 503 -14.24 -24.12 59.52
C PHE A 503 -15.00 -23.03 60.28
N GLU A 504 -16.08 -23.43 60.95
CA GLU A 504 -16.83 -22.47 61.75
C GLU A 504 -16.07 -22.06 63.00
N ARG A 505 -15.11 -22.86 63.45
CA ARG A 505 -14.29 -22.50 64.61
C ARG A 505 -12.83 -22.79 64.33
N PRO A 530 -11.42 -43.11 68.20
CA PRO A 530 -10.54 -41.95 68.12
C PRO A 530 -9.46 -41.95 69.20
N LEU A 531 -9.87 -41.97 70.46
CA LEU A 531 -8.92 -42.01 71.59
C LEU A 531 -8.62 -43.47 71.93
N GLN A 532 -7.93 -44.13 71.01
CA GLN A 532 -7.53 -45.52 71.20
C GLN A 532 -6.20 -45.65 71.94
N SER A 533 -5.56 -44.52 72.27
CA SER A 533 -4.32 -44.51 73.02
C SER A 533 -4.50 -43.70 74.30
N TYR A 534 -3.90 -44.20 75.39
CA TYR A 534 -3.83 -43.40 76.61
C TYR A 534 -3.21 -42.04 76.33
N GLY A 535 -2.21 -42.03 75.46
CA GLY A 535 -1.54 -40.80 75.06
C GLY A 535 -0.65 -41.08 73.89
N PHE A 536 0.07 -40.05 73.46
CA PHE A 536 0.99 -40.16 72.33
C PHE A 536 2.33 -40.63 72.84
N GLN A 537 2.73 -41.85 72.44
CA GLN A 537 3.94 -42.49 72.93
C GLN A 537 4.80 -42.92 71.76
N PRO A 538 6.12 -42.75 71.85
CA PRO A 538 7.00 -43.23 70.76
C PRO A 538 6.94 -44.73 70.56
N THR A 539 6.54 -45.50 71.59
CA THR A 539 6.42 -46.94 71.44
C THR A 539 5.27 -47.35 70.54
N ASN A 540 4.41 -46.41 70.15
CA ASN A 540 3.30 -46.74 69.28
C ASN A 540 3.78 -47.34 67.97
N GLY A 541 3.02 -48.30 67.44
CA GLY A 541 3.42 -49.02 66.26
C GLY A 541 3.49 -48.12 65.03
N VAL A 542 3.99 -48.72 63.94
CA VAL A 542 4.15 -47.99 62.70
C VAL A 542 2.80 -47.45 62.25
N GLY A 543 2.74 -46.13 62.02
CA GLY A 543 1.50 -45.45 61.71
C GLY A 543 0.68 -45.08 62.91
N TYR A 544 0.95 -45.67 64.07
CA TYR A 544 0.28 -45.35 65.32
C TYR A 544 1.00 -44.26 66.11
N GLN A 545 2.17 -43.83 65.63
CA GLN A 545 2.93 -42.81 66.32
C GLN A 545 2.22 -41.46 66.22
N PRO A 546 2.49 -40.54 67.15
CA PRO A 546 1.93 -39.20 67.04
C PRO A 546 2.35 -38.54 65.73
N TYR A 547 1.42 -37.78 65.15
CA TYR A 547 1.66 -37.09 63.89
C TYR A 547 1.19 -35.64 64.02
N ARG A 548 1.88 -34.76 63.29
CA ARG A 548 1.56 -33.34 63.25
C ARG A 548 1.08 -32.98 61.85
N VAL A 549 -0.08 -32.34 61.77
CA VAL A 549 -0.69 -31.99 60.50
C VAL A 549 -0.17 -30.61 60.08
N VAL A 550 0.38 -30.54 58.88
CA VAL A 550 0.85 -29.29 58.29
C VAL A 550 0.22 -29.21 56.90
N VAL A 551 -0.90 -28.51 56.79
CA VAL A 551 -1.63 -28.36 55.54
C VAL A 551 -1.75 -26.89 55.22
N LEU A 552 -1.31 -26.51 54.02
CA LEU A 552 -1.41 -25.13 53.56
C LEU A 552 -2.82 -24.90 53.03
N SER A 553 -3.73 -24.57 53.94
CA SER A 553 -5.10 -24.21 53.56
C SER A 553 -5.10 -22.74 53.16
N PHE A 554 -5.34 -22.47 51.87
CA PHE A 554 -5.22 -21.12 51.34
C PHE A 554 -6.34 -20.86 50.34
N GLU A 555 -6.63 -19.57 50.16
CA GLU A 555 -7.62 -19.11 49.21
C GLU A 555 -6.98 -18.12 48.24
N LEU A 556 -7.33 -18.23 46.97
CA LEU A 556 -6.77 -17.39 45.92
C LEU A 556 -7.86 -16.50 45.33
N LEU A 557 -7.59 -15.20 45.27
CA LEU A 557 -8.47 -14.16 44.73
C LEU A 557 -9.70 -13.94 45.60
N HIS A 558 -9.90 -14.71 46.67
CA HIS A 558 -10.94 -14.41 47.63
C HIS A 558 -10.54 -13.27 48.56
N ALA A 559 -9.24 -13.03 48.71
CA ALA A 559 -8.70 -11.93 49.49
C ALA A 559 -7.75 -11.11 48.62
N PRO A 560 -7.56 -9.83 48.92
CA PRO A 560 -6.69 -9.01 48.08
C PRO A 560 -5.26 -9.56 48.05
N ALA A 561 -4.63 -9.45 46.89
CA ALA A 561 -3.30 -9.98 46.67
C ALA A 561 -2.26 -8.93 47.07
N THR A 562 -1.42 -9.27 48.04
CA THR A 562 -0.30 -8.42 48.44
C THR A 562 0.96 -9.26 48.66
N VAL A 563 1.07 -10.37 47.94
CA VAL A 563 2.09 -11.38 48.21
C VAL A 563 2.45 -12.07 46.91
N CYS A 564 3.67 -12.62 46.87
CA CYS A 564 4.10 -13.45 45.75
C CYS A 564 5.03 -14.54 46.28
N GLY A 565 5.27 -15.53 45.43
CA GLY A 565 6.01 -16.72 45.81
C GLY A 565 7.52 -16.53 45.74
N PRO A 566 8.26 -17.63 45.88
CA PRO A 566 9.72 -17.54 45.90
C PRO A 566 10.33 -17.56 44.50
N LYS A 567 11.66 -17.61 44.42
CA LYS A 567 12.34 -17.59 43.13
C LYS A 567 13.65 -18.36 43.24
N LYS A 568 14.26 -18.59 42.07
CA LYS A 568 15.56 -19.24 41.97
C LYS A 568 16.45 -18.45 41.03
N SER A 569 17.76 -18.59 41.21
CA SER A 569 18.73 -17.80 40.47
C SER A 569 19.75 -18.71 39.80
N THR A 570 20.46 -18.15 38.82
CA THR A 570 21.53 -18.86 38.14
C THR A 570 22.81 -18.03 38.20
N ASN A 571 23.84 -18.45 37.48
CA ASN A 571 25.12 -17.78 37.52
C ASN A 571 25.09 -16.52 36.66
N LEU A 572 26.24 -15.91 36.42
CA LEU A 572 26.36 -14.69 35.64
C LEU A 572 27.39 -14.88 34.54
N VAL A 573 27.10 -14.34 33.36
CA VAL A 573 27.99 -14.39 32.22
C VAL A 573 28.05 -13.00 31.60
N LYS A 574 29.00 -12.82 30.67
CA LYS A 574 29.18 -11.54 30.02
C LYS A 574 29.78 -11.78 28.64
N ASN A 575 29.59 -10.77 27.77
CA ASN A 575 30.19 -10.79 26.43
C ASN A 575 29.80 -12.04 25.66
N LYS A 576 28.54 -12.45 25.80
CA LYS A 576 28.04 -13.61 25.07
C LYS A 576 26.57 -13.39 24.73
N CYS A 577 26.19 -13.81 23.53
CA CYS A 577 24.80 -13.71 23.09
C CYS A 577 23.99 -14.76 23.83
N VAL A 578 23.34 -14.34 24.92
CA VAL A 578 22.65 -15.25 25.81
C VAL A 578 21.21 -14.79 25.99
N ASN A 579 20.39 -15.67 26.54
CA ASN A 579 19.00 -15.39 26.85
C ASN A 579 18.91 -15.01 28.33
N PHE A 580 18.38 -13.82 28.59
CA PHE A 580 18.40 -13.24 29.93
C PHE A 580 16.98 -13.08 30.46
N ASN A 581 16.79 -13.36 31.74
CA ASN A 581 15.55 -13.13 32.44
C ASN A 581 15.86 -12.37 33.73
N PHE A 582 15.34 -11.16 33.84
CA PHE A 582 15.56 -10.31 35.00
C PHE A 582 14.19 -9.87 35.54
N ASN A 583 13.76 -10.51 36.62
CA ASN A 583 12.46 -10.22 37.21
C ASN A 583 11.35 -10.38 36.17
N GLY A 584 11.50 -11.40 35.32
CA GLY A 584 10.58 -11.62 34.22
C GLY A 584 10.95 -10.92 32.94
N LEU A 585 12.01 -10.11 32.94
CA LEU A 585 12.44 -9.39 31.74
C LEU A 585 13.17 -10.39 30.83
N THR A 586 12.40 -11.11 30.03
CA THR A 586 12.96 -12.03 29.07
C THR A 586 13.51 -11.27 27.87
N GLY A 587 14.50 -11.87 27.22
CA GLY A 587 15.08 -11.27 26.03
C GLY A 587 16.37 -11.95 25.66
N THR A 588 16.91 -11.51 24.53
CA THR A 588 18.14 -12.06 23.97
C THR A 588 19.09 -10.93 23.61
N GLY A 589 20.38 -11.12 23.88
CA GLY A 589 21.36 -10.10 23.55
C GLY A 589 22.67 -10.39 24.23
N VAL A 590 23.52 -9.35 24.28
CA VAL A 590 24.83 -9.42 24.90
C VAL A 590 24.86 -8.44 26.06
N LEU A 591 25.28 -8.91 27.23
CA LEU A 591 25.30 -8.11 28.44
C LEU A 591 26.72 -7.73 28.82
N THR A 592 26.86 -6.56 29.44
CA THR A 592 28.15 -6.08 29.88
C THR A 592 27.94 -5.11 31.02
N GLU A 593 28.94 -5.00 31.89
CA GLU A 593 28.89 -4.05 32.99
C GLU A 593 28.71 -2.64 32.45
N SER A 594 27.75 -1.91 32.99
CA SER A 594 27.39 -0.59 32.51
C SER A 594 27.87 0.47 33.48
N ASN A 595 28.57 1.48 32.94
CA ASN A 595 28.96 2.64 33.74
C ASN A 595 27.77 3.52 34.08
N LYS A 596 26.61 3.27 33.49
CA LYS A 596 25.42 4.08 33.78
C LYS A 596 25.06 3.97 35.25
N LYS A 597 24.47 5.06 35.76
CA LYS A 597 24.11 5.17 37.18
C LYS A 597 22.60 5.24 37.29
N PHE A 598 21.97 4.08 37.52
CA PHE A 598 20.54 4.05 37.75
C PHE A 598 20.19 4.69 39.09
N LEU A 599 18.94 5.08 39.22
CA LEU A 599 18.44 5.58 40.49
C LEU A 599 18.21 4.42 41.46
N PRO A 600 18.14 4.70 42.76
CA PRO A 600 17.93 3.61 43.72
C PRO A 600 16.67 2.81 43.46
N PHE A 601 15.62 3.44 42.97
CA PHE A 601 14.35 2.78 42.70
C PHE A 601 14.14 2.47 41.24
N GLN A 602 15.16 2.65 40.40
CA GLN A 602 15.05 2.43 38.96
C GLN A 602 15.83 1.16 38.59
N GLN A 603 15.16 0.27 37.85
CA GLN A 603 15.73 -1.01 37.50
C GLN A 603 15.86 -1.26 36.01
N PHE A 604 15.15 -0.51 35.17
CA PHE A 604 15.12 -0.73 33.74
C PHE A 604 15.60 0.51 33.00
N GLY A 605 16.20 0.30 31.84
CA GLY A 605 16.66 1.39 31.01
C GLY A 605 16.25 1.22 29.56
N ARG A 606 15.48 2.17 29.04
CA ARG A 606 14.98 2.15 27.68
C ARG A 606 15.71 3.17 26.83
N ASP A 607 15.82 2.90 25.54
CA ASP A 607 16.47 3.81 24.60
C ASP A 607 15.46 4.85 24.13
N ILE A 608 15.88 5.68 23.18
CA ILE A 608 14.99 6.72 22.66
C ILE A 608 13.74 6.11 22.08
N ALA A 609 13.89 5.02 21.33
CA ALA A 609 12.76 4.30 20.77
C ALA A 609 12.05 3.41 21.80
N ASP A 610 12.38 3.56 23.08
CA ASP A 610 11.76 2.78 24.15
C ASP A 610 12.05 1.29 23.96
N THR A 611 13.35 0.98 23.88
CA THR A 611 13.83 -0.40 23.83
C THR A 611 14.82 -0.58 24.97
N THR A 612 14.64 -1.66 25.73
CA THR A 612 15.49 -1.89 26.90
C THR A 612 16.94 -1.95 26.47
N ASP A 613 17.80 -1.22 27.19
CA ASP A 613 19.22 -1.21 26.89
C ASP A 613 20.06 -1.42 28.15
N ALA A 614 19.50 -1.04 29.30
CA ALA A 614 20.21 -1.14 30.58
C ALA A 614 19.30 -1.81 31.59
N VAL A 615 19.84 -2.79 32.32
CA VAL A 615 19.10 -3.50 33.36
C VAL A 615 19.96 -3.57 34.60
N ARG A 616 19.30 -3.74 35.74
CA ARG A 616 19.96 -3.84 37.04
C ARG A 616 19.74 -5.22 37.61
N ASP A 617 20.82 -5.84 38.07
CA ASP A 617 20.74 -7.20 38.58
C ASP A 617 19.93 -7.23 39.88
N PRO A 618 18.85 -8.00 39.98
CA PRO A 618 18.06 -7.99 41.21
C PRO A 618 18.83 -8.43 42.43
N GLN A 619 19.74 -9.38 42.29
CA GLN A 619 20.45 -9.91 43.46
C GLN A 619 21.52 -8.96 43.94
N THR A 620 22.52 -8.69 43.11
CA THR A 620 23.59 -7.76 43.42
C THR A 620 23.32 -6.45 42.71
N LEU A 621 23.32 -5.35 43.47
CA LEU A 621 23.02 -4.04 42.89
C LEU A 621 24.11 -3.66 41.90
N GLU A 622 23.73 -3.61 40.62
CA GLU A 622 24.63 -3.16 39.56
C GLU A 622 23.87 -3.07 38.26
N ILE A 623 24.24 -2.14 37.40
CA ILE A 623 23.55 -1.89 36.14
C ILE A 623 24.34 -2.53 35.02
N LEU A 624 23.66 -3.33 34.19
CA LEU A 624 24.28 -4.04 33.09
C LEU A 624 23.73 -3.52 31.77
N ASP A 625 24.61 -3.36 30.79
CA ASP A 625 24.20 -2.96 29.46
C ASP A 625 23.58 -4.14 28.71
N ILE A 626 22.76 -3.81 27.71
CA ILE A 626 22.15 -4.80 26.84
C ILE A 626 22.46 -4.42 25.40
N THR A 627 22.97 -5.38 24.64
CA THR A 627 23.30 -5.16 23.23
C THR A 627 22.73 -6.32 22.43
N PRO A 628 21.99 -6.05 21.36
CA PRO A 628 21.45 -7.16 20.55
C PRO A 628 22.57 -7.99 19.95
N CYS A 629 22.30 -9.29 19.83
CA CYS A 629 23.31 -10.20 19.31
C CYS A 629 23.76 -9.75 17.93
N SER A 630 25.07 -9.72 17.72
CA SER A 630 25.62 -9.21 16.47
C SER A 630 25.06 -9.98 15.28
N PHE A 631 24.74 -9.24 14.22
CA PHE A 631 24.18 -9.84 13.02
C PHE A 631 24.36 -8.86 11.87
N GLY A 632 24.20 -9.38 10.66
CA GLY A 632 24.26 -8.53 9.48
C GLY A 632 24.06 -9.36 8.23
N GLY A 633 23.88 -8.66 7.13
CA GLY A 633 23.65 -9.33 5.86
C GLY A 633 24.90 -10.00 5.34
N VAL A 634 24.70 -11.03 4.54
CA VAL A 634 25.78 -11.77 3.88
C VAL A 634 25.73 -11.44 2.41
N SER A 635 26.84 -10.96 1.87
CA SER A 635 26.96 -10.62 0.46
C SER A 635 28.14 -11.38 -0.13
N VAL A 636 27.92 -11.99 -1.29
CA VAL A 636 28.90 -12.83 -1.94
C VAL A 636 29.50 -12.07 -3.11
N ILE A 637 30.81 -11.87 -3.08
CA ILE A 637 31.55 -11.24 -4.16
C ILE A 637 32.18 -12.34 -5.00
N THR A 638 32.03 -12.24 -6.32
CA THR A 638 32.62 -13.24 -7.20
C THR A 638 32.72 -12.69 -8.61
N PRO A 639 33.76 -13.03 -9.37
CA PRO A 639 33.79 -12.64 -10.78
C PRO A 639 32.84 -13.50 -11.60
N GLY A 640 32.86 -13.34 -12.92
CA GLY A 640 32.05 -14.20 -13.76
C GLY A 640 32.37 -15.66 -13.53
N THR A 641 31.35 -16.51 -13.69
CA THR A 641 31.51 -17.93 -13.40
C THR A 641 32.70 -18.51 -14.15
N ASN A 642 32.76 -18.29 -15.46
CA ASN A 642 33.80 -18.94 -16.25
C ASN A 642 35.17 -18.31 -16.03
N THR A 643 35.22 -17.06 -15.55
CA THR A 643 36.51 -16.48 -15.17
C THR A 643 37.14 -17.27 -14.04
N SER A 644 36.36 -17.66 -13.05
CA SER A 644 36.84 -18.47 -11.95
C SER A 644 35.65 -18.87 -11.09
N ASN A 645 35.75 -20.05 -10.49
CA ASN A 645 34.73 -20.53 -9.57
C ASN A 645 34.99 -20.10 -8.13
N GLN A 646 36.16 -19.53 -7.84
CA GLN A 646 36.42 -19.01 -6.51
C GLN A 646 35.52 -17.82 -6.22
N VAL A 647 35.10 -17.69 -4.97
CA VAL A 647 34.18 -16.65 -4.56
C VAL A 647 34.71 -15.98 -3.30
N ALA A 648 34.28 -14.74 -3.09
CA ALA A 648 34.59 -13.97 -1.90
C ALA A 648 33.30 -13.63 -1.19
N VAL A 649 33.21 -13.98 0.08
CA VAL A 649 32.02 -13.77 0.89
C VAL A 649 32.36 -12.81 2.01
N LEU A 650 31.44 -11.88 2.30
CA LEU A 650 31.64 -10.89 3.34
C LEU A 650 30.38 -10.77 4.18
N TYR A 651 30.55 -10.20 5.36
CA TYR A 651 29.45 -9.98 6.30
C TYR A 651 29.35 -8.48 6.55
N GLN A 652 28.20 -7.90 6.22
CA GLN A 652 28.05 -6.45 6.22
C GLN A 652 27.98 -5.91 7.64
N GLY A 653 28.91 -5.03 7.99
CA GLY A 653 28.91 -4.49 9.34
C GLY A 653 28.94 -5.55 10.42
N VAL A 654 29.47 -6.71 10.11
CA VAL A 654 29.57 -7.82 11.07
C VAL A 654 31.04 -8.18 11.21
N ASN A 655 31.61 -7.93 12.39
CA ASN A 655 32.98 -8.37 12.62
C ASN A 655 33.13 -9.88 12.51
N CYS A 656 34.32 -10.28 12.01
CA CYS A 656 34.73 -11.67 11.90
C CYS A 656 35.21 -12.25 13.22
N THR A 657 35.11 -11.51 14.32
CA THR A 657 35.18 -12.12 15.64
C THR A 657 34.09 -13.17 15.81
N GLU A 658 32.99 -13.03 15.06
CA GLU A 658 31.86 -13.95 15.09
C GLU A 658 31.88 -15.01 13.98
N VAL A 659 32.49 -14.73 12.83
CA VAL A 659 32.22 -15.51 11.62
C VAL A 659 32.56 -16.98 11.77
N PRO A 660 33.52 -17.40 12.60
CA PRO A 660 33.77 -18.85 12.74
C PRO A 660 32.59 -19.63 13.29
N VAL A 661 31.47 -18.97 13.62
CA VAL A 661 30.30 -19.68 14.10
C VAL A 661 29.81 -20.66 13.03
N ALA A 662 29.74 -20.21 11.79
CA ALA A 662 29.27 -21.06 10.70
C ALA A 662 29.69 -20.49 9.35
N TYR A 675 33.83 -24.11 6.19
CA TYR A 675 34.29 -22.83 5.68
C TYR A 675 34.51 -21.83 6.80
N SER A 676 34.03 -22.17 8.01
CA SER A 676 34.24 -21.31 9.16
C SER A 676 35.72 -21.15 9.49
N THR A 677 36.56 -22.07 8.99
CA THR A 677 38.00 -21.97 9.28
C THR A 677 38.56 -20.63 8.82
N GLY A 678 38.28 -20.26 7.57
CA GLY A 678 38.77 -19.00 7.05
C GLY A 678 40.15 -19.11 6.42
N SER A 679 41.18 -18.76 7.19
CA SER A 679 42.57 -18.72 6.78
C SER A 679 42.88 -17.58 5.81
N ASN A 680 41.87 -16.82 5.38
CA ASN A 680 42.07 -15.64 4.54
C ASN A 680 40.96 -14.66 4.89
N VAL A 681 41.25 -13.74 5.80
CA VAL A 681 40.26 -12.80 6.31
C VAL A 681 40.87 -11.41 6.35
N PHE A 682 40.01 -10.40 6.37
CA PHE A 682 40.44 -9.02 6.43
C PHE A 682 39.29 -8.18 6.95
N GLN A 683 39.59 -7.27 7.88
CA GLN A 683 38.58 -6.39 8.46
C GLN A 683 38.48 -5.10 7.67
N THR A 684 37.24 -4.63 7.50
CA THR A 684 36.96 -3.38 6.81
C THR A 684 35.88 -2.63 7.57
N ARG A 685 35.85 -1.32 7.37
CA ARG A 685 34.82 -0.51 8.04
C ARG A 685 33.43 -1.04 7.74
N ALA A 686 33.20 -1.48 6.51
CA ALA A 686 31.91 -2.05 6.15
C ALA A 686 31.76 -3.50 6.59
N GLY A 687 32.84 -4.16 6.98
CA GLY A 687 32.75 -5.53 7.44
C GLY A 687 34.09 -6.22 7.36
N CYS A 688 34.08 -7.50 7.72
CA CYS A 688 35.27 -8.35 7.70
C CYS A 688 34.99 -9.46 6.68
N LEU A 689 35.45 -9.27 5.45
CA LEU A 689 35.18 -10.22 4.39
C LEU A 689 35.98 -11.50 4.62
N ILE A 690 35.79 -12.46 3.72
CA ILE A 690 36.45 -13.76 3.79
C ILE A 690 36.76 -14.22 2.38
N GLY A 691 37.92 -14.86 2.22
CA GLY A 691 38.30 -15.48 0.97
C GLY A 691 39.12 -14.60 0.05
N ALA A 692 39.10 -13.29 0.24
CA ALA A 692 39.85 -12.37 -0.60
C ALA A 692 41.10 -11.91 0.14
N GLU A 693 42.18 -11.75 -0.61
CA GLU A 693 43.47 -11.36 -0.03
C GLU A 693 43.62 -9.84 -0.13
N HIS A 694 43.84 -9.20 1.02
CA HIS A 694 44.02 -7.76 1.03
C HIS A 694 45.28 -7.36 0.29
N VAL A 695 45.20 -6.28 -0.47
CA VAL A 695 46.33 -5.72 -1.21
C VAL A 695 46.49 -4.27 -0.80
N ASN A 696 47.72 -3.88 -0.47
CA ASN A 696 47.98 -2.54 0.02
C ASN A 696 48.18 -1.52 -1.09
N ASN A 697 48.19 -1.96 -2.35
CA ASN A 697 48.27 -1.03 -3.46
C ASN A 697 46.86 -0.52 -3.80
N SER A 698 46.79 0.36 -4.80
CA SER A 698 45.53 0.97 -5.22
C SER A 698 45.30 0.67 -6.70
N TYR A 699 44.06 0.31 -7.03
CA TYR A 699 43.65 0.05 -8.40
C TYR A 699 42.25 0.60 -8.61
N GLU A 700 41.81 0.57 -9.86
CA GLU A 700 40.47 1.05 -10.18
C GLU A 700 39.43 0.08 -9.61
N CYS A 701 38.35 0.65 -9.08
CA CYS A 701 37.28 -0.17 -8.53
C CYS A 701 36.74 -1.11 -9.61
N ASP A 702 36.56 -2.38 -9.23
CA ASP A 702 35.95 -3.37 -10.10
C ASP A 702 34.61 -3.87 -9.61
N ILE A 703 34.43 -3.97 -8.30
CA ILE A 703 33.16 -4.38 -7.71
C ILE A 703 32.98 -3.60 -6.41
N PRO A 704 31.97 -2.74 -6.29
CA PRO A 704 31.80 -1.97 -5.05
C PRO A 704 31.57 -2.88 -3.86
N ILE A 705 32.12 -2.49 -2.71
CA ILE A 705 31.95 -3.25 -1.48
C ILE A 705 31.42 -2.32 -0.40
N GLY A 706 32.12 -1.24 -0.15
CA GLY A 706 31.73 -0.27 0.86
C GLY A 706 32.96 0.35 1.49
N ALA A 707 32.79 1.56 1.99
CA ALA A 707 33.87 2.29 2.65
C ALA A 707 35.08 2.40 1.73
N GLY A 708 34.83 2.65 0.45
CA GLY A 708 35.92 2.84 -0.49
C GLY A 708 36.79 1.61 -0.68
N ILE A 709 36.18 0.44 -0.80
CA ILE A 709 36.91 -0.81 -1.04
C ILE A 709 36.21 -1.56 -2.16
N CYS A 710 36.98 -2.01 -3.15
CA CYS A 710 36.46 -2.83 -4.22
C CYS A 710 37.38 -4.01 -4.44
N ALA A 711 36.81 -5.10 -4.94
CA ALA A 711 37.54 -6.35 -5.14
C ALA A 711 37.63 -6.67 -6.63
N SER A 712 38.70 -7.36 -7.00
CA SER A 712 38.93 -7.75 -8.37
C SER A 712 39.72 -9.05 -8.41
N TYR A 713 39.66 -9.72 -9.55
CA TYR A 713 40.35 -10.99 -9.75
C TYR A 713 41.66 -10.73 -10.49
N GLN A 714 42.77 -11.13 -9.88
CA GLN A 714 44.08 -10.88 -10.46
C GLN A 714 45.08 -11.88 -9.90
N THR A 715 46.27 -11.88 -10.49
CA THR A 715 47.36 -12.75 -10.05
C THR A 715 47.69 -12.51 -8.58
N SER A 728 47.37 -19.03 -9.53
CA SER A 728 47.96 -17.77 -9.10
C SER A 728 46.90 -16.68 -9.00
N GLN A 729 45.94 -16.71 -9.92
CA GLN A 729 44.87 -15.73 -9.92
C GLN A 729 43.96 -15.93 -8.72
N SER A 730 43.70 -14.85 -7.99
CA SER A 730 42.82 -14.91 -6.83
C SER A 730 42.17 -13.54 -6.64
N ILE A 731 41.03 -13.54 -5.95
CA ILE A 731 40.33 -12.29 -5.69
C ILE A 731 41.10 -11.48 -4.67
N ILE A 732 41.21 -10.17 -4.90
CA ILE A 732 41.97 -9.28 -4.04
C ILE A 732 41.10 -8.09 -3.68
N ALA A 733 41.48 -7.42 -2.59
CA ALA A 733 40.81 -6.22 -2.12
C ALA A 733 41.84 -5.11 -1.97
N TYR A 734 41.47 -3.91 -2.41
CA TYR A 734 42.38 -2.77 -2.43
C TYR A 734 41.60 -1.52 -2.06
N THR A 735 42.26 -0.37 -2.16
CA THR A 735 41.65 0.93 -1.88
C THR A 735 41.46 1.69 -3.17
N MET A 736 40.52 2.64 -3.14
CA MET A 736 40.14 3.35 -4.35
C MET A 736 41.33 4.05 -4.98
N SER A 737 41.73 3.61 -6.17
CA SER A 737 42.63 4.40 -7.00
C SER A 737 41.75 5.46 -7.66
N LEU A 738 41.59 6.58 -6.97
CA LEU A 738 40.58 7.56 -7.36
C LEU A 738 40.78 8.03 -8.78
N GLY A 739 42.00 7.97 -9.29
CA GLY A 739 42.26 8.37 -10.66
C GLY A 739 43.74 8.66 -10.85
N ALA A 740 44.07 9.02 -12.08
CA ALA A 740 45.44 9.37 -12.41
C ALA A 740 45.80 10.70 -11.76
N GLU A 741 46.59 10.66 -10.70
CA GLU A 741 47.05 11.87 -10.06
C GLU A 741 47.74 12.76 -11.08
N ASN A 742 47.35 14.03 -11.11
CA ASN A 742 47.86 14.97 -12.10
C ASN A 742 48.16 16.30 -11.45
N SER A 743 49.09 17.04 -12.05
CA SER A 743 49.49 18.36 -11.57
C SER A 743 49.69 19.26 -12.79
N VAL A 744 48.71 20.12 -13.05
CA VAL A 744 48.79 21.02 -14.20
C VAL A 744 49.86 22.07 -13.92
N ALA A 745 50.74 22.29 -14.90
CA ALA A 745 51.84 23.23 -14.74
C ALA A 745 51.34 24.67 -14.81
N TYR A 746 50.62 25.11 -13.76
CA TYR A 746 50.14 26.48 -13.73
C TYR A 746 51.31 27.45 -13.64
N SER A 747 51.12 28.63 -14.23
CA SER A 747 52.13 29.67 -14.16
C SER A 747 51.44 31.01 -14.45
N ASN A 748 52.19 32.08 -14.22
CA ASN A 748 51.64 33.41 -14.44
C ASN A 748 51.45 33.71 -15.92
N ASN A 749 52.32 33.19 -16.78
CA ASN A 749 52.31 33.51 -18.20
C ASN A 749 52.47 32.25 -19.05
N SER A 750 51.69 31.23 -18.75
CA SER A 750 51.74 29.97 -19.48
C SER A 750 50.36 29.66 -20.04
N ILE A 751 50.28 29.46 -21.36
CA ILE A 751 49.05 29.10 -22.04
C ILE A 751 49.31 27.82 -22.84
N ALA A 752 48.41 26.85 -22.72
CA ALA A 752 48.50 25.61 -23.48
C ALA A 752 47.36 25.61 -24.50
N ILE A 753 47.63 26.21 -25.65
CA ILE A 753 46.66 26.22 -26.74
C ILE A 753 46.69 24.86 -27.42
N PRO A 754 45.55 24.29 -27.79
CA PRO A 754 45.58 23.03 -28.55
C PRO A 754 45.98 23.28 -30.00
N THR A 755 46.94 22.49 -30.47
CA THR A 755 47.38 22.57 -31.86
C THR A 755 46.61 21.63 -32.78
N ASN A 756 45.75 20.78 -32.25
CA ASN A 756 45.05 19.79 -33.05
C ASN A 756 43.81 19.35 -32.29
N PHE A 757 42.90 18.69 -33.01
CA PHE A 757 41.60 18.33 -32.46
C PHE A 757 41.25 16.92 -32.91
N THR A 758 40.02 16.52 -32.60
CA THR A 758 39.49 15.23 -33.01
C THR A 758 37.98 15.32 -33.05
N ILE A 759 37.36 14.36 -33.72
CA ILE A 759 35.91 14.21 -33.74
C ILE A 759 35.57 12.89 -33.06
N SER A 760 34.80 12.97 -31.98
CA SER A 760 34.46 11.81 -31.18
C SER A 760 32.96 11.63 -31.14
N VAL A 761 32.50 10.40 -31.32
CA VAL A 761 31.10 10.04 -31.26
C VAL A 761 30.90 9.16 -30.03
N THR A 762 30.09 9.64 -29.08
CA THR A 762 29.80 8.92 -27.86
C THR A 762 28.31 8.64 -27.79
N THR A 763 27.97 7.36 -27.58
CA THR A 763 26.57 6.98 -27.55
C THR A 763 25.91 7.50 -26.26
N GLU A 764 24.58 7.37 -26.23
CA GLU A 764 23.81 7.71 -25.04
C GLU A 764 22.41 7.14 -25.16
N ILE A 765 21.95 6.43 -24.13
CA ILE A 765 20.70 5.71 -24.17
C ILE A 765 19.80 6.26 -23.07
N LEU A 766 18.49 6.19 -23.30
CA LEU A 766 17.52 6.70 -22.34
C LEU A 766 16.23 5.92 -22.46
N PRO A 767 15.62 5.51 -21.35
CA PRO A 767 14.30 4.89 -21.44
C PRO A 767 13.27 5.89 -21.94
N VAL A 768 12.28 5.38 -22.66
CA VAL A 768 11.22 6.20 -23.25
C VAL A 768 9.84 5.79 -22.74
N SER A 769 9.51 4.50 -22.86
CA SER A 769 8.21 4.02 -22.41
C SER A 769 8.32 2.54 -22.07
N MET A 770 7.42 2.11 -21.20
CA MET A 770 7.31 0.71 -20.80
C MET A 770 6.04 0.11 -21.39
N THR A 771 6.02 -1.22 -21.45
CA THR A 771 4.85 -1.91 -21.95
C THR A 771 3.63 -1.56 -21.10
N LYS A 772 2.54 -1.21 -21.76
CA LYS A 772 1.31 -0.95 -21.03
C LYS A 772 0.72 -2.25 -20.49
N THR A 773 -0.21 -2.13 -19.56
CA THR A 773 -0.83 -3.30 -18.98
C THR A 773 -2.14 -2.90 -18.32
N SER A 774 -3.17 -3.72 -18.51
CA SER A 774 -4.45 -3.56 -17.86
C SER A 774 -4.81 -4.88 -17.17
N VAL A 775 -5.32 -4.78 -15.95
CA VAL A 775 -5.64 -5.95 -15.14
C VAL A 775 -7.14 -5.97 -14.91
N ASP A 776 -7.78 -7.08 -15.26
CA ASP A 776 -9.21 -7.25 -15.06
C ASP A 776 -9.42 -7.79 -13.65
N CYS A 777 -9.76 -6.90 -12.73
CA CYS A 777 -9.95 -7.28 -11.34
C CYS A 777 -10.83 -8.52 -11.19
N THR A 778 -12.07 -8.44 -11.68
CA THR A 778 -13.08 -9.43 -11.34
C THR A 778 -12.57 -10.85 -11.59
N MET A 779 -12.01 -11.09 -12.77
CA MET A 779 -11.56 -12.45 -13.08
C MET A 779 -10.30 -12.80 -12.30
N TYR A 780 -9.33 -11.88 -12.22
CA TYR A 780 -8.06 -12.19 -11.60
C TYR A 780 -8.25 -12.61 -10.15
N ILE A 781 -8.94 -11.79 -9.36
CA ILE A 781 -9.18 -12.12 -7.97
C ILE A 781 -10.19 -13.26 -7.86
N CYS A 782 -11.26 -13.21 -8.64
CA CYS A 782 -12.40 -14.09 -8.50
C CYS A 782 -12.74 -14.78 -9.81
N GLY A 783 -11.72 -15.35 -10.44
CA GLY A 783 -11.91 -16.04 -11.70
C GLY A 783 -13.03 -17.07 -11.67
N ASP A 784 -14.10 -16.80 -12.41
CA ASP A 784 -15.20 -17.75 -12.57
C ASP A 784 -15.75 -18.23 -11.22
N SER A 785 -15.91 -17.28 -10.29
CA SER A 785 -16.47 -17.59 -8.97
C SER A 785 -17.44 -16.46 -8.62
N THR A 786 -18.73 -16.70 -8.86
CA THR A 786 -19.73 -15.68 -8.58
C THR A 786 -19.74 -15.31 -7.10
N GLU A 787 -19.81 -16.32 -6.23
CA GLU A 787 -19.78 -16.06 -4.79
C GLU A 787 -18.56 -15.24 -4.41
N CYS A 788 -17.43 -15.53 -5.05
CA CYS A 788 -16.25 -14.70 -4.85
C CYS A 788 -16.50 -13.27 -5.30
N SER A 789 -17.19 -13.10 -6.43
CA SER A 789 -17.51 -11.77 -6.90
C SER A 789 -18.40 -11.03 -5.91
N ASN A 790 -19.40 -11.73 -5.36
CA ASN A 790 -20.33 -11.07 -4.44
C ASN A 790 -19.60 -10.52 -3.22
N LEU A 791 -18.68 -11.30 -2.66
CA LEU A 791 -17.92 -10.82 -1.51
C LEU A 791 -17.13 -9.57 -1.86
N LEU A 792 -16.49 -9.58 -3.04
CA LEU A 792 -15.69 -8.42 -3.44
C LEU A 792 -16.52 -7.15 -3.49
N LEU A 793 -17.81 -7.27 -3.84
CA LEU A 793 -18.65 -6.08 -3.92
C LEU A 793 -18.65 -5.30 -2.62
N GLN A 794 -18.49 -6.00 -1.49
CA GLN A 794 -18.46 -5.31 -0.20
C GLN A 794 -17.30 -4.33 -0.12
N TYR A 795 -16.24 -4.55 -0.88
CA TYR A 795 -15.04 -3.72 -0.80
C TYR A 795 -15.15 -2.43 -1.61
N GLY A 796 -16.26 -2.21 -2.29
CA GLY A 796 -16.46 -0.96 -2.98
C GLY A 796 -15.79 -0.92 -4.35
N SER A 797 -15.43 0.29 -4.77
CA SER A 797 -14.85 0.53 -6.09
C SER A 797 -13.34 0.43 -6.10
N PHE A 798 -12.76 -0.36 -5.20
CA PHE A 798 -11.31 -0.45 -5.10
C PHE A 798 -10.67 -0.73 -6.44
N CYS A 799 -11.16 -1.74 -7.15
CA CYS A 799 -10.56 -2.11 -8.43
C CYS A 799 -11.24 -1.43 -9.61
N THR A 800 -12.27 -0.62 -9.38
CA THR A 800 -12.74 0.27 -10.42
C THR A 800 -11.70 1.35 -10.71
N GLN A 801 -11.14 1.93 -9.65
CA GLN A 801 -10.08 2.93 -9.84
C GLN A 801 -8.78 2.30 -10.27
N LEU A 802 -8.52 1.05 -9.90
CA LEU A 802 -7.30 0.39 -10.32
C LEU A 802 -7.15 0.43 -11.83
N ASN A 803 -8.22 0.06 -12.55
CA ASN A 803 -8.20 0.16 -13.99
C ASN A 803 -7.98 1.61 -14.43
N ARG A 804 -8.62 2.55 -13.75
CA ARG A 804 -8.36 3.95 -14.02
C ARG A 804 -6.89 4.29 -13.77
N ALA A 805 -6.33 3.77 -12.68
CA ALA A 805 -4.92 4.03 -12.39
C ALA A 805 -4.03 3.54 -13.52
N LEU A 806 -4.20 2.28 -13.93
CA LEU A 806 -3.40 1.76 -15.03
C LEU A 806 -3.70 2.49 -16.32
N THR A 807 -4.98 2.79 -16.56
CA THR A 807 -5.35 3.52 -17.77
C THR A 807 -4.56 4.82 -17.87
N GLY A 808 -4.42 5.53 -16.76
CA GLY A 808 -3.60 6.73 -16.77
C GLY A 808 -2.17 6.45 -17.19
N ILE A 809 -1.61 5.34 -16.70
CA ILE A 809 -0.25 4.96 -17.10
C ILE A 809 -0.22 4.66 -18.59
N ALA A 810 -1.20 3.92 -19.09
CA ALA A 810 -1.21 3.55 -20.50
C ALA A 810 -1.25 4.79 -21.39
N VAL A 811 -2.11 5.75 -21.05
CA VAL A 811 -2.19 6.97 -21.85
C VAL A 811 -0.88 7.72 -21.81
N GLU A 812 -0.27 7.82 -20.63
CA GLU A 812 0.98 8.55 -20.51
C GLU A 812 2.06 7.97 -21.41
N GLN A 813 2.16 6.64 -21.47
CA GLN A 813 3.19 6.02 -22.29
C GLN A 813 3.08 6.47 -23.74
N ASP A 814 1.88 6.42 -24.31
CA ASP A 814 1.71 6.86 -25.68
C ASP A 814 2.08 8.33 -25.83
N LYS A 815 1.68 9.16 -24.88
CA LYS A 815 2.05 10.56 -24.93
C LYS A 815 3.56 10.72 -24.86
N ASN A 816 4.23 9.95 -23.99
CA ASN A 816 5.68 10.04 -23.90
C ASN A 816 6.32 9.85 -25.27
N THR A 817 5.85 8.86 -26.03
CA THR A 817 6.39 8.66 -27.37
C THR A 817 6.11 9.85 -28.27
N GLN A 818 4.95 10.50 -28.09
CA GLN A 818 4.59 11.62 -28.95
C GLN A 818 5.61 12.75 -28.81
N GLU A 819 5.88 13.18 -27.58
CA GLU A 819 6.79 14.30 -27.38
C GLU A 819 8.20 13.98 -27.85
N VAL A 820 8.69 12.78 -27.53
CA VAL A 820 10.08 12.47 -27.80
C VAL A 820 10.34 12.38 -29.30
N PHE A 821 9.38 11.88 -30.08
CA PHE A 821 9.59 11.59 -31.48
C PHE A 821 8.83 12.52 -32.42
N ALA A 822 7.54 12.76 -32.16
CA ALA A 822 6.73 13.51 -33.11
C ALA A 822 6.94 15.01 -32.97
N GLN A 823 8.19 15.45 -33.08
CA GLN A 823 8.52 16.86 -32.99
C GLN A 823 8.79 17.49 -34.36
N VAL A 824 8.57 16.74 -35.43
CA VAL A 824 8.75 17.23 -36.79
C VAL A 824 7.37 17.42 -37.41
N LYS A 825 7.13 18.60 -37.96
CA LYS A 825 5.81 18.96 -38.47
C LYS A 825 5.62 18.60 -39.93
N GLN A 826 6.60 17.96 -40.57
CA GLN A 826 6.47 17.58 -41.96
C GLN A 826 7.50 16.52 -42.26
N ILE A 827 7.04 15.34 -42.69
CA ILE A 827 7.96 14.25 -42.99
C ILE A 827 8.93 14.70 -44.08
N TYR A 828 10.21 14.71 -43.76
CA TYR A 828 11.25 15.11 -44.71
C TYR A 828 11.93 13.87 -45.25
N LYS A 829 12.08 13.82 -46.57
CA LYS A 829 12.67 12.67 -47.25
C LYS A 829 14.10 12.99 -47.65
N THR A 830 15.01 12.10 -47.32
CA THR A 830 16.41 12.31 -47.68
C THR A 830 16.56 12.30 -49.21
N PRO A 831 17.39 13.16 -49.78
CA PRO A 831 17.55 13.16 -51.23
C PRO A 831 18.20 11.88 -51.70
N PRO A 832 17.87 11.42 -52.91
CA PRO A 832 18.49 10.18 -53.40
C PRO A 832 20.00 10.26 -53.51
N ILE A 833 20.55 11.43 -53.84
CA ILE A 833 21.99 11.59 -54.02
C ILE A 833 22.62 11.82 -52.66
N LYS A 834 23.56 10.96 -52.28
CA LYS A 834 24.25 11.06 -51.00
C LYS A 834 25.58 11.78 -51.19
N ASP A 835 25.47 13.05 -51.57
CA ASP A 835 26.63 13.92 -51.76
C ASP A 835 26.75 14.81 -50.53
N PHE A 836 27.43 14.31 -49.50
CA PHE A 836 27.56 14.99 -48.22
C PHE A 836 29.01 15.38 -47.95
N GLY A 837 29.72 15.82 -48.97
CA GLY A 837 31.08 16.31 -48.79
C GLY A 837 32.00 15.30 -48.14
N GLY A 838 31.88 14.02 -48.52
CA GLY A 838 32.70 12.97 -47.97
C GLY A 838 32.18 12.38 -46.68
N PHE A 839 31.30 13.07 -45.97
CA PHE A 839 30.71 12.50 -44.78
C PHE A 839 29.81 11.33 -45.15
N ASN A 840 29.73 10.35 -44.26
CA ASN A 840 29.10 9.07 -44.56
C ASN A 840 28.01 8.79 -43.54
N PHE A 841 26.82 8.44 -44.03
CA PHE A 841 25.70 8.13 -43.16
C PHE A 841 24.91 6.91 -43.63
N SER A 842 25.42 6.16 -44.60
CA SER A 842 24.64 5.06 -45.15
C SER A 842 24.17 4.12 -44.06
N GLN A 843 25.03 3.79 -43.12
CA GLN A 843 24.67 2.84 -42.07
C GLN A 843 23.54 3.39 -41.19
N ILE A 844 23.56 4.69 -40.90
CA ILE A 844 22.54 5.26 -40.03
C ILE A 844 21.26 5.63 -40.76
N LEU A 845 21.30 5.78 -42.09
CA LEU A 845 20.10 6.07 -42.84
C LEU A 845 19.33 4.79 -43.14
N PRO A 846 18.02 4.89 -43.37
CA PRO A 846 17.24 3.68 -43.68
C PRO A 846 17.66 3.07 -45.01
N ASP A 847 17.53 1.76 -45.09
CA ASP A 847 17.78 1.00 -46.30
C ASP A 847 16.48 0.38 -46.78
N PRO A 848 15.98 0.70 -47.98
CA PRO A 848 14.68 0.15 -48.38
C PRO A 848 14.61 -1.36 -48.37
N SER A 849 15.74 -2.04 -48.64
CA SER A 849 15.71 -3.49 -48.73
C SER A 849 15.19 -4.13 -47.44
N LYS A 850 15.42 -3.50 -46.31
CA LYS A 850 14.97 -4.07 -45.04
C LYS A 850 13.44 -4.10 -44.99
N PRO A 851 12.82 -5.23 -44.68
CA PRO A 851 11.35 -5.22 -44.53
C PRO A 851 10.89 -4.23 -43.49
N SER A 852 11.64 -4.09 -42.40
CA SER A 852 11.46 -3.01 -41.45
C SER A 852 12.44 -1.90 -41.82
N LYS A 853 11.90 -0.75 -42.21
CA LYS A 853 12.73 0.33 -42.75
C LYS A 853 13.51 0.95 -41.59
N ARG A 854 14.55 0.22 -41.19
CA ARG A 854 15.39 0.59 -40.06
C ARG A 854 16.84 0.69 -40.52
N SER A 855 17.55 1.67 -39.97
CA SER A 855 18.97 1.80 -40.27
C SER A 855 19.74 0.57 -39.79
N PHE A 856 20.93 0.40 -40.35
CA PHE A 856 21.74 -0.77 -39.98
C PHE A 856 21.95 -0.82 -38.48
N ILE A 857 22.31 0.30 -37.88
CA ILE A 857 22.55 0.33 -36.44
C ILE A 857 21.27 -0.01 -35.68
N GLU A 858 20.13 0.46 -36.18
CA GLU A 858 18.87 0.17 -35.52
C GLU A 858 18.63 -1.33 -35.44
N ASP A 859 18.89 -2.04 -36.54
CA ASP A 859 18.71 -3.49 -36.54
C ASP A 859 19.55 -4.14 -35.45
N LEU A 860 20.78 -3.68 -35.28
CA LEU A 860 21.63 -4.22 -34.21
C LEU A 860 20.99 -4.00 -32.85
N LEU A 861 20.44 -2.80 -32.63
CA LEU A 861 19.80 -2.52 -31.35
C LEU A 861 18.62 -3.45 -31.11
N PHE A 862 17.81 -3.69 -32.14
CA PHE A 862 16.67 -4.59 -31.99
C PHE A 862 17.13 -5.97 -31.58
N ASN A 863 18.13 -6.51 -32.28
CA ASN A 863 18.62 -7.85 -31.97
C ASN A 863 19.24 -7.89 -30.57
N LYS A 864 19.97 -6.86 -30.20
CA LYS A 864 20.66 -6.86 -28.91
C LYS A 864 19.66 -6.94 -27.76
N VAL A 865 18.51 -6.28 -27.89
CA VAL A 865 17.50 -6.30 -26.83
C VAL A 865 16.75 -7.61 -26.91
N THR A 866 16.80 -8.39 -25.82
CA THR A 866 16.07 -9.66 -25.74
C THR A 866 14.63 -9.35 -25.33
N LEU A 867 13.87 -8.86 -26.30
CA LEU A 867 12.51 -8.43 -26.05
C LEU A 867 11.62 -9.61 -25.65
N ALA A 868 10.65 -9.32 -24.79
CA ALA A 868 9.65 -10.29 -24.38
C ALA A 868 8.29 -9.61 -24.33
N ASP A 869 7.24 -10.41 -24.49
CA ASP A 869 5.87 -9.89 -24.52
C ASP A 869 5.71 -8.84 -25.62
N ALA A 870 5.93 -9.27 -26.86
CA ALA A 870 5.85 -8.37 -28.00
C ALA A 870 4.45 -7.84 -28.24
N GLY A 871 3.42 -8.55 -27.78
CA GLY A 871 2.05 -8.09 -27.97
C GLY A 871 1.49 -8.32 -29.35
N PHE A 872 2.04 -9.28 -30.10
CA PHE A 872 1.49 -9.58 -31.43
C PHE A 872 0.08 -10.12 -31.31
N ILE A 873 -0.69 -9.95 -32.40
CA ILE A 873 -2.05 -10.48 -32.42
C ILE A 873 -2.03 -12.00 -32.30
N LYS A 874 -0.96 -12.64 -32.77
CA LYS A 874 -0.84 -14.10 -32.71
C LYS A 874 -1.92 -14.74 -33.57
N GLN A 875 -3.03 -15.17 -32.96
CA GLN A 875 -4.11 -15.80 -33.70
C GLN A 875 -5.47 -15.42 -33.12
N ASP A 887 5.03 -19.90 -23.72
CA ASP A 887 5.80 -18.69 -24.05
C ASP A 887 5.55 -17.59 -23.03
N LEU A 888 6.64 -16.95 -22.59
CA LEU A 888 6.50 -15.84 -21.65
C LEU A 888 5.70 -14.69 -22.25
N ILE A 889 5.63 -14.60 -23.59
CA ILE A 889 4.78 -13.60 -24.22
C ILE A 889 3.32 -13.84 -23.83
N CYS A 890 2.88 -15.09 -23.88
CA CYS A 890 1.49 -15.43 -23.60
C CYS A 890 1.26 -15.82 -22.15
N ALA A 891 2.27 -16.39 -21.50
CA ALA A 891 2.08 -16.86 -20.12
C ALA A 891 1.72 -15.71 -19.19
N GLN A 892 2.41 -14.57 -19.32
CA GLN A 892 2.10 -13.40 -18.51
C GLN A 892 0.82 -12.72 -18.93
N LYS A 893 0.23 -13.12 -20.07
CA LYS A 893 -0.90 -12.42 -20.66
C LYS A 893 -2.22 -13.15 -20.47
N PHE A 894 -2.24 -14.26 -19.73
CA PHE A 894 -3.40 -15.14 -19.68
C PHE A 894 -3.92 -15.32 -18.26
N ASN A 895 -3.94 -14.24 -17.48
CA ASN A 895 -4.65 -14.21 -16.21
C ASN A 895 -5.33 -12.85 -16.03
N GLY A 896 -5.87 -12.30 -17.13
CA GLY A 896 -6.38 -10.95 -17.11
C GLY A 896 -5.32 -9.89 -17.28
N LEU A 897 -4.07 -10.28 -17.51
CA LEU A 897 -2.96 -9.35 -17.62
C LEU A 897 -2.74 -8.96 -19.09
N THR A 898 -3.79 -8.38 -19.66
CA THR A 898 -3.73 -7.96 -21.06
C THR A 898 -2.65 -6.91 -21.25
N VAL A 899 -1.97 -6.98 -22.40
CA VAL A 899 -0.93 -6.03 -22.77
C VAL A 899 -1.44 -5.25 -23.98
N LEU A 900 -1.67 -3.97 -23.79
CA LEU A 900 -2.13 -3.12 -24.88
C LEU A 900 -0.95 -2.68 -25.74
N PRO A 901 -0.94 -2.96 -27.03
CA PRO A 901 0.21 -2.61 -27.85
C PRO A 901 0.36 -1.10 -27.97
N PRO A 902 1.56 -0.61 -28.26
CA PRO A 902 1.75 0.84 -28.35
C PRO A 902 0.96 1.42 -29.50
N LEU A 903 0.56 2.69 -29.34
CA LEU A 903 -0.19 3.36 -30.39
C LEU A 903 0.63 3.48 -31.67
N LEU A 904 1.91 3.79 -31.54
CA LEU A 904 2.81 3.94 -32.68
C LEU A 904 3.64 2.67 -32.82
N THR A 905 3.51 2.01 -33.97
CA THR A 905 4.35 0.86 -34.26
C THR A 905 5.76 1.32 -34.59
N ASP A 906 6.73 0.42 -34.40
CA ASP A 906 8.13 0.78 -34.59
C ASP A 906 8.35 1.38 -35.98
N GLU A 907 7.65 0.87 -36.98
CA GLU A 907 7.85 1.36 -38.34
C GLU A 907 7.65 2.86 -38.41
N MET A 908 6.53 3.35 -37.88
CA MET A 908 6.32 4.79 -37.85
C MET A 908 7.35 5.48 -36.97
N ILE A 909 7.73 4.84 -35.86
CA ILE A 909 8.80 5.40 -35.04
C ILE A 909 10.06 5.55 -35.87
N ALA A 910 10.36 4.56 -36.70
CA ALA A 910 11.49 4.69 -37.61
C ALA A 910 11.30 5.85 -38.56
N GLN A 911 10.06 6.04 -39.04
CA GLN A 911 9.80 7.12 -40.00
C GLN A 911 10.21 8.47 -39.42
N TYR A 912 9.71 8.80 -38.22
CA TYR A 912 10.09 10.05 -37.60
C TYR A 912 11.60 10.15 -37.46
N THR A 913 12.22 9.12 -36.89
CA THR A 913 13.68 9.14 -36.75
C THR A 913 14.35 9.25 -38.11
N SER A 914 13.85 8.50 -39.10
CA SER A 914 14.39 8.62 -40.44
C SER A 914 14.20 10.03 -40.99
N ALA A 915 12.96 10.53 -40.93
CA ALA A 915 12.68 11.86 -41.47
C ALA A 915 13.38 12.94 -40.66
N LEU A 916 13.28 12.87 -39.34
CA LEU A 916 13.89 13.88 -38.49
C LEU A 916 15.39 13.93 -38.73
N LEU A 917 16.03 12.77 -38.89
CA LEU A 917 17.45 12.76 -39.20
C LEU A 917 17.73 13.47 -40.52
N ALA A 918 16.89 13.22 -41.52
CA ALA A 918 17.10 13.86 -42.82
C ALA A 918 17.05 15.37 -42.71
N GLY A 919 16.08 15.90 -41.95
CA GLY A 919 15.98 17.34 -41.80
C GLY A 919 17.25 17.94 -41.23
N THR A 920 17.86 17.28 -40.24
CA THR A 920 19.11 17.76 -39.69
C THR A 920 20.21 17.75 -40.75
N ILE A 921 20.26 16.69 -41.56
CA ILE A 921 21.30 16.59 -42.57
C ILE A 921 21.15 17.68 -43.62
N THR A 922 19.92 17.91 -44.08
CA THR A 922 19.68 18.77 -45.23
C THR A 922 19.33 20.20 -44.86
N SER A 923 19.02 20.49 -43.60
CA SER A 923 18.60 21.83 -43.21
C SER A 923 19.19 22.30 -41.90
N GLY A 924 20.06 21.53 -41.27
CA GLY A 924 20.65 21.98 -40.01
C GLY A 924 19.57 22.16 -38.97
N TRP A 925 19.52 23.35 -38.39
CA TRP A 925 18.54 23.66 -37.35
C TRP A 925 17.33 24.42 -37.86
N THR A 926 17.39 24.94 -39.08
CA THR A 926 16.31 25.80 -39.56
C THR A 926 14.99 25.05 -39.59
N PHE A 927 15.01 23.80 -40.08
CA PHE A 927 13.76 23.03 -40.12
C PHE A 927 13.13 22.93 -38.74
N GLY A 928 13.94 22.87 -37.69
CA GLY A 928 13.39 22.84 -36.35
C GLY A 928 12.70 24.14 -35.97
N ALA A 929 13.29 25.27 -36.33
CA ALA A 929 12.78 26.57 -35.93
C ALA A 929 11.77 27.15 -36.93
N GLY A 930 11.58 26.52 -38.08
CA GLY A 930 10.65 27.06 -39.05
C GLY A 930 10.65 26.28 -40.36
N ALA A 931 10.67 26.99 -41.47
CA ALA A 931 10.66 26.34 -42.77
C ALA A 931 12.00 25.66 -43.03
N ALA A 932 11.95 24.38 -43.40
CA ALA A 932 13.17 23.66 -43.74
C ALA A 932 13.86 24.31 -44.92
N LEU A 933 15.16 24.51 -44.81
CA LEU A 933 15.94 25.22 -45.82
C LEU A 933 17.07 24.33 -46.31
N GLN A 934 17.46 24.54 -47.57
CA GLN A 934 18.54 23.78 -48.17
C GLN A 934 19.89 24.41 -47.79
N ILE A 935 20.87 23.54 -47.55
CA ILE A 935 22.18 23.98 -47.09
C ILE A 935 23.18 22.87 -47.37
N PRO A 936 24.30 23.14 -48.06
CA PRO A 936 25.33 22.12 -48.19
C PRO A 936 25.82 21.67 -46.82
N PHE A 937 26.10 20.37 -46.70
CA PHE A 937 26.48 19.85 -45.39
C PHE A 937 27.76 20.51 -44.89
N ALA A 938 28.74 20.71 -45.78
CA ALA A 938 29.95 21.41 -45.38
C ALA A 938 29.62 22.77 -44.77
N MET A 939 28.62 23.45 -45.32
CA MET A 939 28.22 24.73 -44.75
C MET A 939 27.73 24.56 -43.31
N GLN A 940 26.94 23.52 -43.06
CA GLN A 940 26.48 23.28 -41.69
C GLN A 940 27.66 23.20 -40.74
N MET A 941 28.62 22.34 -41.06
CA MET A 941 29.77 22.15 -40.18
C MET A 941 30.46 23.49 -39.90
N ALA A 942 30.60 24.32 -40.93
CA ALA A 942 31.25 25.61 -40.74
C ALA A 942 30.60 26.40 -39.61
N TYR A 943 29.27 26.46 -39.63
CA TYR A 943 28.56 27.13 -38.54
C TYR A 943 28.86 26.48 -37.20
N ARG A 944 28.83 25.14 -37.16
CA ARG A 944 28.99 24.46 -35.88
C ARG A 944 30.34 24.78 -35.26
N PHE A 945 31.40 24.77 -36.06
CA PHE A 945 32.69 25.21 -35.56
C PHE A 945 32.61 26.66 -35.08
N ASN A 946 31.95 27.52 -35.86
CA ASN A 946 31.72 28.89 -35.40
C ASN A 946 30.91 28.91 -34.12
N GLY A 947 30.04 27.91 -33.93
CA GLY A 947 29.29 27.84 -32.69
C GLY A 947 30.16 27.61 -31.47
N ILE A 948 31.24 26.88 -31.62
CA ILE A 948 32.15 26.58 -30.52
C ILE A 948 33.38 27.48 -30.54
N GLY A 949 33.27 28.65 -31.15
CA GLY A 949 34.39 29.57 -31.17
C GLY A 949 35.57 29.09 -31.99
N VAL A 950 35.32 28.50 -33.15
CA VAL A 950 36.37 28.08 -34.07
C VAL A 950 36.08 28.69 -35.43
N THR A 951 37.07 29.39 -35.99
CA THR A 951 36.89 30.01 -37.29
C THR A 951 36.62 28.95 -38.35
N GLN A 952 35.60 29.18 -39.17
CA GLN A 952 35.18 28.18 -40.14
C GLN A 952 36.29 27.82 -41.12
N ASN A 953 37.29 28.70 -41.30
CA ASN A 953 38.37 28.40 -42.21
C ASN A 953 39.06 27.08 -41.84
N VAL A 954 39.11 26.75 -40.56
CA VAL A 954 39.77 25.53 -40.13
C VAL A 954 39.12 24.32 -40.78
N LEU A 955 37.79 24.27 -40.78
CA LEU A 955 37.08 23.13 -41.36
C LEU A 955 37.47 22.94 -42.82
N TYR A 956 37.20 23.94 -43.65
CA TYR A 956 37.47 23.80 -45.08
C TYR A 956 38.91 23.40 -45.32
N GLU A 957 39.85 23.96 -44.56
CA GLU A 957 41.25 23.57 -44.69
C GLU A 957 41.47 22.11 -44.33
N ASN A 958 40.53 21.49 -43.61
CA ASN A 958 40.69 20.10 -43.19
C ASN A 958 39.40 19.33 -43.38
N GLN A 959 38.60 19.69 -44.38
CA GLN A 959 37.34 18.98 -44.62
C GLN A 959 37.59 17.49 -44.84
N LYS A 960 38.54 17.16 -45.71
CA LYS A 960 38.84 15.76 -46.00
C LYS A 960 39.26 15.03 -44.74
N LEU A 961 40.19 15.62 -43.98
CA LEU A 961 40.67 14.96 -42.78
C LEU A 961 39.55 14.77 -41.76
N ILE A 962 38.72 15.79 -41.56
CA ILE A 962 37.65 15.69 -40.59
C ILE A 962 36.68 14.59 -40.99
N ALA A 963 36.35 14.50 -42.29
CA ALA A 963 35.42 13.48 -42.74
C ALA A 963 35.90 12.10 -42.36
N ASN A 964 37.18 11.79 -42.63
CA ASN A 964 37.69 10.47 -42.33
C ASN A 964 37.57 10.14 -40.86
N GLN A 965 37.91 11.10 -39.99
CA GLN A 965 37.73 10.87 -38.56
C GLN A 965 36.28 10.58 -38.24
N PHE A 966 35.35 11.36 -38.81
CA PHE A 966 33.94 11.07 -38.61
C PHE A 966 33.56 9.71 -39.16
N ASN A 967 34.03 9.41 -40.37
CA ASN A 967 33.71 8.12 -40.98
C ASN A 967 34.31 6.97 -40.17
N SER A 968 35.55 7.12 -39.71
CA SER A 968 36.14 6.10 -38.86
C SER A 968 35.41 5.99 -37.53
N ALA A 969 35.01 7.13 -36.96
CA ALA A 969 34.38 7.11 -35.65
C ALA A 969 33.08 6.31 -35.67
N ILE A 970 32.24 6.54 -36.67
CA ILE A 970 30.95 5.85 -36.72
C ILE A 970 31.16 4.35 -36.85
N GLY A 971 32.20 3.95 -37.60
CA GLY A 971 32.50 2.53 -37.69
C GLY A 971 32.94 1.94 -36.37
N LYS A 972 33.79 2.65 -35.63
CA LYS A 972 34.28 2.14 -34.36
C LYS A 972 33.13 1.95 -33.38
N ILE A 973 32.25 2.94 -33.27
CA ILE A 973 31.07 2.79 -32.42
C ILE A 973 30.16 1.70 -32.97
N GLN A 974 30.06 1.62 -34.29
CA GLN A 974 29.23 0.59 -34.91
C GLN A 974 29.59 -0.80 -34.39
N ASP A 975 30.89 -1.10 -34.31
CA ASP A 975 31.33 -2.37 -33.78
C ASP A 975 31.25 -2.41 -32.26
N SER A 976 31.40 -1.27 -31.60
CA SER A 976 31.46 -1.24 -30.14
C SER A 976 30.20 -1.85 -29.53
N LEU A 977 29.05 -1.21 -29.75
CA LEU A 977 27.80 -1.75 -29.21
C LEU A 977 27.45 -3.09 -29.83
N SER A 978 27.93 -3.36 -31.05
CA SER A 978 27.66 -4.63 -31.69
C SER A 978 28.21 -5.79 -30.87
N SER A 979 29.43 -5.63 -30.35
CA SER A 979 30.04 -6.70 -29.55
C SER A 979 29.54 -6.67 -28.12
N THR A 980 29.81 -5.57 -27.41
CA THR A 980 29.42 -5.47 -26.01
C THR A 980 27.90 -5.44 -25.88
N ALA A 981 27.39 -6.06 -24.81
CA ALA A 981 25.96 -6.12 -24.56
C ALA A 981 25.52 -5.29 -23.36
N SER A 982 26.43 -4.97 -22.44
CA SER A 982 26.07 -4.19 -21.26
C SER A 982 25.71 -2.75 -21.59
N ALA A 983 26.03 -2.28 -22.80
CA ALA A 983 25.73 -0.89 -23.14
C ALA A 983 24.24 -0.59 -23.05
N LEU A 984 23.39 -1.58 -23.35
CA LEU A 984 21.95 -1.41 -23.34
C LEU A 984 21.33 -1.82 -22.00
N GLY A 985 22.08 -1.69 -20.91
CA GLY A 985 21.59 -2.22 -19.64
C GLY A 985 20.30 -1.56 -19.20
N LYS A 986 20.23 -0.23 -19.26
CA LYS A 986 19.06 0.48 -18.75
C LYS A 986 17.80 0.04 -19.48
N LEU A 987 17.84 0.01 -20.82
CA LEU A 987 16.69 -0.47 -21.56
C LEU A 987 16.41 -1.92 -21.25
N GLN A 988 17.46 -2.75 -21.17
CA GLN A 988 17.30 -4.12 -20.74
C GLN A 988 16.74 -4.18 -19.32
N ASP A 989 17.15 -3.24 -18.47
CA ASP A 989 16.65 -3.20 -17.10
C ASP A 989 15.14 -2.98 -17.08
N VAL A 990 14.64 -2.06 -17.89
CA VAL A 990 13.22 -1.73 -17.86
C VAL A 990 12.40 -2.97 -18.19
N VAL A 991 12.76 -3.67 -19.26
CA VAL A 991 12.01 -4.87 -19.63
C VAL A 991 12.13 -5.92 -18.53
N ASN A 992 13.33 -6.09 -17.98
CA ASN A 992 13.51 -7.06 -16.90
C ASN A 992 12.65 -6.72 -15.70
N GLN A 993 12.57 -5.43 -15.35
CA GLN A 993 11.78 -5.03 -14.19
C GLN A 993 10.33 -5.43 -14.35
N ASN A 994 9.77 -5.22 -15.55
CA ASN A 994 8.39 -5.64 -15.78
C ASN A 994 8.27 -7.15 -15.72
N ALA A 995 9.13 -7.86 -16.46
CA ALA A 995 8.99 -9.31 -16.56
C ALA A 995 8.97 -9.96 -15.19
N GLN A 996 9.93 -9.61 -14.33
CA GLN A 996 9.92 -10.13 -12.98
C GLN A 996 8.71 -9.62 -12.20
N ALA A 997 8.35 -8.36 -12.40
CA ALA A 997 7.19 -7.81 -11.70
C ALA A 997 5.92 -8.57 -12.07
N LEU A 998 5.66 -8.72 -13.36
CA LEU A 998 4.47 -9.46 -13.79
C LEU A 998 4.52 -10.89 -13.29
N ASN A 999 5.67 -11.55 -13.41
CA ASN A 999 5.80 -12.91 -12.93
C ASN A 999 5.55 -12.97 -11.41
N THR A 1000 6.14 -12.03 -10.67
CA THR A 1000 5.91 -11.98 -9.23
C THR A 1000 4.42 -11.90 -8.93
N LEU A 1001 3.71 -11.02 -9.61
CA LEU A 1001 2.28 -10.88 -9.39
C LEU A 1001 1.55 -12.18 -9.71
N VAL A 1002 1.89 -12.81 -10.84
CA VAL A 1002 1.18 -14.00 -11.27
C VAL A 1002 1.38 -15.13 -10.27
N LYS A 1003 2.64 -15.40 -9.92
CA LYS A 1003 2.91 -16.52 -9.03
C LYS A 1003 2.33 -16.30 -7.63
N GLN A 1004 2.07 -15.06 -7.25
CA GLN A 1004 1.47 -14.80 -5.95
C GLN A 1004 0.10 -15.45 -5.81
N LEU A 1005 -0.54 -15.79 -6.92
CA LEU A 1005 -1.85 -16.44 -6.84
C LEU A 1005 -1.75 -17.76 -6.08
N SER A 1006 -0.68 -18.52 -6.33
CA SER A 1006 -0.51 -19.78 -5.62
C SER A 1006 -0.34 -19.58 -4.12
N SER A 1007 -0.03 -18.37 -3.69
CA SER A 1007 0.11 -18.10 -2.27
C SER A 1007 -1.21 -18.39 -1.54
N ASN A 1008 -1.13 -18.52 -0.23
CA ASN A 1008 -2.27 -18.88 0.59
C ASN A 1008 -2.69 -17.81 1.57
N PHE A 1009 -1.75 -17.00 2.08
CA PHE A 1009 -2.07 -15.96 3.05
C PHE A 1009 -2.80 -16.52 4.26
N GLY A 1010 -2.52 -17.77 4.61
CA GLY A 1010 -3.16 -18.43 5.71
C GLY A 1010 -4.42 -19.21 5.35
N ALA A 1011 -4.88 -19.10 4.10
CA ALA A 1011 -6.04 -19.88 3.67
C ALA A 1011 -5.68 -21.36 3.64
N ILE A 1012 -6.71 -22.20 3.84
CA ILE A 1012 -6.49 -23.63 3.83
C ILE A 1012 -5.91 -24.09 2.50
N SER A 1013 -6.27 -23.40 1.42
CA SER A 1013 -5.74 -23.73 0.10
C SER A 1013 -5.72 -22.47 -0.74
N SER A 1014 -4.96 -22.52 -1.84
CA SER A 1014 -4.81 -21.39 -2.74
C SER A 1014 -5.53 -21.62 -4.06
N VAL A 1015 -6.60 -22.42 -4.05
CA VAL A 1015 -7.42 -22.67 -5.23
C VAL A 1015 -8.86 -22.40 -4.84
N LEU A 1016 -9.53 -21.52 -5.58
CA LEU A 1016 -10.89 -21.13 -5.22
C LEU A 1016 -11.83 -22.32 -5.27
N ASN A 1017 -11.79 -23.09 -6.36
CA ASN A 1017 -12.69 -24.22 -6.51
C ASN A 1017 -12.43 -25.28 -5.44
N ASP A 1018 -11.15 -25.50 -5.10
CA ASP A 1018 -10.82 -26.52 -4.12
C ASP A 1018 -11.54 -26.27 -2.81
N ILE A 1019 -11.40 -25.06 -2.26
CA ILE A 1019 -12.05 -24.76 -1.00
C ILE A 1019 -13.56 -24.72 -1.17
N LEU A 1020 -14.03 -24.35 -2.37
CA LEU A 1020 -15.47 -24.33 -2.60
C LEU A 1020 -16.08 -25.71 -2.41
N SER A 1021 -15.38 -26.75 -2.88
CA SER A 1021 -15.86 -28.12 -2.76
C SER A 1021 -15.43 -28.80 -1.47
N ARG A 1022 -14.75 -28.08 -0.57
CA ARG A 1022 -14.21 -28.67 0.65
C ARG A 1022 -14.88 -28.17 1.92
N LEU A 1023 -15.71 -27.14 1.84
CA LEU A 1023 -16.32 -26.57 3.04
C LEU A 1023 -17.70 -26.05 2.69
N ASP A 1024 -18.60 -26.11 3.67
CA ASP A 1024 -19.96 -25.62 3.47
C ASP A 1024 -19.95 -24.09 3.45
N PRO A 1025 -21.01 -23.46 2.96
CA PRO A 1025 -20.97 -22.03 2.71
C PRO A 1025 -20.55 -21.24 3.95
N PRO A 1026 -21.30 -21.32 5.05
CA PRO A 1026 -21.05 -20.40 6.17
C PRO A 1026 -19.65 -20.20 6.73
N GLU A 1027 -18.74 -21.12 6.40
CA GLU A 1027 -17.34 -21.00 6.76
C GLU A 1027 -16.43 -20.84 5.55
N ALA A 1028 -16.90 -21.21 4.36
CA ALA A 1028 -16.08 -21.10 3.16
C ALA A 1028 -15.74 -19.65 2.82
N GLU A 1029 -16.68 -18.72 3.07
CA GLU A 1029 -16.38 -17.33 2.74
C GLU A 1029 -15.21 -16.81 3.56
N VAL A 1030 -15.05 -17.31 4.79
CA VAL A 1030 -13.94 -16.87 5.63
C VAL A 1030 -12.62 -17.18 4.94
N GLN A 1031 -12.46 -18.42 4.46
CA GLN A 1031 -11.27 -18.76 3.69
C GLN A 1031 -11.20 -17.92 2.43
N ILE A 1032 -12.34 -17.75 1.74
CA ILE A 1032 -12.36 -16.87 0.57
C ILE A 1032 -11.96 -15.47 0.99
N ASP A 1033 -12.52 -14.98 2.09
CA ASP A 1033 -12.25 -13.62 2.52
C ASP A 1033 -10.76 -13.39 2.73
N ARG A 1034 -10.07 -14.35 3.35
CA ARG A 1034 -8.64 -14.21 3.56
C ARG A 1034 -7.90 -14.11 2.24
N LEU A 1035 -8.28 -14.94 1.26
CA LEU A 1035 -7.64 -14.89 -0.04
C LEU A 1035 -7.88 -13.55 -0.72
N ILE A 1036 -9.08 -13.00 -0.60
CA ILE A 1036 -9.36 -11.70 -1.19
C ILE A 1036 -8.39 -10.66 -0.66
N THR A 1037 -8.16 -10.66 0.65
CA THR A 1037 -7.23 -9.70 1.22
C THR A 1037 -5.84 -9.86 0.64
N GLY A 1038 -5.37 -11.11 0.55
CA GLY A 1038 -4.03 -11.34 0.02
C GLY A 1038 -3.88 -10.87 -1.41
N ARG A 1039 -4.76 -11.34 -2.29
CA ARG A 1039 -4.66 -10.96 -3.70
C ARG A 1039 -4.86 -9.47 -3.88
N LEU A 1040 -5.85 -8.90 -3.22
CA LEU A 1040 -6.08 -7.46 -3.32
C LEU A 1040 -4.86 -6.68 -2.84
N GLN A 1041 -4.28 -7.11 -1.72
CA GLN A 1041 -3.07 -6.44 -1.23
C GLN A 1041 -1.95 -6.52 -2.26
N SER A 1042 -1.80 -7.68 -2.90
CA SER A 1042 -0.75 -7.82 -3.91
C SER A 1042 -0.96 -6.85 -5.06
N LEU A 1043 -2.20 -6.71 -5.53
CA LEU A 1043 -2.48 -5.78 -6.61
C LEU A 1043 -2.06 -4.37 -6.24
N GLN A 1044 -2.42 -3.94 -5.03
CA GLN A 1044 -2.02 -2.61 -4.59
C GLN A 1044 -0.50 -2.48 -4.59
N THR A 1045 0.20 -3.48 -4.04
CA THR A 1045 1.66 -3.46 -4.07
C THR A 1045 2.16 -3.37 -5.50
N TYR A 1046 1.63 -4.21 -6.38
CA TYR A 1046 2.04 -4.17 -7.78
C TYR A 1046 1.69 -2.84 -8.42
N VAL A 1047 0.42 -2.44 -8.32
CA VAL A 1047 -0.01 -1.19 -8.93
C VAL A 1047 0.72 -0.02 -8.30
N THR A 1048 0.79 0.01 -6.96
CA THR A 1048 1.50 1.08 -6.30
C THR A 1048 2.96 1.11 -6.74
N GLN A 1049 3.59 -0.06 -6.84
CA GLN A 1049 4.95 -0.10 -7.34
C GLN A 1049 5.02 0.40 -8.77
N GLN A 1050 4.04 0.04 -9.59
CA GLN A 1050 4.08 0.33 -11.02
C GLN A 1050 4.19 1.82 -11.29
N LEU A 1051 3.18 2.60 -10.90
CA LEU A 1051 3.16 4.00 -11.29
C LEU A 1051 4.37 4.77 -10.78
N ILE A 1052 5.00 4.30 -9.69
CA ILE A 1052 6.24 4.94 -9.26
C ILE A 1052 7.28 4.85 -10.36
N ARG A 1053 7.43 3.67 -10.95
CA ARG A 1053 8.33 3.55 -12.09
C ARG A 1053 7.83 4.38 -13.26
N ALA A 1054 6.51 4.45 -13.44
CA ALA A 1054 5.97 5.27 -14.51
C ALA A 1054 6.37 6.72 -14.35
N ALA A 1055 6.33 7.24 -13.12
CA ALA A 1055 6.79 8.60 -12.89
C ALA A 1055 8.28 8.73 -13.21
N GLU A 1056 9.08 7.75 -12.80
CA GLU A 1056 10.51 7.81 -13.06
C GLU A 1056 10.80 7.84 -14.56
N ILE A 1057 10.24 6.87 -15.29
CA ILE A 1057 10.49 6.81 -16.73
C ILE A 1057 9.95 8.06 -17.41
N ARG A 1058 8.75 8.50 -17.00
CA ARG A 1058 8.21 9.74 -17.56
C ARG A 1058 9.14 10.91 -17.28
N ALA A 1059 9.68 10.98 -16.07
CA ALA A 1059 10.69 11.99 -15.78
C ALA A 1059 11.90 11.81 -16.68
N SER A 1060 12.34 10.57 -16.87
CA SER A 1060 13.43 10.30 -17.81
C SER A 1060 13.01 10.68 -19.23
N ALA A 1061 11.78 10.39 -19.60
CA ALA A 1061 11.32 10.70 -20.95
C ALA A 1061 11.41 12.20 -21.23
N ASN A 1062 10.96 13.02 -20.27
CA ASN A 1062 11.06 14.46 -20.45
C ASN A 1062 12.51 14.89 -20.64
N LEU A 1063 13.42 14.30 -19.87
CA LEU A 1063 14.84 14.58 -20.07
C LEU A 1063 15.25 14.23 -21.48
N ALA A 1064 14.84 13.05 -21.97
CA ALA A 1064 15.18 12.66 -23.33
C ALA A 1064 14.58 13.64 -24.34
N ALA A 1065 13.32 14.02 -24.14
CA ALA A 1065 12.68 14.92 -25.08
C ALA A 1065 13.43 16.23 -25.17
N THR A 1066 13.82 16.79 -24.02
CA THR A 1066 14.58 18.04 -24.05
C THR A 1066 15.90 17.86 -24.77
N LYS A 1067 16.59 16.75 -24.52
CA LYS A 1067 17.85 16.50 -25.20
C LYS A 1067 17.64 16.43 -26.71
N MET A 1068 16.57 15.76 -27.14
CA MET A 1068 16.25 15.71 -28.56
C MET A 1068 16.04 17.12 -29.10
N SER A 1069 15.28 17.94 -28.38
CA SER A 1069 15.01 19.29 -28.86
C SER A 1069 16.27 20.14 -28.89
N GLU A 1070 17.12 20.02 -27.88
CA GLU A 1070 18.27 20.91 -27.75
C GLU A 1070 19.55 20.34 -28.34
N CYS A 1071 19.66 19.02 -28.49
CA CYS A 1071 20.88 18.42 -29.02
C CYS A 1071 20.76 17.98 -30.47
N VAL A 1072 19.54 17.90 -31.01
CA VAL A 1072 19.32 17.47 -32.39
C VAL A 1072 18.83 18.62 -33.25
N LEU A 1073 17.70 19.23 -32.89
CA LEU A 1073 17.15 20.31 -33.69
C LEU A 1073 18.09 21.49 -33.78
N GLY A 1074 19.06 21.60 -32.88
CA GLY A 1074 20.02 22.68 -32.95
C GLY A 1074 21.19 22.42 -32.02
N GLN A 1075 22.30 23.09 -32.32
CA GLN A 1075 23.47 23.01 -31.46
C GLN A 1075 23.16 23.61 -30.10
N SER A 1076 23.72 23.01 -29.05
CA SER A 1076 23.52 23.47 -27.69
C SER A 1076 24.86 23.86 -27.09
N LYS A 1077 24.91 25.05 -26.50
CA LYS A 1077 26.12 25.52 -25.84
C LYS A 1077 26.29 24.96 -24.44
N ARG A 1078 25.25 24.37 -23.87
CA ARG A 1078 25.35 23.83 -22.52
C ARG A 1078 26.48 22.81 -22.45
N VAL A 1079 27.33 22.94 -21.45
CA VAL A 1079 28.54 22.13 -21.36
C VAL A 1079 28.19 20.74 -20.83
N ASP A 1080 28.61 19.71 -21.57
CA ASP A 1080 28.48 18.32 -21.21
C ASP A 1080 27.04 17.81 -21.27
N PHE A 1081 26.06 18.66 -21.56
CA PHE A 1081 24.69 18.19 -21.63
C PHE A 1081 24.49 17.29 -22.85
N CYS A 1082 24.92 17.74 -24.02
CA CYS A 1082 24.84 16.94 -25.24
C CYS A 1082 26.17 16.25 -25.51
N GLY A 1083 26.53 15.35 -24.61
CA GLY A 1083 27.72 14.55 -24.78
C GLY A 1083 28.97 15.20 -24.18
N LYS A 1084 30.00 14.39 -24.02
CA LYS A 1084 31.25 14.86 -23.44
C LYS A 1084 31.95 15.82 -24.41
N GLY A 1085 32.51 16.90 -23.85
CA GLY A 1085 33.23 17.86 -24.66
C GLY A 1085 32.30 18.78 -25.42
N TYR A 1086 32.92 19.65 -26.22
CA TYR A 1086 32.15 20.55 -27.06
C TYR A 1086 31.25 19.76 -28.00
N HIS A 1087 30.02 20.22 -28.14
CA HIS A 1087 29.00 19.50 -28.90
C HIS A 1087 28.80 20.16 -30.25
N LEU A 1088 28.76 19.34 -31.30
CA LEU A 1088 28.50 19.82 -32.66
C LEU A 1088 27.07 19.56 -33.10
N MET A 1089 26.62 18.32 -33.02
CA MET A 1089 25.25 17.96 -33.39
C MET A 1089 24.97 16.57 -32.84
N SER A 1090 23.79 16.06 -33.14
CA SER A 1090 23.37 14.78 -32.61
C SER A 1090 22.50 14.06 -33.63
N PHE A 1091 22.40 12.74 -33.48
CA PHE A 1091 21.57 11.91 -34.34
C PHE A 1091 20.84 10.90 -33.45
N PRO A 1092 19.54 10.77 -33.61
CA PRO A 1092 18.80 9.77 -32.81
C PRO A 1092 18.74 8.42 -33.53
N GLN A 1093 18.36 7.41 -32.76
CA GLN A 1093 18.17 6.07 -33.30
C GLN A 1093 17.08 5.39 -32.49
N SER A 1094 15.99 5.02 -33.16
CA SER A 1094 14.89 4.35 -32.46
C SER A 1094 15.37 3.02 -31.90
N ALA A 1095 15.09 2.80 -30.63
CA ALA A 1095 15.43 1.56 -29.95
C ALA A 1095 14.21 1.01 -29.23
N PRO A 1096 14.15 -0.30 -29.02
CA PRO A 1096 12.99 -0.86 -28.32
C PRO A 1096 12.73 -0.17 -27.00
N HIS A 1097 11.60 0.53 -26.90
CA HIS A 1097 11.18 1.24 -25.70
C HIS A 1097 12.14 2.37 -25.33
N GLY A 1098 13.02 2.77 -26.23
CA GLY A 1098 13.99 3.79 -25.89
C GLY A 1098 14.51 4.48 -27.13
N VAL A 1099 15.36 5.49 -26.89
CA VAL A 1099 15.97 6.28 -27.94
C VAL A 1099 17.47 6.31 -27.71
N VAL A 1100 18.24 6.27 -28.80
CA VAL A 1100 19.70 6.25 -28.75
C VAL A 1100 20.21 7.47 -29.50
N PHE A 1101 21.09 8.23 -28.87
CA PHE A 1101 21.66 9.43 -29.44
C PHE A 1101 23.11 9.19 -29.85
N LEU A 1102 23.55 9.93 -30.86
CA LEU A 1102 24.93 9.90 -31.35
C LEU A 1102 25.47 11.32 -31.25
N HIS A 1103 26.11 11.63 -30.12
CA HIS A 1103 26.63 12.97 -29.89
C HIS A 1103 27.95 13.13 -30.63
N VAL A 1104 27.93 13.92 -31.71
CA VAL A 1104 29.14 14.25 -32.44
C VAL A 1104 29.81 15.42 -31.74
N THR A 1105 30.92 15.15 -31.06
CA THR A 1105 31.57 16.13 -30.19
C THR A 1105 32.96 16.48 -30.73
N TYR A 1106 33.37 17.72 -30.48
CA TYR A 1106 34.67 18.21 -30.89
C TYR A 1106 35.58 18.28 -29.66
N VAL A 1107 36.77 17.71 -29.78
CA VAL A 1107 37.69 17.61 -28.65
C VAL A 1107 39.09 18.01 -29.09
N PRO A 1108 39.75 18.94 -28.39
CA PRO A 1108 41.15 19.24 -28.73
C PRO A 1108 42.04 18.03 -28.48
N ALA A 1109 43.10 17.93 -29.27
CA ALA A 1109 43.95 16.73 -29.28
C ALA A 1109 45.34 17.00 -28.75
N GLN A 1110 46.08 17.93 -29.34
CA GLN A 1110 47.49 18.15 -29.01
C GLN A 1110 47.70 19.62 -28.66
N GLU A 1111 48.41 19.88 -27.57
CA GLU A 1111 48.65 21.23 -27.10
C GLU A 1111 50.13 21.41 -26.77
N LYS A 1112 50.71 22.48 -27.29
CA LYS A 1112 52.06 22.91 -26.95
C LYS A 1112 51.93 24.28 -26.30
N ASN A 1113 52.39 24.42 -25.06
CA ASN A 1113 52.11 25.66 -24.36
C ASN A 1113 53.16 26.71 -24.67
N PHE A 1114 52.73 27.98 -24.61
CA PHE A 1114 53.54 29.12 -24.98
C PHE A 1114 53.40 30.20 -23.92
N THR A 1115 54.40 31.07 -23.87
CA THR A 1115 54.30 32.22 -22.99
C THR A 1115 53.31 33.23 -23.55
N THR A 1116 52.71 34.01 -22.65
CA THR A 1116 51.62 34.91 -23.02
C THR A 1116 51.81 36.25 -22.34
N ALA A 1117 50.82 37.11 -22.47
CA ALA A 1117 50.78 38.41 -21.81
C ALA A 1117 49.37 38.97 -21.91
N PRO A 1118 48.80 39.49 -20.81
CA PRO A 1118 47.41 39.95 -20.87
C PRO A 1118 47.18 41.07 -21.86
N ALA A 1119 48.20 41.87 -22.17
CA ALA A 1119 48.04 43.00 -23.08
C ALA A 1119 49.41 43.34 -23.68
N ILE A 1120 49.37 44.17 -24.71
CA ILE A 1120 50.57 44.61 -25.42
C ILE A 1120 50.66 46.12 -25.33
N CYS A 1121 51.82 46.61 -24.87
CA CYS A 1121 52.09 48.04 -24.80
C CYS A 1121 52.84 48.43 -26.07
N HIS A 1122 52.14 49.06 -26.99
CA HIS A 1122 52.71 49.41 -28.30
C HIS A 1122 53.38 50.78 -28.28
N ASP A 1123 52.61 51.82 -27.98
CA ASP A 1123 53.11 53.19 -28.00
C ASP A 1123 52.60 53.94 -26.78
N GLY A 1124 52.69 53.29 -25.62
CA GLY A 1124 52.16 53.87 -24.40
C GLY A 1124 50.68 53.68 -24.21
N LYS A 1125 49.99 53.04 -25.16
CA LYS A 1125 48.57 52.77 -25.08
C LYS A 1125 48.36 51.27 -25.06
N ALA A 1126 47.58 50.79 -24.10
CA ALA A 1126 47.35 49.35 -23.98
C ALA A 1126 46.59 48.83 -25.20
N HIS A 1127 46.84 47.56 -25.52
CA HIS A 1127 46.16 46.87 -26.60
C HIS A 1127 45.60 45.55 -26.10
N PHE A 1128 44.39 45.23 -26.53
CA PHE A 1128 43.79 43.94 -26.25
C PHE A 1128 43.25 43.35 -27.54
N PRO A 1129 43.23 42.02 -27.66
CA PRO A 1129 42.69 41.42 -28.89
C PRO A 1129 41.20 41.65 -29.01
N ARG A 1130 40.73 41.79 -30.26
CA ARG A 1130 39.31 41.75 -30.50
C ARG A 1130 38.73 40.41 -30.05
N GLU A 1131 39.45 39.34 -30.32
CA GLU A 1131 39.12 38.01 -29.82
C GLU A 1131 40.41 37.19 -29.85
N GLY A 1132 40.38 36.05 -29.17
CA GLY A 1132 41.53 35.19 -29.14
C GLY A 1132 42.39 35.38 -27.91
N VAL A 1133 43.71 35.31 -28.07
CA VAL A 1133 44.62 35.45 -26.96
C VAL A 1133 46.04 35.68 -27.48
N PHE A 1134 46.84 36.42 -26.71
CA PHE A 1134 48.23 36.66 -27.08
C PHE A 1134 49.11 35.51 -26.61
N VAL A 1135 50.10 35.16 -27.42
CA VAL A 1135 51.01 34.06 -27.12
C VAL A 1135 52.34 34.35 -27.81
N SER A 1136 53.38 33.61 -27.42
CA SER A 1136 54.68 33.78 -28.03
C SER A 1136 55.49 32.50 -27.96
N ASN A 1137 56.01 32.09 -29.11
CA ASN A 1137 57.04 31.07 -29.20
C ASN A 1137 58.23 31.40 -28.30
N GLY A 1138 58.54 32.68 -28.16
CA GLY A 1138 59.64 33.10 -27.32
C GLY A 1138 60.42 34.27 -27.90
N THR A 1139 60.39 34.40 -29.22
CA THR A 1139 61.07 35.51 -29.89
C THR A 1139 60.09 36.62 -30.29
N HIS A 1140 59.12 36.29 -31.14
CA HIS A 1140 58.10 37.22 -31.58
C HIS A 1140 56.86 37.07 -30.71
N TRP A 1141 55.74 37.65 -31.15
CA TRP A 1141 54.45 37.47 -30.51
C TRP A 1141 53.37 37.35 -31.57
N PHE A 1142 52.29 36.65 -31.22
CA PHE A 1142 51.16 36.49 -32.12
C PHE A 1142 49.87 36.40 -31.32
N VAL A 1143 48.75 36.51 -32.02
CA VAL A 1143 47.42 36.32 -31.46
C VAL A 1143 46.73 35.23 -32.26
N THR A 1144 45.99 34.37 -31.55
CA THR A 1144 45.33 33.25 -32.20
C THR A 1144 44.04 32.92 -31.45
N GLN A 1145 43.16 32.19 -32.14
CA GLN A 1145 41.90 31.79 -31.53
C GLN A 1145 42.16 30.85 -30.35
N ARG A 1146 41.20 30.81 -29.44
CA ARG A 1146 41.40 30.21 -28.13
C ARG A 1146 41.22 28.70 -28.11
N ASN A 1147 40.89 28.08 -29.24
CA ASN A 1147 40.67 26.64 -29.28
C ASN A 1147 41.46 25.94 -30.38
N PHE A 1148 42.36 26.65 -31.05
CA PHE A 1148 43.24 26.03 -32.04
C PHE A 1148 44.38 26.95 -32.39
N TYR A 1149 45.60 26.43 -32.39
CA TYR A 1149 46.79 27.25 -32.57
C TYR A 1149 46.82 27.78 -34.00
N GLU A 1150 46.46 29.05 -34.17
CA GLU A 1150 46.48 29.73 -35.46
C GLU A 1150 47.16 31.08 -35.29
N PRO A 1151 48.48 31.10 -35.13
CA PRO A 1151 49.16 32.37 -34.86
C PRO A 1151 48.99 33.35 -36.02
N GLN A 1152 48.93 34.63 -35.67
CA GLN A 1152 48.80 35.69 -36.67
C GLN A 1152 49.53 36.92 -36.17
N ILE A 1153 49.91 37.79 -37.12
CA ILE A 1153 50.60 39.01 -36.77
C ILE A 1153 49.65 39.92 -35.99
N ILE A 1154 50.16 40.53 -34.93
CA ILE A 1154 49.36 41.40 -34.07
C ILE A 1154 49.27 42.75 -34.76
N THR A 1155 48.19 42.97 -35.50
CA THR A 1155 47.94 44.22 -36.20
C THR A 1155 46.82 44.98 -35.52
N THR A 1156 46.57 46.19 -36.01
CA THR A 1156 45.57 47.07 -35.40
C THR A 1156 44.18 46.43 -35.45
N ASP A 1157 43.82 45.84 -36.59
CA ASP A 1157 42.49 45.26 -36.71
C ASP A 1157 42.27 44.16 -35.68
N ASN A 1158 43.30 43.34 -35.43
CA ASN A 1158 43.16 42.28 -34.45
C ASN A 1158 42.88 42.84 -33.06
N THR A 1159 43.54 43.95 -32.71
CA THR A 1159 43.51 44.48 -31.36
C THR A 1159 42.68 45.76 -31.31
N PHE A 1160 42.64 46.37 -30.13
CA PHE A 1160 42.00 47.66 -29.93
C PHE A 1160 42.61 48.31 -28.71
N VAL A 1161 42.46 49.63 -28.62
CA VAL A 1161 43.10 50.43 -27.58
C VAL A 1161 42.12 50.66 -26.45
N SER A 1162 42.60 50.51 -25.21
CA SER A 1162 41.77 50.78 -24.03
C SER A 1162 42.72 51.11 -22.88
N GLY A 1163 42.86 52.39 -22.57
CA GLY A 1163 43.71 52.82 -21.48
C GLY A 1163 45.18 52.85 -21.87
N ASN A 1164 46.01 53.08 -20.87
CA ASN A 1164 47.45 53.16 -21.04
C ASN A 1164 48.14 51.98 -20.38
N CYS A 1165 49.43 51.84 -20.68
CA CYS A 1165 50.16 50.63 -20.29
C CYS A 1165 50.28 50.50 -18.79
N ASP A 1166 50.49 51.60 -18.07
CA ASP A 1166 50.90 51.52 -16.67
C ASP A 1166 49.87 50.78 -15.83
N VAL A 1167 48.58 51.08 -16.02
CA VAL A 1167 47.55 50.58 -15.11
C VAL A 1167 47.52 49.06 -15.12
N VAL A 1168 47.45 48.46 -16.31
CA VAL A 1168 47.31 47.01 -16.39
C VAL A 1168 48.54 46.32 -15.82
N ILE A 1169 48.36 45.06 -15.45
CA ILE A 1169 49.43 44.23 -14.88
C ILE A 1169 49.77 43.13 -15.86
N GLY A 1170 51.08 42.89 -16.03
CA GLY A 1170 51.56 41.85 -16.92
C GLY A 1170 51.79 42.28 -18.35
N ILE A 1171 51.49 43.53 -18.70
CA ILE A 1171 51.65 43.97 -20.07
C ILE A 1171 53.11 43.90 -20.49
N VAL A 1172 53.35 43.74 -21.79
CA VAL A 1172 54.68 43.54 -22.34
C VAL A 1172 54.85 44.40 -23.59
N ASN A 1173 56.11 44.55 -24.01
CA ASN A 1173 56.48 45.40 -25.13
C ASN A 1173 56.45 44.59 -26.42
N ASN A 1174 55.73 45.10 -27.43
CA ASN A 1174 55.84 44.57 -28.78
C ASN A 1174 55.39 45.63 -29.78
N THR A 1175 55.88 45.48 -31.00
CA THR A 1175 55.45 46.33 -32.10
C THR A 1175 54.13 45.83 -32.65
N VAL A 1176 53.21 46.75 -32.89
CA VAL A 1176 51.92 46.44 -33.50
C VAL A 1176 51.94 47.04 -34.91
N TYR A 1177 51.91 46.18 -35.91
CA TYR A 1177 52.03 46.62 -37.29
C TYR A 1177 50.68 47.12 -37.80
N ASP A 1178 50.68 48.33 -38.36
CA ASP A 1178 49.46 48.90 -38.92
C ASP A 1178 49.28 48.43 -40.36
N PRO A 1179 48.16 47.78 -40.71
CA PRO A 1179 48.01 47.31 -42.09
C PRO A 1179 48.08 48.43 -43.11
N LEU A 1180 47.54 49.60 -42.79
CA LEU A 1180 47.52 50.71 -43.73
C LEU A 1180 48.85 51.42 -43.85
N GLN A 1181 49.72 51.28 -42.85
CA GLN A 1181 50.97 52.05 -42.85
C GLN A 1181 51.83 51.77 -44.08
N PRO A 1182 52.19 50.54 -44.40
CA PRO A 1182 53.06 50.33 -45.57
C PRO A 1182 52.45 50.86 -46.86
N GLU A 1183 51.14 50.68 -47.04
CA GLU A 1183 50.48 51.25 -48.21
C GLU A 1183 50.58 52.77 -48.19
N LEU A 1184 50.33 53.38 -47.03
CA LEU A 1184 50.43 54.83 -46.93
C LEU A 1184 51.85 55.30 -47.18
N ASP A 1185 52.83 54.64 -46.56
CA ASP A 1185 54.22 55.03 -46.76
C ASP A 1185 54.66 54.79 -48.20
N SER A 1186 54.27 53.65 -48.78
CA SER A 1186 54.61 53.38 -50.17
C SER A 1186 54.02 54.45 -51.08
N PHE A 1187 52.83 54.95 -50.74
CA PHE A 1187 52.24 56.03 -51.53
C PHE A 1187 53.09 57.29 -51.45
N LYS A 1188 53.56 57.64 -50.25
CA LYS A 1188 54.29 58.90 -50.08
C LYS A 1188 55.63 58.86 -50.80
N GLU A 1189 56.37 57.76 -50.66
CA GLU A 1189 57.69 57.68 -51.28
C GLU A 1189 57.58 57.73 -52.80
N GLU A 1190 56.59 57.06 -53.37
CA GLU A 1190 56.41 57.03 -54.82
C GLU A 1190 55.77 58.31 -55.32
N ALA B 66 -8.96 28.45 52.36
CA ALA B 66 -8.50 29.31 51.29
C ALA B 66 -8.06 28.48 50.08
N TYR B 67 -8.62 28.79 48.92
CA TYR B 67 -8.32 28.06 47.69
C TYR B 67 -6.99 28.58 47.14
N THR B 68 -5.91 28.05 47.68
CA THR B 68 -4.56 28.38 47.24
C THR B 68 -4.23 27.64 45.94
N ASN B 69 -3.25 28.15 45.21
CA ASN B 69 -2.95 27.71 43.86
C ASN B 69 -1.64 26.94 43.81
N SER B 70 -1.66 25.83 43.08
CA SER B 70 -0.45 25.07 42.83
C SER B 70 0.46 25.82 41.85
N PHE B 71 1.76 25.55 41.94
CA PHE B 71 2.72 26.10 40.99
C PHE B 71 3.41 25.01 40.18
N THR B 72 4.11 24.08 40.82
CA THR B 72 4.82 23.03 40.11
C THR B 72 4.81 21.68 40.81
N ARG B 73 4.13 21.55 41.95
CA ARG B 73 4.17 20.31 42.71
C ARG B 73 3.31 19.26 42.02
N GLY B 74 3.16 18.09 42.65
CA GLY B 74 2.40 17.01 42.07
C GLY B 74 3.13 16.26 40.98
N VAL B 75 4.45 16.30 40.97
CA VAL B 75 5.27 15.60 39.98
C VAL B 75 5.91 14.41 40.66
N TYR B 76 5.80 13.23 40.04
CA TYR B 76 6.40 12.02 40.57
C TYR B 76 6.78 11.12 39.41
N TYR B 77 7.76 10.26 39.66
CA TYR B 77 8.21 9.34 38.63
C TYR B 77 7.09 8.37 38.30
N PRO B 78 6.63 8.28 37.05
CA PRO B 78 5.53 7.37 36.73
C PRO B 78 5.95 5.92 36.59
N ASP B 79 7.24 5.63 36.57
CA ASP B 79 7.72 4.26 36.40
C ASP B 79 9.16 4.19 36.87
N LYS B 80 9.63 2.96 37.06
CA LYS B 80 11.03 2.74 37.43
C LYS B 80 11.96 2.84 36.23
N VAL B 81 11.41 2.98 35.02
CA VAL B 81 12.25 3.06 33.83
C VAL B 81 13.24 4.19 33.96
N PHE B 82 14.48 3.94 33.52
CA PHE B 82 15.54 4.93 33.54
C PHE B 82 15.71 5.49 32.12
N ARG B 83 15.49 6.80 31.98
CA ARG B 83 15.69 7.48 30.71
C ARG B 83 16.63 8.66 30.92
N SER B 84 17.57 8.83 30.00
CA SER B 84 18.59 9.88 30.12
C SER B 84 18.50 10.82 28.93
N SER B 85 18.42 12.12 29.21
CA SER B 85 18.41 13.15 28.18
C SER B 85 17.31 12.89 27.16
N VAL B 86 16.14 12.48 27.64
CA VAL B 86 15.00 12.16 26.79
C VAL B 86 13.79 12.95 27.30
N LEU B 87 13.08 13.58 26.38
CA LEU B 87 11.85 14.31 26.72
C LEU B 87 10.65 13.37 26.64
N HIS B 88 10.69 12.34 27.48
CA HIS B 88 9.65 11.32 27.47
C HIS B 88 8.30 11.94 27.80
N SER B 89 7.28 11.53 27.04
CA SER B 89 5.91 11.94 27.27
C SER B 89 5.14 10.79 27.90
N THR B 90 4.24 11.13 28.82
CA THR B 90 3.49 10.11 29.56
C THR B 90 2.06 10.58 29.78
N GLN B 91 1.16 9.60 29.89
CA GLN B 91 -0.23 9.84 30.22
C GLN B 91 -0.55 9.06 31.50
N ASP B 92 -1.05 9.76 32.51
CA ASP B 92 -1.29 9.15 33.81
C ASP B 92 -2.02 10.16 34.68
N LEU B 93 -2.51 9.67 35.82
CA LEU B 93 -3.07 10.58 36.83
C LEU B 93 -2.03 11.62 37.22
N PHE B 94 -2.44 12.87 37.27
CA PHE B 94 -1.51 13.95 37.51
C PHE B 94 -2.22 15.12 38.15
N LEU B 95 -1.43 15.95 38.85
CA LEU B 95 -1.93 17.21 39.38
C LEU B 95 -1.70 18.27 38.32
N PRO B 96 -2.74 18.84 37.71
CA PRO B 96 -2.51 19.77 36.60
C PRO B 96 -1.71 20.98 37.06
N PHE B 97 -0.82 21.46 36.18
CA PHE B 97 -0.04 22.64 36.50
C PHE B 97 -0.96 23.82 36.80
N PHE B 98 -0.66 24.52 37.89
CA PHE B 98 -1.38 25.73 38.26
C PHE B 98 -2.84 25.46 38.60
N SER B 99 -3.26 24.20 38.59
CA SER B 99 -4.56 23.85 39.13
C SER B 99 -4.53 24.06 40.64
N ASN B 100 -5.45 24.87 41.15
CA ASN B 100 -5.36 25.31 42.52
C ASN B 100 -6.01 24.31 43.47
N VAL B 101 -5.58 24.38 44.73
CA VAL B 101 -5.89 23.37 45.73
C VAL B 101 -6.40 24.05 46.99
N THR B 102 -7.36 23.40 47.64
CA THR B 102 -7.87 23.89 48.91
C THR B 102 -6.77 23.84 49.97
N TRP B 103 -6.81 24.80 50.88
CA TRP B 103 -5.87 24.88 51.99
C TRP B 103 -6.61 24.63 53.30
N PHE B 104 -6.03 23.78 54.14
CA PHE B 104 -6.60 23.45 55.44
C PHE B 104 -5.60 23.81 56.52
N HIS B 105 -6.08 24.47 57.57
CA HIS B 105 -5.28 24.81 58.74
C HIS B 105 -5.86 24.05 59.93
N ALA B 106 -5.25 22.93 60.28
CA ALA B 106 -5.73 22.12 61.39
C ALA B 106 -5.62 22.92 62.69
N ILE B 107 -6.76 23.35 63.22
CA ILE B 107 -6.78 24.20 64.40
C ILE B 107 -6.95 23.33 65.64
N HIS B 108 -6.57 23.90 66.79
CA HIS B 108 -6.67 23.21 68.06
C HIS B 108 -7.61 23.93 69.02
N LYS B 116 -9.37 27.55 68.83
CA LYS B 116 -10.23 26.60 69.52
C LYS B 116 -10.98 25.72 68.52
N ARG B 117 -11.25 26.26 67.33
CA ARG B 117 -11.92 25.49 66.29
C ARG B 117 -11.00 24.35 65.83
N PHE B 118 -11.51 23.56 64.89
CA PHE B 118 -10.78 22.40 64.38
C PHE B 118 -11.04 22.26 62.88
N ASP B 119 -10.00 21.85 62.15
CA ASP B 119 -10.03 21.76 60.70
C ASP B 119 -9.44 20.43 60.24
N ASN B 120 -9.92 19.33 60.82
CA ASN B 120 -9.47 17.98 60.48
C ASN B 120 -10.68 17.21 59.94
N PRO B 121 -11.09 17.49 58.70
CA PRO B 121 -12.33 16.92 58.18
C PRO B 121 -12.13 15.64 57.39
N VAL B 122 -13.23 15.04 56.94
CA VAL B 122 -13.21 13.88 56.06
C VAL B 122 -13.41 14.36 54.63
N LEU B 123 -12.52 13.94 53.74
CA LEU B 123 -12.55 14.42 52.36
C LEU B 123 -12.63 13.24 51.40
N PRO B 124 -13.25 13.41 50.24
CA PRO B 124 -13.36 12.31 49.27
C PRO B 124 -12.01 11.94 48.68
N PHE B 125 -11.93 10.70 48.22
CA PHE B 125 -10.78 10.16 47.52
C PHE B 125 -11.20 9.92 46.06
N ASN B 126 -11.00 10.93 45.22
CA ASN B 126 -11.45 10.87 43.83
C ASN B 126 -10.36 10.26 42.93
N ASP B 127 -10.02 9.01 43.23
CA ASP B 127 -9.10 8.23 42.42
C ASP B 127 -7.79 8.98 42.20
N GLY B 128 -7.08 9.22 43.30
CA GLY B 128 -5.82 9.94 43.26
C GLY B 128 -5.90 11.26 43.98
N VAL B 129 -5.24 11.34 45.14
CA VAL B 129 -5.28 12.52 46.00
C VAL B 129 -3.85 12.92 46.35
N TYR B 130 -3.55 14.19 46.21
CA TYR B 130 -2.24 14.73 46.53
C TYR B 130 -2.26 15.44 47.87
N PHE B 131 -1.20 15.25 48.66
CA PHE B 131 -1.08 15.85 49.96
C PHE B 131 0.29 16.50 50.11
N ALA B 132 0.33 17.57 50.89
CA ALA B 132 1.58 18.24 51.21
C ALA B 132 1.36 19.15 52.40
N SER B 133 2.39 19.28 53.23
CA SER B 133 2.31 20.11 54.42
C SER B 133 3.72 20.45 54.89
N THR B 134 3.79 21.48 55.74
CA THR B 134 5.04 21.89 56.37
C THR B 134 5.05 21.58 57.87
N GLU B 135 4.25 20.61 58.30
CA GLU B 135 4.09 20.34 59.71
C GLU B 135 5.38 19.77 60.30
N LYS B 136 5.33 19.46 61.59
CA LYS B 136 6.47 18.90 62.31
C LYS B 136 5.95 18.06 63.46
N SER B 137 6.83 17.21 63.98
CA SER B 137 6.52 16.32 65.10
C SER B 137 5.46 15.30 64.72
N ASN B 138 5.24 15.08 63.42
CA ASN B 138 4.23 14.15 62.95
C ASN B 138 2.86 14.45 63.57
N ILE B 139 2.49 15.72 63.52
CA ILE B 139 1.16 16.11 63.99
C ILE B 139 0.10 15.33 63.23
N ILE B 140 0.29 15.18 61.92
CA ILE B 140 -0.56 14.31 61.10
C ILE B 140 0.05 12.92 61.19
N ARG B 141 -0.38 12.15 62.20
CA ARG B 141 0.22 10.84 62.46
C ARG B 141 0.02 9.90 61.28
N GLY B 142 -1.07 10.05 60.53
CA GLY B 142 -1.36 9.12 59.45
C GLY B 142 -2.71 9.44 58.83
N TRP B 143 -3.30 8.40 58.23
CA TRP B 143 -4.54 8.60 57.48
C TRP B 143 -5.32 7.30 57.51
N ILE B 144 -6.57 7.37 57.05
CA ILE B 144 -7.50 6.25 57.07
C ILE B 144 -8.04 6.06 55.66
N PHE B 145 -7.77 4.90 55.07
CA PHE B 145 -8.26 4.56 53.74
C PHE B 145 -9.27 3.44 53.86
N GLY B 146 -10.46 3.64 53.30
CA GLY B 146 -11.47 2.61 53.37
C GLY B 146 -12.74 3.04 52.67
N THR B 147 -13.83 2.35 53.00
CA THR B 147 -15.16 2.69 52.50
C THR B 147 -16.05 3.26 53.59
N THR B 148 -16.22 2.53 54.69
CA THR B 148 -17.14 2.90 55.75
C THR B 148 -16.45 3.44 57.00
N LEU B 149 -15.27 2.92 57.33
CA LEU B 149 -14.59 3.31 58.57
C LEU B 149 -15.47 3.03 59.78
N ASP B 150 -16.22 1.93 59.71
CA ASP B 150 -17.11 1.55 60.80
C ASP B 150 -17.10 0.04 61.05
N SER B 151 -16.16 -0.70 60.48
CA SER B 151 -16.02 -2.15 60.57
C SER B 151 -17.02 -2.87 59.67
N LYS B 152 -17.96 -2.16 59.03
CA LYS B 152 -18.81 -2.81 58.04
C LYS B 152 -17.99 -3.28 56.85
N THR B 153 -17.02 -2.47 56.43
CA THR B 153 -16.09 -2.83 55.38
C THR B 153 -14.67 -2.57 55.85
N GLN B 154 -13.74 -3.41 55.41
CA GLN B 154 -12.36 -3.30 55.86
C GLN B 154 -11.81 -1.92 55.54
N SER B 155 -11.16 -1.30 56.52
CA SER B 155 -10.58 0.03 56.38
C SER B 155 -9.10 -0.02 56.71
N LEU B 156 -8.34 0.82 56.02
CA LEU B 156 -6.89 0.87 56.15
C LEU B 156 -6.49 1.81 57.28
N LEU B 157 -5.24 1.67 57.73
CA LEU B 157 -4.69 2.53 58.77
C LEU B 157 -3.26 2.88 58.41
N ILE B 158 -2.94 4.17 58.44
CA ILE B 158 -1.64 4.67 58.02
C ILE B 158 -0.92 5.40 59.16
N VAL B 159 -1.40 5.23 60.39
CA VAL B 159 -0.79 5.93 61.52
C VAL B 159 0.68 5.58 61.59
N ASN B 160 1.52 6.61 61.66
CA ASN B 160 2.97 6.44 61.68
C ASN B 160 3.56 7.19 62.87
N ASN B 161 4.49 6.54 63.55
CA ASN B 161 5.25 7.11 64.65
C ASN B 161 6.70 7.27 64.22
N ALA B 162 7.52 7.85 65.11
CA ALA B 162 8.93 8.04 64.83
C ALA B 162 9.63 6.76 64.40
N THR B 163 9.04 5.60 64.66
CA THR B 163 9.66 4.33 64.30
C THR B 163 9.25 3.89 62.89
N ASN B 164 7.95 3.69 62.66
CA ASN B 164 7.50 3.20 61.36
C ASN B 164 5.97 3.21 61.34
N VAL B 165 5.41 2.82 60.20
CA VAL B 165 3.97 2.77 60.03
C VAL B 165 3.48 1.36 60.35
N VAL B 166 2.19 1.26 60.64
CA VAL B 166 1.58 0.02 61.11
C VAL B 166 0.50 -0.43 60.13
N ILE B 167 0.75 -0.24 58.84
CA ILE B 167 -0.26 -0.42 57.80
C ILE B 167 -1.15 -1.60 58.13
N LYS B 168 -2.47 -1.36 58.13
CA LYS B 168 -3.42 -2.30 58.68
C LYS B 168 -4.74 -2.16 57.92
N VAL B 169 -5.23 -3.27 57.38
CA VAL B 169 -6.53 -3.34 56.73
C VAL B 169 -7.36 -4.35 57.50
N CYS B 170 -8.42 -3.87 58.17
CA CYS B 170 -9.26 -4.73 58.97
C CYS B 170 -10.67 -4.14 58.99
N GLU B 171 -11.63 -4.99 59.35
CA GLU B 171 -13.01 -4.56 59.59
C GLU B 171 -13.01 -3.82 60.92
N PHE B 172 -12.57 -2.57 60.87
CA PHE B 172 -12.25 -1.78 62.05
C PHE B 172 -13.37 -0.79 62.33
N GLN B 173 -13.82 -0.75 63.58
CA GLN B 173 -14.82 0.21 64.04
C GLN B 173 -14.09 1.37 64.70
N PHE B 174 -14.01 2.49 63.99
CA PHE B 174 -13.29 3.66 64.49
C PHE B 174 -14.20 4.46 65.41
N CYS B 175 -13.77 5.68 65.77
CA CYS B 175 -14.52 6.59 66.62
C CYS B 175 -14.55 7.96 65.97
N ASN B 176 -15.30 8.87 66.59
CA ASN B 176 -15.34 10.24 66.10
C ASN B 176 -13.97 10.91 66.19
N ASP B 177 -13.14 10.49 67.15
CA ASP B 177 -11.81 11.05 67.37
C ASP B 177 -10.81 9.90 67.53
N PRO B 178 -10.57 9.13 66.46
CA PRO B 178 -9.76 7.92 66.57
C PRO B 178 -8.27 8.18 66.35
N PHE B 179 -7.70 9.09 67.14
CA PHE B 179 -6.27 9.35 67.09
C PHE B 179 -5.73 9.49 68.51
N LEU B 180 -4.44 9.20 68.65
CA LEU B 180 -3.82 9.16 69.98
C LEU B 180 -3.93 10.51 70.67
N GLY B 181 -3.62 11.59 69.96
CA GLY B 181 -3.83 12.93 70.48
C GLY B 181 -2.90 13.31 71.61
N VAL B 182 -1.61 13.49 71.31
CA VAL B 182 -0.68 14.01 72.30
C VAL B 182 -0.95 15.49 72.47
N TYR B 183 -1.63 15.86 73.55
CA TYR B 183 -2.00 17.24 73.81
C TYR B 183 -0.94 17.96 74.64
N TYR B 184 0.30 17.91 74.17
CA TYR B 184 1.41 18.51 74.92
C TYR B 184 1.28 20.02 74.94
N HIS B 185 1.53 20.60 76.11
CA HIS B 185 1.55 22.06 76.31
C HIS B 185 0.20 22.71 75.99
N LYS B 186 -0.88 21.93 75.95
CA LYS B 186 -2.17 22.47 75.53
C LYS B 186 -2.86 23.21 76.66
N ASN B 187 -3.21 22.51 77.74
CA ASN B 187 -3.99 23.09 78.83
C ASN B 187 -3.18 23.22 80.11
N ASN B 188 -2.60 22.13 80.61
CA ASN B 188 -1.84 22.16 81.85
C ASN B 188 -0.36 22.43 81.62
N LYS B 189 0.04 22.72 80.38
CA LYS B 189 1.41 23.11 80.05
C LYS B 189 2.40 22.01 80.44
N SER B 190 2.22 20.85 79.82
CA SER B 190 3.09 19.69 80.06
C SER B 190 2.93 18.73 78.90
N TRP B 191 3.48 17.52 79.05
CA TRP B 191 3.39 16.47 78.05
C TRP B 191 2.61 15.31 78.63
N MET B 192 1.67 14.77 77.84
CA MET B 192 0.85 13.65 78.31
C MET B 192 0.16 13.03 77.11
N GLU B 193 -0.53 11.92 77.38
CA GLU B 193 -1.31 11.21 76.35
C GLU B 193 -2.65 10.86 77.01
N SER B 194 -3.68 11.66 76.72
CA SER B 194 -4.96 11.49 77.37
C SER B 194 -5.84 10.43 76.73
N GLU B 195 -5.45 9.86 75.61
CA GLU B 195 -6.23 8.81 74.97
C GLU B 195 -5.36 8.02 74.00
N PHE B 196 -5.86 6.86 73.62
CA PHE B 196 -5.23 5.98 72.63
C PHE B 196 -6.28 5.52 71.62
N ARG B 197 -7.08 6.47 71.12
CA ARG B 197 -8.17 6.13 70.23
C ARG B 197 -7.71 5.70 68.84
N VAL B 198 -6.40 5.58 68.61
CA VAL B 198 -5.93 5.05 67.33
C VAL B 198 -6.50 3.65 67.11
N TYR B 199 -6.42 2.81 68.13
CA TYR B 199 -7.02 1.47 68.08
C TYR B 199 -8.38 1.51 68.78
N SER B 200 -9.33 2.14 68.10
CA SER B 200 -10.69 2.20 68.62
C SER B 200 -11.21 0.80 68.88
N SER B 201 -11.35 0.01 67.81
CA SER B 201 -11.66 -1.40 67.93
C SER B 201 -11.48 -2.08 66.58
N ALA B 202 -10.71 -3.17 66.55
CA ALA B 202 -10.56 -3.99 65.36
C ALA B 202 -11.42 -5.23 65.58
N ASN B 203 -12.71 -5.12 65.22
CA ASN B 203 -13.64 -6.23 65.42
C ASN B 203 -13.11 -7.52 64.81
N ASN B 204 -12.66 -7.47 63.57
CA ASN B 204 -12.09 -8.65 62.93
C ASN B 204 -11.14 -8.08 61.88
N CYS B 205 -10.21 -8.90 61.39
CA CYS B 205 -9.25 -8.38 60.43
C CYS B 205 -9.01 -9.34 59.29
N THR B 206 -8.38 -8.82 58.22
CA THR B 206 -7.95 -9.61 57.08
C THR B 206 -6.47 -9.50 56.74
N PHE B 207 -5.79 -8.42 57.16
CA PHE B 207 -4.36 -8.30 56.94
C PHE B 207 -3.83 -7.15 57.78
N GLU B 208 -2.59 -7.31 58.26
CA GLU B 208 -1.93 -6.28 59.05
C GLU B 208 -0.43 -6.38 58.80
N TYR B 209 0.26 -5.25 58.96
CA TYR B 209 1.71 -5.23 58.76
C TYR B 209 2.28 -3.94 59.33
N VAL B 210 3.49 -4.04 59.86
CA VAL B 210 4.23 -2.90 60.38
C VAL B 210 5.51 -2.77 59.56
N SER B 211 5.69 -1.61 58.92
CA SER B 211 6.82 -1.42 58.01
C SER B 211 8.13 -1.48 58.79
N GLN B 212 9.22 -1.41 58.04
CA GLN B 212 10.55 -1.50 58.65
C GLN B 212 10.72 -0.39 59.68
N PRO B 213 11.30 -0.68 60.86
CA PRO B 213 11.46 0.38 61.86
C PRO B 213 12.49 1.41 61.43
N PHE B 214 12.13 2.21 60.43
CA PHE B 214 13.01 3.24 59.91
C PHE B 214 13.03 4.42 60.87
N LEU B 215 13.71 5.51 60.46
CA LEU B 215 13.65 6.78 61.18
C LEU B 215 13.67 7.88 60.13
N MET B 216 12.48 8.30 59.72
CA MET B 216 12.33 9.37 58.73
C MET B 216 12.06 10.68 59.46
N ASP B 217 12.42 11.79 58.80
CA ASP B 217 12.37 13.11 59.43
C ASP B 217 10.92 13.54 59.58
N LEU B 218 10.26 12.96 60.59
CA LEU B 218 8.89 13.30 60.94
C LEU B 218 8.76 14.00 62.28
N GLU B 219 9.77 13.86 63.16
CA GLU B 219 9.70 14.46 64.48
C GLU B 219 9.78 15.98 64.37
N GLY B 220 9.75 16.65 65.51
CA GLY B 220 9.71 18.10 65.53
C GLY B 220 11.08 18.74 65.45
N LYS B 221 11.48 19.14 64.25
CA LYS B 221 12.73 19.88 64.04
C LYS B 221 12.50 20.79 62.84
N GLN B 222 12.09 22.03 63.12
CA GLN B 222 11.77 22.97 62.05
C GLN B 222 13.02 23.68 61.53
N GLY B 223 13.69 24.44 62.39
CA GLY B 223 14.81 25.25 61.95
C GLY B 223 14.37 26.19 60.86
N ASN B 224 14.79 25.92 59.63
CA ASN B 224 14.19 26.52 58.44
C ASN B 224 13.26 25.49 57.83
N PHE B 225 12.02 25.89 57.55
CA PHE B 225 10.99 24.94 57.17
C PHE B 225 11.46 24.06 56.01
N LYS B 226 11.64 22.77 56.28
CA LYS B 226 12.07 21.82 55.28
C LYS B 226 11.27 20.53 55.28
N ASN B 227 10.41 20.31 56.27
CA ASN B 227 9.59 19.10 56.34
C ASN B 227 8.39 19.22 55.39
N LEU B 228 8.72 19.40 54.11
CA LEU B 228 7.72 19.45 53.04
C LEU B 228 7.49 18.02 52.58
N ARG B 229 6.61 17.31 53.28
CA ARG B 229 6.31 15.93 52.96
C ARG B 229 5.14 15.89 51.99
N GLU B 230 5.38 15.36 50.80
CA GLU B 230 4.37 15.25 49.76
C GLU B 230 3.96 13.80 49.61
N PHE B 231 2.66 13.54 49.68
CA PHE B 231 2.12 12.20 49.53
C PHE B 231 1.10 12.18 48.41
N VAL B 232 1.24 11.22 47.50
CA VAL B 232 0.24 10.93 46.49
C VAL B 232 -0.19 9.49 46.67
N PHE B 233 -1.50 9.26 46.75
CA PHE B 233 -2.03 7.94 47.02
C PHE B 233 -2.75 7.46 45.77
N LYS B 234 -2.18 6.46 45.11
CA LYS B 234 -2.73 5.89 43.89
C LYS B 234 -3.04 4.43 44.15
N ASN B 235 -4.31 4.06 44.02
CA ASN B 235 -4.79 2.69 44.19
C ASN B 235 -5.54 2.31 42.93
N ILE B 236 -4.83 1.81 41.93
CA ILE B 236 -5.39 1.47 40.63
C ILE B 236 -5.40 -0.04 40.48
N ASP B 237 -6.50 -0.57 39.93
CA ASP B 237 -6.64 -1.98 39.60
C ASP B 237 -6.03 -2.88 40.67
N GLY B 238 -6.24 -2.53 41.93
CA GLY B 238 -5.82 -3.36 43.04
C GLY B 238 -4.42 -3.11 43.54
N TYR B 239 -3.62 -2.32 42.84
CA TYR B 239 -2.27 -1.98 43.28
C TYR B 239 -2.29 -0.58 43.87
N PHE B 240 -1.87 -0.47 45.13
CA PHE B 240 -1.78 0.80 45.82
C PHE B 240 -0.32 1.18 45.99
N LYS B 241 0.03 2.39 45.56
CA LYS B 241 1.40 2.89 45.59
C LYS B 241 1.48 4.12 46.49
N ILE B 242 2.71 4.50 46.83
CA ILE B 242 2.98 5.66 47.66
C ILE B 242 4.25 6.31 47.14
N TYR B 243 4.13 7.53 46.61
CA TYR B 243 5.27 8.31 46.16
C TYR B 243 5.41 9.53 47.04
N SER B 244 6.64 9.81 47.46
CA SER B 244 6.91 10.96 48.32
C SER B 244 8.36 11.39 48.13
N LYS B 245 8.65 12.59 48.61
CA LYS B 245 10.00 13.14 48.49
C LYS B 245 10.16 14.23 49.54
N HIS B 246 11.08 14.04 50.48
CA HIS B 246 11.40 15.10 51.42
C HIS B 246 11.95 16.30 50.66
N THR B 247 11.29 17.44 50.79
CA THR B 247 11.63 18.62 49.99
C THR B 247 12.17 19.71 50.91
N PRO B 248 13.49 19.87 51.01
CA PRO B 248 14.06 20.90 51.88
C PRO B 248 13.97 22.28 51.24
N ILE B 249 13.17 23.16 51.85
CA ILE B 249 12.99 24.52 51.35
C ILE B 249 13.44 25.50 52.41
N ASN B 250 13.43 26.79 52.07
CA ASN B 250 13.75 27.85 53.02
C ASN B 250 12.65 28.88 53.19
N LEU B 251 11.75 29.01 52.21
CA LEU B 251 10.62 29.92 52.35
C LEU B 251 9.55 29.29 53.24
N VAL B 252 9.13 30.04 54.28
CA VAL B 252 8.14 29.54 55.21
C VAL B 252 6.72 29.90 54.79
N ARG B 253 6.55 30.63 53.70
CA ARG B 253 5.25 31.07 53.24
C ARG B 253 4.64 30.00 52.32
N ASP B 254 3.61 30.35 51.56
CA ASP B 254 2.92 29.43 50.67
C ASP B 254 3.91 28.70 49.77
N LEU B 255 3.46 27.59 49.16
CA LEU B 255 4.31 26.72 48.36
C LEU B 255 5.29 27.53 47.51
N PRO B 256 6.59 27.30 47.64
CA PRO B 256 7.55 28.07 46.83
C PRO B 256 7.53 27.63 45.37
N GLN B 257 8.21 28.42 44.55
CA GLN B 257 8.34 28.13 43.12
C GLN B 257 9.54 27.21 42.94
N GLY B 258 9.29 25.91 43.03
CA GLY B 258 10.35 24.93 42.88
C GLY B 258 9.83 23.69 42.18
N PHE B 259 10.77 22.92 41.64
CA PHE B 259 10.45 21.71 40.89
C PHE B 259 11.14 20.51 41.55
N SER B 260 10.35 19.47 41.81
CA SER B 260 10.86 18.24 42.40
C SER B 260 9.91 17.10 42.06
N ALA B 261 10.41 15.88 42.22
CA ALA B 261 9.66 14.68 41.89
C ALA B 261 9.54 13.79 43.11
N LEU B 262 8.35 13.25 43.33
CA LEU B 262 8.11 12.33 44.45
C LEU B 262 8.52 10.93 44.03
N GLU B 263 9.60 10.43 44.62
CA GLU B 263 10.05 9.08 44.30
C GLU B 263 9.07 8.05 44.85
N PRO B 264 8.95 6.89 44.22
CA PRO B 264 8.13 5.83 44.80
C PRO B 264 8.65 5.41 46.16
N LEU B 265 7.73 5.12 47.07
CA LEU B 265 8.09 4.75 48.43
C LEU B 265 7.69 3.31 48.76
N VAL B 266 6.42 2.97 48.59
CA VAL B 266 5.94 1.63 48.94
C VAL B 266 4.74 1.29 48.06
N ASP B 267 4.66 0.02 47.68
CA ASP B 267 3.48 -0.52 47.01
C ASP B 267 2.89 -1.61 47.90
N LEU B 268 1.58 -1.56 48.09
CA LEU B 268 0.88 -2.54 48.91
C LEU B 268 -0.50 -2.76 48.33
N PRO B 269 -0.64 -3.72 47.41
CA PRO B 269 -1.95 -3.95 46.79
C PRO B 269 -2.96 -4.51 47.78
N ILE B 270 -3.44 -3.65 48.68
CA ILE B 270 -4.46 -4.06 49.65
C ILE B 270 -5.80 -4.37 49.01
N GLY B 271 -6.00 -3.96 47.76
CA GLY B 271 -7.19 -4.32 46.99
C GLY B 271 -8.49 -3.72 47.46
N ILE B 272 -8.51 -3.05 48.61
CA ILE B 272 -9.75 -2.49 49.15
C ILE B 272 -10.30 -1.34 48.30
N ASN B 273 -11.59 -1.09 48.48
CA ASN B 273 -12.20 0.15 48.02
C ASN B 273 -11.54 1.31 48.76
N ILE B 274 -11.37 2.45 48.09
CA ILE B 274 -11.30 3.73 48.79
C ILE B 274 -12.12 4.76 48.01
N THR B 275 -13.02 5.47 48.72
CA THR B 275 -13.65 6.65 48.15
C THR B 275 -13.83 7.78 49.17
N ARG B 276 -13.00 7.81 50.21
CA ARG B 276 -13.14 8.83 51.24
C ARG B 276 -11.83 8.90 52.01
N PHE B 277 -11.59 10.03 52.68
CA PHE B 277 -10.26 10.24 53.21
C PHE B 277 -10.22 11.23 54.38
N GLN B 278 -10.16 10.69 55.59
CA GLN B 278 -9.94 11.48 56.81
C GLN B 278 -8.50 11.30 57.26
N THR B 279 -7.81 12.40 57.49
CA THR B 279 -6.44 12.34 57.99
C THR B 279 -6.45 12.09 59.49
N LEU B 280 -5.27 12.09 60.10
CA LEU B 280 -5.12 11.85 61.53
C LEU B 280 -4.37 13.02 62.15
N LEU B 281 -4.52 13.17 63.46
CA LEU B 281 -3.92 14.26 64.21
C LEU B 281 -3.28 13.72 65.48
N ALA B 282 -2.40 14.53 66.08
CA ALA B 282 -1.72 14.16 67.31
C ALA B 282 -1.92 15.15 68.45
N LEU B 283 -2.57 16.28 68.21
CA LEU B 283 -2.80 17.27 69.27
C LEU B 283 -4.19 17.89 69.13
N SER B 293 -11.83 18.92 74.27
CA SER B 293 -12.58 20.12 74.64
C SER B 293 -11.64 21.30 74.79
N SER B 294 -10.99 21.69 73.69
CA SER B 294 -9.97 22.73 73.72
C SER B 294 -10.58 24.11 73.45
N SER B 295 -11.55 24.48 74.30
CA SER B 295 -12.17 25.79 74.21
C SER B 295 -11.29 26.82 74.89
N GLY B 296 -10.92 27.87 74.16
CA GLY B 296 -10.01 28.88 74.65
C GLY B 296 -8.55 28.57 74.42
N TRP B 297 -8.22 27.30 74.17
CA TRP B 297 -6.85 26.93 73.85
C TRP B 297 -6.40 27.61 72.57
N THR B 298 -5.15 28.09 72.57
CA THR B 298 -4.59 28.74 71.40
C THR B 298 -4.83 27.90 70.16
N ALA B 299 -4.99 28.57 69.02
CA ALA B 299 -5.21 27.87 67.77
C ALA B 299 -4.03 26.95 67.45
N GLY B 300 -4.25 26.06 66.49
CA GLY B 300 -3.26 25.09 66.10
C GLY B 300 -2.47 25.56 64.91
N ALA B 301 -1.14 25.63 65.08
CA ALA B 301 -0.24 26.06 64.02
C ALA B 301 0.08 24.88 63.09
N ALA B 302 -0.99 24.28 62.57
CA ALA B 302 -0.89 23.15 61.65
C ALA B 302 -1.65 23.47 60.38
N ALA B 303 -1.02 23.25 59.23
CA ALA B 303 -1.61 23.59 57.95
C ALA B 303 -1.17 22.56 56.91
N TYR B 304 -1.97 22.44 55.85
CA TYR B 304 -1.69 21.44 54.82
C TYR B 304 -2.57 21.70 53.61
N TYR B 305 -2.22 21.02 52.51
CA TYR B 305 -2.94 21.09 51.25
C TYR B 305 -3.51 19.72 50.91
N VAL B 306 -4.59 19.72 50.12
CA VAL B 306 -5.18 18.48 49.65
C VAL B 306 -5.52 18.59 48.17
N GLY B 307 -4.62 18.11 47.30
CA GLY B 307 -4.83 18.14 45.87
C GLY B 307 -5.39 16.83 45.36
N TYR B 308 -5.88 16.87 44.13
CA TYR B 308 -6.49 15.70 43.48
C TYR B 308 -5.90 15.54 42.10
N LEU B 309 -5.32 14.36 41.84
CA LEU B 309 -4.75 14.09 40.54
C LEU B 309 -5.85 13.83 39.51
N GLN B 310 -5.50 14.03 38.24
CA GLN B 310 -6.42 13.81 37.14
C GLN B 310 -5.68 13.08 36.02
N PRO B 311 -6.39 12.30 35.21
CA PRO B 311 -5.73 11.62 34.09
C PRO B 311 -5.38 12.59 32.98
N ARG B 312 -4.10 12.92 32.84
CA ARG B 312 -3.67 13.94 31.90
C ARG B 312 -2.35 13.53 31.26
N THR B 313 -2.10 14.06 30.07
CA THR B 313 -0.87 13.81 29.34
C THR B 313 0.14 14.88 29.73
N PHE B 314 1.28 14.45 30.25
CA PHE B 314 2.33 15.35 30.73
C PHE B 314 3.61 15.10 29.95
N LEU B 315 4.18 16.16 29.41
CA LEU B 315 5.50 16.08 28.80
C LEU B 315 6.55 16.19 29.89
N LEU B 316 7.31 15.10 30.09
CA LEU B 316 8.22 14.98 31.21
C LEU B 316 9.66 14.99 30.71
N LYS B 317 10.54 15.60 31.50
CA LYS B 317 11.94 15.75 31.12
C LYS B 317 12.81 14.73 31.87
N TYR B 318 13.92 14.37 31.24
CA TYR B 318 14.94 13.55 31.87
C TYR B 318 16.30 14.17 31.56
N ASN B 319 17.06 14.47 32.60
CA ASN B 319 18.42 14.97 32.43
C ASN B 319 19.34 13.79 32.10
N GLU B 320 20.65 14.02 32.11
CA GLU B 320 21.59 12.93 31.88
C GLU B 320 21.53 11.90 33.01
N ASN B 321 20.90 12.25 34.13
CA ASN B 321 20.96 11.43 35.33
C ASN B 321 19.89 10.36 35.34
N GLY B 322 18.81 10.58 34.60
CA GLY B 322 17.55 9.93 34.88
C GLY B 322 16.79 10.57 36.03
N THR B 323 16.85 11.90 36.14
CA THR B 323 16.10 12.65 37.14
C THR B 323 15.23 13.69 36.46
N ILE B 324 14.02 13.88 36.98
CA ILE B 324 13.01 14.74 36.36
C ILE B 324 13.39 16.19 36.68
N THR B 325 13.93 16.89 35.70
CA THR B 325 14.29 18.30 35.87
C THR B 325 13.14 19.24 35.56
N ASP B 326 12.26 18.88 34.62
CA ASP B 326 11.18 19.74 34.22
C ASP B 326 10.02 18.90 33.69
N ALA B 327 8.83 19.49 33.69
CA ALA B 327 7.64 18.82 33.20
C ALA B 327 6.71 19.87 32.61
N VAL B 328 5.79 19.41 31.75
CA VAL B 328 4.85 20.29 31.07
C VAL B 328 3.56 19.52 30.84
N ASP B 329 2.44 20.22 31.00
CA ASP B 329 1.13 19.64 30.76
C ASP B 329 0.73 19.85 29.30
N CYS B 330 0.01 18.88 28.75
CA CYS B 330 -0.39 18.91 27.34
C CYS B 330 -1.75 19.55 27.13
N ALA B 331 -2.38 20.07 28.19
CA ALA B 331 -3.70 20.69 28.05
C ALA B 331 -3.83 21.96 28.88
N LEU B 332 -2.77 22.43 29.52
CA LEU B 332 -2.87 23.63 30.35
C LEU B 332 -3.19 24.86 29.50
N ASP B 333 -2.45 25.05 28.40
CA ASP B 333 -2.59 26.24 27.59
C ASP B 333 -2.01 25.95 26.21
N PRO B 334 -2.33 26.78 25.21
CA PRO B 334 -1.83 26.49 23.85
C PRO B 334 -0.31 26.36 23.78
N LEU B 335 0.43 27.21 24.50
CA LEU B 335 1.88 27.15 24.42
C LEU B 335 2.39 25.79 24.88
N SER B 336 1.87 25.30 26.00
CA SER B 336 2.28 23.99 26.49
C SER B 336 1.89 22.89 25.53
N GLU B 337 0.69 22.99 24.95
CA GLU B 337 0.24 21.97 24.01
C GLU B 337 1.19 21.86 22.82
N THR B 338 1.66 22.99 22.31
CA THR B 338 2.64 22.96 21.23
C THR B 338 3.87 22.19 21.65
N LYS B 339 4.38 22.45 22.86
CA LYS B 339 5.52 21.69 23.37
C LYS B 339 5.21 20.20 23.35
N CYS B 340 4.04 19.82 23.87
CA CYS B 340 3.65 18.42 23.88
C CYS B 340 3.54 17.89 22.46
N THR B 341 2.94 18.66 21.56
CA THR B 341 2.79 18.22 20.18
C THR B 341 4.15 18.06 19.51
N LEU B 342 5.05 19.01 19.73
CA LEU B 342 6.35 18.99 19.07
C LEU B 342 7.39 18.19 19.83
N LYS B 343 7.10 17.77 21.06
CA LYS B 343 8.02 16.99 21.88
C LYS B 343 9.30 17.79 22.16
N SER B 344 9.12 19.02 22.64
CA SER B 344 10.25 19.84 23.03
C SER B 344 9.76 20.93 23.98
N PHE B 345 10.68 21.42 24.80
CA PHE B 345 10.40 22.53 25.70
C PHE B 345 10.75 23.88 25.09
N THR B 346 11.31 23.90 23.89
CA THR B 346 11.59 25.13 23.17
C THR B 346 10.91 25.05 21.81
N VAL B 347 10.22 26.13 21.44
CA VAL B 347 9.47 26.19 20.18
C VAL B 347 9.95 27.39 19.39
N GLU B 348 10.26 27.16 18.12
CA GLU B 348 10.72 28.24 17.26
C GLU B 348 9.54 29.00 16.66
N LYS B 349 9.82 30.21 16.18
CA LYS B 349 8.78 31.03 15.59
C LYS B 349 8.13 30.32 14.41
N GLY B 350 6.81 30.29 14.40
CA GLY B 350 6.08 29.60 13.35
C GLY B 350 4.66 29.30 13.79
N ILE B 351 4.03 28.37 13.08
CA ILE B 351 2.70 27.88 13.41
C ILE B 351 2.73 26.36 13.40
N TYR B 352 1.82 25.76 14.15
CA TYR B 352 1.78 24.31 14.28
C TYR B 352 0.35 23.86 14.47
N GLN B 353 0.10 22.61 14.13
CA GLN B 353 -1.23 22.02 14.26
C GLN B 353 -1.37 21.31 15.60
N THR B 354 -2.61 21.19 16.06
CA THR B 354 -2.91 20.53 17.33
C THR B 354 -4.27 19.84 17.19
N SER B 355 -4.83 19.43 18.31
CA SER B 355 -6.11 18.73 18.31
C SER B 355 -7.17 19.59 17.64
N ASN B 356 -7.96 18.97 16.77
CA ASN B 356 -8.97 19.71 16.03
C ASN B 356 -10.13 20.10 16.94
N PHE B 357 -10.67 21.29 16.70
CA PHE B 357 -11.81 21.76 17.48
C PHE B 357 -13.09 21.13 16.97
N ARG B 358 -14.02 20.91 17.90
CA ARG B 358 -15.33 20.36 17.58
C ARG B 358 -16.37 20.98 18.49
N VAL B 359 -17.60 21.04 18.00
CA VAL B 359 -18.73 21.58 18.76
C VAL B 359 -19.44 20.41 19.42
N GLN B 360 -19.37 20.34 20.74
CA GLN B 360 -19.97 19.22 21.45
C GLN B 360 -21.49 19.35 21.48
N PRO B 361 -22.21 18.22 21.43
CA PRO B 361 -23.67 18.29 21.48
C PRO B 361 -24.15 18.89 22.80
N THR B 362 -25.21 19.71 22.72
CA THR B 362 -25.78 20.27 23.92
C THR B 362 -26.59 19.24 24.68
N GLU B 363 -27.37 18.42 23.97
CA GLU B 363 -28.18 17.37 24.57
C GLU B 363 -28.67 16.46 23.44
N SER B 364 -29.51 15.50 23.78
CA SER B 364 -30.07 14.56 22.81
C SER B 364 -31.54 14.91 22.61
N ILE B 365 -31.83 15.56 21.49
CA ILE B 365 -33.20 15.98 21.15
C ILE B 365 -33.81 14.87 20.31
N VAL B 366 -34.68 14.07 20.93
CA VAL B 366 -35.37 12.99 20.24
C VAL B 366 -36.83 13.37 20.07
N ARG B 367 -37.41 12.93 18.96
CA ARG B 367 -38.78 13.30 18.64
C ARG B 367 -39.73 12.71 19.68
N PHE B 368 -41.02 13.03 19.53
CA PHE B 368 -42.05 12.48 20.38
C PHE B 368 -42.79 11.36 19.66
N PRO B 369 -42.34 10.12 19.77
CA PRO B 369 -43.04 9.02 19.07
C PRO B 369 -44.45 8.85 19.62
N ASN B 370 -45.43 8.76 18.71
CA ASN B 370 -46.83 8.62 19.09
C ASN B 370 -47.37 7.30 18.54
N ILE B 371 -47.16 6.24 19.30
CA ILE B 371 -47.82 4.95 19.09
C ILE B 371 -47.95 4.28 20.44
N THR B 372 -49.17 3.90 20.82
CA THR B 372 -49.41 3.25 22.09
C THR B 372 -49.98 1.85 21.96
N ASN B 373 -50.38 1.44 20.76
CA ASN B 373 -50.89 0.08 20.58
C ASN B 373 -49.84 -0.92 21.02
N LEU B 374 -50.27 -1.91 21.81
CA LEU B 374 -49.37 -2.91 22.35
C LEU B 374 -49.14 -4.03 21.34
N CYS B 375 -47.90 -4.45 21.22
CA CYS B 375 -47.56 -5.51 20.28
C CYS B 375 -48.01 -6.85 20.83
N PRO B 376 -48.75 -7.66 20.05
CA PRO B 376 -49.33 -8.89 20.60
C PRO B 376 -48.30 -9.99 20.80
N PHE B 377 -47.55 -9.92 21.90
CA PHE B 377 -46.56 -10.93 22.23
C PHE B 377 -47.17 -12.08 23.02
N GLY B 378 -47.98 -11.76 24.03
CA GLY B 378 -48.54 -12.81 24.87
C GLY B 378 -49.34 -13.82 24.07
N GLU B 379 -50.21 -13.33 23.18
CA GLU B 379 -51.06 -14.24 22.41
C GLU B 379 -50.22 -15.17 21.55
N VAL B 380 -49.23 -14.62 20.85
CA VAL B 380 -48.37 -15.46 20.01
C VAL B 380 -47.54 -16.40 20.88
N PHE B 381 -47.09 -15.91 22.04
CA PHE B 381 -46.28 -16.72 22.94
C PHE B 381 -47.10 -17.61 23.85
N ASN B 382 -48.43 -17.50 23.82
CA ASN B 382 -49.29 -18.36 24.63
C ASN B 382 -50.35 -19.06 23.79
N ALA B 383 -50.15 -19.14 22.47
CA ALA B 383 -51.07 -19.89 21.63
C ALA B 383 -51.00 -21.37 21.99
N THR B 384 -52.12 -21.91 22.46
CA THR B 384 -52.13 -23.29 22.96
C THR B 384 -51.80 -24.29 21.85
N ARG B 385 -52.09 -23.94 20.60
CA ARG B 385 -51.85 -24.83 19.46
C ARG B 385 -50.64 -24.33 18.69
N PHE B 386 -49.65 -25.19 18.51
CA PHE B 386 -48.43 -24.89 17.76
C PHE B 386 -48.33 -25.83 16.57
N ALA B 387 -48.03 -25.26 15.40
CA ALA B 387 -47.90 -26.07 14.21
C ALA B 387 -46.59 -26.86 14.24
N SER B 388 -46.46 -27.80 13.30
CA SER B 388 -45.26 -28.60 13.20
C SER B 388 -44.10 -27.76 12.65
N VAL B 389 -42.89 -28.30 12.80
CA VAL B 389 -41.70 -27.57 12.36
C VAL B 389 -41.73 -27.37 10.85
N TYR B 390 -42.07 -28.42 10.10
CA TYR B 390 -42.20 -28.25 8.66
C TYR B 390 -43.38 -27.34 8.33
N ALA B 391 -44.46 -27.44 9.10
CA ALA B 391 -45.60 -26.54 8.99
C ALA B 391 -45.46 -25.33 9.88
N TRP B 392 -44.23 -24.96 10.23
CA TRP B 392 -43.96 -23.80 11.06
C TRP B 392 -44.87 -22.63 10.72
N ASN B 393 -45.52 -22.10 11.74
CA ASN B 393 -46.44 -20.99 11.56
C ASN B 393 -45.69 -19.70 11.21
N ARG B 394 -46.32 -18.86 10.41
CA ARG B 394 -45.82 -17.53 10.10
C ARG B 394 -46.76 -16.50 10.69
N LYS B 395 -46.21 -15.55 11.44
CA LYS B 395 -46.99 -14.50 12.06
C LYS B 395 -46.35 -13.15 11.77
N ARG B 396 -47.20 -12.13 11.67
CA ARG B 396 -46.76 -10.76 11.38
C ARG B 396 -47.20 -9.84 12.50
N ILE B 397 -46.33 -8.92 12.88
CA ILE B 397 -46.63 -7.92 13.90
C ILE B 397 -46.10 -6.58 13.42
N SER B 398 -46.89 -5.52 13.62
CA SER B 398 -46.50 -4.18 13.22
C SER B 398 -47.48 -3.19 13.85
N ASN B 399 -47.14 -1.91 13.74
CA ASN B 399 -48.00 -0.82 14.20
C ASN B 399 -48.32 -0.99 15.69
N CYS B 400 -47.27 -0.97 16.49
CA CYS B 400 -47.40 -1.16 17.93
C CYS B 400 -46.06 -0.88 18.58
N VAL B 401 -46.06 -0.87 19.91
CA VAL B 401 -44.85 -0.69 20.71
C VAL B 401 -44.47 -2.02 21.32
N ALA B 402 -43.17 -2.31 21.33
CA ALA B 402 -42.64 -3.61 21.71
C ALA B 402 -41.82 -3.50 22.99
N ASP B 403 -42.18 -4.30 23.99
CA ASP B 403 -41.47 -4.33 25.27
C ASP B 403 -40.77 -5.68 25.41
N TYR B 404 -39.55 -5.76 24.86
CA TYR B 404 -38.71 -6.95 25.01
C TYR B 404 -38.03 -7.04 26.38
N SER B 405 -38.07 -5.98 27.19
CA SER B 405 -37.41 -6.04 28.49
C SER B 405 -38.00 -7.15 29.36
N VAL B 406 -39.33 -7.20 29.45
CA VAL B 406 -39.97 -8.25 30.22
C VAL B 406 -39.66 -9.61 29.64
N LEU B 407 -39.67 -9.72 28.31
CA LEU B 407 -39.33 -10.99 27.68
C LEU B 407 -37.90 -11.40 28.01
N TYR B 408 -36.97 -10.45 27.98
CA TYR B 408 -35.61 -10.74 28.40
C TYR B 408 -35.56 -11.14 29.87
N ASN B 409 -36.28 -10.40 30.73
CA ASN B 409 -36.31 -10.73 32.15
C ASN B 409 -36.97 -12.08 32.39
N SER B 410 -37.74 -12.58 31.44
CA SER B 410 -38.39 -13.89 31.56
C SER B 410 -37.33 -14.96 31.32
N ALA B 411 -36.52 -15.21 32.36
CA ALA B 411 -35.47 -16.21 32.28
C ALA B 411 -36.03 -17.63 32.20
N SER B 412 -37.33 -17.81 32.42
CA SER B 412 -37.92 -19.14 32.34
C SER B 412 -37.64 -19.80 31.00
N PHE B 413 -37.50 -19.02 29.94
CA PHE B 413 -37.21 -19.57 28.63
C PHE B 413 -35.80 -20.14 28.60
N SER B 414 -35.68 -21.39 28.15
CA SER B 414 -34.37 -22.04 28.15
C SER B 414 -33.43 -21.38 27.15
N THR B 415 -33.89 -21.20 25.91
CA THR B 415 -33.06 -20.68 24.82
C THR B 415 -33.56 -19.29 24.45
N PHE B 416 -32.81 -18.27 24.87
CA PHE B 416 -33.11 -16.87 24.59
C PHE B 416 -31.85 -16.26 23.99
N LYS B 417 -31.69 -16.41 22.68
CA LYS B 417 -30.48 -16.01 21.99
C LYS B 417 -30.82 -15.07 20.85
N CYS B 418 -30.01 -14.03 20.69
CA CYS B 418 -30.14 -13.06 19.61
C CYS B 418 -28.83 -12.99 18.83
N TYR B 419 -28.94 -12.80 17.52
CA TYR B 419 -27.79 -12.84 16.63
C TYR B 419 -27.51 -11.49 16.00
N GLY B 420 -28.49 -10.89 15.32
CA GLY B 420 -28.27 -9.58 14.73
C GLY B 420 -28.33 -8.42 15.69
N VAL B 421 -28.76 -8.67 16.93
CA VAL B 421 -28.92 -7.61 17.93
C VAL B 421 -28.62 -8.19 19.30
N SER B 422 -28.28 -7.31 20.23
CA SER B 422 -28.10 -7.70 21.63
C SER B 422 -29.40 -7.52 22.39
N PRO B 423 -29.82 -8.49 23.21
CA PRO B 423 -31.09 -8.32 23.93
C PRO B 423 -31.11 -7.09 24.82
N THR B 424 -29.95 -6.65 25.32
CA THR B 424 -29.91 -5.45 26.14
C THR B 424 -30.34 -4.23 25.33
N LYS B 425 -29.87 -4.11 24.09
CA LYS B 425 -30.23 -3.00 23.22
C LYS B 425 -31.56 -3.20 22.52
N LEU B 426 -32.19 -4.36 22.70
CA LEU B 426 -33.43 -4.66 21.97
C LEU B 426 -34.49 -3.60 22.22
N ASN B 427 -34.60 -3.13 23.46
CA ASN B 427 -35.67 -2.23 23.85
C ASN B 427 -35.45 -0.79 23.42
N ASP B 428 -34.53 -0.53 22.48
CA ASP B 428 -34.25 0.82 22.05
C ASP B 428 -34.04 0.90 20.54
N LEU B 429 -34.73 0.07 19.77
CA LEU B 429 -34.61 0.07 18.32
C LEU B 429 -36.00 0.05 17.69
N CYS B 430 -36.12 0.71 16.54
CA CYS B 430 -37.36 0.78 15.78
C CYS B 430 -37.19 0.10 14.44
N PHE B 431 -38.22 -0.64 14.02
CA PHE B 431 -38.12 -1.56 12.90
C PHE B 431 -39.26 -1.33 11.92
N THR B 432 -39.02 -1.66 10.65
CA THR B 432 -40.08 -1.56 9.66
C THR B 432 -41.23 -2.51 9.97
N ASN B 433 -40.90 -3.74 10.40
CA ASN B 433 -41.89 -4.73 10.81
C ASN B 433 -41.11 -5.94 11.31
N VAL B 434 -41.84 -6.90 11.88
CA VAL B 434 -41.24 -8.09 12.45
C VAL B 434 -42.05 -9.30 12.01
N TYR B 435 -41.41 -10.47 12.07
CA TYR B 435 -42.03 -11.74 11.77
C TYR B 435 -41.81 -12.70 12.93
N ALA B 436 -42.86 -13.43 13.29
CA ALA B 436 -42.81 -14.39 14.38
C ALA B 436 -43.28 -15.75 13.88
N ASP B 437 -42.59 -16.80 14.32
CA ASP B 437 -42.91 -18.16 13.94
C ASP B 437 -43.04 -19.01 15.18
N SER B 438 -43.89 -20.04 15.10
CA SER B 438 -44.15 -20.93 16.22
C SER B 438 -44.12 -22.36 15.75
N PHE B 439 -43.59 -23.25 16.60
CA PHE B 439 -43.55 -24.68 16.33
C PHE B 439 -42.95 -25.36 17.54
N VAL B 440 -42.98 -26.69 17.53
CA VAL B 440 -42.48 -27.52 18.62
C VAL B 440 -41.45 -28.48 18.06
N ILE B 441 -40.31 -28.61 18.75
CA ILE B 441 -39.23 -29.47 18.32
C ILE B 441 -38.59 -30.10 19.54
N ARG B 442 -37.97 -31.26 19.34
CA ARG B 442 -37.21 -31.90 20.40
C ARG B 442 -36.10 -30.96 20.87
N GLY B 443 -35.88 -30.94 22.19
CA GLY B 443 -34.88 -30.04 22.73
C GLY B 443 -33.50 -30.25 22.15
N ASP B 444 -33.19 -31.47 21.74
CA ASP B 444 -31.85 -31.75 21.20
C ASP B 444 -31.59 -30.96 19.92
N GLU B 445 -32.58 -30.91 19.02
CA GLU B 445 -32.43 -30.16 17.78
C GLU B 445 -32.65 -28.66 17.95
N VAL B 446 -32.68 -28.17 19.20
CA VAL B 446 -32.81 -26.73 19.41
C VAL B 446 -31.61 -26.01 18.80
N ARG B 447 -30.41 -26.53 19.02
CA ARG B 447 -29.21 -25.92 18.47
C ARG B 447 -29.19 -25.96 16.95
N GLN B 448 -29.97 -26.84 16.33
CA GLN B 448 -29.94 -26.96 14.87
C GLN B 448 -30.40 -25.67 14.21
N ILE B 449 -31.41 -25.02 14.77
CA ILE B 449 -31.99 -23.83 14.16
C ILE B 449 -31.01 -22.67 14.07
N ALA B 450 -29.85 -22.77 14.69
CA ALA B 450 -28.91 -21.67 14.69
C ALA B 450 -28.56 -21.28 13.26
N PRO B 451 -28.51 -19.99 12.94
CA PRO B 451 -28.20 -19.58 11.56
C PRO B 451 -26.82 -20.06 11.14
N GLY B 452 -26.72 -20.48 9.89
CA GLY B 452 -25.46 -20.97 9.36
C GLY B 452 -25.01 -22.30 9.89
N GLN B 453 -25.82 -22.96 10.74
CA GLN B 453 -25.51 -24.26 11.28
C GLN B 453 -26.39 -25.32 10.63
N THR B 454 -25.79 -26.45 10.28
CA THR B 454 -26.51 -27.53 9.62
C THR B 454 -27.37 -28.26 10.65
N GLY B 455 -28.00 -29.35 10.23
CA GLY B 455 -28.89 -30.11 11.08
C GLY B 455 -30.10 -30.63 10.32
N LYS B 456 -30.53 -31.85 10.65
CA LYS B 456 -31.65 -32.47 9.93
C LYS B 456 -32.76 -31.48 9.66
N ILE B 457 -33.20 -30.77 10.70
CA ILE B 457 -34.21 -29.73 10.51
C ILE B 457 -33.69 -28.66 9.57
N ALA B 458 -32.45 -28.23 9.79
CA ALA B 458 -31.84 -27.23 8.91
C ALA B 458 -31.66 -27.79 7.51
N ASP B 459 -31.31 -29.07 7.39
CA ASP B 459 -30.94 -29.62 6.09
C ASP B 459 -32.08 -29.52 5.09
N TYR B 460 -33.27 -29.99 5.46
CA TYR B 460 -34.39 -30.00 4.53
C TYR B 460 -35.74 -29.62 5.13
N ASN B 461 -35.83 -29.38 6.44
CA ASN B 461 -37.11 -29.03 7.04
C ASN B 461 -37.34 -27.52 6.99
N TYR B 462 -36.46 -26.76 7.61
CA TYR B 462 -36.56 -25.31 7.61
C TYR B 462 -35.24 -24.69 8.07
N LYS B 463 -34.77 -23.69 7.34
CA LYS B 463 -33.44 -23.13 7.57
C LYS B 463 -33.51 -21.62 7.61
N LEU B 464 -32.84 -21.02 8.60
CA LEU B 464 -32.69 -19.58 8.65
C LEU B 464 -31.60 -19.14 7.66
N PRO B 465 -31.69 -17.91 7.14
CA PRO B 465 -30.58 -17.40 6.33
C PRO B 465 -29.33 -17.26 7.18
N ASP B 466 -28.17 -17.39 6.53
CA ASP B 466 -26.91 -17.31 7.26
C ASP B 466 -26.78 -15.99 8.01
N ASP B 467 -27.39 -14.93 7.49
CA ASP B 467 -27.28 -13.59 8.06
C ASP B 467 -28.57 -13.18 8.76
N PHE B 468 -29.24 -14.14 9.40
CA PHE B 468 -30.47 -13.82 10.10
C PHE B 468 -30.24 -12.81 11.21
N THR B 469 -31.13 -11.84 11.32
CA THR B 469 -31.10 -10.84 12.37
C THR B 469 -32.35 -11.01 13.22
N GLY B 470 -32.17 -11.18 14.51
CA GLY B 470 -33.28 -11.35 15.42
C GLY B 470 -32.88 -12.23 16.59
N CYS B 471 -33.89 -12.89 17.17
CA CYS B 471 -33.69 -13.70 18.36
C CYS B 471 -34.39 -15.04 18.21
N VAL B 472 -33.83 -16.04 18.89
CA VAL B 472 -34.40 -17.38 18.95
C VAL B 472 -34.89 -17.58 20.38
N ILE B 473 -36.20 -17.78 20.53
CA ILE B 473 -36.84 -17.92 21.82
C ILE B 473 -37.45 -19.30 21.91
N ALA B 474 -37.12 -20.04 22.96
CA ALA B 474 -37.67 -21.37 23.14
C ALA B 474 -37.64 -21.73 24.63
N TRP B 475 -38.43 -22.74 24.97
CA TRP B 475 -38.49 -23.21 26.35
C TRP B 475 -38.98 -24.65 26.33
N ASN B 476 -38.78 -25.33 27.45
CA ASN B 476 -39.28 -26.69 27.57
C ASN B 476 -40.80 -26.69 27.59
N SER B 477 -41.39 -27.51 26.74
CA SER B 477 -42.84 -27.67 26.67
C SER B 477 -43.24 -29.09 27.02
N ASN B 478 -42.42 -29.77 27.83
CA ASN B 478 -42.69 -31.15 28.16
C ASN B 478 -44.06 -31.31 28.82
N ASN B 479 -44.35 -30.47 29.81
CA ASN B 479 -45.64 -30.57 30.49
C ASN B 479 -46.80 -30.32 29.53
N LEU B 480 -46.68 -29.29 28.70
CA LEU B 480 -47.79 -28.91 27.83
C LEU B 480 -47.91 -29.83 26.61
N ASP B 481 -46.79 -30.33 26.08
CA ASP B 481 -46.79 -31.00 24.78
C ASP B 481 -46.19 -32.40 24.85
N SER B 482 -46.35 -33.08 25.99
CA SER B 482 -45.92 -34.47 26.13
C SER B 482 -47.09 -35.26 26.71
N LYS B 483 -47.82 -35.96 25.84
CA LYS B 483 -48.91 -36.81 26.27
C LYS B 483 -48.38 -38.19 26.63
N VAL B 484 -48.97 -38.79 27.66
CA VAL B 484 -48.53 -40.12 28.09
C VAL B 484 -48.66 -41.10 26.93
N GLY B 485 -49.69 -40.94 26.11
CA GLY B 485 -49.85 -41.75 24.93
C GLY B 485 -49.00 -41.33 23.75
N GLY B 486 -48.25 -40.24 23.87
CA GLY B 486 -47.41 -39.77 22.80
C GLY B 486 -48.04 -38.65 22.00
N ASN B 487 -47.54 -37.43 22.17
CA ASN B 487 -48.07 -36.30 21.42
C ASN B 487 -47.59 -36.38 19.98
N TYR B 488 -48.12 -37.35 19.23
CA TYR B 488 -47.74 -37.53 17.84
C TYR B 488 -48.33 -36.48 16.92
N ASN B 489 -49.09 -35.52 17.44
CA ASN B 489 -49.64 -34.45 16.63
C ASN B 489 -48.57 -33.55 16.04
N TYR B 490 -47.34 -33.64 16.53
CA TYR B 490 -46.22 -32.88 16.00
C TYR B 490 -45.46 -33.73 15.01
N LEU B 491 -45.36 -33.26 13.77
CA LEU B 491 -44.85 -34.04 12.65
C LEU B 491 -43.58 -33.40 12.11
N TYR B 492 -42.76 -34.22 11.45
CA TYR B 492 -41.55 -33.73 10.80
C TYR B 492 -41.29 -34.60 9.57
N ARG B 493 -40.64 -34.01 8.57
CA ARG B 493 -40.43 -34.69 7.30
C ARG B 493 -39.19 -35.57 7.35
N LEU B 494 -39.31 -36.77 6.78
CA LEU B 494 -38.18 -37.70 6.74
C LEU B 494 -37.04 -37.13 5.92
N PHE B 495 -37.33 -36.70 4.69
CA PHE B 495 -36.32 -36.12 3.82
C PHE B 495 -37.03 -35.37 2.70
N ARG B 496 -36.31 -34.41 2.13
CA ARG B 496 -36.80 -33.63 1.00
C ARG B 496 -35.84 -33.76 -0.17
N LYS B 497 -36.40 -33.96 -1.37
CA LYS B 497 -35.56 -34.10 -2.55
C LYS B 497 -34.68 -32.87 -2.75
N SER B 498 -35.28 -31.69 -2.75
CA SER B 498 -34.52 -30.46 -2.88
C SER B 498 -33.89 -30.09 -1.53
N ASN B 499 -32.87 -29.24 -1.61
CA ASN B 499 -32.17 -28.82 -0.40
C ASN B 499 -33.04 -27.85 0.39
N LEU B 500 -32.47 -27.31 1.47
CA LEU B 500 -33.17 -26.32 2.28
C LEU B 500 -33.43 -25.05 1.47
N LYS B 501 -34.14 -24.10 2.06
CA LYS B 501 -34.37 -22.81 1.43
C LYS B 501 -34.88 -21.83 2.47
N PRO B 502 -34.28 -20.64 2.59
CA PRO B 502 -34.69 -19.73 3.67
C PRO B 502 -36.15 -19.34 3.57
N PHE B 503 -36.81 -19.30 4.72
CA PHE B 503 -38.16 -18.75 4.86
C PHE B 503 -39.10 -19.26 3.76
N GLU B 504 -39.33 -20.57 3.77
CA GLU B 504 -40.34 -21.16 2.90
C GLU B 504 -40.88 -22.42 3.56
N ARG B 505 -42.09 -22.80 3.13
CA ARG B 505 -42.78 -23.97 3.66
C ARG B 505 -43.10 -24.92 2.52
N ASP B 506 -42.87 -26.21 2.75
CA ASP B 506 -43.15 -27.25 1.78
C ASP B 506 -44.06 -28.30 2.41
N ILE B 507 -45.13 -28.66 1.71
CA ILE B 507 -46.12 -29.59 2.23
C ILE B 507 -46.21 -30.80 1.32
N SER B 508 -45.09 -31.16 0.69
CA SER B 508 -45.08 -32.33 -0.19
C SER B 508 -45.49 -33.57 0.59
N THR B 509 -46.40 -34.36 -0.01
CA THR B 509 -46.92 -35.56 0.61
C THR B 509 -46.48 -36.84 -0.11
N GLU B 510 -45.48 -36.74 -0.97
CA GLU B 510 -45.00 -37.87 -1.75
C GLU B 510 -43.55 -38.19 -1.38
N ILE B 511 -43.20 -39.47 -1.48
CA ILE B 511 -41.86 -39.93 -1.18
C ILE B 511 -41.10 -40.14 -2.48
N TYR B 512 -39.78 -40.05 -2.39
CA TYR B 512 -38.92 -40.27 -3.55
C TYR B 512 -38.79 -41.76 -3.85
N GLN B 513 -38.22 -42.08 -5.00
CA GLN B 513 -37.91 -43.46 -5.37
C GLN B 513 -36.74 -43.90 -4.50
N ALA B 514 -37.08 -44.34 -3.28
CA ALA B 514 -36.11 -44.74 -2.28
C ALA B 514 -35.59 -46.14 -2.56
N GLY B 515 -34.95 -46.76 -1.58
CA GLY B 515 -34.45 -48.12 -1.72
C GLY B 515 -35.58 -49.11 -1.91
N SER B 516 -35.32 -50.38 -1.59
CA SER B 516 -36.31 -51.44 -1.77
C SER B 516 -37.71 -50.96 -1.43
N THR B 517 -38.65 -51.22 -2.32
CA THR B 517 -39.98 -50.63 -2.24
C THR B 517 -39.87 -49.11 -2.35
N PRO B 518 -39.26 -48.58 -3.42
CA PRO B 518 -39.06 -47.14 -3.51
C PRO B 518 -40.36 -46.37 -3.40
N CYS B 519 -41.26 -46.59 -4.36
CA CYS B 519 -42.60 -46.02 -4.33
C CYS B 519 -43.43 -46.64 -5.45
N ASN B 520 -44.63 -47.11 -5.12
CA ASN B 520 -45.49 -47.69 -6.15
C ASN B 520 -45.92 -46.61 -7.12
N GLY B 521 -45.73 -46.87 -8.41
CA GLY B 521 -46.04 -45.89 -9.43
C GLY B 521 -45.44 -44.54 -9.09
N VAL B 522 -46.29 -43.57 -8.78
CA VAL B 522 -45.87 -42.29 -8.26
C VAL B 522 -46.03 -42.23 -6.75
N GLU B 523 -47.15 -42.72 -6.23
CA GLU B 523 -47.41 -42.74 -4.80
C GLU B 523 -48.44 -43.84 -4.52
N GLY B 524 -48.79 -43.99 -3.25
CA GLY B 524 -49.73 -45.01 -2.83
C GLY B 524 -49.14 -45.93 -1.78
N PHE B 525 -49.20 -47.24 -2.03
CA PHE B 525 -48.62 -48.19 -1.09
C PHE B 525 -47.10 -48.23 -1.25
N ASN B 526 -46.46 -48.93 -0.32
CA ASN B 526 -45.01 -49.15 -0.31
C ASN B 526 -44.23 -47.85 -0.52
N CYS B 527 -44.84 -46.71 -0.20
CA CYS B 527 -44.19 -45.41 -0.30
C CYS B 527 -44.03 -44.87 1.11
N TYR B 528 -42.80 -44.90 1.63
CA TYR B 528 -42.56 -44.44 2.98
C TYR B 528 -43.06 -43.01 3.13
N PHE B 529 -43.88 -42.78 4.14
CA PHE B 529 -44.45 -41.46 4.33
C PHE B 529 -43.31 -40.46 4.54
N PRO B 530 -43.23 -39.38 3.74
CA PRO B 530 -42.11 -38.44 3.92
C PRO B 530 -42.23 -37.62 5.19
N LEU B 531 -43.23 -37.91 6.02
CA LEU B 531 -43.47 -37.19 7.26
C LEU B 531 -43.55 -38.18 8.41
N GLN B 532 -42.98 -37.79 9.56
CA GLN B 532 -42.95 -38.64 10.74
C GLN B 532 -43.37 -37.83 11.96
N SER B 533 -44.02 -38.51 12.90
CA SER B 533 -44.52 -37.88 14.10
C SER B 533 -43.48 -37.92 15.22
N TYR B 534 -43.85 -37.39 16.38
CA TYR B 534 -42.98 -37.34 17.54
C TYR B 534 -43.64 -38.06 18.70
N GLY B 535 -42.99 -39.10 19.20
CA GLY B 535 -43.48 -39.80 20.37
C GLY B 535 -43.20 -39.02 21.63
N PHE B 536 -43.89 -37.89 21.79
CA PHE B 536 -43.65 -36.99 22.92
C PHE B 536 -44.43 -37.50 24.12
N GLN B 537 -43.72 -38.07 25.09
CA GLN B 537 -44.28 -38.49 26.36
C GLN B 537 -43.48 -37.90 27.50
N PRO B 538 -44.11 -37.69 28.66
CA PRO B 538 -43.36 -37.12 29.79
C PRO B 538 -42.16 -37.98 30.19
N THR B 539 -42.24 -39.29 29.99
CA THR B 539 -41.12 -40.17 30.29
C THR B 539 -39.89 -39.85 29.44
N ASN B 540 -40.08 -39.19 28.30
CA ASN B 540 -38.95 -38.91 27.42
C ASN B 540 -37.90 -38.07 28.14
N GLY B 541 -36.63 -38.36 27.87
CA GLY B 541 -35.55 -37.67 28.54
C GLY B 541 -35.32 -36.28 27.99
N VAL B 542 -34.45 -35.54 28.70
CA VAL B 542 -34.16 -34.17 28.31
C VAL B 542 -33.64 -34.14 26.87
N GLY B 543 -33.81 -32.99 26.22
CA GLY B 543 -33.48 -32.87 24.82
C GLY B 543 -34.54 -33.51 23.95
N TYR B 544 -34.75 -34.81 24.14
CA TYR B 544 -35.83 -35.49 23.46
C TYR B 544 -37.21 -35.06 23.96
N GLN B 545 -37.27 -34.37 25.09
CA GLN B 545 -38.53 -33.79 25.53
C GLN B 545 -38.94 -32.68 24.56
N PRO B 546 -40.24 -32.53 24.27
CA PRO B 546 -40.66 -31.49 23.34
C PRO B 546 -40.36 -30.10 23.89
N TYR B 547 -40.04 -29.18 22.98
CA TYR B 547 -39.75 -27.81 23.33
C TYR B 547 -40.50 -26.87 22.39
N ARG B 548 -41.09 -25.83 22.96
CA ARG B 548 -41.79 -24.82 22.18
C ARG B 548 -40.81 -23.72 21.78
N VAL B 549 -40.73 -23.46 20.48
CA VAL B 549 -39.74 -22.56 19.91
C VAL B 549 -40.44 -21.42 19.20
N VAL B 550 -40.01 -20.20 19.51
CA VAL B 550 -40.47 -18.99 18.83
C VAL B 550 -39.26 -18.20 18.37
N VAL B 551 -39.26 -17.80 17.11
CA VAL B 551 -38.14 -17.08 16.51
C VAL B 551 -38.65 -15.75 15.98
N LEU B 552 -37.93 -14.67 16.28
CA LEU B 552 -38.28 -13.33 15.84
C LEU B 552 -37.29 -12.89 14.78
N SER B 553 -37.82 -12.44 13.64
CA SER B 553 -37.01 -11.93 12.54
C SER B 553 -37.61 -10.61 12.06
N PHE B 554 -36.75 -9.76 11.52
CA PHE B 554 -37.17 -8.42 11.11
C PHE B 554 -36.09 -7.83 10.21
N GLU B 555 -36.35 -6.61 9.74
CA GLU B 555 -35.43 -5.88 8.88
C GLU B 555 -35.39 -4.43 9.31
N LEU B 556 -34.29 -3.76 8.99
CA LEU B 556 -34.03 -2.41 9.47
C LEU B 556 -33.78 -1.45 8.31
N LEU B 557 -34.28 -0.23 8.45
CA LEU B 557 -34.03 0.85 7.49
C LEU B 557 -34.47 0.46 6.08
N HIS B 558 -35.66 -0.14 5.98
CA HIS B 558 -36.26 -0.47 4.70
C HIS B 558 -37.55 0.29 4.44
N ALA B 559 -38.04 1.05 5.41
CA ALA B 559 -39.25 1.85 5.29
C ALA B 559 -39.43 2.66 6.57
N PRO B 560 -40.30 3.66 6.59
CA PRO B 560 -40.60 4.33 7.86
C PRO B 560 -40.99 3.33 8.94
N ALA B 561 -40.16 3.20 9.96
CA ALA B 561 -40.36 2.17 10.97
C ALA B 561 -41.72 2.33 11.64
N THR B 562 -42.38 1.20 11.88
CA THR B 562 -43.69 1.18 12.51
C THR B 562 -43.67 0.54 13.90
N VAL B 563 -42.59 -0.12 14.29
CA VAL B 563 -42.47 -0.77 15.59
C VAL B 563 -41.31 -0.12 16.32
N CYS B 564 -41.58 0.40 17.51
CA CYS B 564 -40.57 1.00 18.36
C CYS B 564 -40.61 0.34 19.73
N GLY B 565 -39.44 0.08 20.30
CA GLY B 565 -39.34 -0.67 21.53
C GLY B 565 -39.83 0.10 22.75
N PRO B 566 -39.09 1.13 23.14
CA PRO B 566 -39.38 1.81 24.40
C PRO B 566 -40.41 2.92 24.25
N LYS B 567 -40.84 3.44 25.39
CA LYS B 567 -41.70 4.61 25.38
C LYS B 567 -40.99 5.79 24.74
N LYS B 568 -39.79 6.10 25.21
CA LYS B 568 -38.92 7.07 24.56
C LYS B 568 -39.62 8.40 24.35
N SER B 569 -40.38 8.83 25.36
CA SER B 569 -41.05 10.12 25.28
C SER B 569 -40.02 11.24 25.30
N THR B 570 -39.99 12.04 24.24
CA THR B 570 -39.03 13.13 24.13
C THR B 570 -39.62 14.26 23.30
N ASN B 571 -39.10 15.45 23.51
CA ASN B 571 -39.58 16.65 22.84
C ASN B 571 -38.56 17.10 21.80
N LEU B 572 -38.99 18.02 20.94
CA LEU B 572 -38.22 18.46 19.79
C LEU B 572 -37.53 19.79 20.07
N VAL B 573 -36.28 19.91 19.61
CA VAL B 573 -35.51 21.14 19.70
C VAL B 573 -34.83 21.35 18.34
N LYS B 574 -34.50 22.61 18.06
CA LYS B 574 -33.96 22.97 16.76
C LYS B 574 -32.82 23.98 16.92
N ASN B 575 -31.98 24.05 15.89
CA ASN B 575 -30.95 25.08 15.77
C ASN B 575 -29.90 24.96 16.88
N LYS B 576 -29.54 23.73 17.23
CA LYS B 576 -28.50 23.51 18.22
C LYS B 576 -27.82 22.17 17.95
N CYS B 577 -26.57 22.06 18.37
CA CYS B 577 -25.82 20.82 18.25
C CYS B 577 -26.40 19.81 19.22
N VAL B 578 -27.18 18.86 18.69
CA VAL B 578 -27.92 17.92 19.52
C VAL B 578 -27.72 16.50 19.01
N ASN B 579 -27.98 15.54 19.88
CA ASN B 579 -27.89 14.11 19.56
C ASN B 579 -29.29 13.61 19.25
N PHE B 580 -29.63 13.56 17.96
CA PHE B 580 -30.99 13.28 17.52
C PHE B 580 -31.16 11.82 17.13
N ASN B 581 -32.38 11.33 17.27
CA ASN B 581 -32.77 10.02 16.79
C ASN B 581 -34.08 10.15 16.02
N PHE B 582 -34.23 9.33 14.98
CA PHE B 582 -35.44 9.36 14.15
C PHE B 582 -35.70 7.95 13.65
N ASN B 583 -36.54 7.22 14.37
CA ASN B 583 -36.91 5.86 14.00
C ASN B 583 -35.67 5.01 13.76
N GLY B 584 -34.68 5.15 14.64
CA GLY B 584 -33.42 4.46 14.52
C GLY B 584 -32.34 5.22 13.79
N LEU B 585 -32.69 6.33 13.11
CA LEU B 585 -31.70 7.14 12.42
C LEU B 585 -31.07 8.09 13.43
N THR B 586 -30.17 7.54 14.23
CA THR B 586 -29.46 8.34 15.22
C THR B 586 -28.39 9.19 14.56
N GLY B 587 -27.77 10.05 15.34
CA GLY B 587 -26.72 10.91 14.86
C GLY B 587 -26.66 12.20 15.64
N THR B 588 -25.73 13.05 15.23
CA THR B 588 -25.52 14.35 15.86
C THR B 588 -25.37 15.41 14.79
N GLY B 589 -25.83 16.61 15.10
CA GLY B 589 -25.74 17.70 14.15
C GLY B 589 -26.61 18.87 14.59
N VAL B 590 -26.92 19.75 13.65
CA VAL B 590 -27.75 20.92 13.89
C VAL B 590 -29.00 20.77 13.04
N LEU B 591 -30.16 20.82 13.69
CA LEU B 591 -31.44 20.65 13.02
C LEU B 591 -32.01 22.02 12.69
N THR B 592 -32.41 22.20 11.43
CA THR B 592 -32.97 23.46 10.96
C THR B 592 -34.17 23.16 10.08
N GLU B 593 -35.06 24.14 9.97
CA GLU B 593 -36.21 24.00 9.11
C GLU B 593 -35.77 23.94 7.66
N SER B 594 -36.29 22.96 6.92
CA SER B 594 -35.84 22.66 5.57
C SER B 594 -36.77 23.27 4.54
N ASN B 595 -36.19 23.87 3.51
CA ASN B 595 -36.95 24.36 2.37
C ASN B 595 -37.07 23.33 1.26
N LYS B 596 -36.52 22.13 1.46
CA LYS B 596 -36.61 21.09 0.44
C LYS B 596 -38.05 20.63 0.30
N LYS B 597 -38.35 20.05 -0.85
CA LYS B 597 -39.70 19.60 -1.20
C LYS B 597 -39.73 18.08 -1.18
N PHE B 598 -40.05 17.51 -0.03
CA PHE B 598 -40.23 16.07 0.09
C PHE B 598 -41.62 15.68 -0.39
N LEU B 599 -41.68 14.63 -1.18
CA LEU B 599 -42.96 14.08 -1.57
C LEU B 599 -43.59 13.35 -0.37
N PRO B 600 -44.91 13.15 -0.41
CA PRO B 600 -45.57 12.55 0.77
C PRO B 600 -44.97 11.21 1.17
N PHE B 601 -44.59 10.39 0.20
CA PHE B 601 -44.04 9.07 0.51
C PHE B 601 -42.60 9.13 1.02
N GLN B 602 -41.85 10.18 0.68
CA GLN B 602 -40.45 10.24 1.05
C GLN B 602 -40.28 10.52 2.54
N GLN B 603 -39.22 9.97 3.12
CA GLN B 603 -38.93 10.16 4.53
C GLN B 603 -37.50 10.60 4.77
N PHE B 604 -36.58 10.17 3.92
CA PHE B 604 -35.16 10.41 4.11
C PHE B 604 -34.57 11.13 2.91
N GLY B 605 -33.69 12.09 3.18
CA GLY B 605 -32.93 12.76 2.14
C GLY B 605 -31.45 12.51 2.33
N ARG B 606 -30.74 12.39 1.21
CA ARG B 606 -29.33 12.07 1.22
C ARG B 606 -28.56 13.04 0.32
N ASP B 607 -27.31 13.26 0.66
CA ASP B 607 -26.44 14.12 -0.12
C ASP B 607 -25.73 13.29 -1.20
N ILE B 608 -24.79 13.90 -1.91
CA ILE B 608 -24.05 13.17 -2.94
C ILE B 608 -23.29 12.01 -2.31
N ALA B 609 -22.77 12.21 -1.10
CA ALA B 609 -22.05 11.16 -0.39
C ALA B 609 -22.97 10.14 0.26
N ASP B 610 -24.26 10.14 -0.07
CA ASP B 610 -25.21 9.19 0.50
C ASP B 610 -25.24 9.29 2.02
N THR B 611 -25.17 10.52 2.52
CA THR B 611 -25.21 10.79 3.96
C THR B 611 -26.55 11.44 4.29
N THR B 612 -27.19 10.94 5.34
CA THR B 612 -28.48 11.49 5.75
C THR B 612 -28.34 12.98 6.05
N ASP B 613 -29.17 13.78 5.40
CA ASP B 613 -29.15 15.23 5.57
C ASP B 613 -30.51 15.86 5.76
N ALA B 614 -31.59 15.22 5.31
CA ALA B 614 -32.94 15.74 5.47
C ALA B 614 -33.84 14.62 5.97
N VAL B 615 -34.67 14.92 6.96
CA VAL B 615 -35.54 13.94 7.59
C VAL B 615 -36.84 14.61 7.96
N ARG B 616 -37.94 13.86 7.87
CA ARG B 616 -39.26 14.32 8.27
C ARG B 616 -39.56 13.78 9.66
N ASP B 617 -39.97 14.66 10.56
CA ASP B 617 -40.28 14.24 11.92
C ASP B 617 -41.45 13.28 11.89
N PRO B 618 -41.34 12.10 12.53
CA PRO B 618 -42.53 11.24 12.68
C PRO B 618 -43.48 11.72 13.76
N GLN B 619 -43.01 12.52 14.71
CA GLN B 619 -43.92 13.13 15.68
C GLN B 619 -44.94 14.01 14.99
N THR B 620 -44.49 14.81 14.02
CA THR B 620 -45.36 15.59 13.17
C THR B 620 -44.79 15.59 11.77
N LEU B 621 -45.64 15.44 10.76
CA LEU B 621 -45.16 15.25 9.40
C LEU B 621 -44.55 16.54 8.86
N GLU B 622 -43.45 16.96 9.46
CA GLU B 622 -42.73 18.16 9.06
C GLU B 622 -41.32 17.77 8.64
N ILE B 623 -40.86 18.37 7.55
CA ILE B 623 -39.57 18.04 6.96
C ILE B 623 -38.51 18.98 7.53
N LEU B 624 -37.39 18.40 7.97
CA LEU B 624 -36.33 19.16 8.62
C LEU B 624 -35.00 18.87 7.95
N ASP B 625 -34.07 19.81 8.11
CA ASP B 625 -32.73 19.71 7.54
C ASP B 625 -31.72 19.35 8.61
N ILE B 626 -30.66 18.67 8.20
CA ILE B 626 -29.59 18.23 9.08
C ILE B 626 -28.28 18.85 8.61
N THR B 627 -27.57 19.50 9.53
CA THR B 627 -26.25 20.06 9.25
C THR B 627 -25.33 19.62 10.38
N PRO B 628 -24.22 18.94 10.08
CA PRO B 628 -23.35 18.45 11.16
C PRO B 628 -22.77 19.60 11.96
N CYS B 629 -22.57 19.36 13.25
CA CYS B 629 -22.03 20.39 14.13
C CYS B 629 -20.70 20.88 13.60
N SER B 630 -20.49 22.20 13.66
CA SER B 630 -19.29 22.80 13.10
C SER B 630 -18.05 22.25 13.80
N PHE B 631 -16.99 22.06 13.03
CA PHE B 631 -15.73 21.56 13.54
C PHE B 631 -14.61 22.06 12.64
N GLY B 632 -13.40 22.03 13.18
CA GLY B 632 -12.24 22.44 12.41
C GLY B 632 -10.97 22.20 13.19
N GLY B 633 -9.85 22.29 12.49
CA GLY B 633 -8.57 22.13 13.12
C GLY B 633 -8.19 23.35 13.94
N VAL B 634 -7.20 23.16 14.81
CA VAL B 634 -6.69 24.21 15.68
C VAL B 634 -5.20 24.36 15.42
N SER B 635 -4.77 25.60 15.20
CA SER B 635 -3.37 25.92 15.03
C SER B 635 -2.97 27.01 16.00
N VAL B 636 -1.71 27.00 16.40
CA VAL B 636 -1.19 27.93 17.38
C VAL B 636 -0.14 28.81 16.71
N ILE B 637 -0.33 30.12 16.81
CA ILE B 637 0.64 31.09 16.32
C ILE B 637 1.45 31.57 17.50
N THR B 638 2.78 31.59 17.35
CA THR B 638 3.63 31.99 18.47
C THR B 638 4.97 32.45 17.94
N PRO B 639 5.56 33.50 18.52
CA PRO B 639 6.97 33.80 18.24
C PRO B 639 7.87 32.78 18.92
N GLY B 640 9.19 32.97 18.82
CA GLY B 640 10.10 32.02 19.45
C GLY B 640 9.84 31.95 20.95
N THR B 641 10.03 30.75 21.51
CA THR B 641 9.71 30.56 22.92
C THR B 641 10.46 31.53 23.83
N ASN B 642 11.79 31.66 23.65
CA ASN B 642 12.50 32.55 24.56
C ASN B 642 12.35 34.02 24.19
N THR B 643 11.68 34.34 23.07
CA THR B 643 11.28 35.72 22.84
C THR B 643 10.12 36.11 23.73
N SER B 644 9.17 35.21 23.94
CA SER B 644 8.03 35.48 24.81
C SER B 644 7.17 34.22 24.88
N ASN B 645 6.23 34.22 25.83
CA ASN B 645 5.25 33.16 25.95
C ASN B 645 3.90 33.54 25.36
N GLN B 646 3.77 34.74 24.80
CA GLN B 646 2.51 35.18 24.23
C GLN B 646 2.21 34.41 22.95
N VAL B 647 1.00 33.88 22.85
CA VAL B 647 0.59 33.09 21.69
C VAL B 647 -0.82 33.48 21.29
N ALA B 648 -1.15 33.19 20.03
CA ALA B 648 -2.48 33.42 19.49
C ALA B 648 -2.92 32.18 18.72
N VAL B 649 -4.13 31.71 18.99
CA VAL B 649 -4.63 30.48 18.39
C VAL B 649 -5.51 30.82 17.21
N LEU B 650 -5.76 29.82 16.38
CA LEU B 650 -6.57 29.99 15.17
C LEU B 650 -7.52 28.81 15.03
N TYR B 651 -8.66 29.08 14.39
CA TYR B 651 -9.66 28.05 14.08
C TYR B 651 -9.98 28.21 12.60
N GLN B 652 -9.19 27.57 11.75
CA GLN B 652 -9.35 27.75 10.32
C GLN B 652 -10.72 27.27 9.85
N GLY B 653 -11.33 28.03 8.96
CA GLY B 653 -12.61 27.63 8.40
C GLY B 653 -13.71 27.51 9.43
N VAL B 654 -13.71 28.40 10.43
CA VAL B 654 -14.75 28.42 11.46
C VAL B 654 -15.21 29.86 11.65
N ASN B 655 -16.43 30.00 12.16
CA ASN B 655 -16.98 31.31 12.44
C ASN B 655 -16.53 31.81 13.81
N CYS B 656 -16.36 33.12 13.92
CA CYS B 656 -16.15 33.74 15.22
C CYS B 656 -17.40 33.73 16.07
N THR B 657 -18.56 33.39 15.50
CA THR B 657 -19.76 33.18 16.30
C THR B 657 -19.72 31.84 17.01
N GLU B 658 -19.11 30.83 16.40
CA GLU B 658 -19.12 29.49 17.00
C GLU B 658 -18.17 29.40 18.18
N VAL B 659 -16.97 29.97 18.06
CA VAL B 659 -15.95 29.79 19.10
C VAL B 659 -16.42 30.28 20.45
N PRO B 660 -17.00 31.49 20.58
CA PRO B 660 -17.42 31.94 21.91
C PRO B 660 -18.45 31.04 22.57
N VAL B 661 -19.25 30.32 21.77
CA VAL B 661 -20.20 29.39 22.34
C VAL B 661 -19.48 28.32 23.16
N ALA B 662 -18.32 27.88 22.69
CA ALA B 662 -17.50 26.91 23.41
C ALA B 662 -16.77 27.52 24.59
N ILE B 663 -17.08 28.76 24.97
CA ILE B 663 -16.46 29.39 26.13
C ILE B 663 -16.88 28.65 27.40
N THR B 671 -11.30 21.14 27.35
CA THR B 671 -10.37 21.97 26.58
C THR B 671 -10.25 23.35 27.20
N TRP B 672 -9.04 23.90 27.16
CA TRP B 672 -8.81 25.23 27.73
C TRP B 672 -9.66 26.26 27.03
N ARG B 673 -10.18 27.22 27.81
CA ARG B 673 -10.99 28.29 27.25
C ARG B 673 -10.73 29.65 27.88
N VAL B 674 -9.76 29.77 28.78
CA VAL B 674 -9.47 31.08 29.37
C VAL B 674 -9.00 32.05 28.29
N TYR B 675 -8.19 31.55 27.35
CA TYR B 675 -7.75 32.37 26.23
C TYR B 675 -8.90 32.77 25.32
N SER B 676 -10.05 32.12 25.43
CA SER B 676 -11.21 32.40 24.59
C SER B 676 -12.11 33.48 25.17
N THR B 677 -11.67 34.19 26.20
CA THR B 677 -12.49 35.23 26.79
C THR B 677 -12.82 36.32 25.76
N GLY B 678 -11.84 36.73 24.97
CA GLY B 678 -12.05 37.72 23.93
C GLY B 678 -10.98 38.80 23.89
N SER B 679 -11.38 40.01 23.52
CA SER B 679 -10.52 41.18 23.36
C SER B 679 -9.59 41.07 22.15
N ASN B 680 -9.61 39.95 21.43
CA ASN B 680 -8.78 39.80 20.24
C ASN B 680 -9.51 39.08 19.10
N VAL B 681 -10.79 38.75 19.25
CA VAL B 681 -11.50 38.05 18.19
C VAL B 681 -11.45 38.88 16.92
N PHE B 682 -11.12 38.23 15.80
CA PHE B 682 -11.02 38.91 14.52
C PHE B 682 -11.25 37.89 13.42
N GLN B 683 -12.38 38.00 12.73
CA GLN B 683 -12.70 37.03 11.68
C GLN B 683 -11.80 37.23 10.46
N THR B 684 -11.45 36.12 9.82
CA THR B 684 -10.65 36.15 8.61
C THR B 684 -11.13 35.05 7.67
N ARG B 685 -10.80 35.20 6.39
CA ARG B 685 -11.15 34.17 5.43
C ARG B 685 -10.55 32.83 5.80
N ALA B 686 -9.35 32.83 6.40
CA ALA B 686 -8.77 31.59 6.91
C ALA B 686 -9.62 31.00 8.02
N GLY B 687 -10.13 31.85 8.91
CA GLY B 687 -10.94 31.38 10.03
C GLY B 687 -11.12 32.48 11.06
N CYS B 688 -11.36 32.05 12.29
CA CYS B 688 -11.47 32.98 13.42
C CYS B 688 -10.15 32.99 14.18
N LEU B 689 -9.56 34.17 14.30
CA LEU B 689 -8.27 34.35 14.93
C LEU B 689 -8.45 34.96 16.31
N ILE B 690 -7.75 34.40 17.29
CA ILE B 690 -7.83 34.86 18.67
C ILE B 690 -6.42 34.91 19.25
N GLY B 691 -6.18 35.90 20.11
CA GLY B 691 -4.92 36.07 20.79
C GLY B 691 -4.04 37.16 20.21
N ALA B 692 -4.30 37.61 18.98
CA ALA B 692 -3.54 38.67 18.35
C ALA B 692 -4.48 39.73 17.82
N GLU B 693 -3.99 40.95 17.75
CA GLU B 693 -4.80 42.10 17.33
C GLU B 693 -4.66 42.35 15.84
N HIS B 694 -5.75 42.79 15.23
CA HIS B 694 -5.79 43.05 13.80
C HIS B 694 -5.32 44.47 13.52
N VAL B 695 -4.19 44.58 12.82
CA VAL B 695 -3.66 45.86 12.39
C VAL B 695 -3.92 46.01 10.90
N ASN B 696 -3.71 47.22 10.39
CA ASN B 696 -3.90 47.51 8.97
C ASN B 696 -2.63 47.88 8.26
N ASN B 697 -1.61 48.37 8.96
CA ASN B 697 -0.34 48.66 8.32
C ASN B 697 0.22 47.38 7.70
N SER B 698 0.76 47.52 6.49
CA SER B 698 1.18 46.37 5.69
C SER B 698 2.68 46.14 5.84
N TYR B 699 3.06 44.90 6.13
CA TYR B 699 4.46 44.53 6.28
C TYR B 699 4.71 43.21 5.58
N GLU B 700 5.98 42.96 5.25
CA GLU B 700 6.36 41.69 4.68
C GLU B 700 5.93 40.55 5.60
N CYS B 701 5.89 39.34 5.04
CA CYS B 701 5.37 38.21 5.79
C CYS B 701 6.38 37.75 6.84
N ASP B 702 5.91 37.53 8.05
CA ASP B 702 6.71 36.97 9.13
C ASP B 702 6.23 35.58 9.54
N ILE B 703 4.92 35.37 9.57
CA ILE B 703 4.34 34.07 9.90
C ILE B 703 3.08 33.87 9.07
N PRO B 704 3.13 33.09 7.99
CA PRO B 704 1.94 32.95 7.14
C PRO B 704 0.77 32.35 7.89
N ILE B 705 -0.42 32.90 7.62
CA ILE B 705 -1.67 32.40 8.18
C ILE B 705 -2.58 31.83 7.09
N GLY B 706 -2.60 32.48 5.93
CA GLY B 706 -3.47 32.07 4.84
C GLY B 706 -4.28 33.25 4.36
N ALA B 707 -4.67 33.20 3.08
CA ALA B 707 -5.48 34.25 2.49
C ALA B 707 -4.83 35.63 2.69
N GLY B 708 -3.52 35.68 2.53
CA GLY B 708 -2.81 36.94 2.59
C GLY B 708 -2.69 37.54 3.96
N ILE B 709 -2.69 36.71 5.01
CA ILE B 709 -2.55 37.18 6.38
C ILE B 709 -1.30 36.56 6.98
N CYS B 710 -0.42 37.42 7.50
CA CYS B 710 0.79 36.98 8.17
C CYS B 710 0.83 37.60 9.55
N ALA B 711 1.40 36.86 10.51
CA ALA B 711 1.44 37.28 11.91
C ALA B 711 2.86 37.63 12.32
N SER B 712 2.98 38.57 13.26
CA SER B 712 4.28 38.99 13.75
C SER B 712 4.11 39.54 15.16
N TYR B 713 5.23 39.64 15.87
CA TYR B 713 5.28 40.06 17.26
C TYR B 713 6.02 41.39 17.36
N GLN B 714 5.29 42.44 17.72
CA GLN B 714 5.86 43.78 17.78
C GLN B 714 5.07 44.62 18.77
N THR B 715 5.66 45.75 19.14
CA THR B 715 5.01 46.70 20.04
C THR B 715 3.69 47.21 19.45
N SER B 728 3.24 45.70 26.25
CA SER B 728 3.44 46.47 25.03
C SER B 728 3.55 45.56 23.82
N GLN B 729 4.63 44.80 23.75
CA GLN B 729 4.83 43.89 22.63
C GLN B 729 3.69 42.89 22.56
N SER B 730 3.14 42.70 21.37
CA SER B 730 1.99 41.83 21.19
C SER B 730 2.01 41.26 19.78
N ILE B 731 1.30 40.15 19.61
CA ILE B 731 1.16 39.52 18.31
C ILE B 731 0.17 40.32 17.47
N ILE B 732 0.55 40.62 16.23
CA ILE B 732 -0.25 41.46 15.35
C ILE B 732 -0.49 40.70 14.05
N ALA B 733 -1.70 40.83 13.50
CA ALA B 733 -2.07 40.25 12.22
C ALA B 733 -2.27 41.37 11.22
N TYR B 734 -1.60 41.27 10.08
CA TYR B 734 -1.58 42.33 9.08
C TYR B 734 -1.82 41.73 7.70
N THR B 735 -2.35 42.54 6.80
CA THR B 735 -2.54 42.12 5.42
C THR B 735 -1.19 42.06 4.70
N MET B 736 -1.13 41.20 3.69
CA MET B 736 0.12 40.96 2.97
C MET B 736 0.60 42.24 2.28
N SER B 737 1.90 42.50 2.37
CA SER B 737 2.57 43.52 1.59
C SER B 737 3.46 42.80 0.57
N LEU B 738 3.06 42.85 -0.70
CA LEU B 738 3.83 42.14 -1.72
C LEU B 738 5.22 42.72 -1.90
N GLY B 739 5.45 43.95 -1.45
CA GLY B 739 6.78 44.55 -1.55
C GLY B 739 6.67 46.05 -1.59
N ALA B 740 7.72 46.67 -2.13
CA ALA B 740 7.81 48.12 -2.26
C ALA B 740 7.55 48.53 -3.70
N GLU B 741 6.75 49.58 -3.87
CA GLU B 741 6.45 50.08 -5.19
C GLU B 741 7.70 50.67 -5.84
N ASN B 742 7.68 50.73 -7.17
CA ASN B 742 8.78 51.34 -7.92
C ASN B 742 8.24 51.81 -9.26
N SER B 743 8.19 53.12 -9.45
CA SER B 743 7.71 53.72 -10.70
C SER B 743 8.91 53.87 -11.63
N VAL B 744 9.06 52.92 -12.56
CA VAL B 744 10.14 53.01 -13.53
C VAL B 744 10.01 54.30 -14.35
N ALA B 745 11.13 54.73 -14.92
CA ALA B 745 11.23 55.99 -15.66
C ALA B 745 11.29 55.77 -17.16
N TYR B 746 10.51 54.84 -17.68
CA TYR B 746 10.56 54.50 -19.10
C TYR B 746 10.23 55.70 -19.97
N SER B 747 10.80 55.73 -21.17
CA SER B 747 10.67 56.83 -22.12
C SER B 747 11.28 56.39 -23.44
N ASN B 748 11.16 57.25 -24.46
CA ASN B 748 11.94 57.01 -25.68
C ASN B 748 13.42 56.95 -25.30
N ASN B 749 13.86 57.84 -24.41
CA ASN B 749 15.27 58.14 -24.25
C ASN B 749 15.83 57.91 -22.84
N SER B 750 15.07 57.26 -21.95
CA SER B 750 15.56 56.99 -20.60
C SER B 750 16.40 55.71 -20.62
N ILE B 751 17.72 55.86 -20.53
CA ILE B 751 18.65 54.73 -20.39
C ILE B 751 19.40 54.91 -19.08
N ALA B 752 19.28 53.93 -18.20
CA ALA B 752 20.04 53.90 -16.95
C ALA B 752 21.13 52.84 -17.13
N ILE B 753 22.24 53.26 -17.72
CA ILE B 753 23.34 52.35 -18.02
C ILE B 753 24.21 52.24 -16.78
N PRO B 754 24.56 51.04 -16.33
CA PRO B 754 25.31 50.92 -15.08
C PRO B 754 26.71 51.52 -15.21
N THR B 755 27.03 52.44 -14.29
CA THR B 755 28.34 53.05 -14.24
C THR B 755 29.32 52.30 -13.34
N ASN B 756 28.86 51.25 -12.65
CA ASN B 756 29.71 50.54 -11.71
C ASN B 756 29.12 49.15 -11.50
N PHE B 757 29.95 48.26 -10.96
CA PHE B 757 29.58 46.87 -10.77
C PHE B 757 30.08 46.38 -9.43
N THR B 758 29.64 45.18 -9.07
CA THR B 758 30.08 44.54 -7.83
C THR B 758 29.99 43.03 -8.02
N ILE B 759 30.73 42.31 -7.18
CA ILE B 759 30.76 40.85 -7.19
C ILE B 759 30.13 40.36 -5.90
N SER B 760 29.22 39.39 -6.02
CA SER B 760 28.55 38.80 -4.88
C SER B 760 28.62 37.29 -5.01
N VAL B 761 28.97 36.63 -3.91
CA VAL B 761 29.04 35.17 -3.85
C VAL B 761 27.87 34.69 -3.01
N THR B 762 26.94 33.98 -3.63
CA THR B 762 25.74 33.50 -2.97
C THR B 762 25.78 31.99 -2.87
N THR B 763 25.63 31.47 -1.66
CA THR B 763 25.68 30.03 -1.46
C THR B 763 24.44 29.36 -2.03
N GLU B 764 24.54 28.05 -2.23
CA GLU B 764 23.42 27.25 -2.72
C GLU B 764 23.65 25.81 -2.29
N ILE B 765 22.62 25.17 -1.73
CA ILE B 765 22.73 23.85 -1.13
C ILE B 765 21.71 22.93 -1.77
N LEU B 766 22.10 21.67 -1.97
CA LEU B 766 21.22 20.66 -2.54
C LEU B 766 21.49 19.32 -1.86
N PRO B 767 20.44 18.55 -1.56
CA PRO B 767 20.67 17.18 -1.08
C PRO B 767 21.22 16.31 -2.20
N VAL B 768 21.97 15.28 -1.80
CA VAL B 768 22.58 14.38 -2.77
C VAL B 768 22.11 12.96 -2.51
N SER B 769 22.41 12.43 -1.31
CA SER B 769 22.14 11.04 -1.00
C SER B 769 21.57 10.92 0.41
N MET B 770 20.54 10.10 0.55
CA MET B 770 20.01 9.75 1.86
C MET B 770 20.69 8.47 2.36
N THR B 771 20.47 8.17 3.64
CA THR B 771 21.07 6.99 4.24
C THR B 771 20.59 5.73 3.53
N LYS B 772 21.52 4.82 3.26
CA LYS B 772 21.21 3.54 2.67
C LYS B 772 20.88 2.56 3.78
N THR B 773 19.63 2.11 3.84
CA THR B 773 19.15 1.21 4.88
C THR B 773 18.62 -0.06 4.24
N SER B 774 19.00 -1.20 4.82
CA SER B 774 18.47 -2.50 4.43
C SER B 774 17.94 -3.19 5.67
N VAL B 775 16.78 -3.82 5.54
CA VAL B 775 16.09 -4.44 6.67
C VAL B 775 15.68 -5.85 6.28
N ASP B 776 15.92 -6.79 7.18
CA ASP B 776 15.51 -8.18 7.00
C ASP B 776 14.09 -8.34 7.54
N CYS B 777 13.16 -8.69 6.66
CA CYS B 777 11.76 -8.75 7.06
C CYS B 777 11.55 -9.72 8.22
N THR B 778 12.06 -10.95 8.07
CA THR B 778 11.78 -11.98 9.05
C THR B 778 12.26 -11.57 10.44
N MET B 779 13.47 -11.02 10.53
CA MET B 779 13.99 -10.59 11.82
C MET B 779 13.07 -9.55 12.44
N TYR B 780 12.68 -8.54 11.66
CA TYR B 780 11.81 -7.50 12.19
C TYR B 780 10.43 -8.06 12.55
N ILE B 781 9.86 -8.87 11.67
CA ILE B 781 8.48 -9.32 11.86
C ILE B 781 8.43 -10.43 12.90
N CYS B 782 9.20 -11.50 12.69
CA CYS B 782 9.12 -12.68 13.55
C CYS B 782 10.46 -12.94 14.21
N GLY B 783 11.08 -11.90 14.76
CA GLY B 783 12.39 -12.04 15.37
C GLY B 783 12.50 -13.24 16.29
N ASP B 784 13.31 -14.21 15.89
CA ASP B 784 13.57 -15.41 16.69
C ASP B 784 12.27 -16.09 17.11
N SER B 785 11.51 -16.53 16.11
CA SER B 785 10.30 -17.30 16.36
C SER B 785 10.02 -18.15 15.12
N THR B 786 10.36 -19.43 15.19
CA THR B 786 10.24 -20.30 14.02
C THR B 786 8.80 -20.41 13.56
N GLU B 787 7.89 -20.76 14.46
CA GLU B 787 6.49 -20.91 14.08
C GLU B 787 5.94 -19.61 13.52
N CYS B 788 6.39 -18.48 14.06
CA CYS B 788 6.02 -17.18 13.48
C CYS B 788 6.53 -17.07 12.06
N SER B 789 7.81 -17.41 11.85
CA SER B 789 8.36 -17.39 10.50
C SER B 789 7.64 -18.39 9.61
N ASN B 790 7.37 -19.59 10.12
CA ASN B 790 6.66 -20.59 9.33
C ASN B 790 5.30 -20.07 8.92
N LEU B 791 4.60 -19.40 9.82
CA LEU B 791 3.31 -18.83 9.48
C LEU B 791 3.44 -17.77 8.39
N LEU B 792 4.48 -16.94 8.47
CA LEU B 792 4.67 -15.91 7.45
C LEU B 792 4.91 -16.51 6.08
N LEU B 793 5.41 -17.75 6.03
CA LEU B 793 5.68 -18.36 4.73
C LEU B 793 4.43 -18.43 3.86
N GLN B 794 3.25 -18.43 4.47
CA GLN B 794 2.02 -18.42 3.69
C GLN B 794 2.02 -17.27 2.70
N TYR B 795 2.32 -16.06 3.19
CA TYR B 795 2.43 -14.91 2.28
C TYR B 795 3.60 -15.11 1.33
N GLY B 796 4.71 -15.64 1.82
CA GLY B 796 5.78 -16.11 0.96
C GLY B 796 6.68 -15.04 0.40
N SER B 797 6.53 -14.74 -0.88
CA SER B 797 7.51 -13.96 -1.62
C SER B 797 7.59 -12.51 -1.16
N PHE B 798 6.64 -12.03 -0.35
CA PHE B 798 6.60 -10.61 -0.02
C PHE B 798 7.95 -10.11 0.47
N CYS B 799 8.66 -10.92 1.27
CA CYS B 799 9.96 -10.48 1.78
C CYS B 799 10.90 -10.11 0.64
N THR B 800 10.95 -10.94 -0.41
CA THR B 800 11.93 -10.75 -1.47
C THR B 800 11.77 -9.39 -2.14
N GLN B 801 10.53 -9.02 -2.48
CA GLN B 801 10.32 -7.76 -3.19
C GLN B 801 10.76 -6.59 -2.34
N LEU B 802 10.37 -6.58 -1.07
CA LEU B 802 10.72 -5.45 -0.21
C LEU B 802 12.23 -5.28 -0.11
N ASN B 803 12.95 -6.38 0.08
CA ASN B 803 14.41 -6.29 0.10
C ASN B 803 14.94 -5.80 -1.24
N ARG B 804 14.39 -6.30 -2.34
CA ARG B 804 14.82 -5.84 -3.65
C ARG B 804 14.55 -4.36 -3.84
N ALA B 805 13.37 -3.90 -3.41
CA ALA B 805 13.08 -2.47 -3.51
C ALA B 805 14.11 -1.64 -2.77
N LEU B 806 14.41 -2.01 -1.52
CA LEU B 806 15.45 -1.31 -0.78
C LEU B 806 16.81 -1.46 -1.45
N THR B 807 17.11 -2.66 -1.94
CA THR B 807 18.38 -2.88 -2.61
C THR B 807 18.56 -1.90 -3.76
N GLY B 808 17.52 -1.72 -4.58
CA GLY B 808 17.61 -0.74 -5.64
C GLY B 808 17.87 0.66 -5.12
N ILE B 809 17.20 1.02 -4.03
CA ILE B 809 17.38 2.35 -3.46
C ILE B 809 18.83 2.55 -3.04
N ALA B 810 19.39 1.56 -2.34
CA ALA B 810 20.77 1.68 -1.89
C ALA B 810 21.72 1.83 -3.07
N VAL B 811 21.53 1.02 -4.11
CA VAL B 811 22.37 1.13 -5.29
C VAL B 811 22.22 2.51 -5.91
N GLU B 812 21.00 3.04 -5.95
CA GLU B 812 20.78 4.35 -6.53
C GLU B 812 21.56 5.42 -5.79
N GLN B 813 21.58 5.35 -4.45
CA GLN B 813 22.28 6.37 -3.67
C GLN B 813 23.74 6.46 -4.08
N ASP B 814 24.44 5.32 -4.10
CA ASP B 814 25.84 5.35 -4.49
C ASP B 814 26.01 5.86 -5.91
N LYS B 815 25.13 5.44 -6.82
CA LYS B 815 25.22 5.91 -8.19
C LYS B 815 25.04 7.41 -8.26
N ASN B 816 24.07 7.96 -7.52
CA ASN B 816 23.83 9.39 -7.56
C ASN B 816 25.06 10.16 -7.09
N THR B 817 25.60 9.79 -5.93
CA THR B 817 26.77 10.49 -5.40
C THR B 817 27.94 10.40 -6.36
N GLN B 818 28.19 9.19 -6.88
CA GLN B 818 29.27 9.04 -7.86
C GLN B 818 28.99 9.84 -9.12
N GLU B 819 27.75 9.83 -9.59
CA GLU B 819 27.42 10.50 -10.84
C GLU B 819 27.68 11.99 -10.75
N VAL B 820 27.21 12.63 -9.68
CA VAL B 820 27.33 14.09 -9.59
C VAL B 820 28.78 14.50 -9.38
N PHE B 821 29.52 13.76 -8.56
CA PHE B 821 30.86 14.16 -8.16
C PHE B 821 31.92 13.65 -9.14
N ALA B 822 31.96 12.35 -9.37
CA ALA B 822 33.03 11.73 -10.16
C ALA B 822 32.80 12.07 -11.64
N GLN B 823 33.15 13.30 -11.99
CA GLN B 823 33.05 13.77 -13.38
C GLN B 823 34.41 14.21 -13.91
N VAL B 824 35.50 13.75 -13.33
CA VAL B 824 36.85 14.10 -13.76
C VAL B 824 37.63 12.81 -13.97
N LYS B 825 38.26 12.68 -15.12
CA LYS B 825 39.07 11.49 -15.39
C LYS B 825 40.28 11.44 -14.48
N GLN B 826 41.02 12.53 -14.37
CA GLN B 826 42.21 12.60 -13.53
C GLN B 826 41.88 13.26 -12.20
N ILE B 827 42.87 13.23 -11.31
CA ILE B 827 42.77 13.88 -10.00
C ILE B 827 43.85 14.96 -9.99
N TYR B 828 43.47 16.17 -10.36
CA TYR B 828 44.42 17.28 -10.40
C TYR B 828 44.77 17.72 -8.99
N LYS B 829 45.89 18.42 -8.86
CA LYS B 829 46.35 18.94 -7.59
C LYS B 829 46.62 20.44 -7.71
N THR B 830 46.38 21.14 -6.63
CA THR B 830 46.61 22.58 -6.62
C THR B 830 48.11 22.87 -6.49
N PRO B 831 48.69 23.66 -7.39
CA PRO B 831 50.12 23.93 -7.29
C PRO B 831 50.43 24.67 -6.00
N PRO B 832 51.61 24.44 -5.43
CA PRO B 832 51.94 25.10 -4.16
C PRO B 832 51.96 26.61 -4.25
N ILE B 833 52.40 27.17 -5.38
CA ILE B 833 52.50 28.62 -5.54
C ILE B 833 51.11 29.17 -5.81
N LYS B 834 50.52 29.81 -4.81
CA LYS B 834 49.16 30.33 -4.92
C LYS B 834 49.17 31.76 -5.46
N ASP B 835 49.65 31.89 -6.69
CA ASP B 835 49.76 33.18 -7.36
C ASP B 835 48.56 33.39 -8.29
N PHE B 836 47.39 33.48 -7.67
CA PHE B 836 46.13 33.62 -8.41
C PHE B 836 45.73 35.10 -8.52
N GLY B 837 46.63 35.89 -9.10
CA GLY B 837 46.33 37.26 -9.43
C GLY B 837 45.83 38.07 -8.24
N GLY B 838 46.30 37.75 -7.04
CA GLY B 838 45.94 38.46 -5.85
C GLY B 838 44.81 37.86 -5.05
N PHE B 839 44.05 36.93 -5.63
CA PHE B 839 42.97 36.28 -4.90
C PHE B 839 43.56 35.27 -3.92
N ASN B 840 42.83 34.99 -2.85
CA ASN B 840 43.14 33.83 -2.02
C ASN B 840 41.92 32.92 -1.94
N PHE B 841 42.16 31.62 -2.00
CA PHE B 841 41.12 30.60 -1.91
C PHE B 841 41.35 29.67 -0.73
N SER B 842 42.12 30.13 0.27
CA SER B 842 42.52 29.25 1.36
C SER B 842 41.31 28.59 2.01
N GLN B 843 40.22 29.34 2.20
CA GLN B 843 39.05 28.79 2.86
C GLN B 843 38.48 27.61 2.07
N ILE B 844 38.41 27.74 0.75
CA ILE B 844 37.88 26.66 -0.08
C ILE B 844 38.95 25.66 -0.50
N LEU B 845 40.22 26.03 -0.44
CA LEU B 845 41.27 25.09 -0.78
C LEU B 845 41.48 24.09 0.35
N PRO B 846 41.92 22.87 0.04
CA PRO B 846 42.18 21.90 1.11
C PRO B 846 43.33 22.36 2.00
N ASP B 847 43.29 21.89 3.25
CA ASP B 847 44.35 22.20 4.21
C ASP B 847 45.27 21.00 4.33
N PRO B 848 46.49 21.04 3.79
CA PRO B 848 47.38 19.89 3.92
C PRO B 848 47.66 19.50 5.36
N SER B 849 47.76 20.48 6.26
CA SER B 849 48.05 20.17 7.65
C SER B 849 46.94 19.32 8.27
N LYS B 850 45.69 19.64 7.95
CA LYS B 850 44.58 18.86 8.47
C LYS B 850 44.69 17.43 7.95
N PRO B 851 44.66 16.41 8.82
CA PRO B 851 44.71 15.04 8.32
C PRO B 851 43.58 14.73 7.36
N SER B 852 42.38 15.25 7.64
CA SER B 852 41.28 15.21 6.67
C SER B 852 41.45 16.40 5.75
N LYS B 853 41.99 16.16 4.56
CA LYS B 853 42.38 17.25 3.68
C LYS B 853 41.15 17.94 3.10
N ARG B 854 40.38 18.59 3.96
CA ARG B 854 39.14 19.26 3.58
C ARG B 854 39.34 20.77 3.62
N SER B 855 38.59 21.46 2.77
CA SER B 855 38.60 22.91 2.79
C SER B 855 38.06 23.41 4.13
N PHE B 856 38.46 24.64 4.48
CA PHE B 856 38.07 25.17 5.78
C PHE B 856 36.55 25.29 5.87
N ILE B 857 35.90 25.72 4.80
CA ILE B 857 34.44 25.81 4.79
C ILE B 857 33.84 24.42 4.99
N GLU B 858 34.39 23.41 4.32
CA GLU B 858 33.86 22.07 4.43
C GLU B 858 33.79 21.64 5.90
N ASP B 859 34.85 21.89 6.66
CA ASP B 859 34.80 21.59 8.09
C ASP B 859 33.71 22.38 8.78
N LEU B 860 33.56 23.66 8.41
CA LEU B 860 32.46 24.44 8.95
C LEU B 860 31.13 23.80 8.61
N LEU B 861 30.95 23.39 7.37
CA LEU B 861 29.73 22.68 6.98
C LEU B 861 29.60 21.37 7.75
N PHE B 862 30.70 20.61 7.84
CA PHE B 862 30.65 19.35 8.56
C PHE B 862 30.29 19.56 10.02
N ASN B 863 30.87 20.57 10.67
CA ASN B 863 30.58 20.82 12.07
C ASN B 863 29.12 21.18 12.28
N LYS B 864 28.58 22.04 11.41
CA LYS B 864 27.22 22.54 11.62
C LYS B 864 26.20 21.40 11.58
N VAL B 865 26.36 20.48 10.63
CA VAL B 865 25.43 19.35 10.54
C VAL B 865 25.54 18.53 11.82
N THR B 866 24.41 18.34 12.50
CA THR B 866 24.37 17.60 13.73
C THR B 866 23.13 16.71 13.74
N LEU B 867 23.28 15.50 14.25
CA LEU B 867 22.16 14.56 14.34
C LEU B 867 21.13 15.07 15.33
N CYS B 890 21.29 9.26 17.33
CA CYS B 890 22.00 8.06 16.92
C CYS B 890 21.07 7.10 16.19
N ALA B 891 21.66 6.13 15.50
CA ALA B 891 20.89 5.13 14.78
C ALA B 891 21.75 3.88 14.60
N GLN B 892 21.32 2.76 15.16
CA GLN B 892 22.04 1.51 15.05
C GLN B 892 21.04 0.36 14.95
N LYS B 893 21.52 -0.76 14.40
CA LYS B 893 20.67 -1.92 14.22
C LYS B 893 20.12 -2.40 15.56
N PHE B 894 18.81 -2.59 15.62
CA PHE B 894 18.16 -3.10 16.81
C PHE B 894 17.22 -4.27 16.53
N ASN B 895 16.49 -4.24 15.41
CA ASN B 895 15.49 -5.25 15.11
C ASN B 895 15.52 -5.62 13.64
N GLY B 896 16.72 -5.81 13.08
CA GLY B 896 16.89 -6.19 11.71
C GLY B 896 17.29 -5.05 10.79
N LEU B 897 16.81 -3.84 11.08
CA LEU B 897 17.21 -2.69 10.27
C LEU B 897 18.72 -2.49 10.34
N THR B 898 19.31 -2.20 9.20
CA THR B 898 20.75 -2.00 9.11
C THR B 898 21.03 -0.80 8.22
N VAL B 899 22.23 -0.23 8.39
CA VAL B 899 22.67 0.92 7.61
C VAL B 899 23.91 0.50 6.84
N LEU B 900 23.86 0.67 5.51
CA LEU B 900 24.99 0.32 4.65
C LEU B 900 25.83 1.56 4.41
N PRO B 901 27.11 1.57 4.77
CA PRO B 901 27.90 2.77 4.56
C PRO B 901 28.03 3.07 3.08
N PRO B 902 28.13 4.35 2.72
CA PRO B 902 28.24 4.69 1.30
C PRO B 902 29.54 4.16 0.72
N LEU B 903 29.52 3.87 -0.58
CA LEU B 903 30.70 3.34 -1.24
C LEU B 903 31.88 4.30 -1.11
N LEU B 904 31.64 5.58 -1.33
CA LEU B 904 32.67 6.59 -1.19
C LEU B 904 32.67 7.16 0.22
N THR B 905 33.83 7.67 0.63
CA THR B 905 34.00 8.27 1.94
C THR B 905 34.36 9.74 1.77
N ASP B 906 34.02 10.55 2.78
CA ASP B 906 34.22 11.98 2.68
C ASP B 906 35.66 12.33 2.34
N GLU B 907 36.61 11.49 2.75
CA GLU B 907 38.01 11.78 2.45
C GLU B 907 38.24 11.87 0.95
N MET B 908 37.78 10.86 0.21
CA MET B 908 37.96 10.88 -1.24
C MET B 908 36.97 11.83 -1.91
N ILE B 909 35.76 11.97 -1.37
CA ILE B 909 34.83 12.96 -1.91
C ILE B 909 35.48 14.34 -1.89
N ALA B 910 36.19 14.66 -0.81
CA ALA B 910 36.90 15.93 -0.76
C ALA B 910 37.90 16.04 -1.91
N GLN B 911 38.55 14.93 -2.26
CA GLN B 911 39.55 14.98 -3.33
C GLN B 911 38.92 15.40 -4.65
N TYR B 912 37.77 14.82 -5.01
CA TYR B 912 37.05 15.29 -6.18
C TYR B 912 36.87 16.80 -6.15
N THR B 913 36.35 17.32 -5.04
CA THR B 913 36.18 18.76 -4.94
C THR B 913 37.52 19.47 -5.03
N SER B 914 38.54 18.94 -4.36
CA SER B 914 39.87 19.55 -4.45
C SER B 914 40.37 19.53 -5.88
N ALA B 915 40.30 18.38 -6.55
CA ALA B 915 40.75 18.30 -7.92
C ALA B 915 39.91 19.19 -8.83
N LEU B 916 38.59 19.19 -8.63
CA LEU B 916 37.73 20.02 -9.46
C LEU B 916 38.07 21.49 -9.31
N LEU B 917 38.32 21.94 -8.08
CA LEU B 917 38.71 23.33 -7.88
C LEU B 917 39.98 23.65 -8.62
N ALA B 918 40.99 22.79 -8.49
CA ALA B 918 42.27 23.04 -9.14
C ALA B 918 42.10 23.18 -10.65
N GLY B 919 41.43 22.22 -11.28
CA GLY B 919 41.23 22.29 -12.70
C GLY B 919 40.46 23.54 -13.11
N THR B 920 39.44 23.89 -12.32
CA THR B 920 38.65 25.08 -12.63
C THR B 920 39.51 26.33 -12.60
N ILE B 921 40.24 26.54 -11.50
CA ILE B 921 41.03 27.76 -11.36
C ILE B 921 42.22 27.74 -12.30
N THR B 922 42.87 26.59 -12.46
CA THR B 922 44.08 26.51 -13.26
C THR B 922 43.82 26.24 -14.73
N SER B 923 42.63 25.76 -15.09
CA SER B 923 42.36 25.43 -16.49
C SER B 923 40.97 25.86 -16.95
N GLY B 924 40.22 26.58 -16.13
CA GLY B 924 38.90 27.02 -16.57
C GLY B 924 38.05 25.83 -16.97
N TRP B 925 37.43 25.94 -18.14
CA TRP B 925 36.54 24.89 -18.64
C TRP B 925 37.25 23.89 -19.53
N THR B 926 38.51 24.12 -19.88
CA THR B 926 39.19 23.24 -20.83
C THR B 926 39.19 21.80 -20.31
N PHE B 927 39.59 21.61 -19.06
CA PHE B 927 39.59 20.26 -18.49
C PHE B 927 38.20 19.66 -18.50
N GLY B 928 37.16 20.50 -18.46
CA GLY B 928 35.81 19.98 -18.58
C GLY B 928 35.55 19.31 -19.91
N ALA B 929 36.05 19.89 -20.99
CA ALA B 929 35.83 19.36 -22.32
C ALA B 929 36.88 18.35 -22.75
N GLY B 930 37.94 18.16 -21.97
CA GLY B 930 38.99 17.22 -22.34
C GLY B 930 40.27 17.46 -21.57
N ALA B 931 41.40 17.48 -22.28
CA ALA B 931 42.69 17.67 -21.63
C ALA B 931 42.73 19.02 -20.91
N ALA B 932 43.17 18.99 -19.65
CA ALA B 932 43.28 20.22 -18.89
C ALA B 932 44.43 21.07 -19.42
N LEU B 933 44.18 22.37 -19.59
CA LEU B 933 45.15 23.30 -20.12
C LEU B 933 45.35 24.42 -19.11
N GLN B 934 46.58 24.59 -18.63
CA GLN B 934 46.85 25.64 -17.66
C GLN B 934 46.54 27.00 -18.25
N ILE B 935 45.98 27.88 -17.42
CA ILE B 935 45.58 29.22 -17.86
C ILE B 935 45.77 30.18 -16.69
N PRO B 936 46.47 31.30 -16.86
CA PRO B 936 46.57 32.27 -15.76
C PRO B 936 45.19 32.74 -15.35
N PHE B 937 44.99 32.87 -14.04
CA PHE B 937 43.65 33.17 -13.53
C PHE B 937 43.15 34.51 -14.04
N ALA B 938 44.00 35.53 -14.00
CA ALA B 938 43.58 36.86 -14.44
C ALA B 938 42.98 36.80 -15.84
N MET B 939 43.68 36.13 -16.76
CA MET B 939 43.15 36.00 -18.11
C MET B 939 41.84 35.22 -18.12
N GLN B 940 41.76 34.16 -17.31
CA GLN B 940 40.54 33.36 -17.29
C GLN B 940 39.33 34.21 -16.93
N MET B 941 39.48 35.10 -15.94
CA MET B 941 38.39 36.01 -15.61
C MET B 941 37.97 36.82 -16.82
N ALA B 942 38.95 37.29 -17.60
CA ALA B 942 38.62 38.09 -18.78
C ALA B 942 37.71 37.33 -19.72
N TYR B 943 38.00 36.04 -19.94
CA TYR B 943 37.11 35.22 -20.76
C TYR B 943 35.70 35.23 -20.20
N ARG B 944 35.57 35.12 -18.87
CA ARG B 944 34.24 35.09 -18.26
C ARG B 944 33.49 36.38 -18.55
N PHE B 945 34.16 37.53 -18.43
CA PHE B 945 33.49 38.79 -18.68
C PHE B 945 33.03 38.88 -20.12
N ASN B 946 33.85 38.43 -21.07
CA ASN B 946 33.40 38.38 -22.45
C ASN B 946 32.13 37.56 -22.58
N GLY B 947 31.96 36.53 -21.75
CA GLY B 947 30.75 35.75 -21.79
C GLY B 947 29.51 36.53 -21.42
N ILE B 948 29.64 37.47 -20.50
CA ILE B 948 28.51 38.26 -20.04
C ILE B 948 28.49 39.65 -20.71
N GLY B 949 29.09 39.77 -21.88
CA GLY B 949 29.06 41.03 -22.60
C GLY B 949 29.81 42.15 -21.94
N VAL B 950 31.00 41.88 -21.42
CA VAL B 950 31.89 42.90 -20.88
C VAL B 950 33.28 42.68 -21.45
N THR B 951 33.86 43.74 -22.01
CA THR B 951 35.16 43.63 -22.65
C THR B 951 36.24 43.38 -21.61
N GLN B 952 37.30 42.68 -22.05
CA GLN B 952 38.36 42.30 -21.13
C GLN B 952 38.97 43.51 -20.42
N ASN B 953 39.02 44.65 -21.11
CA ASN B 953 39.68 45.81 -20.54
C ASN B 953 39.11 46.17 -19.18
N VAL B 954 37.82 45.93 -18.96
CA VAL B 954 37.19 46.30 -17.69
C VAL B 954 37.85 45.54 -16.54
N LEU B 955 38.06 44.24 -16.71
CA LEU B 955 38.67 43.44 -15.65
C LEU B 955 40.06 43.95 -15.33
N TYR B 956 40.91 44.07 -16.35
CA TYR B 956 42.29 44.47 -16.11
C TYR B 956 42.39 45.87 -15.52
N GLU B 957 41.57 46.79 -16.02
CA GLU B 957 41.58 48.15 -15.50
C GLU B 957 41.09 48.23 -14.07
N ASN B 958 40.46 47.18 -13.54
CA ASN B 958 39.99 47.16 -12.17
C ASN B 958 40.27 45.83 -11.50
N GLN B 959 41.37 45.17 -11.89
CA GLN B 959 41.66 43.85 -11.32
C GLN B 959 41.84 43.93 -9.82
N LYS B 960 42.57 44.93 -9.34
CA LYS B 960 42.84 45.03 -7.90
C LYS B 960 41.56 45.16 -7.11
N LEU B 961 40.64 46.01 -7.56
CA LEU B 961 39.38 46.20 -6.84
C LEU B 961 38.60 44.89 -6.77
N ILE B 962 38.50 44.19 -7.90
CA ILE B 962 37.71 42.96 -7.94
C ILE B 962 38.27 41.95 -6.94
N ALA B 963 39.59 41.88 -6.82
CA ALA B 963 40.19 40.95 -5.87
C ALA B 963 39.68 41.22 -4.47
N ASN B 964 39.68 42.49 -4.05
CA ASN B 964 39.24 42.84 -2.71
C ASN B 964 37.78 42.43 -2.49
N GLN B 965 36.92 42.74 -3.45
CA GLN B 965 35.52 42.35 -3.34
C GLN B 965 35.39 40.84 -3.27
N PHE B 966 36.10 40.14 -4.15
CA PHE B 966 36.01 38.68 -4.15
C PHE B 966 36.51 38.09 -2.84
N ASN B 967 37.71 38.49 -2.42
CA ASN B 967 38.25 37.98 -1.16
C ASN B 967 37.35 38.37 0.00
N SER B 968 36.91 39.62 0.03
CA SER B 968 35.99 40.04 1.08
C SER B 968 34.69 39.23 1.02
N ALA B 969 34.18 39.00 -0.18
CA ALA B 969 32.98 38.20 -0.33
C ALA B 969 33.17 36.81 0.27
N ILE B 970 34.31 36.18 -0.02
CA ILE B 970 34.59 34.87 0.57
C ILE B 970 34.66 34.99 2.08
N GLY B 971 35.32 36.05 2.58
CA GLY B 971 35.34 36.27 4.01
C GLY B 971 33.95 36.45 4.59
N LYS B 972 33.09 37.17 3.87
CA LYS B 972 31.75 37.45 4.38
C LYS B 972 30.92 36.18 4.46
N ILE B 973 30.91 35.37 3.40
CA ILE B 973 30.06 34.19 3.39
C ILE B 973 30.42 33.26 4.53
N GLN B 974 31.72 33.12 4.81
CA GLN B 974 32.17 32.36 5.97
C GLN B 974 31.41 32.78 7.23
N ASP B 975 31.51 34.06 7.58
CA ASP B 975 30.91 34.53 8.82
C ASP B 975 29.39 34.32 8.81
N SER B 976 28.75 34.58 7.68
CA SER B 976 27.31 34.32 7.58
C SER B 976 27.02 32.85 7.83
N LEU B 977 27.77 31.95 7.18
CA LEU B 977 27.56 30.53 7.40
C LEU B 977 27.85 30.15 8.84
N SER B 978 28.94 30.66 9.40
CA SER B 978 29.31 30.31 10.77
C SER B 978 28.25 30.78 11.76
N SER B 979 27.71 31.97 11.56
CA SER B 979 26.78 32.54 12.54
C SER B 979 25.45 31.80 12.54
N THR B 980 24.74 31.84 11.41
CA THR B 980 23.41 31.25 11.33
C THR B 980 23.51 29.79 10.91
N ALA B 981 22.40 29.06 11.10
CA ALA B 981 22.32 27.65 10.78
C ALA B 981 21.18 27.31 9.83
N SER B 982 20.27 28.24 9.54
CA SER B 982 19.13 27.94 8.70
C SER B 982 19.54 27.54 7.28
N ALA B 983 20.77 27.87 6.87
CA ALA B 983 21.21 27.51 5.53
C ALA B 983 21.20 26.01 5.32
N LEU B 984 21.59 25.25 6.34
CA LEU B 984 21.66 23.80 6.26
C LEU B 984 20.31 23.13 6.44
N GLY B 985 19.21 23.87 6.32
CA GLY B 985 17.91 23.29 6.60
C GLY B 985 17.61 22.08 5.74
N LYS B 986 17.86 22.19 4.43
CA LYS B 986 17.50 21.10 3.52
C LYS B 986 18.25 19.82 3.89
N LEU B 987 19.57 19.90 4.03
CA LEU B 987 20.33 18.71 4.39
C LEU B 987 19.93 18.19 5.76
N GLN B 988 19.79 19.09 6.73
CA GLN B 988 19.37 18.67 8.06
C GLN B 988 17.98 18.06 8.01
N ASP B 989 17.10 18.62 7.18
CA ASP B 989 15.74 18.09 7.09
C ASP B 989 15.73 16.65 6.64
N VAL B 990 16.56 16.31 5.64
CA VAL B 990 16.58 14.94 5.13
C VAL B 990 16.97 13.97 6.23
N VAL B 991 18.01 14.31 7.00
CA VAL B 991 18.45 13.43 8.08
C VAL B 991 17.34 13.27 9.12
N ASN B 992 16.75 14.39 9.55
CA ASN B 992 15.70 14.33 10.55
C ASN B 992 14.53 13.48 10.07
N GLN B 993 14.03 13.78 8.86
CA GLN B 993 12.91 13.02 8.34
C GLN B 993 13.27 11.55 8.18
N ASN B 994 14.44 11.28 7.62
CA ASN B 994 14.89 9.89 7.48
C ASN B 994 15.01 9.22 8.83
N ALA B 995 15.64 9.90 9.80
CA ALA B 995 15.74 9.35 11.14
C ALA B 995 14.36 9.20 11.77
N GLN B 996 13.50 10.19 11.58
CA GLN B 996 12.17 10.12 12.18
C GLN B 996 11.40 8.92 11.67
N ALA B 997 11.48 8.64 10.37
CA ALA B 997 10.74 7.52 9.80
C ALA B 997 11.16 6.20 10.44
N LEU B 998 12.46 6.00 10.62
CA LEU B 998 12.93 4.76 11.25
C LEU B 998 12.38 4.62 12.65
N ASN B 999 12.38 5.71 13.42
CA ASN B 999 11.88 5.63 14.79
C ASN B 999 10.44 5.14 14.82
N THR B 1000 9.58 5.72 13.97
CA THR B 1000 8.20 5.29 13.93
C THR B 1000 8.09 3.81 13.58
N LEU B 1001 8.91 3.35 12.65
CA LEU B 1001 8.87 1.94 12.26
C LEU B 1001 9.15 1.05 13.46
N VAL B 1002 10.16 1.38 14.26
CA VAL B 1002 10.46 0.59 15.44
C VAL B 1002 9.32 0.66 16.44
N LYS B 1003 8.79 1.86 16.68
CA LYS B 1003 7.71 2.02 17.66
C LYS B 1003 6.53 1.14 17.31
N GLN B 1004 6.27 0.91 16.03
CA GLN B 1004 5.10 0.13 15.63
C GLN B 1004 5.13 -1.28 16.22
N LEU B 1005 6.32 -1.80 16.54
CA LEU B 1005 6.40 -3.12 17.14
C LEU B 1005 5.66 -3.19 18.47
N SER B 1006 5.49 -2.05 19.15
CA SER B 1006 4.82 -2.04 20.45
C SER B 1006 3.31 -2.12 20.36
N SER B 1007 2.73 -1.92 19.17
CA SER B 1007 1.28 -1.94 19.03
C SER B 1007 0.78 -3.37 18.91
N ASN B 1008 -0.37 -3.64 19.55
CA ASN B 1008 -0.97 -4.96 19.49
C ASN B 1008 -1.76 -5.20 18.22
N PHE B 1009 -2.10 -4.14 17.48
CA PHE B 1009 -2.88 -4.27 16.25
C PHE B 1009 -4.15 -5.07 16.51
N GLY B 1010 -4.78 -4.81 17.65
CA GLY B 1010 -5.98 -5.52 18.03
C GLY B 1010 -5.73 -6.88 18.66
N ALA B 1011 -4.48 -7.30 18.81
CA ALA B 1011 -4.17 -8.57 19.44
C ALA B 1011 -4.12 -8.41 20.95
N ILE B 1012 -3.91 -9.53 21.65
CA ILE B 1012 -3.87 -9.50 23.10
C ILE B 1012 -2.66 -8.69 23.58
N SER B 1013 -1.55 -8.77 22.86
CA SER B 1013 -0.34 -8.05 23.25
C SER B 1013 0.55 -7.89 22.02
N SER B 1014 1.55 -7.03 22.15
CA SER B 1014 2.52 -6.80 21.09
C SER B 1014 3.80 -7.60 21.27
N VAL B 1015 3.87 -8.45 22.30
CA VAL B 1015 5.04 -9.26 22.56
C VAL B 1015 4.75 -10.66 22.05
N LEU B 1016 5.50 -11.09 21.02
CA LEU B 1016 5.24 -12.39 20.41
C LEU B 1016 5.47 -13.52 21.40
N ASN B 1017 6.56 -13.45 22.17
CA ASN B 1017 6.84 -14.50 23.14
C ASN B 1017 5.72 -14.61 24.17
N ASP B 1018 5.22 -13.46 24.65
CA ASP B 1018 4.14 -13.48 25.61
C ASP B 1018 2.92 -14.21 25.06
N ILE B 1019 2.54 -13.90 23.82
CA ILE B 1019 1.42 -14.59 23.19
C ILE B 1019 1.74 -16.08 23.05
N LEU B 1020 2.94 -16.39 22.58
CA LEU B 1020 3.33 -17.79 22.40
C LEU B 1020 3.34 -18.52 23.73
N SER B 1021 3.91 -17.90 24.77
CA SER B 1021 3.99 -18.55 26.07
C SER B 1021 2.61 -18.83 26.65
N ARG B 1022 1.69 -17.88 26.51
CA ARG B 1022 0.40 -17.99 27.18
C ARG B 1022 -0.56 -18.86 26.38
N LEU B 1023 -0.90 -18.43 25.17
CA LEU B 1023 -1.98 -19.07 24.42
C LEU B 1023 -1.52 -20.39 23.80
N ASP B 1024 -2.49 -21.28 23.61
CA ASP B 1024 -2.27 -22.55 22.96
C ASP B 1024 -2.19 -22.36 21.45
N PRO B 1025 -1.68 -23.36 20.72
CA PRO B 1025 -1.33 -23.16 19.31
C PRO B 1025 -2.44 -22.50 18.51
N PRO B 1026 -3.65 -23.04 18.51
CA PRO B 1026 -4.69 -22.47 17.63
C PRO B 1026 -4.98 -21.01 17.94
N GLU B 1027 -5.30 -20.68 19.19
CA GLU B 1027 -5.57 -19.29 19.54
C GLU B 1027 -4.34 -18.42 19.33
N ALA B 1028 -3.17 -18.91 19.74
CA ALA B 1028 -1.94 -18.16 19.53
C ALA B 1028 -1.72 -17.86 18.06
N GLU B 1029 -2.04 -18.82 17.19
CA GLU B 1029 -1.89 -18.61 15.76
C GLU B 1029 -2.73 -17.43 15.28
N VAL B 1030 -3.97 -17.35 15.76
CA VAL B 1030 -4.85 -16.25 15.33
C VAL B 1030 -4.27 -14.92 15.77
N GLN B 1031 -3.84 -14.83 17.03
CA GLN B 1031 -3.30 -13.57 17.54
C GLN B 1031 -2.10 -13.13 16.73
N ILE B 1032 -1.11 -14.01 16.55
CA ILE B 1032 0.07 -13.64 15.80
C ILE B 1032 -0.29 -13.30 14.37
N ASP B 1033 -1.21 -14.06 13.77
CA ASP B 1033 -1.63 -13.77 12.40
C ASP B 1033 -2.02 -12.31 12.25
N ARG B 1034 -2.83 -11.80 13.19
CA ARG B 1034 -3.16 -10.38 13.17
C ARG B 1034 -1.91 -9.53 13.32
N LEU B 1035 -1.01 -9.92 14.22
CA LEU B 1035 0.21 -9.15 14.42
C LEU B 1035 1.04 -9.10 13.14
N ILE B 1036 1.09 -10.22 12.41
CA ILE B 1036 1.81 -10.23 11.14
C ILE B 1036 1.21 -9.20 10.20
N THR B 1037 -0.12 -9.16 10.10
CA THR B 1037 -0.77 -8.21 9.21
C THR B 1037 -0.37 -6.78 9.57
N GLY B 1038 -0.49 -6.42 10.84
CA GLY B 1038 -0.16 -5.07 11.25
C GLY B 1038 1.30 -4.73 11.03
N ARG B 1039 2.19 -5.63 11.45
CA ARG B 1039 3.62 -5.40 11.26
C ARG B 1039 3.95 -5.33 9.78
N LEU B 1040 3.39 -6.25 8.98
CA LEU B 1040 3.64 -6.22 7.55
C LEU B 1040 3.14 -4.92 6.94
N GLN B 1041 2.01 -4.41 7.43
CA GLN B 1041 1.51 -3.14 6.92
C GLN B 1041 2.51 -2.01 7.15
N SER B 1042 3.11 -1.97 8.34
CA SER B 1042 4.07 -0.92 8.63
C SER B 1042 5.26 -0.98 7.68
N LEU B 1043 5.80 -2.17 7.45
CA LEU B 1043 6.97 -2.28 6.59
C LEU B 1043 6.70 -1.76 5.19
N GLN B 1044 5.64 -2.26 4.56
CA GLN B 1044 5.37 -1.87 3.18
C GLN B 1044 5.06 -0.38 3.08
N THR B 1045 4.40 0.18 4.09
CA THR B 1045 4.20 1.63 4.11
C THR B 1045 5.53 2.36 4.14
N TYR B 1046 6.39 2.02 5.09
CA TYR B 1046 7.66 2.73 5.24
C TYR B 1046 8.50 2.61 3.97
N VAL B 1047 8.57 1.41 3.40
CA VAL B 1047 9.34 1.23 2.17
C VAL B 1047 8.76 2.10 1.07
N THR B 1048 7.43 2.22 1.00
CA THR B 1048 6.82 3.09 0.01
C THR B 1048 7.27 4.53 0.20
N GLN B 1049 7.24 5.02 1.43
CA GLN B 1049 7.71 6.38 1.68
C GLN B 1049 9.17 6.52 1.29
N GLN B 1050 9.99 5.54 1.63
CA GLN B 1050 11.39 5.58 1.23
C GLN B 1050 11.51 5.67 -0.28
N LEU B 1051 10.72 4.88 -1.02
CA LEU B 1051 10.77 4.94 -2.46
C LEU B 1051 10.42 6.33 -2.97
N ILE B 1052 9.36 6.92 -2.43
CA ILE B 1052 8.94 8.24 -2.90
C ILE B 1052 10.03 9.27 -2.61
N ARG B 1053 10.51 9.30 -1.37
CA ARG B 1053 11.56 10.25 -1.03
C ARG B 1053 12.80 10.02 -1.85
N ALA B 1054 13.16 8.75 -2.06
CA ALA B 1054 14.28 8.44 -2.95
C ALA B 1054 14.00 8.95 -4.35
N ALA B 1055 12.76 8.83 -4.81
CA ALA B 1055 12.41 9.37 -6.12
C ALA B 1055 12.64 10.87 -6.17
N GLU B 1056 12.22 11.58 -5.11
CA GLU B 1056 12.38 13.03 -5.10
C GLU B 1056 13.86 13.42 -5.05
N ILE B 1057 14.62 12.83 -4.13
CA ILE B 1057 16.02 13.22 -3.96
C ILE B 1057 16.81 12.92 -5.23
N ARG B 1058 16.52 11.79 -5.89
CA ARG B 1058 17.21 11.47 -7.12
C ARG B 1058 17.08 12.61 -8.12
N ALA B 1059 15.87 13.13 -8.28
CA ALA B 1059 15.68 14.28 -9.17
C ALA B 1059 16.53 15.45 -8.71
N SER B 1060 16.60 15.70 -7.40
CA SER B 1060 17.48 16.75 -6.90
C SER B 1060 18.92 16.46 -7.25
N ALA B 1061 19.34 15.20 -7.13
CA ALA B 1061 20.71 14.84 -7.49
C ALA B 1061 20.96 15.14 -8.96
N ASN B 1062 20.02 14.78 -9.84
CA ASN B 1062 20.18 15.10 -11.25
C ASN B 1062 20.26 16.60 -11.45
N LEU B 1063 19.41 17.36 -10.75
CA LEU B 1063 19.50 18.81 -10.83
C LEU B 1063 20.87 19.28 -10.36
N ALA B 1064 21.38 18.71 -9.27
CA ALA B 1064 22.72 19.06 -8.82
C ALA B 1064 23.76 18.72 -9.88
N ALA B 1065 23.63 17.54 -10.50
CA ALA B 1065 24.56 17.18 -11.56
C ALA B 1065 24.49 18.17 -12.71
N THR B 1066 23.29 18.56 -13.11
CA THR B 1066 23.16 19.52 -14.19
C THR B 1066 23.84 20.83 -13.84
N LYS B 1067 23.59 21.34 -12.62
CA LYS B 1067 24.34 22.50 -12.15
C LYS B 1067 25.82 22.19 -12.07
N MET B 1068 26.17 20.99 -11.59
CA MET B 1068 27.57 20.63 -11.45
C MET B 1068 28.30 20.72 -12.77
N SER B 1069 27.74 20.13 -13.82
CA SER B 1069 28.41 20.08 -15.11
C SER B 1069 28.26 21.36 -15.91
N GLU B 1070 27.41 22.29 -15.48
CA GLU B 1070 27.17 23.53 -16.20
C GLU B 1070 27.67 24.75 -15.44
N CYS B 1071 27.32 24.87 -14.17
CA CYS B 1071 27.69 26.04 -13.39
C CYS B 1071 29.15 26.05 -12.97
N VAL B 1072 29.84 24.91 -13.06
CA VAL B 1072 31.25 24.80 -12.68
C VAL B 1072 32.13 24.53 -13.89
N LEU B 1073 31.90 23.42 -14.58
CA LEU B 1073 32.72 23.08 -15.74
C LEU B 1073 32.59 24.12 -16.85
N GLY B 1074 31.54 24.93 -16.82
CA GLY B 1074 31.34 25.94 -17.84
C GLY B 1074 30.70 27.18 -17.25
N GLN B 1075 30.50 28.17 -18.11
CA GLN B 1075 29.88 29.44 -17.74
C GLN B 1075 28.49 29.47 -18.38
N SER B 1076 27.50 28.98 -17.64
CA SER B 1076 26.16 28.91 -18.19
C SER B 1076 25.60 30.31 -18.45
N LYS B 1077 24.89 30.45 -19.55
CA LYS B 1077 24.19 31.68 -19.88
C LYS B 1077 22.75 31.68 -19.41
N ARG B 1078 22.33 30.65 -18.68
CA ARG B 1078 20.96 30.57 -18.20
C ARG B 1078 20.79 31.54 -17.02
N VAL B 1079 19.91 32.53 -17.20
CA VAL B 1079 19.72 33.55 -16.18
C VAL B 1079 19.10 32.94 -14.95
N ASP B 1080 19.62 33.30 -13.78
CA ASP B 1080 19.12 32.89 -12.47
C ASP B 1080 19.25 31.39 -12.23
N PHE B 1081 19.88 30.65 -13.14
CA PHE B 1081 20.09 29.23 -12.90
C PHE B 1081 21.27 29.00 -11.96
N CYS B 1082 22.45 29.47 -12.35
CA CYS B 1082 23.65 29.35 -11.53
C CYS B 1082 23.84 30.59 -10.67
N GLY B 1083 22.84 30.85 -9.84
CA GLY B 1083 22.91 31.98 -8.92
C GLY B 1083 22.27 33.23 -9.50
N LYS B 1084 21.80 34.09 -8.59
CA LYS B 1084 21.14 35.33 -9.00
C LYS B 1084 22.15 36.23 -9.71
N GLY B 1085 21.68 36.90 -10.75
CA GLY B 1085 22.53 37.80 -11.51
C GLY B 1085 23.36 37.08 -12.56
N TYR B 1086 24.13 37.87 -13.30
CA TYR B 1086 25.03 37.30 -14.29
C TYR B 1086 26.04 36.39 -13.61
N HIS B 1087 26.33 35.27 -14.26
CA HIS B 1087 27.18 34.22 -13.70
C HIS B 1087 28.58 34.28 -14.29
N LEU B 1088 29.58 34.10 -13.43
CA LEU B 1088 30.97 34.06 -13.82
C LEU B 1088 31.60 32.69 -13.67
N MET B 1089 31.39 32.04 -12.52
CA MET B 1089 31.92 30.71 -12.27
C MET B 1089 31.27 30.19 -11.00
N SER B 1090 31.70 29.00 -10.58
CA SER B 1090 31.18 28.39 -9.37
C SER B 1090 32.24 27.49 -8.76
N PHE B 1091 32.12 27.26 -7.46
CA PHE B 1091 33.05 26.39 -6.74
C PHE B 1091 32.23 25.38 -5.94
N PRO B 1092 32.37 24.09 -6.20
CA PRO B 1092 31.65 23.10 -5.38
C PRO B 1092 32.27 22.93 -4.01
N GLN B 1093 31.48 22.33 -3.12
CA GLN B 1093 31.93 22.06 -1.77
C GLN B 1093 31.21 20.83 -1.25
N SER B 1094 31.98 19.88 -0.71
CA SER B 1094 31.42 18.62 -0.25
C SER B 1094 30.82 18.81 1.14
N ALA B 1095 29.55 18.46 1.29
CA ALA B 1095 28.88 18.49 2.57
C ALA B 1095 28.20 17.15 2.81
N PRO B 1096 28.01 16.77 4.07
CA PRO B 1096 27.43 15.45 4.35
C PRO B 1096 26.09 15.27 3.68
N HIS B 1097 25.91 14.13 3.02
CA HIS B 1097 24.66 13.75 2.38
C HIS B 1097 24.22 14.73 1.30
N GLY B 1098 25.06 15.70 0.95
CA GLY B 1098 24.66 16.72 0.03
C GLY B 1098 25.85 17.39 -0.62
N VAL B 1099 25.61 18.58 -1.17
CA VAL B 1099 26.66 19.35 -1.82
C VAL B 1099 26.31 20.82 -1.69
N VAL B 1100 27.35 21.66 -1.60
CA VAL B 1100 27.19 23.09 -1.45
C VAL B 1100 27.90 23.77 -2.62
N PHE B 1101 27.24 24.76 -3.22
CA PHE B 1101 27.76 25.47 -4.37
C PHE B 1101 28.09 26.91 -3.97
N LEU B 1102 29.13 27.45 -4.59
CA LEU B 1102 29.57 28.83 -4.36
C LEU B 1102 29.51 29.56 -5.70
N HIS B 1103 28.34 30.09 -6.03
CA HIS B 1103 28.19 30.86 -7.24
C HIS B 1103 28.92 32.19 -7.11
N VAL B 1104 29.61 32.59 -8.18
CA VAL B 1104 30.27 33.88 -8.27
C VAL B 1104 29.54 34.66 -9.35
N THR B 1105 28.66 35.57 -8.94
CA THR B 1105 27.74 36.24 -9.85
C THR B 1105 28.11 37.70 -9.99
N TYR B 1106 28.23 38.15 -11.24
CA TYR B 1106 28.44 39.56 -11.53
C TYR B 1106 27.13 40.32 -11.35
N VAL B 1107 27.23 41.57 -10.91
CA VAL B 1107 26.05 42.38 -10.64
C VAL B 1107 26.34 43.86 -10.88
N PRO B 1108 25.66 44.51 -11.82
CA PRO B 1108 25.81 45.96 -11.95
C PRO B 1108 25.40 46.67 -10.67
N ALA B 1109 26.10 47.76 -10.36
CA ALA B 1109 25.95 48.43 -9.08
C ALA B 1109 25.35 49.82 -9.19
N GLN B 1110 25.98 50.73 -9.94
CA GLN B 1110 25.58 52.12 -9.98
C GLN B 1110 25.12 52.47 -11.39
N GLU B 1111 23.98 53.15 -11.48
CA GLU B 1111 23.38 53.51 -12.74
C GLU B 1111 23.18 55.02 -12.82
N LYS B 1112 23.33 55.55 -14.03
CA LYS B 1112 23.07 56.96 -14.30
C LYS B 1112 22.13 57.03 -15.51
N ASN B 1113 21.06 57.80 -15.37
CA ASN B 1113 20.13 57.97 -16.48
C ASN B 1113 20.81 58.71 -17.62
N PHE B 1114 20.50 58.31 -18.85
CA PHE B 1114 21.08 58.92 -20.04
C PHE B 1114 20.01 59.13 -21.08
N THR B 1115 20.28 60.06 -21.99
CA THR B 1115 19.43 60.31 -23.15
C THR B 1115 20.02 59.57 -24.34
N THR B 1116 19.18 58.79 -25.01
CA THR B 1116 19.63 57.91 -26.08
C THR B 1116 18.84 58.17 -27.35
N ALA B 1117 19.25 57.50 -28.43
CA ALA B 1117 18.59 57.57 -29.72
C ALA B 1117 18.90 56.29 -30.47
N PRO B 1118 17.94 55.75 -31.23
CA PRO B 1118 18.17 54.44 -31.85
C PRO B 1118 19.35 54.41 -32.79
N ALA B 1119 19.63 55.48 -33.51
CA ALA B 1119 20.70 55.49 -34.50
C ALA B 1119 21.09 56.94 -34.79
N ILE B 1120 22.01 57.11 -35.73
CA ILE B 1120 22.48 58.43 -36.15
C ILE B 1120 22.57 58.43 -37.66
N CYS B 1121 22.12 59.52 -38.28
CA CYS B 1121 22.15 59.66 -39.73
C CYS B 1121 23.08 60.83 -40.04
N HIS B 1122 24.21 60.54 -40.68
CA HIS B 1122 25.31 61.50 -40.82
C HIS B 1122 25.20 62.32 -42.11
N ASP B 1123 25.17 61.65 -43.26
CA ASP B 1123 25.11 62.34 -44.54
C ASP B 1123 23.92 61.81 -45.33
N GLY B 1124 22.76 61.73 -44.69
CA GLY B 1124 21.63 61.05 -45.27
C GLY B 1124 21.68 59.55 -45.16
N LYS B 1125 22.70 59.02 -44.47
CA LYS B 1125 22.86 57.58 -44.30
C LYS B 1125 22.84 57.28 -42.80
N ALA B 1126 21.99 56.34 -42.42
CA ALA B 1126 21.86 55.99 -41.01
C ALA B 1126 23.06 55.15 -40.56
N HIS B 1127 23.47 55.37 -39.31
CA HIS B 1127 24.55 54.61 -38.69
C HIS B 1127 24.01 53.85 -37.50
N PHE B 1128 24.31 52.55 -37.43
CA PHE B 1128 23.86 51.71 -36.34
C PHE B 1128 25.05 51.18 -35.57
N PRO B 1129 25.00 51.13 -34.24
CA PRO B 1129 26.13 50.59 -33.48
C PRO B 1129 26.38 49.14 -33.82
N ARG B 1130 27.65 48.77 -33.95
CA ARG B 1130 28.00 47.36 -34.06
C ARG B 1130 27.68 46.61 -32.78
N GLU B 1131 27.60 47.33 -31.66
CA GLU B 1131 27.34 46.72 -30.35
C GLU B 1131 27.18 47.83 -29.33
N GLY B 1132 26.45 47.57 -28.25
CA GLY B 1132 26.21 48.58 -27.25
C GLY B 1132 25.01 49.44 -27.56
N VAL B 1133 25.13 50.76 -27.42
CA VAL B 1133 24.02 51.67 -27.64
C VAL B 1133 24.56 53.09 -27.74
N PHE B 1134 23.84 53.93 -28.47
CA PHE B 1134 24.17 55.35 -28.52
C PHE B 1134 23.62 56.05 -27.30
N VAL B 1135 24.40 56.98 -26.74
CA VAL B 1135 24.00 57.70 -25.55
C VAL B 1135 24.65 59.07 -25.56
N SER B 1136 23.89 60.08 -25.13
CA SER B 1136 24.41 61.42 -24.91
C SER B 1136 23.96 61.91 -23.54
N ASN B 1137 24.89 62.44 -22.77
CA ASN B 1137 24.53 63.04 -21.50
C ASN B 1137 23.69 64.30 -21.69
N GLY B 1138 23.74 64.89 -22.88
CA GLY B 1138 22.97 66.08 -23.17
C GLY B 1138 23.73 67.08 -24.04
N THR B 1139 25.01 66.85 -24.25
CA THR B 1139 25.83 67.76 -25.03
C THR B 1139 26.58 67.08 -26.17
N HIS B 1140 27.03 65.84 -25.96
CA HIS B 1140 27.70 65.09 -27.00
C HIS B 1140 27.18 63.65 -26.97
N TRP B 1141 27.36 62.96 -28.09
CA TRP B 1141 26.88 61.59 -28.25
C TRP B 1141 28.02 60.60 -28.08
N PHE B 1142 27.73 59.48 -27.42
CA PHE B 1142 28.72 58.48 -27.09
C PHE B 1142 28.13 57.09 -27.31
N VAL B 1143 29.01 56.12 -27.52
CA VAL B 1143 28.65 54.71 -27.62
C VAL B 1143 29.45 53.95 -26.57
N THR B 1144 28.77 53.09 -25.82
CA THR B 1144 29.39 52.39 -24.71
C THR B 1144 28.84 50.98 -24.62
N GLN B 1145 29.53 50.14 -23.86
CA GLN B 1145 29.13 48.75 -23.72
C GLN B 1145 27.77 48.65 -23.05
N ARG B 1146 27.06 47.55 -23.35
CA ARG B 1146 25.68 47.39 -22.91
C ARG B 1146 25.57 47.28 -21.40
N ASN B 1147 26.66 47.00 -20.68
CA ASN B 1147 26.56 46.79 -19.24
C ASN B 1147 27.67 47.50 -18.47
N PHE B 1148 28.25 48.56 -19.02
CA PHE B 1148 29.21 49.36 -18.28
C PHE B 1148 29.45 50.68 -18.99
N TYR B 1149 29.38 51.79 -18.27
CA TYR B 1149 29.48 53.12 -18.85
C TYR B 1149 30.93 53.36 -19.26
N GLU B 1150 31.22 53.12 -20.54
CA GLU B 1150 32.56 53.34 -21.10
C GLU B 1150 32.42 54.17 -22.36
N PRO B 1151 32.12 55.47 -22.21
CA PRO B 1151 31.84 56.29 -23.38
C PRO B 1151 33.01 56.31 -24.35
N GLN B 1152 32.69 56.30 -25.64
CA GLN B 1152 33.69 56.38 -26.70
C GLN B 1152 33.11 57.16 -27.85
N ILE B 1153 33.92 58.06 -28.42
CA ILE B 1153 33.45 58.88 -29.53
C ILE B 1153 33.04 57.98 -30.68
N ILE B 1154 31.85 58.24 -31.23
CA ILE B 1154 31.34 57.41 -32.32
C ILE B 1154 32.22 57.59 -33.54
N THR B 1155 32.61 56.48 -34.15
CA THR B 1155 33.48 56.49 -35.32
C THR B 1155 32.96 55.48 -36.32
N THR B 1156 33.55 55.50 -37.51
CA THR B 1156 33.10 54.60 -38.57
C THR B 1156 33.23 53.15 -38.14
N ASP B 1157 34.35 52.78 -37.54
CA ASP B 1157 34.56 51.38 -37.16
C ASP B 1157 33.52 50.92 -36.15
N ASN B 1158 33.21 51.74 -35.16
CA ASN B 1158 32.26 51.35 -34.12
C ASN B 1158 30.84 51.19 -34.64
N THR B 1159 30.55 51.65 -35.86
CA THR B 1159 29.21 51.61 -36.41
C THR B 1159 29.25 51.01 -37.81
N PHE B 1160 28.07 50.90 -38.41
CA PHE B 1160 27.94 50.45 -39.79
C PHE B 1160 26.72 51.13 -40.40
N VAL B 1161 26.74 51.29 -41.71
CA VAL B 1161 25.76 52.09 -42.42
C VAL B 1161 24.66 51.19 -42.98
N SER B 1162 23.44 51.73 -43.03
CA SER B 1162 22.32 51.05 -43.66
C SER B 1162 21.15 52.01 -43.82
N GLY B 1163 20.60 52.09 -45.03
CA GLY B 1163 19.45 52.95 -45.24
C GLY B 1163 19.79 54.43 -45.14
N ASN B 1164 18.75 55.24 -44.93
CA ASN B 1164 18.90 56.68 -44.83
C ASN B 1164 18.15 57.21 -43.61
N CYS B 1165 18.09 58.54 -43.46
CA CYS B 1165 17.54 59.13 -42.23
C CYS B 1165 16.08 58.73 -42.03
N ASP B 1166 15.27 58.80 -43.09
CA ASP B 1166 13.82 58.83 -42.91
C ASP B 1166 13.29 57.55 -42.28
N VAL B 1167 13.78 56.39 -42.72
CA VAL B 1167 13.12 55.13 -42.40
C VAL B 1167 13.01 54.96 -40.89
N VAL B 1168 14.12 55.16 -40.18
CA VAL B 1168 14.13 54.90 -38.74
C VAL B 1168 13.21 55.88 -38.02
N ILE B 1169 12.72 55.47 -36.86
CA ILE B 1169 11.89 56.31 -36.00
C ILE B 1169 12.73 56.75 -34.82
N GLY B 1170 12.73 58.05 -34.53
CA GLY B 1170 13.46 58.59 -33.41
C GLY B 1170 14.93 58.82 -33.67
N ILE B 1171 15.40 58.58 -34.90
CA ILE B 1171 16.81 58.79 -35.20
C ILE B 1171 17.19 60.25 -34.99
N VAL B 1172 18.37 60.48 -34.42
CA VAL B 1172 18.87 61.83 -34.17
C VAL B 1172 20.08 62.07 -35.06
N ASN B 1173 20.49 63.33 -35.15
CA ASN B 1173 21.14 63.83 -36.35
C ASN B 1173 22.42 64.56 -35.95
N ASN B 1174 23.56 64.01 -36.35
CA ASN B 1174 24.84 64.27 -35.70
C ASN B 1174 25.97 63.88 -36.65
N THR B 1175 27.17 64.33 -36.31
CA THR B 1175 28.36 63.97 -37.08
C THR B 1175 28.94 62.63 -36.62
N VAL B 1176 29.62 61.96 -37.54
CA VAL B 1176 30.31 60.70 -37.27
C VAL B 1176 31.74 60.83 -37.81
N TYR B 1177 32.72 60.71 -36.92
CA TYR B 1177 34.10 60.94 -37.30
C TYR B 1177 34.66 59.77 -38.09
N ASP B 1178 35.53 60.07 -39.05
CA ASP B 1178 36.16 59.05 -39.88
C ASP B 1178 37.58 58.80 -39.40
N PRO B 1179 37.93 57.60 -38.95
CA PRO B 1179 39.31 57.38 -38.50
C PRO B 1179 40.35 57.61 -39.58
N LEU B 1180 40.03 57.31 -40.84
CA LEU B 1180 41.01 57.44 -41.91
C LEU B 1180 41.26 58.87 -42.34
N GLN B 1181 40.31 59.77 -42.09
CA GLN B 1181 40.41 61.12 -42.64
C GLN B 1181 41.71 61.84 -42.25
N PRO B 1182 42.09 61.91 -40.98
CA PRO B 1182 43.30 62.68 -40.64
C PRO B 1182 44.57 62.14 -41.29
N GLU B 1183 44.67 60.83 -41.50
CA GLU B 1183 45.92 60.25 -41.99
C GLU B 1183 46.31 60.86 -43.33
N LEU B 1184 45.37 60.92 -44.27
CA LEU B 1184 45.66 61.57 -45.55
C LEU B 1184 45.79 63.08 -45.38
N ASP B 1185 45.07 63.65 -44.41
CA ASP B 1185 45.15 65.09 -44.19
C ASP B 1185 46.56 65.51 -43.79
N SER B 1186 47.19 64.73 -42.90
CA SER B 1186 48.56 65.04 -42.50
C SER B 1186 49.49 65.09 -43.70
N PHE B 1187 49.24 64.28 -44.72
CA PHE B 1187 50.05 64.25 -45.92
C PHE B 1187 49.58 65.21 -47.00
N LYS B 1188 48.40 65.82 -46.83
CA LYS B 1188 47.96 66.82 -47.80
C LYS B 1188 48.76 68.10 -47.68
N GLU B 1189 49.08 68.50 -46.45
CA GLU B 1189 49.83 69.73 -46.23
C GLU B 1189 51.33 69.46 -46.22
N ALA C 66 -50.71 -7.74 -32.37
CA ALA C 66 -50.97 -6.68 -31.40
C ALA C 66 -49.71 -6.36 -30.61
N TYR C 67 -48.66 -5.93 -31.33
CA TYR C 67 -47.37 -5.63 -30.74
C TYR C 67 -47.00 -4.18 -31.02
N THR C 68 -46.32 -3.56 -30.05
CA THR C 68 -45.71 -2.26 -30.24
C THR C 68 -44.48 -2.19 -29.35
N ASN C 69 -43.82 -1.03 -29.35
CA ASN C 69 -42.53 -0.86 -28.71
C ASN C 69 -42.65 0.08 -27.52
N SER C 70 -42.04 -0.30 -26.41
CA SER C 70 -41.99 0.53 -25.20
C SER C 70 -40.71 1.37 -25.28
N PHE C 71 -40.86 2.65 -25.61
CA PHE C 71 -39.70 3.52 -25.78
C PHE C 71 -39.11 3.92 -24.44
N THR C 72 -39.88 4.64 -23.61
CA THR C 72 -39.41 5.05 -22.30
C THR C 72 -40.64 5.20 -21.40
N ARG C 73 -40.92 4.19 -20.59
CA ARG C 73 -42.00 4.21 -19.63
C ARG C 73 -41.62 3.33 -18.45
N GLY C 74 -42.57 3.10 -17.56
CA GLY C 74 -42.34 2.19 -16.45
C GLY C 74 -41.28 2.62 -15.48
N VAL C 75 -40.87 3.88 -15.52
CA VAL C 75 -39.87 4.39 -14.60
C VAL C 75 -40.55 4.75 -13.29
N TYR C 76 -40.07 4.17 -12.19
CA TYR C 76 -40.68 4.37 -10.88
C TYR C 76 -39.58 4.62 -9.86
N TYR C 77 -39.95 5.26 -8.77
CA TYR C 77 -39.00 5.55 -7.72
C TYR C 77 -38.62 4.25 -7.00
N PRO C 78 -37.35 3.88 -6.93
CA PRO C 78 -36.99 2.59 -6.33
C PRO C 78 -36.95 2.60 -4.82
N ASP C 79 -37.11 3.76 -4.18
CA ASP C 79 -37.06 3.83 -2.72
C ASP C 79 -37.69 5.15 -2.28
N LYS C 80 -37.97 5.24 -0.98
CA LYS C 80 -38.57 6.43 -0.39
C LYS C 80 -37.53 7.48 -0.02
N VAL C 81 -36.34 7.43 -0.61
CA VAL C 81 -35.27 8.37 -0.29
C VAL C 81 -35.34 9.53 -1.28
N PHE C 82 -35.26 10.75 -0.74
CA PHE C 82 -35.32 11.96 -1.55
C PHE C 82 -33.91 12.33 -1.99
N ARG C 83 -33.67 12.27 -3.30
CA ARG C 83 -32.41 12.67 -3.90
C ARG C 83 -32.67 13.77 -4.92
N SER C 84 -31.98 14.89 -4.77
CA SER C 84 -32.19 16.06 -5.60
C SER C 84 -30.90 16.47 -6.29
N SER C 85 -30.99 16.76 -7.59
CA SER C 85 -29.86 17.27 -8.36
C SER C 85 -28.65 16.34 -8.25
N VAL C 86 -28.90 15.05 -8.41
CA VAL C 86 -27.85 14.04 -8.36
C VAL C 86 -28.13 12.98 -9.42
N LEU C 87 -27.07 12.54 -10.09
CA LEU C 87 -27.18 11.50 -11.11
C LEU C 87 -26.95 10.13 -10.49
N HIS C 88 -27.79 9.80 -9.51
CA HIS C 88 -27.67 8.53 -8.82
C HIS C 88 -28.00 7.37 -9.74
N SER C 89 -27.31 6.26 -9.53
CA SER C 89 -27.53 5.03 -10.28
C SER C 89 -27.88 3.90 -9.32
N THR C 90 -28.51 2.87 -9.86
CA THR C 90 -28.88 1.69 -9.08
C THR C 90 -29.37 0.63 -10.05
N GLN C 91 -29.69 -0.54 -9.49
CA GLN C 91 -30.19 -1.67 -10.27
C GLN C 91 -31.40 -2.27 -9.57
N ASP C 92 -32.41 -2.59 -10.35
CA ASP C 92 -33.65 -3.19 -9.84
C ASP C 92 -34.46 -3.64 -11.04
N LEU C 93 -35.61 -4.25 -10.76
CA LEU C 93 -36.50 -4.68 -11.84
C LEU C 93 -37.07 -3.46 -12.55
N PHE C 94 -37.03 -3.48 -13.88
CA PHE C 94 -37.52 -2.37 -14.68
C PHE C 94 -38.00 -2.88 -16.02
N LEU C 95 -38.80 -2.07 -16.69
CA LEU C 95 -39.20 -2.36 -18.06
C LEU C 95 -38.07 -1.95 -19.00
N PRO C 96 -37.51 -2.86 -19.79
CA PRO C 96 -36.42 -2.45 -20.69
C PRO C 96 -36.87 -1.40 -21.67
N PHE C 97 -35.97 -0.47 -21.96
CA PHE C 97 -36.24 0.55 -22.96
C PHE C 97 -36.35 -0.09 -24.35
N PHE C 98 -37.20 0.50 -25.18
CA PHE C 98 -37.36 0.05 -26.56
C PHE C 98 -37.61 -1.46 -26.61
N SER C 99 -38.54 -1.92 -25.78
CA SER C 99 -38.83 -3.33 -25.65
C SER C 99 -40.20 -3.67 -26.22
N ASN C 100 -40.39 -4.96 -26.49
CA ASN C 100 -41.67 -5.45 -26.96
C ASN C 100 -42.71 -5.29 -25.86
N VAL C 101 -43.80 -4.59 -26.17
CA VAL C 101 -44.95 -4.47 -25.28
C VAL C 101 -46.17 -4.95 -26.05
N THR C 102 -46.90 -5.90 -25.46
CA THR C 102 -47.99 -6.57 -26.15
C THR C 102 -49.27 -5.76 -26.01
N TRP C 103 -49.77 -5.25 -27.13
CA TRP C 103 -51.08 -4.61 -27.13
C TRP C 103 -52.18 -5.65 -26.95
N PHE C 104 -53.24 -5.26 -26.26
CA PHE C 104 -54.38 -6.13 -26.02
C PHE C 104 -55.67 -5.38 -26.34
N HIS C 105 -56.68 -6.14 -26.75
CA HIS C 105 -57.95 -5.56 -27.17
C HIS C 105 -58.92 -6.69 -27.45
N ALA C 106 -60.21 -6.41 -27.30
CA ALA C 106 -61.27 -7.36 -27.60
C ALA C 106 -61.96 -6.92 -28.88
N ILE C 107 -61.88 -7.75 -29.91
CA ILE C 107 -62.38 -7.43 -31.24
C ILE C 107 -63.54 -8.35 -31.56
N HIS C 108 -64.65 -7.76 -32.00
CA HIS C 108 -65.83 -8.52 -32.40
C HIS C 108 -66.31 -9.43 -31.28
N LYS C 116 -67.92 -13.66 -26.49
CA LYS C 116 -66.99 -14.73 -26.80
C LYS C 116 -65.61 -14.18 -27.12
N ARG C 117 -65.58 -13.18 -28.01
CA ARG C 117 -64.32 -12.52 -28.38
C ARG C 117 -63.98 -11.41 -27.39
N PHE C 118 -63.93 -11.77 -26.11
CA PHE C 118 -63.59 -10.86 -25.01
C PHE C 118 -62.17 -11.12 -24.53
N ASP C 119 -61.25 -11.34 -25.47
CA ASP C 119 -60.01 -12.04 -25.14
C ASP C 119 -59.12 -11.21 -24.23
N ASN C 120 -59.25 -11.45 -22.93
CA ASN C 120 -58.35 -10.92 -21.91
C ASN C 120 -57.94 -12.07 -21.00
N PRO C 121 -57.27 -13.08 -21.55
CA PRO C 121 -57.00 -14.29 -20.77
C PRO C 121 -55.97 -14.03 -19.68
N VAL C 122 -55.96 -14.93 -18.70
CA VAL C 122 -54.97 -14.86 -17.64
C VAL C 122 -53.58 -14.80 -18.26
N LEU C 123 -52.76 -13.87 -17.79
CA LEU C 123 -51.44 -13.67 -18.33
C LEU C 123 -50.36 -14.02 -17.30
N PRO C 124 -49.19 -14.46 -17.73
CA PRO C 124 -48.14 -14.81 -16.76
C PRO C 124 -47.70 -13.60 -15.95
N PHE C 125 -47.36 -13.85 -14.69
CA PHE C 125 -46.82 -12.82 -13.81
C PHE C 125 -45.47 -13.32 -13.30
N ASN C 126 -44.41 -13.00 -14.05
CA ASN C 126 -43.05 -13.29 -13.65
C ASN C 126 -42.30 -11.98 -13.49
N ASP C 127 -41.45 -11.93 -12.47
CA ASP C 127 -40.63 -10.75 -12.14
C ASP C 127 -41.40 -9.46 -12.39
N GLY C 128 -42.62 -9.41 -11.88
CA GLY C 128 -43.44 -8.22 -12.00
C GLY C 128 -44.12 -8.12 -13.36
N VAL C 129 -44.73 -6.95 -13.58
CA VAL C 129 -45.46 -6.70 -14.81
C VAL C 129 -45.68 -5.19 -14.93
N TYR C 130 -45.72 -4.70 -16.16
CA TYR C 130 -46.00 -3.30 -16.45
C TYR C 130 -47.31 -3.21 -17.22
N PHE C 131 -48.24 -2.42 -16.70
CA PHE C 131 -49.55 -2.23 -17.33
C PHE C 131 -49.83 -0.75 -17.49
N ALA C 132 -50.37 -0.40 -18.66
CA ALA C 132 -50.74 0.99 -18.92
C ALA C 132 -51.80 0.99 -20.02
N SER C 133 -52.71 1.96 -19.93
CA SER C 133 -53.80 2.05 -20.89
C SER C 133 -54.56 3.34 -20.62
N THR C 134 -55.12 3.91 -21.69
CA THR C 134 -56.02 5.04 -21.54
C THR C 134 -57.29 4.58 -20.86
N GLU C 135 -57.79 5.40 -19.93
CA GLU C 135 -58.94 5.03 -19.12
C GLU C 135 -59.84 6.24 -18.92
N LYS C 136 -61.11 5.96 -18.60
CA LYS C 136 -62.07 7.01 -18.30
C LYS C 136 -63.27 6.38 -17.62
N SER C 137 -63.63 6.88 -16.44
CA SER C 137 -64.77 6.38 -15.67
C SER C 137 -64.56 4.94 -15.21
N ASN C 138 -63.29 4.54 -15.06
CA ASN C 138 -62.95 3.21 -14.54
C ASN C 138 -63.58 2.10 -15.39
N ILE C 139 -63.15 2.06 -16.65
CA ILE C 139 -63.60 0.98 -17.53
C ILE C 139 -63.04 -0.35 -17.05
N ILE C 140 -61.75 -0.38 -16.73
CA ILE C 140 -61.09 -1.58 -16.23
C ILE C 140 -61.33 -1.63 -14.71
N ARG C 141 -62.19 -2.54 -14.27
CA ARG C 141 -62.56 -2.57 -12.87
C ARG C 141 -61.36 -2.87 -11.98
N GLY C 142 -60.50 -3.78 -12.41
CA GLY C 142 -59.33 -4.11 -11.61
C GLY C 142 -58.54 -5.26 -12.20
N TRP C 143 -57.90 -6.02 -11.31
CA TRP C 143 -57.06 -7.13 -11.72
C TRP C 143 -57.14 -8.23 -10.68
N ILE C 144 -56.76 -9.44 -11.10
CA ILE C 144 -56.60 -10.59 -10.22
C ILE C 144 -55.18 -11.10 -10.34
N PHE C 145 -54.59 -11.47 -9.21
CA PHE C 145 -53.23 -12.00 -9.18
C PHE C 145 -53.19 -13.27 -8.34
N GLY C 146 -52.35 -14.19 -8.74
CA GLY C 146 -52.24 -15.47 -8.06
C GLY C 146 -51.56 -16.50 -8.96
N THR C 147 -51.83 -17.75 -8.68
CA THR C 147 -51.32 -18.85 -9.50
C THR C 147 -52.42 -19.76 -10.01
N THR C 148 -53.45 -20.03 -9.19
CA THR C 148 -54.59 -20.83 -9.60
C THR C 148 -55.89 -20.04 -9.52
N LEU C 149 -56.11 -19.33 -8.42
CA LEU C 149 -57.29 -18.49 -8.25
C LEU C 149 -58.57 -19.33 -8.31
N ASP C 150 -58.59 -20.39 -7.50
CA ASP C 150 -59.75 -21.28 -7.41
C ASP C 150 -59.99 -21.71 -5.96
N SER C 151 -59.58 -20.88 -5.01
CA SER C 151 -59.67 -21.18 -3.58
C SER C 151 -58.61 -22.20 -3.16
N LYS C 152 -57.87 -22.75 -4.13
CA LYS C 152 -56.74 -23.59 -3.79
C LYS C 152 -55.52 -22.75 -3.44
N THR C 153 -55.38 -21.58 -4.07
CA THR C 153 -54.32 -20.63 -3.76
C THR C 153 -54.96 -19.26 -3.59
N GLN C 154 -54.59 -18.56 -2.52
CA GLN C 154 -55.21 -17.27 -2.21
C GLN C 154 -55.06 -16.29 -3.36
N SER C 155 -56.17 -15.92 -3.98
CA SER C 155 -56.14 -14.95 -5.06
C SER C 155 -56.13 -13.52 -4.50
N LEU C 156 -55.72 -12.60 -5.35
CA LEU C 156 -55.60 -11.18 -4.99
C LEU C 156 -56.60 -10.38 -5.80
N LEU C 157 -57.33 -9.49 -5.13
CA LEU C 157 -58.33 -8.65 -5.77
C LEU C 157 -57.96 -7.19 -5.57
N ILE C 158 -57.83 -6.46 -6.66
CA ILE C 158 -57.52 -5.03 -6.63
C ILE C 158 -58.67 -4.29 -7.31
N VAL C 159 -59.88 -4.86 -7.22
CA VAL C 159 -61.01 -4.33 -7.96
C VAL C 159 -61.45 -3.01 -7.35
N ASN C 160 -62.06 -2.17 -8.20
CA ASN C 160 -62.61 -0.88 -7.80
C ASN C 160 -63.88 -0.67 -8.64
N ASN C 161 -65.03 -1.10 -8.12
CA ASN C 161 -66.24 -1.18 -8.93
C ASN C 161 -67.33 -0.22 -8.49
N ALA C 162 -67.85 -0.34 -7.27
CA ALA C 162 -68.96 0.52 -6.87
C ALA C 162 -68.95 0.94 -5.40
N THR C 163 -67.96 0.55 -4.62
CA THR C 163 -67.94 0.89 -3.20
C THR C 163 -66.63 1.51 -2.77
N ASN C 164 -65.51 1.07 -3.32
CA ASN C 164 -64.19 1.54 -2.93
C ASN C 164 -63.19 0.98 -3.93
N VAL C 165 -61.91 1.24 -3.68
CA VAL C 165 -60.83 0.58 -4.42
C VAL C 165 -60.57 -0.72 -3.66
N VAL C 166 -61.35 -1.75 -4.00
CA VAL C 166 -61.34 -2.98 -3.21
C VAL C 166 -59.96 -3.61 -3.23
N ILE C 167 -59.42 -3.86 -2.05
CA ILE C 167 -58.17 -4.61 -1.89
C ILE C 167 -58.48 -5.73 -0.90
N LYS C 168 -58.91 -6.88 -1.41
CA LYS C 168 -59.27 -8.03 -0.57
C LYS C 168 -58.56 -9.25 -1.13
N VAL C 169 -57.39 -9.57 -0.57
CA VAL C 169 -56.62 -10.74 -0.95
C VAL C 169 -57.19 -11.91 -0.16
N CYS C 170 -57.98 -12.76 -0.81
CA CYS C 170 -58.69 -13.83 -0.12
C CYS C 170 -58.69 -15.09 -0.97
N GLU C 171 -58.84 -16.22 -0.28
CA GLU C 171 -59.01 -17.50 -0.93
C GLU C 171 -60.40 -17.58 -1.55
N PHE C 172 -60.50 -17.22 -2.83
CA PHE C 172 -61.78 -17.07 -3.50
C PHE C 172 -62.13 -18.35 -4.25
N GLN C 173 -63.31 -18.89 -3.96
CA GLN C 173 -63.83 -20.02 -4.72
C GLN C 173 -64.41 -19.51 -6.03
N PHE C 174 -63.99 -20.12 -7.15
CA PHE C 174 -64.34 -19.66 -8.47
C PHE C 174 -65.39 -20.55 -9.10
N CYS C 175 -66.16 -19.97 -10.01
CA CYS C 175 -67.28 -20.67 -10.65
C CYS C 175 -66.74 -21.58 -11.75
N ASN C 176 -67.65 -22.10 -12.59
CA ASN C 176 -67.25 -23.02 -13.65
C ASN C 176 -66.16 -22.42 -14.52
N ASP C 177 -66.36 -21.20 -14.98
CA ASP C 177 -65.36 -20.49 -15.78
C ASP C 177 -64.69 -19.42 -14.93
N PRO C 178 -63.40 -19.55 -14.60
CA PRO C 178 -62.79 -18.60 -13.66
C PRO C 178 -62.64 -17.19 -14.24
N PHE C 179 -63.74 -16.59 -14.66
CA PHE C 179 -63.72 -15.21 -15.13
C PHE C 179 -65.15 -14.67 -15.05
N LEU C 180 -65.39 -13.55 -15.72
CA LEU C 180 -66.72 -12.93 -15.76
C LEU C 180 -67.61 -13.82 -16.63
N GLY C 181 -68.04 -14.94 -16.05
CA GLY C 181 -68.82 -15.95 -16.71
C GLY C 181 -70.29 -15.68 -16.84
N VAL C 182 -70.74 -14.47 -16.50
CA VAL C 182 -72.15 -14.13 -16.64
C VAL C 182 -72.59 -14.35 -18.08
N TYR C 183 -73.89 -14.58 -18.25
CA TYR C 183 -74.44 -14.69 -19.60
C TYR C 183 -74.07 -13.47 -20.43
N TYR C 184 -73.63 -13.72 -21.65
CA TYR C 184 -73.03 -12.68 -22.45
C TYR C 184 -73.98 -11.50 -22.64
N HIS C 185 -73.42 -10.40 -23.13
CA HIS C 185 -74.18 -9.16 -23.32
C HIS C 185 -75.35 -9.37 -24.27
N LYS C 186 -76.56 -9.30 -23.74
CA LYS C 186 -77.78 -9.46 -24.54
C LYS C 186 -78.31 -8.11 -25.00
N ASN C 187 -77.44 -7.31 -25.62
CA ASN C 187 -77.82 -6.00 -26.15
C ASN C 187 -78.52 -5.14 -25.10
N ASN C 188 -78.25 -5.41 -23.82
CA ASN C 188 -78.93 -4.70 -22.75
C ASN C 188 -78.36 -3.31 -22.48
N LYS C 189 -77.15 -3.03 -22.98
CA LYS C 189 -76.50 -1.74 -22.77
C LYS C 189 -76.34 -1.44 -21.28
N SER C 190 -75.53 -2.28 -20.62
CA SER C 190 -75.29 -2.11 -19.19
C SER C 190 -74.00 -2.81 -18.82
N TRP C 191 -73.45 -2.43 -17.66
CA TRP C 191 -72.23 -3.04 -17.16
C TRP C 191 -72.22 -3.23 -15.65
N MET C 192 -73.34 -3.02 -14.97
CA MET C 192 -73.34 -3.12 -13.51
C MET C 192 -72.95 -4.53 -13.07
N GLU C 193 -72.22 -4.61 -11.96
CA GLU C 193 -71.82 -5.90 -11.41
C GLU C 193 -73.01 -6.58 -10.76
N SER C 194 -73.95 -7.04 -11.57
CA SER C 194 -75.16 -7.65 -11.03
C SER C 194 -74.84 -8.96 -10.33
N GLU C 195 -74.32 -9.93 -11.07
CA GLU C 195 -73.89 -11.22 -10.51
C GLU C 195 -72.49 -11.52 -11.02
N PHE C 196 -71.48 -10.99 -10.34
CA PHE C 196 -70.10 -11.25 -10.74
C PHE C 196 -69.84 -12.75 -10.69
N ARG C 197 -69.27 -13.27 -11.79
CA ARG C 197 -68.88 -14.68 -11.86
C ARG C 197 -67.38 -14.86 -11.74
N VAL C 198 -66.64 -13.81 -11.38
CA VAL C 198 -65.20 -13.95 -11.17
C VAL C 198 -64.94 -14.96 -10.05
N TYR C 199 -65.79 -14.96 -9.02
CA TYR C 199 -65.70 -15.94 -7.95
C TYR C 199 -67.07 -16.14 -7.35
N SER C 200 -67.23 -17.26 -6.64
CA SER C 200 -68.51 -17.57 -6.01
C SER C 200 -68.69 -16.80 -4.71
N SER C 201 -67.74 -16.94 -3.79
CA SER C 201 -67.78 -16.22 -2.52
C SER C 201 -66.35 -16.09 -2.00
N ALA C 202 -66.23 -15.55 -0.79
CA ALA C 202 -64.94 -15.32 -0.15
C ALA C 202 -64.78 -16.30 1.00
N ASN C 203 -63.91 -17.30 0.80
CA ASN C 203 -63.61 -18.25 1.85
C ASN C 203 -62.81 -17.57 2.96
N ASN C 204 -62.45 -18.36 3.97
CA ASN C 204 -61.60 -17.85 5.04
C ASN C 204 -60.32 -17.29 4.45
N CYS C 205 -59.93 -16.10 4.89
CA CYS C 205 -58.75 -15.42 4.37
C CYS C 205 -58.21 -14.49 5.44
N THR C 206 -57.21 -13.68 5.06
CA THR C 206 -56.50 -12.83 6.00
C THR C 206 -56.68 -11.35 5.70
N PHE C 207 -56.45 -10.92 4.46
CA PHE C 207 -56.36 -9.52 4.12
C PHE C 207 -57.63 -9.09 3.38
N GLU C 208 -58.34 -8.12 3.94
CA GLU C 208 -59.59 -7.62 3.37
C GLU C 208 -59.65 -6.10 3.48
N TYR C 209 -58.52 -5.44 3.21
CA TYR C 209 -58.43 -4.00 3.43
C TYR C 209 -59.37 -3.24 2.51
N VAL C 210 -59.88 -2.13 3.02
CA VAL C 210 -60.70 -1.19 2.25
C VAL C 210 -59.89 0.07 2.04
N SER C 211 -59.58 0.38 0.79
CA SER C 211 -58.85 1.58 0.45
C SER C 211 -59.80 2.79 0.48
N GLN C 212 -59.31 3.93 0.04
CA GLN C 212 -60.14 5.13 0.03
C GLN C 212 -61.38 4.88 -0.84
N PRO C 213 -62.56 5.35 -0.42
CA PRO C 213 -63.77 4.98 -1.17
C PRO C 213 -63.84 5.65 -2.54
N PHE C 214 -63.60 4.87 -3.58
CA PHE C 214 -63.83 5.28 -4.96
C PHE C 214 -65.21 4.76 -5.38
N LEU C 215 -66.09 5.67 -5.80
CA LEU C 215 -67.47 5.35 -6.11
C LEU C 215 -67.77 5.73 -7.55
N MET C 216 -68.34 4.78 -8.30
CA MET C 216 -68.77 5.04 -9.67
C MET C 216 -69.71 3.93 -10.10
N ASP C 217 -70.42 4.18 -11.19
CA ASP C 217 -71.34 3.21 -11.77
C ASP C 217 -71.05 3.07 -13.26
N LEU C 218 -71.04 1.82 -13.73
CA LEU C 218 -70.79 1.50 -15.13
C LEU C 218 -72.08 0.98 -15.74
N GLU C 219 -72.71 1.78 -16.60
CA GLU C 219 -73.98 1.44 -17.19
C GLU C 219 -73.95 1.83 -18.68
N GLY C 220 -75.04 1.52 -19.37
CA GLY C 220 -75.13 1.86 -20.78
C GLY C 220 -74.03 1.20 -21.58
N LYS C 221 -73.47 1.96 -22.52
CA LYS C 221 -72.35 1.53 -23.34
C LYS C 221 -71.12 2.31 -22.90
N GLN C 222 -70.07 1.60 -22.49
CA GLN C 222 -68.88 2.21 -21.92
C GLN C 222 -67.66 1.80 -22.75
N GLY C 223 -67.05 2.78 -23.43
CA GLY C 223 -65.85 2.55 -24.19
C GLY C 223 -64.90 3.73 -24.18
N ASN C 224 -65.04 4.61 -23.18
CA ASN C 224 -64.30 5.86 -23.16
C ASN C 224 -62.90 5.67 -22.59
N PHE C 225 -61.91 6.15 -23.33
CA PHE C 225 -60.51 6.12 -22.88
C PHE C 225 -59.84 7.38 -23.42
N LYS C 226 -59.45 8.29 -22.52
CA LYS C 226 -58.89 9.57 -22.92
C LYS C 226 -57.50 9.84 -22.36
N ASN C 227 -57.24 9.51 -21.10
CA ASN C 227 -55.97 9.81 -20.46
C ASN C 227 -55.28 8.53 -20.04
N LEU C 228 -53.96 8.48 -20.24
CA LEU C 228 -53.18 7.30 -19.94
C LEU C 228 -52.83 7.25 -18.46
N ARG C 229 -53.12 6.12 -17.83
CA ARG C 229 -52.77 5.87 -16.43
C ARG C 229 -51.92 4.60 -16.39
N GLU C 230 -50.61 4.76 -16.29
CA GLU C 230 -49.70 3.63 -16.23
C GLU C 230 -49.75 2.99 -14.84
N PHE C 231 -49.43 1.70 -14.79
CA PHE C 231 -49.44 0.97 -13.53
C PHE C 231 -48.36 -0.09 -13.58
N VAL C 232 -47.59 -0.20 -12.50
CA VAL C 232 -46.54 -1.19 -12.37
C VAL C 232 -46.79 -1.98 -11.09
N PHE C 233 -46.79 -3.31 -11.20
CA PHE C 233 -47.06 -4.19 -10.08
C PHE C 233 -45.83 -5.06 -9.82
N LYS C 234 -45.37 -5.08 -8.58
CA LYS C 234 -44.21 -5.87 -8.18
C LYS C 234 -44.56 -6.66 -6.92
N ASN C 235 -43.97 -7.85 -6.81
CA ASN C 235 -44.15 -8.72 -5.65
C ASN C 235 -42.79 -9.33 -5.32
N ILE C 236 -42.08 -8.71 -4.37
CA ILE C 236 -40.76 -9.16 -3.96
C ILE C 236 -40.64 -8.99 -2.45
N ASP C 237 -39.58 -9.60 -1.90
CA ASP C 237 -39.23 -9.48 -0.49
C ASP C 237 -40.45 -9.55 0.42
N GLY C 238 -41.40 -10.44 0.09
CA GLY C 238 -42.55 -10.62 0.92
C GLY C 238 -43.56 -9.49 0.89
N TYR C 239 -43.35 -8.48 0.04
CA TYR C 239 -44.26 -7.35 -0.09
C TYR C 239 -44.78 -7.29 -1.52
N PHE C 240 -45.82 -6.48 -1.71
CA PHE C 240 -46.43 -6.26 -3.01
C PHE C 240 -46.58 -4.75 -3.21
N LYS C 241 -45.94 -4.23 -4.25
CA LYS C 241 -45.85 -2.80 -4.48
C LYS C 241 -46.76 -2.38 -5.63
N ILE C 242 -47.12 -1.10 -5.61
CA ILE C 242 -47.93 -0.49 -6.66
C ILE C 242 -47.31 0.85 -7.03
N TYR C 243 -47.19 1.11 -8.33
CA TYR C 243 -46.76 2.40 -8.83
C TYR C 243 -47.68 2.81 -9.98
N SER C 244 -47.94 4.10 -10.08
CA SER C 244 -48.84 4.60 -11.11
C SER C 244 -48.60 6.10 -11.28
N LYS C 245 -49.34 6.70 -12.21
CA LYS C 245 -49.26 8.12 -12.45
C LYS C 245 -50.48 8.56 -13.25
N HIS C 246 -51.20 9.55 -12.73
CA HIS C 246 -52.38 10.08 -13.41
C HIS C 246 -51.91 11.03 -14.51
N THR C 247 -51.52 10.43 -15.63
CA THR C 247 -50.89 11.17 -16.71
C THR C 247 -51.92 11.59 -17.75
N PRO C 248 -52.17 12.89 -17.94
CA PRO C 248 -53.04 13.31 -19.05
C PRO C 248 -52.25 13.40 -20.35
N ILE C 249 -52.83 12.85 -21.41
CA ILE C 249 -52.17 12.85 -22.72
C ILE C 249 -53.25 12.88 -23.80
N ASN C 250 -53.03 13.72 -24.81
CA ASN C 250 -53.97 13.79 -25.92
C ASN C 250 -53.86 12.57 -26.82
N LEU C 251 -52.63 12.12 -27.09
CA LEU C 251 -52.45 10.93 -27.90
C LEU C 251 -53.12 9.73 -27.23
N VAL C 252 -53.93 9.01 -28.02
CA VAL C 252 -54.62 7.82 -27.53
C VAL C 252 -54.44 6.63 -28.44
N ARG C 253 -53.62 6.73 -29.48
CA ARG C 253 -53.45 5.64 -30.44
C ARG C 253 -52.46 4.60 -29.92
N ASP C 254 -51.23 5.03 -29.64
CA ASP C 254 -50.19 4.14 -29.14
C ASP C 254 -49.42 4.89 -28.06
N LEU C 255 -48.31 4.31 -27.62
CA LEU C 255 -47.53 4.91 -26.56
C LEU C 255 -47.00 6.28 -27.02
N PRO C 256 -47.10 7.32 -26.20
CA PRO C 256 -46.59 8.64 -26.64
C PRO C 256 -45.12 8.83 -26.29
N GLN C 257 -44.38 9.37 -27.26
CA GLN C 257 -42.95 9.59 -27.08
C GLN C 257 -42.74 10.66 -26.01
N GLY C 258 -42.32 10.24 -24.83
CA GLY C 258 -42.10 11.16 -23.74
C GLY C 258 -41.57 10.42 -22.53
N PHE C 259 -41.19 11.20 -21.52
CA PHE C 259 -40.61 10.67 -20.29
C PHE C 259 -41.49 11.05 -19.10
N SER C 260 -41.71 10.08 -18.21
CA SER C 260 -42.55 10.30 -17.05
C SER C 260 -42.08 9.40 -15.91
N ALA C 261 -42.49 9.76 -14.69
CA ALA C 261 -42.12 9.02 -13.50
C ALA C 261 -43.36 8.45 -12.83
N LEU C 262 -43.19 7.32 -12.18
CA LEU C 262 -44.26 6.64 -11.45
C LEU C 262 -43.96 6.66 -9.97
N GLU C 263 -44.89 7.18 -9.18
CA GLU C 263 -44.68 7.25 -7.74
C GLU C 263 -45.40 6.09 -7.04
N PRO C 264 -44.86 5.58 -5.95
CA PRO C 264 -45.57 4.56 -5.19
C PRO C 264 -46.83 5.13 -4.54
N LEU C 265 -47.83 4.28 -4.40
CA LEU C 265 -49.07 4.66 -3.73
C LEU C 265 -49.50 3.68 -2.65
N VAL C 266 -49.03 2.44 -2.66
CA VAL C 266 -49.32 1.50 -1.58
C VAL C 266 -48.32 0.35 -1.69
N ASP C 267 -47.89 -0.15 -0.54
CA ASP C 267 -46.95 -1.26 -0.45
C ASP C 267 -47.65 -2.36 0.34
N LEU C 268 -48.37 -3.21 -0.37
CA LEU C 268 -49.12 -4.28 0.29
C LEU C 268 -48.15 -5.26 0.94
N PRO C 269 -48.20 -5.43 2.27
CA PRO C 269 -47.28 -6.38 2.93
C PRO C 269 -47.88 -7.78 3.04
N ILE C 270 -48.01 -8.45 1.89
CA ILE C 270 -48.62 -9.77 1.82
C ILE C 270 -47.57 -10.84 1.51
N GLY C 271 -46.93 -10.75 0.35
CA GLY C 271 -45.85 -11.67 0.02
C GLY C 271 -46.27 -13.13 -0.13
N ILE C 272 -47.40 -13.38 -0.78
CA ILE C 272 -47.86 -14.74 -1.02
C ILE C 272 -47.61 -15.09 -2.49
N ASN C 273 -47.66 -16.38 -2.79
CA ASN C 273 -47.44 -16.85 -4.15
C ASN C 273 -48.32 -16.15 -5.18
N ILE C 274 -47.65 -15.54 -6.16
CA ILE C 274 -48.27 -15.01 -7.37
C ILE C 274 -47.48 -15.53 -8.56
N THR C 275 -48.16 -16.12 -9.53
CA THR C 275 -47.52 -16.48 -10.79
C THR C 275 -48.29 -15.99 -12.01
N ARG C 276 -49.62 -15.98 -11.96
CA ARG C 276 -50.45 -15.61 -13.08
C ARG C 276 -51.43 -14.53 -12.65
N PHE C 277 -51.89 -13.74 -13.62
CA PHE C 277 -52.77 -12.63 -13.33
C PHE C 277 -53.70 -12.38 -14.52
N GLN C 278 -54.80 -11.70 -14.24
CA GLN C 278 -55.75 -11.32 -15.28
C GLN C 278 -56.44 -10.02 -14.86
N THR C 279 -56.96 -9.30 -15.84
CA THR C 279 -57.58 -8.01 -15.62
C THR C 279 -59.10 -8.16 -15.48
N LEU C 280 -59.71 -7.15 -14.88
CA LEU C 280 -61.15 -7.07 -14.72
C LEU C 280 -61.67 -5.89 -15.53
N LEU C 281 -62.59 -6.17 -16.44
CA LEU C 281 -63.25 -5.14 -17.25
C LEU C 281 -64.68 -4.97 -16.79
N ALA C 282 -65.35 -3.96 -17.36
CA ALA C 282 -66.74 -3.73 -17.03
C ALA C 282 -67.57 -4.97 -17.36
N LEU C 283 -68.40 -5.40 -16.42
CA LEU C 283 -69.17 -6.62 -16.59
C LEU C 283 -70.12 -6.49 -17.76
N SER C 293 -70.95 -14.97 -27.20
CA SER C 293 -71.54 -14.43 -28.42
C SER C 293 -70.45 -13.91 -29.36
N SER C 294 -70.72 -14.01 -30.66
CA SER C 294 -69.80 -13.51 -31.69
C SER C 294 -70.46 -12.56 -32.67
N SER C 295 -71.73 -12.81 -33.02
CA SER C 295 -72.44 -11.92 -33.94
C SER C 295 -72.75 -10.61 -33.22
N GLY C 296 -72.14 -9.52 -33.68
CA GLY C 296 -72.31 -8.25 -33.00
C GLY C 296 -71.88 -8.29 -31.56
N TRP C 297 -70.93 -9.17 -31.22
CA TRP C 297 -70.51 -9.33 -29.84
C TRP C 297 -69.97 -8.02 -29.29
N THR C 298 -70.40 -7.67 -28.08
CA THR C 298 -69.97 -6.43 -27.43
C THR C 298 -68.57 -6.59 -26.83
N ALA C 299 -67.62 -6.86 -27.71
CA ALA C 299 -66.23 -7.02 -27.29
C ALA C 299 -65.71 -5.70 -26.73
N GLY C 300 -65.27 -5.73 -25.47
CA GLY C 300 -64.79 -4.53 -24.83
C GLY C 300 -63.67 -3.88 -25.60
N ALA C 301 -63.95 -2.75 -26.25
CA ALA C 301 -62.98 -2.08 -27.10
C ALA C 301 -61.99 -1.27 -26.25
N ALA C 302 -61.28 -1.99 -25.38
CA ALA C 302 -60.32 -1.41 -24.48
C ALA C 302 -58.91 -1.69 -24.99
N ALA C 303 -58.14 -0.63 -25.20
CA ALA C 303 -56.76 -0.73 -25.68
C ALA C 303 -55.83 -0.66 -24.48
N TYR C 304 -55.29 -1.80 -24.07
CA TYR C 304 -54.36 -1.87 -22.95
C TYR C 304 -53.17 -2.72 -23.34
N TYR C 305 -52.01 -2.39 -22.76
CA TYR C 305 -50.75 -3.01 -23.09
C TYR C 305 -50.18 -3.72 -21.87
N VAL C 306 -49.22 -4.60 -22.11
CA VAL C 306 -48.60 -5.40 -21.07
C VAL C 306 -47.10 -5.46 -21.30
N GLY C 307 -46.33 -5.37 -20.22
CA GLY C 307 -44.90 -5.50 -20.29
C GLY C 307 -44.36 -6.18 -19.04
N TYR C 308 -43.20 -6.80 -19.20
CA TYR C 308 -42.55 -7.55 -18.12
C TYR C 308 -41.27 -6.85 -17.71
N LEU C 309 -41.06 -6.76 -16.40
CA LEU C 309 -39.87 -6.11 -15.87
C LEU C 309 -38.67 -7.05 -15.95
N GLN C 310 -37.48 -6.46 -15.91
CA GLN C 310 -36.23 -7.21 -15.93
C GLN C 310 -35.23 -6.54 -15.01
N PRO C 311 -34.28 -7.30 -14.46
CA PRO C 311 -33.28 -6.73 -13.54
C PRO C 311 -32.14 -6.03 -14.28
N ARG C 312 -32.38 -4.77 -14.64
CA ARG C 312 -31.44 -3.97 -15.42
C ARG C 312 -30.96 -2.79 -14.59
N THR C 313 -29.65 -2.57 -14.59
CA THR C 313 -29.09 -1.41 -13.91
C THR C 313 -29.53 -0.13 -14.61
N PHE C 314 -29.87 0.88 -13.82
CA PHE C 314 -30.41 2.13 -14.33
C PHE C 314 -29.67 3.30 -13.73
N LEU C 315 -29.55 4.37 -14.53
CA LEU C 315 -29.04 5.65 -14.09
C LEU C 315 -30.18 6.65 -14.10
N LEU C 316 -30.39 7.33 -12.98
CA LEU C 316 -31.47 8.29 -12.81
C LEU C 316 -30.90 9.66 -12.54
N LYS C 317 -31.41 10.66 -13.27
CA LYS C 317 -30.97 12.04 -13.12
C LYS C 317 -32.03 12.80 -12.33
N TYR C 318 -31.91 12.77 -11.00
CA TYR C 318 -32.83 13.52 -10.16
C TYR C 318 -32.63 15.02 -10.37
N ASN C 319 -33.75 15.72 -10.55
CA ASN C 319 -33.72 17.17 -10.71
C ASN C 319 -33.48 17.82 -9.36
N GLU C 320 -33.58 19.16 -9.35
CA GLU C 320 -33.40 19.91 -8.13
C GLU C 320 -34.53 19.67 -7.15
N ASN C 321 -35.56 18.93 -7.57
CA ASN C 321 -36.65 18.64 -6.65
C ASN C 321 -36.80 17.16 -6.31
N GLY C 322 -36.05 16.26 -6.92
CA GLY C 322 -36.24 14.84 -6.73
C GLY C 322 -37.08 14.17 -7.80
N THR C 323 -37.64 14.93 -8.73
CA THR C 323 -38.37 14.33 -9.83
C THR C 323 -37.37 13.88 -10.89
N ILE C 324 -37.55 12.65 -11.38
CA ILE C 324 -36.63 12.05 -12.34
C ILE C 324 -36.91 12.69 -13.69
N THR C 325 -36.09 13.67 -14.07
CA THR C 325 -36.25 14.32 -15.37
C THR C 325 -35.96 13.34 -16.50
N ASP C 326 -34.91 12.52 -16.34
CA ASP C 326 -34.54 11.58 -17.39
C ASP C 326 -33.74 10.44 -16.76
N ALA C 327 -33.74 9.30 -17.45
CA ALA C 327 -33.03 8.12 -17.00
C ALA C 327 -32.42 7.42 -18.21
N VAL C 328 -31.42 6.58 -17.96
CA VAL C 328 -30.70 5.89 -19.01
C VAL C 328 -30.49 4.44 -18.60
N ASP C 329 -30.76 3.52 -19.51
CA ASP C 329 -30.47 2.11 -19.29
C ASP C 329 -28.97 1.87 -19.36
N CYS C 330 -28.52 0.78 -18.73
CA CYS C 330 -27.12 0.42 -18.69
C CYS C 330 -26.80 -0.82 -19.51
N ALA C 331 -27.76 -1.32 -20.30
CA ALA C 331 -27.51 -2.50 -21.12
C ALA C 331 -28.12 -2.39 -22.51
N LEU C 332 -28.69 -1.25 -22.89
CA LEU C 332 -29.40 -1.16 -24.16
C LEU C 332 -28.42 -1.18 -25.34
N ASP C 333 -27.35 -0.41 -25.26
CA ASP C 333 -26.42 -0.29 -26.38
C ASP C 333 -25.11 0.29 -25.87
N PRO C 334 -24.04 0.22 -26.66
CA PRO C 334 -22.76 0.75 -26.17
C PRO C 334 -22.83 2.19 -25.71
N LEU C 335 -23.59 3.03 -26.40
CA LEU C 335 -23.72 4.41 -25.97
C LEU C 335 -24.33 4.49 -24.57
N SER C 336 -25.36 3.69 -24.32
CA SER C 336 -26.04 3.74 -23.03
C SER C 336 -25.12 3.31 -21.89
N GLU C 337 -24.44 2.17 -22.05
CA GLU C 337 -23.61 1.67 -20.97
C GLU C 337 -22.47 2.64 -20.67
N THR C 338 -21.91 3.25 -21.72
CA THR C 338 -20.85 4.25 -21.50
C THR C 338 -21.36 5.38 -20.61
N LYS C 339 -22.59 5.85 -20.86
CA LYS C 339 -23.17 6.86 -19.99
C LYS C 339 -23.22 6.38 -18.56
N CYS C 340 -23.61 5.12 -18.36
CA CYS C 340 -23.66 4.58 -17.01
C CYS C 340 -22.28 4.54 -16.37
N THR C 341 -21.26 4.16 -17.15
CA THR C 341 -19.91 4.12 -16.60
C THR C 341 -19.45 5.50 -16.16
N LEU C 342 -19.71 6.52 -16.99
CA LEU C 342 -19.33 7.88 -16.66
C LEU C 342 -20.35 8.60 -15.80
N LYS C 343 -21.51 7.99 -15.54
CA LYS C 343 -22.56 8.58 -14.73
C LYS C 343 -23.04 9.92 -15.30
N SER C 344 -22.77 10.16 -16.57
CA SER C 344 -23.13 11.42 -17.24
C SER C 344 -24.04 11.13 -18.41
N PHE C 345 -25.10 11.92 -18.54
CA PHE C 345 -26.01 11.79 -19.67
C PHE C 345 -25.38 12.29 -20.97
N THR C 346 -24.23 12.95 -20.90
CA THR C 346 -23.49 13.40 -22.07
C THR C 346 -22.10 12.78 -22.06
N VAL C 347 -21.66 12.33 -23.23
CA VAL C 347 -20.36 11.70 -23.40
C VAL C 347 -19.50 12.58 -24.30
N GLU C 348 -18.28 12.86 -23.87
CA GLU C 348 -17.37 13.68 -24.65
C GLU C 348 -16.78 12.86 -25.80
N LYS C 349 -16.29 13.57 -26.80
CA LYS C 349 -15.61 12.92 -27.91
C LYS C 349 -14.39 12.16 -27.39
N GLY C 350 -14.22 10.93 -27.85
CA GLY C 350 -13.08 10.13 -27.48
C GLY C 350 -13.45 8.67 -27.40
N ILE C 351 -12.53 7.89 -26.84
CA ILE C 351 -12.69 6.45 -26.67
C ILE C 351 -12.58 6.13 -25.18
N TYR C 352 -13.44 5.25 -24.69
CA TYR C 352 -13.51 4.94 -23.28
C TYR C 352 -13.46 3.43 -23.07
N GLN C 353 -12.99 3.04 -21.89
CA GLN C 353 -12.90 1.64 -21.49
C GLN C 353 -14.05 1.31 -20.56
N THR C 354 -14.78 0.24 -20.88
CA THR C 354 -15.90 -0.20 -20.06
C THR C 354 -15.78 -1.70 -19.77
N SER C 355 -16.84 -2.28 -19.24
CA SER C 355 -16.80 -3.68 -18.82
C SER C 355 -16.25 -4.56 -19.93
N ASN C 356 -15.39 -5.50 -19.54
CA ASN C 356 -14.79 -6.44 -20.48
C ASN C 356 -15.80 -7.55 -20.80
N PHE C 357 -15.33 -8.62 -21.44
CA PHE C 357 -16.17 -9.75 -21.79
C PHE C 357 -15.42 -11.03 -21.49
N ARG C 358 -16.13 -12.15 -21.63
CA ARG C 358 -15.54 -13.47 -21.43
C ARG C 358 -16.44 -14.51 -22.08
N VAL C 359 -15.82 -15.53 -22.67
CA VAL C 359 -16.55 -16.57 -23.37
C VAL C 359 -16.90 -17.67 -22.36
N GLN C 360 -18.20 -17.93 -22.21
CA GLN C 360 -18.63 -18.97 -21.30
C GLN C 360 -18.28 -20.34 -21.87
N PRO C 361 -17.93 -21.31 -21.01
CA PRO C 361 -17.54 -22.63 -21.49
C PRO C 361 -18.72 -23.58 -21.62
N THR C 362 -18.45 -24.72 -22.26
CA THR C 362 -19.38 -25.84 -22.30
C THR C 362 -18.74 -27.00 -21.55
N GLU C 363 -19.44 -27.51 -20.54
CA GLU C 363 -18.88 -28.56 -19.70
C GLU C 363 -18.43 -29.77 -20.50
N SER C 364 -17.23 -30.26 -20.19
CA SER C 364 -16.79 -31.60 -20.58
C SER C 364 -15.76 -32.05 -19.56
N ILE C 365 -16.19 -32.80 -18.56
CA ILE C 365 -15.28 -33.29 -17.51
C ILE C 365 -15.44 -34.80 -17.40
N VAL C 366 -14.78 -35.38 -16.41
CA VAL C 366 -14.88 -36.81 -16.15
C VAL C 366 -14.16 -37.58 -17.24
N ARG C 367 -12.84 -37.39 -17.32
CA ARG C 367 -11.97 -38.24 -18.12
C ARG C 367 -11.22 -39.24 -17.25
N PHE C 368 -11.63 -39.39 -15.99
CA PHE C 368 -10.84 -40.17 -15.05
C PHE C 368 -10.63 -41.59 -15.57
N PRO C 369 -9.46 -42.18 -15.32
CA PRO C 369 -9.25 -43.56 -15.77
C PRO C 369 -10.12 -44.53 -15.00
N ASN C 370 -10.47 -45.62 -15.66
CA ASN C 370 -11.23 -46.69 -15.02
C ASN C 370 -10.28 -47.74 -14.46
N ILE C 371 -10.69 -48.33 -13.34
CA ILE C 371 -9.89 -49.33 -12.65
C ILE C 371 -10.47 -50.71 -12.97
N THR C 372 -9.67 -51.54 -13.63
CA THR C 372 -10.12 -52.89 -13.96
C THR C 372 -10.39 -53.71 -12.70
N ASN C 373 -9.81 -53.33 -11.56
CA ASN C 373 -10.07 -54.01 -10.31
C ASN C 373 -11.47 -53.67 -9.82
N LEU C 374 -12.45 -54.48 -10.18
CA LEU C 374 -13.83 -54.29 -9.76
C LEU C 374 -14.05 -54.96 -8.41
N CYS C 375 -14.96 -54.41 -7.63
CA CYS C 375 -15.23 -54.95 -6.31
C CYS C 375 -15.79 -56.36 -6.42
N PRO C 376 -15.26 -57.33 -5.68
CA PRO C 376 -15.78 -58.70 -5.77
C PRO C 376 -17.05 -58.93 -4.96
N PHE C 377 -17.72 -57.84 -4.57
CA PHE C 377 -18.98 -57.93 -3.83
C PHE C 377 -19.88 -59.00 -4.44
N GLY C 378 -19.83 -59.15 -5.76
CA GLY C 378 -20.70 -60.12 -6.42
C GLY C 378 -20.56 -61.51 -5.86
N GLU C 379 -19.32 -61.95 -5.61
CA GLU C 379 -19.07 -63.26 -5.02
C GLU C 379 -18.99 -63.23 -3.50
N VAL C 380 -19.01 -62.03 -2.89
CA VAL C 380 -18.89 -61.96 -1.43
C VAL C 380 -20.10 -62.62 -0.77
N PHE C 381 -21.30 -62.23 -1.18
CA PHE C 381 -22.54 -62.76 -0.58
C PHE C 381 -23.10 -63.92 -1.40
N ASN C 382 -22.26 -64.91 -1.70
CA ASN C 382 -22.68 -66.05 -2.51
C ASN C 382 -22.23 -67.39 -1.95
N ALA C 383 -21.33 -67.42 -0.98
CA ALA C 383 -20.99 -68.66 -0.32
C ALA C 383 -22.18 -69.18 0.49
N THR C 384 -22.26 -70.50 0.63
CA THR C 384 -23.37 -71.10 1.37
C THR C 384 -23.39 -70.61 2.81
N ARG C 385 -22.21 -70.53 3.44
CA ARG C 385 -22.08 -70.04 4.81
C ARG C 385 -20.93 -69.05 4.85
N PHE C 386 -21.22 -67.82 5.26
CA PHE C 386 -20.18 -66.79 5.38
C PHE C 386 -19.49 -66.95 6.73
N ALA C 387 -18.70 -65.94 7.11
CA ALA C 387 -18.04 -65.97 8.40
C ALA C 387 -19.07 -66.04 9.52
N SER C 388 -18.64 -66.59 10.65
CA SER C 388 -19.55 -66.79 11.77
C SER C 388 -20.08 -65.45 12.29
N VAL C 389 -21.25 -65.50 12.91
CA VAL C 389 -21.85 -64.30 13.47
C VAL C 389 -20.92 -63.67 14.49
N TYR C 390 -20.24 -64.49 15.28
CA TYR C 390 -19.27 -63.99 16.25
C TYR C 390 -17.90 -63.75 15.65
N ALA C 391 -17.49 -64.57 14.66
CA ALA C 391 -16.21 -64.42 13.98
C ALA C 391 -16.37 -63.81 12.60
N TRP C 392 -17.29 -62.86 12.46
CA TRP C 392 -17.55 -62.18 11.19
C TRP C 392 -16.25 -61.81 10.49
N ASN C 393 -16.26 -61.87 9.16
CA ASN C 393 -15.05 -61.67 8.37
C ASN C 393 -14.60 -60.21 8.45
N ARG C 394 -13.34 -59.99 8.03
CA ARG C 394 -12.78 -58.65 7.95
C ARG C 394 -11.99 -58.44 6.66
N LYS C 395 -12.26 -59.23 5.63
CA LYS C 395 -11.53 -59.07 4.36
C LYS C 395 -11.70 -57.66 3.84
N ARG C 396 -10.57 -57.03 3.48
CA ARG C 396 -10.57 -55.63 3.06
C ARG C 396 -10.91 -55.54 1.56
N ILE C 397 -12.19 -55.74 1.27
CA ILE C 397 -12.71 -55.55 -0.08
C ILE C 397 -12.87 -54.05 -0.27
N SER C 398 -11.89 -53.42 -0.90
CA SER C 398 -11.86 -51.97 -1.06
C SER C 398 -11.09 -51.63 -2.33
N ASN C 399 -10.75 -50.35 -2.48
CA ASN C 399 -9.98 -49.83 -3.60
C ASN C 399 -10.34 -50.56 -4.90
N CYS C 400 -11.64 -50.58 -5.18
CA CYS C 400 -12.17 -51.31 -6.32
C CYS C 400 -13.31 -50.49 -6.91
N VAL C 401 -14.06 -51.11 -7.84
CA VAL C 401 -15.17 -50.46 -8.53
C VAL C 401 -16.43 -51.24 -8.15
N ALA C 402 -17.31 -50.59 -7.39
CA ALA C 402 -18.57 -51.21 -6.96
C ALA C 402 -19.71 -50.77 -7.87
N ASP C 403 -19.63 -51.21 -9.12
CA ASP C 403 -20.67 -50.89 -10.09
C ASP C 403 -21.98 -51.57 -9.70
N TYR C 404 -23.10 -50.88 -9.98
CA TYR C 404 -24.41 -51.38 -9.59
C TYR C 404 -25.47 -51.15 -10.66
N SER C 405 -25.07 -50.86 -11.90
CA SER C 405 -26.06 -50.59 -12.94
C SER C 405 -27.01 -51.78 -13.10
N VAL C 406 -26.48 -52.92 -13.53
CA VAL C 406 -27.31 -54.12 -13.62
C VAL C 406 -27.78 -54.55 -12.24
N LEU C 407 -27.02 -54.20 -11.20
CA LEU C 407 -27.41 -54.56 -9.83
C LEU C 407 -28.75 -53.92 -9.48
N TYR C 408 -28.92 -52.63 -9.79
CA TYR C 408 -30.20 -51.98 -9.55
C TYR C 408 -31.26 -52.48 -10.52
N ASN C 409 -30.87 -52.83 -11.75
CA ASN C 409 -31.84 -53.31 -12.73
C ASN C 409 -32.50 -54.60 -12.26
N SER C 410 -31.72 -55.50 -11.67
CA SER C 410 -32.26 -56.76 -11.18
C SER C 410 -33.24 -56.51 -10.04
N ALA C 411 -34.49 -56.96 -10.22
CA ALA C 411 -35.51 -56.73 -9.21
C ALA C 411 -35.32 -57.65 -8.00
N SER C 412 -34.80 -58.86 -8.21
CA SER C 412 -34.60 -59.78 -7.10
C SER C 412 -33.61 -59.25 -6.08
N PHE C 413 -32.79 -58.27 -6.45
CA PHE C 413 -31.81 -57.73 -5.52
C PHE C 413 -32.51 -56.99 -4.38
N SER C 414 -31.82 -56.91 -3.24
CA SER C 414 -32.46 -56.44 -2.01
C SER C 414 -32.26 -54.94 -1.77
N THR C 415 -31.02 -54.53 -1.55
CA THR C 415 -30.76 -53.15 -1.13
C THR C 415 -29.29 -52.82 -1.35
N PHE C 416 -29.03 -51.87 -2.26
CA PHE C 416 -27.72 -51.27 -2.40
C PHE C 416 -27.80 -49.76 -2.54
N LYS C 417 -28.99 -49.18 -2.56
CA LYS C 417 -29.19 -47.73 -2.51
C LYS C 417 -29.01 -47.30 -1.06
N CYS C 418 -27.76 -47.19 -0.66
CA CYS C 418 -27.38 -47.14 0.75
C CYS C 418 -27.45 -45.70 1.28
N TYR C 419 -27.44 -45.59 2.61
CA TYR C 419 -27.62 -44.32 3.29
C TYR C 419 -26.32 -43.76 3.87
N GLY C 420 -25.19 -44.43 3.65
CA GLY C 420 -23.94 -43.98 4.24
C GLY C 420 -23.58 -42.55 3.86
N VAL C 421 -23.26 -42.34 2.58
CA VAL C 421 -23.00 -41.02 2.04
C VAL C 421 -24.02 -40.63 0.98
N SER C 422 -24.39 -41.57 0.13
CA SER C 422 -25.45 -41.37 -0.85
C SER C 422 -25.74 -42.71 -1.52
N PRO C 423 -26.99 -42.97 -1.94
CA PRO C 423 -27.28 -44.29 -2.51
C PRO C 423 -26.45 -44.64 -3.73
N THR C 424 -26.15 -43.66 -4.57
CA THR C 424 -25.49 -43.90 -5.85
C THR C 424 -24.00 -43.56 -5.83
N LYS C 425 -23.45 -43.20 -4.68
CA LYS C 425 -22.03 -42.88 -4.61
C LYS C 425 -21.20 -44.14 -4.46
N LEU C 426 -21.41 -45.11 -5.35
CA LEU C 426 -20.72 -46.40 -5.25
C LEU C 426 -20.20 -46.94 -6.57
N ASN C 427 -20.54 -46.35 -7.71
CA ASN C 427 -20.15 -46.94 -8.99
C ASN C 427 -18.66 -46.75 -9.24
N ASP C 428 -18.21 -45.50 -9.33
CA ASP C 428 -16.79 -45.20 -9.50
C ASP C 428 -16.09 -44.87 -8.19
N LEU C 429 -16.83 -44.78 -7.09
CA LEU C 429 -16.23 -44.50 -5.80
C LEU C 429 -15.34 -45.65 -5.36
N CYS C 430 -14.18 -45.33 -4.82
CA CYS C 430 -13.26 -46.30 -4.26
C CYS C 430 -13.34 -46.26 -2.74
N PHE C 431 -13.02 -47.39 -2.11
CA PHE C 431 -13.20 -47.56 -0.67
C PHE C 431 -11.83 -47.58 -0.01
N THR C 432 -11.70 -46.83 1.10
CA THR C 432 -10.42 -46.71 1.77
C THR C 432 -9.94 -48.04 2.34
N ASN C 433 -10.62 -48.54 3.36
CA ASN C 433 -10.25 -49.79 4.03
C ASN C 433 -11.50 -50.55 4.44
N VAL C 434 -12.53 -50.54 3.59
CA VAL C 434 -13.79 -51.18 3.95
C VAL C 434 -13.56 -52.69 4.09
N TYR C 435 -14.01 -53.23 5.21
CA TYR C 435 -13.86 -54.65 5.52
C TYR C 435 -15.23 -55.32 5.50
N ALA C 436 -15.36 -56.37 4.70
CA ALA C 436 -16.61 -57.12 4.64
C ALA C 436 -16.79 -57.93 5.91
N ASP C 437 -17.98 -57.84 6.51
CA ASP C 437 -18.32 -58.55 7.73
C ASP C 437 -19.56 -59.41 7.51
N SER C 438 -19.61 -60.11 6.39
CA SER C 438 -20.79 -60.88 6.03
C SER C 438 -20.99 -62.05 6.98
N PHE C 439 -22.27 -62.32 7.30
CA PHE C 439 -22.64 -63.49 8.08
C PHE C 439 -24.07 -63.84 7.74
N VAL C 440 -24.44 -65.10 8.01
CA VAL C 440 -25.76 -65.63 7.69
C VAL C 440 -26.54 -65.78 8.98
N ILE C 441 -27.77 -65.24 9.00
CA ILE C 441 -28.63 -65.27 10.16
C ILE C 441 -30.05 -65.58 9.70
N ARG C 442 -30.95 -65.78 10.67
CA ARG C 442 -32.33 -66.10 10.37
C ARG C 442 -33.11 -64.83 10.02
N GLY C 443 -34.31 -65.03 9.47
CA GLY C 443 -35.13 -63.90 9.08
C GLY C 443 -35.42 -62.95 10.24
N ASP C 444 -35.80 -63.52 11.39
CA ASP C 444 -36.07 -62.72 12.57
C ASP C 444 -34.84 -62.46 13.42
N GLU C 445 -33.70 -63.05 13.08
CA GLU C 445 -32.46 -62.86 13.81
C GLU C 445 -31.71 -61.60 13.40
N VAL C 446 -32.33 -60.74 12.57
CA VAL C 446 -31.70 -59.48 12.21
C VAL C 446 -31.67 -58.53 13.41
N ARG C 447 -32.50 -58.76 14.42
CA ARG C 447 -32.58 -57.83 15.54
C ARG C 447 -31.30 -57.85 16.36
N GLN C 448 -30.81 -59.04 16.72
CA GLN C 448 -29.59 -59.12 17.51
C GLN C 448 -28.42 -58.49 16.76
N ILE C 449 -28.34 -58.71 15.45
CA ILE C 449 -27.35 -58.02 14.64
C ILE C 449 -27.61 -56.51 14.67
N ALA C 450 -28.88 -56.12 14.67
CA ALA C 450 -29.23 -54.71 14.62
C ALA C 450 -28.75 -54.01 15.89
N PRO C 451 -28.36 -52.73 15.81
CA PRO C 451 -27.90 -52.02 17.01
C PRO C 451 -29.01 -51.90 18.04
N GLY C 452 -28.61 -51.86 19.30
CA GLY C 452 -29.56 -51.64 20.38
C GLY C 452 -30.59 -52.73 20.53
N GLN C 453 -30.18 -54.00 20.43
CA GLN C 453 -31.10 -55.09 20.66
C GLN C 453 -31.20 -55.38 22.16
N THR C 454 -32.28 -56.07 22.53
CA THR C 454 -32.57 -56.30 23.94
C THR C 454 -31.43 -57.06 24.62
N GLY C 455 -31.04 -56.58 25.79
CA GLY C 455 -30.02 -57.25 26.59
C GLY C 455 -28.62 -57.01 26.06
N LYS C 456 -27.67 -57.66 26.72
CA LYS C 456 -26.27 -57.61 26.31
C LYS C 456 -25.92 -58.70 25.30
N ILE C 457 -26.87 -59.56 24.93
CA ILE C 457 -26.61 -60.58 23.92
C ILE C 457 -26.28 -59.94 22.58
N ALA C 458 -26.67 -58.68 22.36
CA ALA C 458 -26.35 -58.01 21.11
C ALA C 458 -24.84 -57.92 20.90
N ASP C 459 -24.11 -57.50 21.93
CA ASP C 459 -22.65 -57.44 21.85
C ASP C 459 -21.99 -58.77 22.11
N TYR C 460 -22.73 -59.75 22.64
CA TYR C 460 -22.16 -61.07 22.86
C TYR C 460 -22.03 -61.86 21.56
N ASN C 461 -22.94 -61.63 20.61
CA ASN C 461 -22.88 -62.27 19.30
C ASN C 461 -22.31 -61.34 18.23
N TYR C 462 -22.95 -60.20 18.01
CA TYR C 462 -22.43 -59.18 17.10
C TYR C 462 -23.18 -57.87 17.30
N LYS C 463 -22.46 -56.80 17.61
CA LYS C 463 -23.06 -55.49 17.84
C LYS C 463 -22.80 -54.61 16.63
N LEU C 464 -23.84 -54.29 15.89
CA LEU C 464 -23.72 -53.30 14.83
C LEU C 464 -23.65 -51.92 15.45
N PRO C 465 -22.65 -51.10 15.11
CA PRO C 465 -22.52 -49.80 15.78
C PRO C 465 -23.77 -48.96 15.59
N ASP C 466 -24.13 -48.22 16.64
CA ASP C 466 -25.26 -47.31 16.54
C ASP C 466 -25.02 -46.26 15.47
N ASP C 467 -23.81 -45.72 15.42
CA ASP C 467 -23.39 -44.81 14.36
C ASP C 467 -22.73 -45.56 13.21
N PHE C 468 -23.41 -46.58 12.71
CA PHE C 468 -22.88 -47.44 11.66
C PHE C 468 -22.92 -46.69 10.33
N THR C 469 -21.94 -45.82 10.14
CA THR C 469 -21.80 -45.13 8.86
C THR C 469 -21.57 -46.12 7.71
N GLY C 470 -21.08 -47.31 8.02
CA GLY C 470 -20.99 -48.36 7.02
C GLY C 470 -22.35 -48.77 6.55
N CYS C 471 -22.42 -49.82 5.73
CA CYS C 471 -23.68 -50.23 5.12
C CYS C 471 -23.97 -51.69 5.44
N VAL C 472 -25.26 -52.01 5.50
CA VAL C 472 -25.73 -53.36 5.78
C VAL C 472 -26.65 -53.78 4.63
N ILE C 473 -26.36 -54.95 4.06
CA ILE C 473 -27.16 -55.50 2.97
C ILE C 473 -28.04 -56.57 3.59
N ALA C 474 -29.25 -56.18 3.96
CA ALA C 474 -30.17 -57.06 4.68
C ALA C 474 -31.19 -57.64 3.73
N TRP C 475 -31.29 -58.97 3.71
CA TRP C 475 -32.25 -59.64 2.83
C TRP C 475 -32.50 -61.05 3.33
N ASN C 476 -33.61 -61.62 2.88
CA ASN C 476 -33.96 -63.01 3.16
C ASN C 476 -33.64 -63.86 1.94
N SER C 477 -32.87 -64.93 2.15
CA SER C 477 -32.44 -65.81 1.07
C SER C 477 -33.34 -67.02 0.90
N ASN C 478 -33.80 -67.61 2.00
CA ASN C 478 -34.72 -68.75 1.94
C ASN C 478 -34.06 -69.98 1.32
N ASN C 479 -34.39 -70.30 0.07
CA ASN C 479 -33.94 -71.54 -0.54
C ASN C 479 -32.42 -71.63 -0.62
N LEU C 480 -31.72 -70.49 -0.63
CA LEU C 480 -30.27 -70.53 -0.82
C LEU C 480 -29.58 -71.27 0.31
N ASP C 481 -29.99 -71.03 1.56
CA ASP C 481 -29.35 -71.61 2.73
C ASP C 481 -30.38 -72.23 3.66
N SER C 482 -31.39 -72.89 3.09
CA SER C 482 -32.41 -73.59 3.86
C SER C 482 -32.49 -75.02 3.39
N LYS C 483 -32.45 -75.97 4.33
CA LYS C 483 -32.53 -77.38 4.04
C LYS C 483 -33.67 -78.01 4.84
N VAL C 484 -34.27 -79.05 4.27
CA VAL C 484 -35.38 -79.72 4.94
C VAL C 484 -34.94 -80.25 6.30
N GLY C 485 -33.73 -80.79 6.37
CA GLY C 485 -33.20 -81.28 7.63
C GLY C 485 -32.71 -80.21 8.58
N GLY C 486 -32.57 -78.98 8.10
CA GLY C 486 -32.14 -77.87 8.95
C GLY C 486 -30.77 -77.34 8.62
N ASN C 487 -30.72 -76.22 7.92
CA ASN C 487 -29.46 -75.52 7.63
C ASN C 487 -29.15 -74.51 8.74
N TYR C 488 -29.14 -74.99 9.97
CA TYR C 488 -28.86 -74.17 11.15
C TYR C 488 -27.39 -74.24 11.57
N ASN C 489 -26.49 -74.43 10.59
CA ASN C 489 -25.08 -74.54 10.91
C ASN C 489 -24.59 -73.35 11.72
N TYR C 490 -25.08 -72.15 11.40
CA TYR C 490 -24.71 -70.97 12.19
C TYR C 490 -25.27 -71.13 13.60
N LEU C 491 -24.37 -71.37 14.56
CA LEU C 491 -24.79 -71.73 15.90
C LEU C 491 -25.57 -70.59 16.55
N TYR C 492 -26.15 -70.89 17.71
CA TYR C 492 -27.02 -69.97 18.45
C TYR C 492 -26.60 -69.89 19.90
N ARG C 493 -25.31 -69.69 20.13
CA ARG C 493 -24.76 -69.48 21.48
C ARG C 493 -24.65 -68.00 21.79
N LEU C 494 -25.61 -67.20 21.32
CA LEU C 494 -25.67 -65.77 21.59
C LEU C 494 -25.37 -65.46 23.05
N PHE C 495 -25.70 -66.40 23.94
CA PHE C 495 -25.41 -66.24 25.36
C PHE C 495 -23.91 -66.28 25.66
N ARG C 496 -23.08 -66.64 24.69
CA ARG C 496 -21.64 -66.73 24.91
C ARG C 496 -21.11 -65.41 25.46
N LYS C 497 -20.23 -65.51 26.45
CA LYS C 497 -19.71 -64.33 27.15
C LYS C 497 -18.62 -63.60 26.38
N SER C 498 -18.45 -63.88 25.10
CA SER C 498 -17.46 -63.18 24.29
C SER C 498 -17.94 -61.76 24.01
N ASN C 499 -17.23 -60.77 24.55
CA ASN C 499 -17.62 -59.37 24.42
C ASN C 499 -17.26 -58.89 23.02
N LEU C 500 -18.22 -58.98 22.11
CA LEU C 500 -18.03 -58.53 20.73
C LEU C 500 -18.66 -57.16 20.58
N LYS C 501 -17.94 -56.15 21.07
CA LYS C 501 -18.36 -54.76 21.02
C LYS C 501 -18.47 -54.31 19.56
N PRO C 502 -19.04 -53.13 19.27
CA PRO C 502 -19.11 -52.66 17.88
C PRO C 502 -17.77 -52.74 17.18
N PHE C 503 -17.67 -53.62 16.19
CA PHE C 503 -16.41 -53.86 15.47
C PHE C 503 -15.28 -54.13 16.46
N GLU C 504 -15.48 -55.16 17.28
CA GLU C 504 -14.50 -55.48 18.31
C GLU C 504 -13.16 -55.88 17.69
N ARG C 505 -13.18 -56.62 16.58
CA ARG C 505 -11.97 -57.07 15.92
C ARG C 505 -11.96 -56.62 14.46
N PRO C 530 -31.36 -67.64 17.41
CA PRO C 530 -31.76 -68.39 18.60
C PRO C 530 -31.81 -69.90 18.39
N LEU C 531 -31.95 -70.64 19.49
CA LEU C 531 -31.82 -72.09 19.45
C LEU C 531 -32.96 -72.78 18.72
N GLN C 532 -34.13 -72.13 18.61
CA GLN C 532 -35.29 -72.82 18.05
C GLN C 532 -35.09 -73.22 16.60
N SER C 533 -34.10 -72.64 15.92
CA SER C 533 -33.83 -72.99 14.53
C SER C 533 -33.25 -74.39 14.48
N TYR C 534 -34.07 -75.35 14.11
CA TYR C 534 -33.65 -76.74 13.99
C TYR C 534 -33.96 -77.34 12.63
N GLY C 535 -35.08 -76.97 12.02
CA GLY C 535 -35.45 -77.50 10.72
C GLY C 535 -35.97 -76.43 9.78
N PHE C 536 -35.33 -76.29 8.63
CA PHE C 536 -35.73 -75.35 7.61
C PHE C 536 -36.47 -76.09 6.49
N GLN C 537 -36.80 -75.38 5.42
CA GLN C 537 -37.48 -75.95 4.28
C GLN C 537 -37.23 -75.05 3.08
N PRO C 538 -37.41 -75.56 1.86
CA PRO C 538 -37.16 -74.72 0.68
C PRO C 538 -38.03 -73.48 0.62
N THR C 539 -39.17 -73.46 1.32
CA THR C 539 -40.08 -72.33 1.27
C THR C 539 -40.33 -71.77 2.67
N ASN C 540 -39.27 -71.59 3.46
CA ASN C 540 -39.42 -71.02 4.79
C ASN C 540 -40.00 -69.62 4.71
N GLY C 541 -40.85 -69.29 5.68
CA GLY C 541 -41.48 -67.99 5.71
C GLY C 541 -40.57 -66.91 6.30
N VAL C 542 -41.02 -65.66 6.15
CA VAL C 542 -40.25 -64.54 6.69
C VAL C 542 -40.22 -64.65 8.21
N GLY C 543 -39.08 -64.26 8.78
CA GLY C 543 -38.84 -64.39 10.20
C GLY C 543 -38.24 -65.71 10.62
N TYR C 544 -38.30 -66.72 9.75
CA TYR C 544 -37.71 -68.02 10.02
C TYR C 544 -36.77 -68.51 8.92
N GLN C 545 -36.90 -67.99 7.71
CA GLN C 545 -36.02 -68.38 6.61
C GLN C 545 -34.63 -67.76 6.78
N PRO C 546 -33.62 -68.34 6.13
CA PRO C 546 -32.27 -67.79 6.25
C PRO C 546 -32.19 -66.36 5.77
N TYR C 547 -31.28 -65.59 6.38
CA TYR C 547 -31.13 -64.17 6.13
C TYR C 547 -29.65 -63.89 5.89
N ARG C 548 -29.27 -63.75 4.62
CA ARG C 548 -27.89 -63.45 4.26
C ARG C 548 -27.64 -61.95 4.33
N VAL C 549 -26.57 -61.56 5.03
CA VAL C 549 -26.30 -60.16 5.32
C VAL C 549 -24.85 -59.84 4.98
N VAL C 550 -24.63 -58.64 4.42
CA VAL C 550 -23.31 -58.07 4.22
C VAL C 550 -23.24 -56.77 5.01
N VAL C 551 -22.23 -56.64 5.86
CA VAL C 551 -22.15 -55.53 6.81
C VAL C 551 -20.87 -54.75 6.60
N LEU C 552 -20.43 -54.64 5.34
CA LEU C 552 -19.24 -53.87 5.00
C LEU C 552 -19.18 -52.60 5.82
N SER C 553 -18.04 -52.38 6.47
CA SER C 553 -17.85 -51.26 7.39
C SER C 553 -17.06 -50.15 6.70
N PHE C 554 -17.41 -48.91 7.04
CA PHE C 554 -16.73 -47.74 6.50
C PHE C 554 -15.78 -47.18 7.56
N GLU C 555 -14.54 -46.90 7.14
CA GLU C 555 -13.54 -46.34 8.03
C GLU C 555 -12.58 -45.49 7.22
N LEU C 556 -11.92 -44.55 7.92
CA LEU C 556 -10.95 -43.67 7.29
C LEU C 556 -10.01 -43.17 8.37
N LEU C 557 -8.74 -43.55 8.29
CA LEU C 557 -7.76 -43.21 9.30
C LEU C 557 -6.39 -43.09 8.63
N HIS C 558 -5.32 -43.15 9.43
CA HIS C 558 -3.98 -43.07 8.88
C HIS C 558 -3.71 -44.20 7.89
N ALA C 559 -4.48 -45.28 7.96
CA ALA C 559 -4.41 -46.33 6.95
C ALA C 559 -4.78 -45.74 5.60
N PRO C 560 -4.35 -46.38 4.49
CA PRO C 560 -4.59 -45.79 3.17
C PRO C 560 -6.03 -45.33 2.98
N ALA C 561 -6.20 -44.01 2.85
CA ALA C 561 -7.53 -43.41 2.68
C ALA C 561 -7.87 -43.34 1.20
N THR C 562 -8.06 -44.53 0.61
CA THR C 562 -8.38 -44.65 -0.81
C THR C 562 -9.88 -44.44 -0.98
N VAL C 563 -10.28 -43.17 -0.92
CA VAL C 563 -11.67 -42.77 -1.14
C VAL C 563 -11.73 -41.91 -2.38
N CYS C 564 -12.61 -42.27 -3.31
CA CYS C 564 -12.79 -41.57 -4.57
C CYS C 564 -14.26 -41.15 -4.70
N GLY C 565 -14.63 -40.67 -5.87
CA GLY C 565 -15.99 -40.27 -6.14
C GLY C 565 -16.63 -41.11 -7.24
N PRO C 566 -17.94 -40.96 -7.43
CA PRO C 566 -18.66 -41.66 -8.50
C PRO C 566 -18.46 -41.02 -9.87
N LYS C 567 -17.22 -40.75 -10.22
CA LYS C 567 -16.87 -40.02 -11.45
C LYS C 567 -17.02 -40.96 -12.64
N LYS C 568 -18.21 -40.97 -13.22
CA LYS C 568 -18.45 -41.71 -14.45
C LYS C 568 -17.79 -40.96 -15.62
N SER C 569 -16.87 -41.63 -16.31
CA SER C 569 -16.12 -40.98 -17.37
C SER C 569 -17.06 -40.51 -18.48
N THR C 570 -16.73 -39.38 -19.08
CA THR C 570 -17.52 -38.77 -20.14
C THR C 570 -16.67 -38.62 -21.40
N ASN C 571 -17.28 -38.05 -22.43
CA ASN C 571 -16.62 -37.87 -23.71
C ASN C 571 -15.64 -36.70 -23.66
N LEU C 572 -14.74 -36.66 -24.63
CA LEU C 572 -13.74 -35.61 -24.75
C LEU C 572 -14.00 -34.78 -26.00
N VAL C 573 -13.82 -33.47 -25.87
CA VAL C 573 -13.98 -32.53 -26.98
C VAL C 573 -12.78 -31.60 -26.99
N LYS C 574 -12.60 -30.93 -28.13
CA LYS C 574 -11.45 -30.06 -28.32
C LYS C 574 -11.87 -28.83 -29.11
N ASN C 575 -11.00 -27.82 -29.09
CA ASN C 575 -11.21 -26.58 -29.85
C ASN C 575 -12.50 -25.88 -29.44
N LYS C 576 -12.75 -25.86 -28.13
CA LYS C 576 -13.93 -25.18 -27.60
C LYS C 576 -13.67 -24.82 -26.14
N CYS C 577 -14.05 -23.61 -25.77
CA CYS C 577 -14.00 -23.20 -24.37
C CYS C 577 -14.89 -24.14 -23.55
N VAL C 578 -14.27 -24.93 -22.67
CA VAL C 578 -14.97 -25.97 -21.92
C VAL C 578 -14.37 -26.07 -20.53
N ASN C 579 -15.08 -26.78 -19.65
CA ASN C 579 -14.59 -27.07 -18.31
C ASN C 579 -14.10 -28.51 -18.25
N PHE C 580 -12.91 -28.71 -17.71
CA PHE C 580 -12.28 -30.02 -17.68
C PHE C 580 -11.92 -30.41 -16.25
N ASN C 581 -11.99 -31.72 -15.98
CA ASN C 581 -11.56 -32.29 -14.70
C ASN C 581 -10.68 -33.49 -15.05
N PHE C 582 -9.37 -33.27 -15.07
CA PHE C 582 -8.41 -34.31 -15.42
C PHE C 582 -7.84 -34.87 -14.12
N ASN C 583 -8.37 -36.02 -13.70
CA ASN C 583 -7.94 -36.67 -12.47
C ASN C 583 -7.91 -35.69 -11.29
N GLY C 584 -8.84 -34.73 -11.30
CA GLY C 584 -8.92 -33.70 -10.29
C GLY C 584 -8.48 -32.33 -10.79
N LEU C 585 -7.64 -32.28 -11.81
CA LEU C 585 -7.23 -31.00 -12.37
C LEU C 585 -8.44 -30.28 -12.95
N THR C 586 -8.89 -29.22 -12.28
CA THR C 586 -10.10 -28.50 -12.65
C THR C 586 -9.72 -27.14 -13.20
N GLY C 587 -10.12 -26.87 -14.44
CA GLY C 587 -9.90 -25.58 -15.06
C GLY C 587 -10.88 -25.35 -16.18
N THR C 588 -10.61 -24.38 -17.04
CA THR C 588 -11.48 -24.10 -18.17
C THR C 588 -10.65 -23.46 -19.28
N GLY C 589 -10.77 -24.01 -20.49
CA GLY C 589 -10.00 -23.52 -21.61
C GLY C 589 -10.29 -24.35 -22.84
N VAL C 590 -9.63 -23.97 -23.93
CA VAL C 590 -9.77 -24.64 -25.21
C VAL C 590 -8.82 -25.83 -25.24
N LEU C 591 -9.37 -27.04 -25.16
CA LEU C 591 -8.55 -28.25 -25.19
C LEU C 591 -8.07 -28.51 -26.61
N THR C 592 -6.76 -28.65 -26.77
CA THR C 592 -6.15 -28.89 -28.07
C THR C 592 -5.00 -29.87 -27.91
N GLU C 593 -4.67 -30.53 -29.02
CA GLU C 593 -3.53 -31.44 -29.02
C GLU C 593 -2.25 -30.67 -28.75
N SER C 594 -1.32 -31.31 -28.04
CA SER C 594 -0.03 -30.73 -27.72
C SER C 594 1.07 -31.59 -28.33
N ASN C 595 2.04 -30.93 -28.96
CA ASN C 595 3.19 -31.63 -29.51
C ASN C 595 4.30 -31.85 -28.49
N LYS C 596 4.12 -31.38 -27.26
CA LYS C 596 5.15 -31.55 -26.24
C LYS C 596 5.32 -33.03 -25.91
N LYS C 597 6.54 -33.39 -25.51
CA LYS C 597 6.90 -34.78 -25.22
C LYS C 597 7.00 -34.94 -23.71
N PHE C 598 6.05 -35.66 -23.13
CA PHE C 598 6.03 -35.93 -21.70
C PHE C 598 6.82 -37.19 -21.39
N LEU C 599 7.28 -37.29 -20.15
CA LEU C 599 7.91 -38.52 -19.68
C LEU C 599 6.83 -39.57 -19.43
N PRO C 600 7.21 -40.85 -19.41
CA PRO C 600 6.19 -41.90 -19.24
C PRO C 600 5.36 -41.72 -17.99
N PHE C 601 5.97 -41.28 -16.90
CA PHE C 601 5.24 -41.08 -15.65
C PHE C 601 4.60 -39.71 -15.54
N GLN C 602 5.23 -38.68 -16.12
CA GLN C 602 4.66 -37.34 -16.04
C GLN C 602 3.33 -37.27 -16.77
N GLN C 603 2.38 -36.53 -16.19
CA GLN C 603 1.08 -36.33 -16.80
C GLN C 603 0.64 -34.88 -16.87
N PHE C 604 1.17 -34.00 -16.02
CA PHE C 604 0.80 -32.59 -16.01
C PHE C 604 1.88 -31.76 -16.68
N GLY C 605 1.54 -30.50 -16.96
CA GLY C 605 2.47 -29.57 -17.56
C GLY C 605 2.32 -28.17 -17.03
N ARG C 606 3.44 -27.49 -16.78
CA ARG C 606 3.43 -26.12 -16.28
C ARG C 606 4.31 -25.23 -17.13
N ASP C 607 4.54 -24.00 -16.66
CA ASP C 607 5.35 -23.04 -17.39
C ASP C 607 6.22 -22.30 -16.38
N ILE C 608 6.96 -21.30 -16.87
CA ILE C 608 7.76 -20.47 -15.97
C ILE C 608 6.85 -19.77 -14.96
N ALA C 609 5.67 -19.34 -15.41
CA ALA C 609 4.67 -18.79 -14.50
C ALA C 609 4.11 -19.83 -13.54
N ASP C 610 4.36 -21.11 -13.79
CA ASP C 610 3.90 -22.19 -12.92
C ASP C 610 2.38 -22.28 -12.93
N THR C 611 1.81 -22.32 -14.12
CA THR C 611 0.37 -22.51 -14.30
C THR C 611 0.15 -23.61 -15.32
N THR C 612 -0.88 -24.41 -15.09
CA THR C 612 -1.13 -25.57 -15.95
C THR C 612 -1.34 -25.12 -17.39
N ASP C 613 -0.63 -25.78 -18.30
CA ASP C 613 -0.79 -25.51 -19.73
C ASP C 613 -0.83 -26.77 -20.59
N ALA C 614 -0.46 -27.94 -20.05
CA ALA C 614 -0.47 -29.17 -20.82
C ALA C 614 -0.75 -30.33 -19.88
N VAL C 615 -1.67 -31.21 -20.30
CA VAL C 615 -2.02 -32.39 -19.52
C VAL C 615 -2.10 -33.59 -20.46
N ARG C 616 -2.03 -34.77 -19.88
CA ARG C 616 -2.16 -36.03 -20.62
C ARG C 616 -3.49 -36.68 -20.26
N ASP C 617 -4.26 -37.03 -21.28
CA ASP C 617 -5.58 -37.61 -21.05
C ASP C 617 -5.45 -38.95 -20.34
N PRO C 618 -6.01 -39.11 -19.14
CA PRO C 618 -5.88 -40.41 -18.46
C PRO C 618 -6.45 -41.58 -19.25
N GLN C 619 -7.58 -41.40 -19.95
CA GLN C 619 -8.14 -42.48 -20.72
C GLN C 619 -7.17 -42.96 -21.79
N THR C 620 -6.84 -42.07 -22.73
CA THR C 620 -5.84 -42.33 -23.75
C THR C 620 -4.61 -41.50 -23.40
N LEU C 621 -3.47 -42.17 -23.26
CA LEU C 621 -2.30 -41.51 -22.72
C LEU C 621 -1.74 -40.52 -23.75
N GLU C 622 -2.50 -39.47 -24.02
CA GLU C 622 -2.15 -38.47 -25.01
C GLU C 622 -2.09 -37.10 -24.35
N ILE C 623 -1.06 -36.34 -24.70
CA ILE C 623 -0.84 -35.02 -24.10
C ILE C 623 -1.71 -34.00 -24.82
N LEU C 624 -2.43 -33.19 -24.07
CA LEU C 624 -3.31 -32.16 -24.62
C LEU C 624 -2.92 -30.81 -24.05
N ASP C 625 -2.90 -29.79 -24.91
CA ASP C 625 -2.60 -28.44 -24.49
C ASP C 625 -3.85 -27.77 -23.93
N ILE C 626 -3.64 -26.81 -23.04
CA ILE C 626 -4.71 -26.01 -22.47
C ILE C 626 -4.52 -24.57 -22.94
N THR C 627 -5.50 -24.08 -23.70
CA THR C 627 -5.49 -22.69 -24.15
C THR C 627 -6.60 -21.94 -23.45
N PRO C 628 -6.32 -20.93 -22.63
CA PRO C 628 -7.39 -20.26 -21.90
C PRO C 628 -8.39 -19.63 -22.85
N CYS C 629 -9.66 -19.65 -22.44
CA CYS C 629 -10.71 -19.09 -23.29
C CYS C 629 -10.42 -17.63 -23.59
N SER C 630 -10.53 -17.27 -24.86
CA SER C 630 -10.20 -15.92 -25.28
C SER C 630 -11.10 -14.90 -24.60
N PHE C 631 -10.52 -13.77 -24.22
CA PHE C 631 -11.25 -12.70 -23.57
C PHE C 631 -10.42 -11.43 -23.69
N GLY C 632 -10.97 -10.33 -23.19
CA GLY C 632 -10.25 -9.08 -23.20
C GLY C 632 -11.19 -7.93 -22.93
N GLY C 633 -10.61 -6.74 -22.80
CA GLY C 633 -11.38 -5.55 -22.52
C GLY C 633 -12.25 -5.15 -23.70
N VAL C 634 -13.28 -4.38 -23.38
CA VAL C 634 -14.19 -3.82 -24.37
C VAL C 634 -14.18 -2.31 -24.20
N SER C 635 -13.95 -1.59 -25.29
CA SER C 635 -13.91 -0.15 -25.28
C SER C 635 -14.88 0.38 -26.34
N VAL C 636 -15.44 1.55 -26.07
CA VAL C 636 -16.45 2.16 -26.93
C VAL C 636 -15.84 3.40 -27.58
N ILE C 637 -16.02 3.54 -28.88
CA ILE C 637 -15.54 4.67 -29.64
C ILE C 637 -16.73 5.56 -29.99
N THR C 638 -16.63 6.83 -29.65
CA THR C 638 -17.68 7.79 -29.94
C THR C 638 -17.06 9.11 -30.40
N PRO C 639 -17.75 9.85 -31.26
CA PRO C 639 -17.27 11.18 -31.67
C PRO C 639 -17.84 12.34 -30.87
N GLY C 640 -18.59 12.06 -29.81
CA GLY C 640 -19.27 13.10 -29.04
C GLY C 640 -20.72 12.71 -28.85
N THR C 641 -21.29 13.16 -27.73
CA THR C 641 -22.65 12.77 -27.39
C THR C 641 -23.62 13.10 -28.52
N ASN C 642 -23.54 14.32 -29.02
CA ASN C 642 -24.56 14.89 -29.89
C ASN C 642 -24.05 15.22 -31.28
N THR C 643 -22.73 15.17 -31.48
CA THR C 643 -22.20 15.12 -32.83
C THR C 643 -22.82 13.95 -33.59
N SER C 644 -22.99 12.82 -32.91
CA SER C 644 -23.75 11.69 -33.42
C SER C 644 -23.91 10.63 -32.34
N ASN C 645 -25.02 9.89 -32.38
CA ASN C 645 -25.16 8.72 -31.52
C ASN C 645 -24.48 7.49 -32.11
N GLN C 646 -24.03 7.57 -33.36
CA GLN C 646 -23.30 6.46 -33.96
C GLN C 646 -21.99 6.25 -33.21
N VAL C 647 -21.69 4.99 -32.90
CA VAL C 647 -20.50 4.63 -32.14
C VAL C 647 -19.95 3.31 -32.64
N ALA C 648 -18.69 3.05 -32.29
CA ALA C 648 -18.01 1.82 -32.66
C ALA C 648 -17.36 1.21 -31.42
N VAL C 649 -17.27 -0.11 -31.42
CA VAL C 649 -16.72 -0.86 -30.29
C VAL C 649 -15.44 -1.53 -30.73
N LEU C 650 -14.56 -1.77 -29.77
CA LEU C 650 -13.29 -2.44 -30.01
C LEU C 650 -13.10 -3.54 -28.97
N TYR C 651 -12.82 -4.76 -29.44
CA TYR C 651 -12.45 -5.87 -28.57
C TYR C 651 -10.93 -6.00 -28.63
N GLN C 652 -10.25 -5.15 -27.86
CA GLN C 652 -8.80 -5.11 -27.90
C GLN C 652 -8.22 -6.47 -27.57
N GLY C 653 -7.21 -6.88 -28.33
CA GLY C 653 -6.58 -8.17 -28.11
C GLY C 653 -7.52 -9.33 -28.30
N VAL C 654 -8.37 -9.28 -29.32
CA VAL C 654 -9.31 -10.35 -29.62
C VAL C 654 -9.30 -10.60 -31.13
N ASN C 655 -9.68 -11.82 -31.50
CA ASN C 655 -9.79 -12.19 -32.90
C ASN C 655 -11.20 -11.93 -33.41
N CYS C 656 -11.29 -11.55 -34.68
CA CYS C 656 -12.60 -11.26 -35.27
C CYS C 656 -13.31 -12.54 -35.69
N THR C 657 -13.33 -13.52 -34.79
CA THR C 657 -14.13 -14.72 -34.97
C THR C 657 -14.93 -15.10 -33.73
N GLU C 658 -14.56 -14.60 -32.55
CA GLU C 658 -15.29 -14.89 -31.33
C GLU C 658 -16.39 -13.87 -31.07
N VAL C 659 -16.16 -12.60 -31.41
CA VAL C 659 -17.23 -11.61 -31.35
C VAL C 659 -18.40 -12.03 -32.21
N PRO C 660 -18.22 -12.50 -33.45
CA PRO C 660 -19.34 -13.14 -34.15
C PRO C 660 -19.93 -14.29 -33.35
N VAL C 661 -19.08 -15.07 -32.67
CA VAL C 661 -19.57 -16.09 -31.75
C VAL C 661 -20.19 -15.44 -30.52
N ALA C 662 -19.90 -14.16 -30.26
CA ALA C 662 -20.54 -13.40 -29.20
C ALA C 662 -21.88 -12.83 -29.62
N ILE C 663 -22.48 -13.38 -30.67
CA ILE C 663 -23.80 -12.97 -31.14
C ILE C 663 -24.82 -13.32 -30.05
N HIS C 664 -26.03 -12.76 -30.16
CA HIS C 664 -27.06 -12.94 -29.13
C HIS C 664 -27.36 -14.41 -28.83
N ALA C 665 -26.87 -15.34 -29.64
CA ALA C 665 -27.06 -16.76 -29.33
C ALA C 665 -26.51 -17.09 -27.95
N ASP C 666 -25.31 -16.59 -27.64
CA ASP C 666 -24.70 -16.73 -26.32
C ASP C 666 -24.54 -15.34 -25.74
N GLN C 667 -25.09 -15.12 -24.55
CA GLN C 667 -25.09 -13.81 -23.91
C GLN C 667 -23.79 -13.66 -23.11
N LEU C 668 -22.82 -12.97 -23.71
CA LEU C 668 -21.58 -12.64 -23.02
C LEU C 668 -21.83 -11.44 -22.11
N THR C 669 -20.76 -10.84 -21.58
CA THR C 669 -20.94 -9.67 -20.73
C THR C 669 -21.71 -8.56 -21.43
N PRO C 670 -21.45 -8.22 -22.69
CA PRO C 670 -22.29 -7.23 -23.37
C PRO C 670 -23.67 -7.79 -23.66
N THR C 671 -24.70 -6.97 -23.43
CA THR C 671 -26.07 -7.38 -23.67
C THR C 671 -26.55 -7.02 -25.07
N TRP C 672 -26.22 -5.82 -25.54
CA TRP C 672 -26.59 -5.41 -26.89
C TRP C 672 -25.97 -6.34 -27.92
N ARG C 673 -26.72 -6.63 -28.98
CA ARG C 673 -26.23 -7.48 -30.05
C ARG C 673 -26.63 -7.02 -31.44
N VAL C 674 -27.29 -5.86 -31.58
CA VAL C 674 -27.71 -5.40 -32.90
C VAL C 674 -26.51 -5.19 -33.79
N TYR C 675 -25.45 -4.57 -33.26
CA TYR C 675 -24.23 -4.38 -34.02
C TYR C 675 -23.44 -5.67 -34.19
N SER C 676 -23.75 -6.71 -33.41
CA SER C 676 -23.04 -7.98 -33.54
C SER C 676 -23.30 -8.62 -34.90
N THR C 677 -24.34 -8.18 -35.62
CA THR C 677 -24.54 -8.66 -36.99
C THR C 677 -23.34 -8.30 -37.86
N GLY C 678 -22.81 -7.10 -37.68
CA GLY C 678 -21.59 -6.69 -38.37
C GLY C 678 -21.90 -6.00 -39.71
N SER C 679 -21.55 -6.65 -40.81
CA SER C 679 -21.58 -6.16 -42.18
C SER C 679 -20.47 -5.15 -42.43
N ASN C 680 -19.70 -4.77 -41.41
CA ASN C 680 -18.55 -3.90 -41.56
C ASN C 680 -17.45 -4.32 -40.61
N VAL C 681 -17.44 -5.58 -40.19
CA VAL C 681 -16.45 -6.05 -39.22
C VAL C 681 -15.06 -5.90 -39.83
N PHE C 682 -14.17 -5.26 -39.09
CA PHE C 682 -12.80 -5.04 -39.52
C PHE C 682 -11.85 -5.58 -38.47
N GLN C 683 -10.87 -6.35 -38.92
CA GLN C 683 -9.85 -6.92 -38.05
C GLN C 683 -8.58 -6.09 -38.17
N THR C 684 -8.01 -5.71 -37.03
CA THR C 684 -6.78 -4.93 -36.98
C THR C 684 -5.85 -5.52 -35.94
N ARG C 685 -4.60 -5.04 -35.96
CA ARG C 685 -3.61 -5.56 -35.02
C ARG C 685 -4.06 -5.36 -33.57
N ALA C 686 -4.61 -4.19 -33.26
CA ALA C 686 -5.03 -3.91 -31.89
C ALA C 686 -6.11 -4.86 -31.43
N GLY C 687 -6.95 -5.35 -32.34
CA GLY C 687 -8.04 -6.22 -31.97
C GLY C 687 -9.10 -6.24 -33.05
N CYS C 688 -10.34 -6.42 -32.61
CA CYS C 688 -11.49 -6.46 -33.52
C CYS C 688 -12.26 -5.16 -33.41
N LEU C 689 -12.46 -4.50 -34.55
CA LEU C 689 -13.21 -3.27 -34.63
C LEU C 689 -14.52 -3.52 -35.38
N ILE C 690 -15.63 -3.15 -34.76
CA ILE C 690 -16.95 -3.43 -35.29
C ILE C 690 -17.75 -2.14 -35.34
N GLY C 691 -18.55 -1.98 -36.38
CA GLY C 691 -19.38 -0.81 -36.53
C GLY C 691 -18.70 0.38 -37.14
N ALA C 692 -17.40 0.30 -37.43
CA ALA C 692 -16.64 1.40 -38.00
C ALA C 692 -16.22 1.02 -39.41
N GLU C 693 -16.73 1.75 -40.39
CA GLU C 693 -16.36 1.50 -41.78
C GLU C 693 -14.86 1.65 -41.95
N HIS C 694 -14.24 0.69 -42.63
CA HIS C 694 -12.81 0.72 -42.87
C HIS C 694 -12.50 1.43 -44.18
N VAL C 695 -11.62 2.41 -44.13
CA VAL C 695 -11.18 3.14 -45.31
C VAL C 695 -9.70 2.83 -45.54
N ASN C 696 -9.18 3.32 -46.66
CA ASN C 696 -7.80 3.09 -47.07
C ASN C 696 -7.12 4.41 -47.41
N ASN C 697 -7.30 5.40 -46.56
CA ASN C 697 -6.67 6.71 -46.70
C ASN C 697 -5.74 6.94 -45.51
N SER C 698 -5.18 8.16 -45.45
CA SER C 698 -4.28 8.53 -44.37
C SER C 698 -4.64 9.92 -43.88
N TYR C 699 -4.70 10.08 -42.56
CA TYR C 699 -4.99 11.38 -41.95
C TYR C 699 -4.35 11.42 -40.57
N GLU C 700 -4.32 12.60 -39.98
CA GLU C 700 -3.87 12.74 -38.61
C GLU C 700 -4.81 12.01 -37.66
N CYS C 701 -4.26 11.53 -36.55
CA CYS C 701 -5.07 10.78 -35.59
C CYS C 701 -6.15 11.67 -35.01
N ASP C 702 -7.38 11.13 -34.96
CA ASP C 702 -8.50 11.79 -34.31
C ASP C 702 -8.77 11.19 -32.93
N ILE C 703 -9.00 9.88 -32.87
CA ILE C 703 -9.18 9.17 -31.62
C ILE C 703 -8.20 7.99 -31.61
N PRO C 704 -7.26 7.92 -30.68
CA PRO C 704 -6.33 6.80 -30.67
C PRO C 704 -7.05 5.47 -30.47
N ILE C 705 -6.54 4.43 -31.13
CA ILE C 705 -7.09 3.09 -31.00
C ILE C 705 -5.97 2.15 -30.59
N GLY C 706 -4.91 2.12 -31.37
CA GLY C 706 -3.73 1.33 -31.07
C GLY C 706 -3.21 0.64 -32.31
N ALA C 707 -1.92 0.29 -32.26
CA ALA C 707 -1.28 -0.45 -33.33
C ALA C 707 -1.50 0.22 -34.69
N GLY C 708 -1.31 1.54 -34.71
CA GLY C 708 -1.36 2.26 -35.96
C GLY C 708 -2.74 2.52 -36.51
N ILE C 709 -3.75 2.64 -35.66
CA ILE C 709 -5.13 2.85 -36.09
C ILE C 709 -5.73 3.98 -35.29
N CYS C 710 -6.31 4.95 -35.99
CA CYS C 710 -7.12 5.99 -35.37
C CYS C 710 -8.38 6.18 -36.19
N ALA C 711 -9.50 6.44 -35.51
CA ALA C 711 -10.79 6.57 -36.14
C ALA C 711 -11.33 7.98 -35.93
N SER C 712 -12.12 8.44 -36.91
CA SER C 712 -12.69 9.78 -36.87
C SER C 712 -14.14 9.68 -37.31
N TYR C 713 -14.76 10.84 -37.55
CA TYR C 713 -16.17 10.95 -37.89
C TYR C 713 -16.30 11.91 -39.07
N GLN C 714 -16.29 11.37 -40.29
CA GLN C 714 -16.33 12.16 -41.50
C GLN C 714 -17.43 11.63 -42.42
N THR C 715 -17.52 12.22 -43.61
CA THR C 715 -18.50 11.79 -44.61
C THR C 715 -18.02 10.54 -45.35
N SER C 728 -23.51 11.73 -46.90
CA SER C 728 -23.06 10.63 -46.07
C SER C 728 -22.29 11.13 -44.86
N GLN C 729 -22.41 10.43 -43.73
CA GLN C 729 -21.71 10.81 -42.52
C GLN C 729 -21.71 9.62 -41.57
N SER C 730 -20.53 9.16 -41.18
CA SER C 730 -20.40 8.01 -40.31
C SER C 730 -18.98 8.00 -39.73
N ILE C 731 -18.64 6.90 -39.06
CA ILE C 731 -17.33 6.74 -38.43
C ILE C 731 -16.40 6.02 -39.40
N ILE C 732 -15.12 6.39 -39.37
CA ILE C 732 -14.12 5.82 -40.26
C ILE C 732 -12.89 5.44 -39.44
N ALA C 733 -12.17 4.42 -39.92
CA ALA C 733 -10.94 3.96 -39.30
C ALA C 733 -9.88 3.80 -40.36
N TYR C 734 -8.64 4.09 -40.01
CA TYR C 734 -7.56 4.16 -41.00
C TYR C 734 -6.22 4.12 -40.27
N THR C 735 -5.15 4.19 -41.05
CA THR C 735 -3.78 4.28 -40.53
C THR C 735 -3.35 5.73 -40.54
N MET C 736 -2.71 6.16 -39.46
CA MET C 736 -2.39 7.57 -39.30
C MET C 736 -1.43 8.04 -40.38
N SER C 737 -1.61 9.28 -40.80
CA SER C 737 -0.67 9.96 -41.69
C SER C 737 0.36 10.68 -40.84
N LEU C 738 1.61 10.22 -40.91
CA LEU C 738 2.66 10.85 -40.11
C LEU C 738 2.87 12.31 -40.50
N GLY C 739 2.40 12.71 -41.68
CA GLY C 739 2.55 14.07 -42.13
C GLY C 739 2.86 14.15 -43.61
N ALA C 740 2.82 15.35 -44.17
CA ALA C 740 3.13 15.51 -45.59
C ALA C 740 4.55 15.06 -45.87
N GLU C 741 4.72 14.25 -46.92
CA GLU C 741 6.03 13.77 -47.32
C GLU C 741 6.71 14.85 -48.14
N ASN C 742 7.72 15.48 -47.56
CA ASN C 742 8.45 16.58 -48.20
C ASN C 742 9.83 16.10 -48.61
N SER C 743 10.18 16.35 -49.87
CA SER C 743 11.48 15.96 -50.41
C SER C 743 12.29 17.24 -50.63
N VAL C 744 13.15 17.54 -49.66
CA VAL C 744 14.03 18.70 -49.76
C VAL C 744 14.97 18.49 -50.94
N ALA C 745 14.84 19.32 -51.97
CA ALA C 745 15.69 19.19 -53.14
C ALA C 745 17.09 19.70 -52.81
N TYR C 746 17.78 18.98 -51.93
CA TYR C 746 19.08 19.41 -51.47
C TYR C 746 20.12 19.30 -52.58
N SER C 747 21.10 20.21 -52.52
CA SER C 747 22.23 20.17 -53.43
C SER C 747 23.45 20.73 -52.71
N ASN C 748 24.62 20.49 -53.27
CA ASN C 748 25.85 20.88 -52.60
C ASN C 748 26.20 22.35 -52.77
N ASN C 749 25.44 23.09 -53.58
CA ASN C 749 25.69 24.52 -53.74
C ASN C 749 24.37 25.30 -53.82
N SER C 750 23.34 24.84 -53.12
CA SER C 750 22.02 25.46 -53.15
C SER C 750 21.62 25.92 -51.75
N ILE C 751 21.01 27.10 -51.67
CA ILE C 751 20.56 27.69 -50.42
C ILE C 751 19.14 28.18 -50.57
N ALA C 752 18.34 28.02 -49.52
CA ALA C 752 17.00 28.59 -49.42
C ALA C 752 17.02 29.54 -48.22
N ILE C 753 17.44 30.77 -48.47
CA ILE C 753 17.60 31.76 -47.40
C ILE C 753 16.30 32.52 -47.24
N PRO C 754 15.79 32.70 -46.02
CA PRO C 754 14.51 33.40 -45.85
C PRO C 754 14.63 34.88 -46.17
N THR C 755 13.49 35.45 -46.58
CA THR C 755 13.38 36.88 -46.84
C THR C 755 12.37 37.55 -45.91
N ASN C 756 11.15 37.03 -45.85
CA ASN C 756 10.12 37.55 -44.97
C ASN C 756 10.07 36.74 -43.69
N PHE C 757 9.39 37.30 -42.69
CA PHE C 757 9.31 36.68 -41.37
C PHE C 757 7.96 37.02 -40.75
N THR C 758 7.56 36.22 -39.78
CA THR C 758 6.33 36.44 -39.05
C THR C 758 6.58 36.26 -37.56
N ILE C 759 6.09 37.21 -36.77
CA ILE C 759 6.20 37.11 -35.32
C ILE C 759 5.06 36.25 -34.81
N SER C 760 5.39 35.10 -34.23
CA SER C 760 4.40 34.15 -33.75
C SER C 760 4.23 34.30 -32.25
N VAL C 761 2.96 34.27 -31.82
CA VAL C 761 2.61 34.30 -30.40
C VAL C 761 1.93 32.98 -30.08
N THR C 762 2.58 32.18 -29.23
CA THR C 762 2.08 30.87 -28.86
C THR C 762 1.91 30.81 -27.35
N THR C 763 1.02 29.93 -26.91
CA THR C 763 0.63 29.83 -25.52
C THR C 763 1.05 28.49 -24.93
N GLU C 764 1.44 28.53 -23.65
CA GLU C 764 1.78 27.35 -22.89
C GLU C 764 1.05 27.38 -21.56
N ILE C 765 0.54 26.23 -21.14
CA ILE C 765 -0.16 26.09 -19.87
C ILE C 765 0.60 25.09 -19.03
N LEU C 766 0.96 25.50 -17.81
CA LEU C 766 1.71 24.64 -16.90
C LEU C 766 1.01 24.61 -15.55
N PRO C 767 0.56 23.44 -15.08
CA PRO C 767 0.03 23.38 -13.72
C PRO C 767 1.08 23.78 -12.71
N VAL C 768 0.63 24.43 -11.63
CA VAL C 768 1.54 24.96 -10.62
C VAL C 768 1.20 24.35 -9.26
N SER C 769 0.00 24.64 -8.77
CA SER C 769 -0.40 24.25 -7.42
C SER C 769 -1.55 23.25 -7.48
N MET C 770 -1.89 22.73 -6.31
CA MET C 770 -2.98 21.77 -6.15
C MET C 770 -3.81 22.18 -4.96
N THR C 771 -5.10 21.82 -4.99
CA THR C 771 -6.00 22.23 -3.92
C THR C 771 -5.55 21.66 -2.59
N LYS C 772 -5.06 22.53 -1.70
CA LYS C 772 -4.66 22.07 -0.38
C LYS C 772 -5.82 21.40 0.33
N THR C 773 -5.53 20.27 0.98
CA THR C 773 -6.57 19.51 1.66
C THR C 773 -5.97 18.80 2.86
N SER C 774 -6.83 18.48 3.82
CA SER C 774 -6.43 17.75 5.01
C SER C 774 -7.54 16.76 5.37
N VAL C 775 -7.13 15.67 6.00
CA VAL C 775 -8.06 14.61 6.41
C VAL C 775 -7.73 14.22 7.85
N ASP C 776 -8.74 14.23 8.70
CA ASP C 776 -8.56 13.87 10.10
C ASP C 776 -8.60 12.36 10.29
N CYS C 777 -7.93 11.90 11.36
CA CYS C 777 -7.95 10.49 11.71
C CYS C 777 -9.37 10.03 12.04
N THR C 778 -9.94 10.59 13.10
CA THR C 778 -11.19 10.05 13.63
C THR C 778 -12.40 10.47 12.80
N MET C 779 -12.47 11.74 12.41
CA MET C 779 -13.68 12.23 11.76
C MET C 779 -13.97 11.51 10.45
N TYR C 780 -12.98 10.82 9.89
CA TYR C 780 -13.22 9.94 8.74
C TYR C 780 -13.41 8.49 9.16
N ILE C 781 -12.54 7.99 10.04
CA ILE C 781 -12.56 6.58 10.40
C ILE C 781 -13.53 6.35 11.55
N CYS C 782 -13.31 7.03 12.66
CA CYS C 782 -14.05 6.77 13.88
C CYS C 782 -14.84 7.99 14.32
N GLY C 783 -15.55 8.62 13.39
CA GLY C 783 -16.25 9.84 13.67
C GLY C 783 -17.10 9.79 14.92
N ASP C 784 -16.70 10.55 15.94
CA ASP C 784 -17.48 10.74 17.16
C ASP C 784 -17.84 9.39 17.78
N SER C 785 -16.82 8.66 18.20
CA SER C 785 -17.03 7.42 18.95
C SER C 785 -15.77 7.13 19.75
N THR C 786 -15.85 7.32 21.07
CA THR C 786 -14.70 7.01 21.91
C THR C 786 -14.34 5.54 21.83
N GLU C 787 -15.34 4.66 21.81
CA GLU C 787 -15.08 3.24 21.67
C GLU C 787 -14.28 2.97 20.40
N CYS C 788 -14.71 3.57 19.29
CA CYS C 788 -13.95 3.47 18.05
C CYS C 788 -12.59 4.15 18.19
N SER C 789 -12.54 5.29 18.88
CA SER C 789 -11.28 5.99 19.05
C SER C 789 -10.28 5.15 19.82
N ASN C 790 -10.73 4.47 20.87
CA ASN C 790 -9.82 3.61 21.63
C ASN C 790 -9.29 2.48 20.77
N LEU C 791 -10.15 1.91 19.92
CA LEU C 791 -9.76 0.73 19.14
C LEU C 791 -8.60 1.05 18.21
N LEU C 792 -8.67 2.16 17.49
CA LEU C 792 -7.61 2.49 16.55
C LEU C 792 -6.29 2.74 17.26
N LEU C 793 -6.32 3.14 18.53
CA LEU C 793 -5.07 3.35 19.25
C LEU C 793 -4.23 2.08 19.26
N GLN C 794 -4.86 0.92 19.29
CA GLN C 794 -4.13 -0.34 19.24
C GLN C 794 -3.45 -0.55 17.89
N TYR C 795 -3.77 0.26 16.88
CA TYR C 795 -3.17 0.16 15.56
C TYR C 795 -2.03 1.15 15.38
N GLY C 796 -1.28 1.42 16.44
CA GLY C 796 -0.21 2.40 16.32
C GLY C 796 -0.78 3.78 16.05
N SER C 797 0.02 4.58 15.35
CA SER C 797 -0.39 5.94 14.98
C SER C 797 -0.34 6.12 13.48
N PHE C 798 -0.88 5.13 12.74
CA PHE C 798 -0.81 5.16 11.29
C PHE C 798 -1.30 6.50 10.75
N CYS C 799 -2.46 6.94 11.22
CA CYS C 799 -3.03 8.18 10.69
C CYS C 799 -2.11 9.36 10.94
N THR C 800 -1.34 9.33 12.04
CA THR C 800 -0.45 10.46 12.34
C THR C 800 0.54 10.69 11.21
N GLN C 801 1.11 9.61 10.67
CA GLN C 801 1.96 9.77 9.50
C GLN C 801 1.17 10.38 8.35
N LEU C 802 -0.08 9.96 8.17
CA LEU C 802 -0.89 10.47 7.07
C LEU C 802 -1.07 11.98 7.19
N ASN C 803 -1.35 12.47 8.40
CA ASN C 803 -1.50 13.91 8.58
C ASN C 803 -0.20 14.63 8.23
N ARG C 804 0.93 14.09 8.69
CA ARG C 804 2.22 14.74 8.39
C ARG C 804 2.45 14.81 6.90
N ALA C 805 2.20 13.71 6.18
CA ALA C 805 2.37 13.73 4.74
C ALA C 805 1.43 14.73 4.07
N LEU C 806 0.16 14.75 4.50
CA LEU C 806 -0.79 15.68 3.90
C LEU C 806 -0.39 17.13 4.16
N THR C 807 0.02 17.44 5.38
CA THR C 807 0.49 18.79 5.67
C THR C 807 1.70 19.13 4.83
N GLY C 808 2.63 18.18 4.68
CA GLY C 808 3.75 18.40 3.80
C GLY C 808 3.31 18.71 2.38
N ILE C 809 2.27 18.02 1.91
CA ILE C 809 1.72 18.33 0.60
C ILE C 809 1.18 19.75 0.57
N ALA C 810 0.44 20.13 1.62
CA ALA C 810 -0.13 21.47 1.67
C ALA C 810 0.96 22.53 1.65
N VAL C 811 2.02 22.33 2.42
CA VAL C 811 3.12 23.29 2.43
C VAL C 811 3.76 23.37 1.06
N GLU C 812 3.98 22.21 0.42
CA GLU C 812 4.61 22.22 -0.89
C GLU C 812 3.84 23.09 -1.86
N GLN C 813 2.51 23.02 -1.84
CA GLN C 813 1.71 23.84 -2.74
C GLN C 813 2.01 25.32 -2.53
N ASP C 814 1.98 25.77 -1.26
CA ASP C 814 2.27 27.18 -0.99
C ASP C 814 3.70 27.51 -1.39
N LYS C 815 4.65 26.63 -1.08
CA LYS C 815 6.02 26.87 -1.49
C LYS C 815 6.15 26.91 -3.01
N ASN C 816 5.46 25.99 -3.70
CA ASN C 816 5.53 25.95 -5.15
C ASN C 816 5.01 27.25 -5.75
N THR C 817 3.86 27.73 -5.26
CA THR C 817 3.29 28.95 -5.81
C THR C 817 4.21 30.14 -5.57
N GLN C 818 4.81 30.22 -4.38
CA GLN C 818 5.66 31.36 -4.06
C GLN C 818 6.89 31.41 -4.98
N GLU C 819 7.58 30.27 -5.13
CA GLU C 819 8.84 30.29 -5.85
C GLU C 819 8.65 30.60 -7.34
N VAL C 820 7.59 30.06 -7.95
CA VAL C 820 7.41 30.24 -9.38
C VAL C 820 7.11 31.69 -9.71
N PHE C 821 6.33 32.37 -8.85
CA PHE C 821 5.89 33.74 -9.12
C PHE C 821 6.77 34.77 -8.42
N ALA C 822 6.89 34.67 -7.10
CA ALA C 822 7.56 35.71 -6.33
C ALA C 822 9.07 35.66 -6.52
N GLN C 823 9.53 35.96 -7.73
CA GLN C 823 10.95 35.99 -8.03
C GLN C 823 11.51 37.41 -8.10
N VAL C 824 10.68 38.42 -7.84
CA VAL C 824 11.12 39.82 -7.81
C VAL C 824 10.56 40.46 -6.55
N LYS C 825 11.45 41.07 -5.75
CA LYS C 825 11.01 41.68 -4.51
C LYS C 825 10.26 42.99 -4.76
N GLN C 826 10.77 43.83 -5.66
CA GLN C 826 10.19 45.14 -5.88
C GLN C 826 8.95 45.02 -6.76
N ILE C 827 7.87 45.67 -6.33
CA ILE C 827 6.60 45.64 -7.06
C ILE C 827 6.62 46.82 -8.02
N TYR C 828 6.83 46.54 -9.30
CA TYR C 828 6.85 47.58 -10.31
C TYR C 828 5.44 47.93 -10.76
N LYS C 829 5.30 49.13 -11.32
CA LYS C 829 4.02 49.62 -11.82
C LYS C 829 4.20 50.15 -13.23
N THR C 830 3.26 49.82 -14.10
CA THR C 830 3.32 50.30 -15.47
C THR C 830 3.05 51.81 -15.51
N PRO C 831 3.85 52.60 -16.21
CA PRO C 831 3.59 54.02 -16.27
C PRO C 831 2.26 54.31 -16.94
N PRO C 832 1.59 55.39 -16.56
CA PRO C 832 0.29 55.69 -17.20
C PRO C 832 0.41 55.86 -18.71
N ILE C 833 1.52 56.43 -19.18
CA ILE C 833 1.73 56.56 -20.61
C ILE C 833 2.02 55.19 -21.20
N LYS C 834 1.56 54.96 -22.43
CA LYS C 834 1.75 53.70 -23.14
C LYS C 834 2.38 53.95 -24.50
N ASP C 835 3.43 54.78 -24.50
CA ASP C 835 4.17 55.11 -25.73
C ASP C 835 5.20 54.03 -26.03
N PHE C 836 4.72 52.80 -26.16
CA PHE C 836 5.60 51.64 -26.35
C PHE C 836 5.94 51.45 -27.82
N GLY C 837 6.54 52.49 -28.40
CA GLY C 837 7.01 52.46 -29.77
C GLY C 837 6.09 51.76 -30.74
N GLY C 838 4.79 52.01 -30.61
CA GLY C 838 3.81 51.40 -31.48
C GLY C 838 3.36 50.01 -31.07
N PHE C 839 3.92 49.46 -30.00
CA PHE C 839 3.50 48.16 -29.50
C PHE C 839 2.36 48.36 -28.50
N ASN C 840 1.32 47.55 -28.63
CA ASN C 840 0.10 47.70 -27.85
C ASN C 840 -0.08 46.50 -26.95
N PHE C 841 -0.25 46.76 -25.65
CA PHE C 841 -0.38 45.71 -24.63
C PHE C 841 -1.67 45.86 -23.85
N SER C 842 -2.73 46.33 -24.50
CA SER C 842 -3.95 46.68 -23.77
C SER C 842 -4.52 45.48 -23.02
N GLN C 843 -4.58 44.32 -23.67
CA GLN C 843 -5.27 43.19 -23.09
C GLN C 843 -4.43 42.44 -22.06
N ILE C 844 -3.12 42.69 -22.01
CA ILE C 844 -2.23 41.91 -21.16
C ILE C 844 -1.97 42.67 -19.87
N LEU C 845 -1.97 44.00 -19.95
CA LEU C 845 -1.70 44.82 -18.77
C LEU C 845 -2.92 44.81 -17.84
N PRO C 846 -2.71 45.19 -16.57
CA PRO C 846 -3.83 45.17 -15.62
C PRO C 846 -4.92 46.16 -16.00
N ASP C 847 -6.15 45.85 -15.59
CA ASP C 847 -7.30 46.71 -15.84
C ASP C 847 -7.69 47.41 -14.54
N PRO C 848 -7.37 48.69 -14.37
CA PRO C 848 -7.74 49.36 -13.11
C PRO C 848 -9.25 49.39 -12.88
N SER C 849 -10.05 49.51 -13.94
CA SER C 849 -11.49 49.62 -13.76
C SER C 849 -12.05 48.37 -13.11
N LYS C 850 -11.61 47.20 -13.53
CA LYS C 850 -12.07 45.96 -12.92
C LYS C 850 -11.67 45.95 -11.44
N PRO C 851 -12.54 45.47 -10.54
CA PRO C 851 -12.18 45.44 -9.11
C PRO C 851 -10.86 44.76 -8.87
N SER C 852 -10.75 43.50 -9.28
CA SER C 852 -9.46 42.82 -9.29
C SER C 852 -8.62 43.36 -10.45
N LYS C 853 -7.33 43.49 -10.22
CA LYS C 853 -6.43 44.04 -11.23
C LYS C 853 -6.12 43.03 -12.34
N ARG C 854 -6.86 41.93 -12.41
CA ARG C 854 -6.61 40.93 -13.44
C ARG C 854 -6.71 41.56 -14.83
N SER C 855 -5.73 41.26 -15.67
CA SER C 855 -5.73 41.78 -17.03
C SER C 855 -6.89 41.18 -17.83
N PHE C 856 -7.08 41.72 -19.03
CA PHE C 856 -8.19 41.26 -19.86
C PHE C 856 -8.09 39.77 -20.14
N ILE C 857 -6.88 39.28 -20.46
CA ILE C 857 -6.71 37.87 -20.75
C ILE C 857 -7.03 37.04 -19.51
N GLU C 858 -6.57 37.49 -18.34
CA GLU C 858 -6.77 36.71 -17.12
C GLU C 858 -8.25 36.47 -16.85
N ASP C 859 -9.09 37.49 -17.08
CA ASP C 859 -10.52 37.29 -16.90
C ASP C 859 -11.04 36.19 -17.80
N LEU C 860 -10.57 36.15 -19.05
CA LEU C 860 -10.97 35.09 -19.95
C LEU C 860 -10.61 33.73 -19.39
N LEU C 861 -9.46 33.63 -18.72
CA LEU C 861 -9.03 32.35 -18.17
C LEU C 861 -9.99 31.85 -17.11
N PHE C 862 -10.31 32.70 -16.13
CA PHE C 862 -11.14 32.25 -15.01
C PHE C 862 -12.51 31.83 -15.48
N ASN C 863 -13.12 32.59 -16.38
CA ASN C 863 -14.45 32.25 -16.86
C ASN C 863 -14.44 30.88 -17.55
N LYS C 864 -13.40 30.60 -18.34
CA LYS C 864 -13.29 29.30 -18.98
C LYS C 864 -13.15 28.19 -17.94
N VAL C 865 -12.37 28.42 -16.90
CA VAL C 865 -12.14 27.42 -15.88
C VAL C 865 -13.34 27.34 -14.96
N THR C 866 -13.83 26.12 -14.72
CA THR C 866 -14.95 25.87 -13.80
C THR C 866 -14.40 25.19 -12.56
N LEU C 867 -14.42 25.90 -11.44
CA LEU C 867 -13.84 25.42 -10.21
C LEU C 867 -14.90 24.73 -9.35
N ALA C 868 -14.47 24.25 -8.18
CA ALA C 868 -15.35 23.55 -7.25
C ALA C 868 -14.74 23.59 -5.87
N ASP C 869 -15.59 23.69 -4.85
CA ASP C 869 -15.16 23.72 -3.45
C ASP C 869 -14.21 24.91 -3.20
N ALA C 870 -14.77 26.10 -3.35
CA ALA C 870 -14.01 27.32 -3.09
C ALA C 870 -13.45 27.32 -1.67
N GLY C 871 -14.26 26.90 -0.70
CA GLY C 871 -13.81 26.79 0.68
C GLY C 871 -13.78 28.09 1.44
N PHE C 872 -14.24 29.20 0.85
CA PHE C 872 -14.21 30.51 1.50
C PHE C 872 -15.36 30.56 2.51
N ILE C 873 -15.10 30.00 3.69
CA ILE C 873 -16.08 29.91 4.78
C ILE C 873 -17.45 29.61 4.21
N LYS C 874 -17.51 28.68 3.26
CA LYS C 874 -18.73 28.39 2.55
C LYS C 874 -19.75 27.70 3.47
N GLN C 875 -21.02 27.99 3.24
CA GLN C 875 -22.10 27.41 4.03
C GLN C 875 -22.41 26.00 3.54
N ASP C 887 -24.89 20.28 -2.50
CA ASP C 887 -23.72 21.01 -3.00
C ASP C 887 -22.44 20.26 -2.68
N LEU C 888 -21.53 20.18 -3.66
CA LEU C 888 -20.27 19.50 -3.43
C LEU C 888 -19.44 20.22 -2.37
N ILE C 889 -19.49 21.55 -2.36
CA ILE C 889 -18.68 22.32 -1.42
C ILE C 889 -19.04 21.96 0.01
N CYS C 890 -20.34 21.94 0.32
CA CYS C 890 -20.77 21.62 1.68
C CYS C 890 -20.50 20.15 2.01
N ALA C 891 -20.83 19.25 1.09
CA ALA C 891 -20.63 17.83 1.34
C ALA C 891 -19.16 17.51 1.57
N GLN C 892 -18.27 18.08 0.75
CA GLN C 892 -16.85 17.80 0.90
C GLN C 892 -16.33 18.28 2.25
N LYS C 893 -16.81 19.44 2.71
CA LYS C 893 -16.33 19.97 3.98
C LYS C 893 -16.90 19.24 5.18
N PHE C 894 -18.05 18.60 5.05
CA PHE C 894 -18.84 18.14 6.20
C PHE C 894 -18.72 16.63 6.44
N ASN C 895 -17.53 16.06 6.24
CA ASN C 895 -17.31 14.66 6.60
C ASN C 895 -15.94 14.44 7.22
N GLY C 896 -15.30 15.50 7.72
CA GLY C 896 -13.95 15.43 8.25
C GLY C 896 -12.89 15.95 7.30
N LEU C 897 -13.22 16.15 6.04
CA LEU C 897 -12.28 16.70 5.07
C LEU C 897 -12.35 18.22 5.09
N THR C 898 -11.19 18.85 4.96
CA THR C 898 -11.09 20.30 4.93
C THR C 898 -10.23 20.72 3.75
N VAL C 899 -10.58 21.84 3.14
CA VAL C 899 -9.82 22.42 2.04
C VAL C 899 -9.15 23.69 2.59
N LEU C 900 -7.84 23.64 2.77
CA LEU C 900 -7.14 24.77 3.33
C LEU C 900 -7.04 25.88 2.28
N PRO C 901 -7.44 27.10 2.59
CA PRO C 901 -7.35 28.17 1.60
C PRO C 901 -5.91 28.42 1.22
N PRO C 902 -5.66 28.79 -0.03
CA PRO C 902 -4.27 29.03 -0.46
C PRO C 902 -3.65 30.18 0.32
N LEU C 903 -2.34 30.09 0.52
CA LEU C 903 -1.64 31.16 1.23
C LEU C 903 -1.77 32.47 0.50
N LEU C 904 -1.61 32.47 -0.82
CA LEU C 904 -1.70 33.66 -1.64
C LEU C 904 -3.06 33.68 -2.34
N THR C 905 -3.80 34.77 -2.16
CA THR C 905 -5.05 34.93 -2.87
C THR C 905 -4.78 35.25 -4.34
N ASP C 906 -5.81 35.08 -5.15
CA ASP C 906 -5.67 35.38 -6.58
C ASP C 906 -5.23 36.82 -6.80
N GLU C 907 -5.67 37.74 -5.94
CA GLU C 907 -5.35 39.15 -6.15
C GLU C 907 -3.85 39.37 -6.16
N MET C 908 -3.16 38.91 -5.11
CA MET C 908 -1.71 39.12 -5.04
C MET C 908 -1.00 38.40 -6.17
N ILE C 909 -1.43 37.17 -6.49
CA ILE C 909 -0.81 36.45 -7.59
C ILE C 909 -0.90 37.26 -8.87
N ALA C 910 -2.06 37.87 -9.12
CA ALA C 910 -2.19 38.73 -10.29
C ALA C 910 -1.22 39.90 -10.21
N GLN C 911 -1.05 40.47 -9.02
CA GLN C 911 -0.17 41.63 -8.87
C GLN C 911 1.27 41.27 -9.23
N TYR C 912 1.76 40.12 -8.74
CA TYR C 912 3.10 39.71 -9.10
C TYR C 912 3.25 39.59 -10.61
N THR C 913 2.32 38.89 -11.25
CA THR C 913 2.35 38.79 -12.71
C THR C 913 2.34 40.16 -13.35
N SER C 914 1.59 41.10 -12.77
CA SER C 914 1.63 42.47 -13.26
C SER C 914 3.02 43.07 -13.08
N ALA C 915 3.64 42.84 -11.92
CA ALA C 915 4.97 43.38 -11.66
C ALA C 915 5.98 42.80 -12.63
N LEU C 916 6.01 41.47 -12.75
CA LEU C 916 6.96 40.83 -13.67
C LEU C 916 6.73 41.31 -15.09
N LEU C 917 5.47 41.37 -15.52
CA LEU C 917 5.17 41.88 -16.84
C LEU C 917 5.61 43.34 -16.98
N ALA C 918 5.39 44.14 -15.93
CA ALA C 918 5.82 45.52 -15.97
C ALA C 918 7.33 45.63 -16.07
N GLY C 919 8.04 44.82 -15.30
CA GLY C 919 9.50 44.92 -15.30
C GLY C 919 10.12 44.57 -16.64
N THR C 920 9.66 43.47 -17.24
CA THR C 920 10.24 43.03 -18.50
C THR C 920 10.00 44.05 -19.61
N ILE C 921 8.84 44.70 -19.60
CA ILE C 921 8.49 45.63 -20.66
C ILE C 921 9.48 46.78 -20.70
N THR C 922 9.72 47.41 -19.55
CA THR C 922 10.46 48.67 -19.51
C THR C 922 11.93 48.50 -19.18
N SER C 923 12.37 47.31 -18.76
CA SER C 923 13.75 47.14 -18.32
C SER C 923 14.42 45.92 -18.94
N GLY C 924 13.79 45.26 -19.91
CA GLY C 924 14.40 44.09 -20.51
C GLY C 924 14.69 43.06 -19.43
N TRP C 925 15.90 42.50 -19.48
CA TRP C 925 16.34 41.52 -18.50
C TRP C 925 17.17 42.14 -17.38
N THR C 926 17.37 43.46 -17.39
CA THR C 926 18.22 44.08 -16.39
C THR C 926 17.69 43.83 -14.98
N PHE C 927 16.38 44.03 -14.79
CA PHE C 927 15.81 43.83 -13.46
C PHE C 927 15.98 42.40 -12.98
N GLY C 928 16.08 41.45 -13.91
CA GLY C 928 16.31 40.07 -13.51
C GLY C 928 17.66 39.89 -12.85
N ALA C 929 18.69 40.55 -13.37
CA ALA C 929 20.03 40.42 -12.82
C ALA C 929 20.28 41.32 -11.63
N GLY C 930 19.43 42.31 -11.38
CA GLY C 930 19.63 43.21 -10.26
C GLY C 930 18.70 44.40 -10.32
N ALA C 931 19.25 45.59 -10.12
CA ALA C 931 18.44 46.80 -10.15
C ALA C 931 17.81 46.96 -11.54
N ALA C 932 16.53 47.30 -11.57
CA ALA C 932 15.83 47.50 -12.83
C ALA C 932 16.32 48.77 -13.50
N LEU C 933 16.65 48.67 -14.78
CA LEU C 933 17.14 49.79 -15.57
C LEU C 933 16.17 50.05 -16.71
N GLN C 934 15.57 51.23 -16.73
CA GLN C 934 14.60 51.55 -17.77
C GLN C 934 15.30 51.69 -19.12
N ILE C 935 14.65 51.16 -20.15
CA ILE C 935 15.19 51.17 -21.51
C ILE C 935 14.02 51.25 -22.47
N PRO C 936 14.11 52.05 -23.52
CA PRO C 936 12.99 52.16 -24.47
C PRO C 936 12.70 50.81 -25.11
N PHE C 937 11.43 50.54 -25.33
CA PHE C 937 11.05 49.22 -25.80
C PHE C 937 11.67 48.91 -27.15
N ALA C 938 11.66 49.88 -28.08
CA ALA C 938 12.21 49.64 -29.41
C ALA C 938 13.64 49.16 -29.33
N MET C 939 14.48 49.87 -28.56
CA MET C 939 15.88 49.48 -28.44
C MET C 939 15.99 48.08 -27.84
N GLN C 940 15.22 47.80 -26.79
CA GLN C 940 15.23 46.47 -26.21
C GLN C 940 14.95 45.43 -27.28
N MET C 941 14.02 45.73 -28.19
CA MET C 941 13.66 44.76 -29.20
C MET C 941 14.86 44.46 -30.09
N ALA C 942 15.58 45.52 -30.50
CA ALA C 942 16.77 45.34 -31.31
C ALA C 942 17.76 44.41 -30.64
N TYR C 943 17.92 44.55 -29.31
CA TYR C 943 18.81 43.65 -28.59
C TYR C 943 18.34 42.20 -28.71
N ARG C 944 17.04 41.97 -28.61
CA ARG C 944 16.53 40.62 -28.74
C ARG C 944 16.94 40.01 -30.07
N PHE C 945 16.85 40.78 -31.16
CA PHE C 945 17.27 40.29 -32.46
C PHE C 945 18.75 39.94 -32.46
N ASN C 946 19.58 40.79 -31.86
CA ASN C 946 21.01 40.52 -31.81
C ASN C 946 21.28 39.13 -31.24
N GLY C 947 20.54 38.75 -30.21
CA GLY C 947 20.66 37.39 -29.70
C GLY C 947 20.30 36.36 -30.75
N ILE C 948 19.23 36.59 -31.49
CA ILE C 948 18.85 35.66 -32.54
C ILE C 948 19.87 35.68 -33.67
N GLY C 949 20.54 36.82 -33.88
CA GLY C 949 21.53 36.92 -34.93
C GLY C 949 21.01 37.68 -36.13
N VAL C 950 20.23 38.72 -35.89
CA VAL C 950 19.67 39.58 -36.93
C VAL C 950 20.07 41.01 -36.64
N THR C 951 20.59 41.70 -37.65
CA THR C 951 21.07 43.05 -37.46
C THR C 951 19.92 43.99 -37.09
N GLN C 952 20.24 44.99 -36.28
CA GLN C 952 19.21 45.90 -35.79
C GLN C 952 18.54 46.64 -36.94
N ASN C 953 19.26 46.86 -38.05
CA ASN C 953 18.69 47.58 -39.17
C ASN C 953 17.38 46.94 -39.63
N VAL C 954 17.31 45.61 -39.56
CA VAL C 954 16.11 44.92 -40.01
C VAL C 954 14.90 45.39 -39.22
N LEU C 955 15.05 45.49 -37.90
CA LEU C 955 13.93 45.85 -37.04
C LEU C 955 13.44 47.26 -37.32
N TYR C 956 14.30 48.25 -37.07
CA TYR C 956 13.89 49.64 -37.16
C TYR C 956 13.32 49.95 -38.53
N GLU C 957 13.81 49.28 -39.56
CA GLU C 957 13.27 49.46 -40.91
C GLU C 957 11.90 48.84 -41.07
N ASN C 958 11.46 48.01 -40.11
CA ASN C 958 10.16 47.34 -40.21
C ASN C 958 9.40 47.44 -38.89
N GLN C 959 9.61 48.52 -38.14
CA GLN C 959 8.96 48.64 -36.84
C GLN C 959 7.44 48.59 -36.97
N LYS C 960 6.88 49.37 -37.89
CA LYS C 960 5.43 49.39 -38.05
C LYS C 960 4.91 48.02 -38.45
N LEU C 961 5.59 47.35 -39.38
CA LEU C 961 5.17 46.02 -39.78
C LEU C 961 5.22 45.05 -38.61
N ILE C 962 6.28 45.13 -37.81
CA ILE C 962 6.41 44.24 -36.66
C ILE C 962 5.30 44.51 -35.65
N ALA C 963 5.03 45.79 -35.37
CA ALA C 963 4.02 46.12 -34.37
C ALA C 963 2.65 45.56 -34.77
N ASN C 964 2.27 45.73 -36.04
CA ASN C 964 0.98 45.23 -36.48
C ASN C 964 0.89 43.72 -36.31
N GLN C 965 1.95 43.01 -36.67
CA GLN C 965 1.93 41.56 -36.50
C GLN C 965 1.82 41.18 -35.04
N PHE C 966 2.57 41.87 -34.17
CA PHE C 966 2.53 41.56 -32.75
C PHE C 966 1.13 41.79 -32.18
N ASN C 967 0.58 42.98 -32.41
CA ASN C 967 -0.74 43.29 -31.87
C ASN C 967 -1.79 42.33 -32.43
N SER C 968 -1.74 42.07 -33.74
CA SER C 968 -2.70 41.14 -34.32
C SER C 968 -2.53 39.74 -33.74
N ALA C 969 -1.29 39.33 -33.49
CA ALA C 969 -1.05 37.98 -32.99
C ALA C 969 -1.77 37.75 -31.66
N ILE C 970 -1.60 38.66 -30.71
CA ILE C 970 -2.26 38.50 -29.42
C ILE C 970 -3.77 38.52 -29.60
N GLY C 971 -4.26 39.37 -30.51
CA GLY C 971 -5.69 39.41 -30.76
C GLY C 971 -6.24 38.06 -31.19
N LYS C 972 -5.52 37.37 -32.07
CA LYS C 972 -5.93 36.02 -32.45
C LYS C 972 -5.91 35.09 -31.25
N ILE C 973 -4.90 35.21 -30.41
CA ILE C 973 -4.84 34.39 -29.20
C ILE C 973 -6.06 34.65 -28.34
N GLN C 974 -6.43 35.92 -28.18
CA GLN C 974 -7.63 36.25 -27.43
C GLN C 974 -8.84 35.52 -27.98
N ASP C 975 -9.00 35.53 -29.31
CA ASP C 975 -10.10 34.80 -29.93
C ASP C 975 -9.93 33.30 -29.72
N SER C 976 -8.71 32.79 -29.89
CA SER C 976 -8.50 31.35 -29.81
C SER C 976 -8.92 30.82 -28.45
N LEU C 977 -8.47 31.46 -27.37
CA LEU C 977 -8.87 31.04 -26.04
C LEU C 977 -10.38 31.24 -25.84
N SER C 978 -10.90 32.37 -26.32
CA SER C 978 -12.33 32.66 -26.12
C SER C 978 -13.21 31.63 -26.78
N SER C 979 -12.79 31.09 -27.92
CA SER C 979 -13.60 30.13 -28.67
C SER C 979 -13.36 28.69 -28.19
N THR C 980 -12.10 28.25 -28.23
CA THR C 980 -11.77 26.88 -27.87
C THR C 980 -11.44 26.78 -26.38
N ALA C 981 -12.06 25.81 -25.71
CA ALA C 981 -11.82 25.56 -24.30
C ALA C 981 -10.91 24.36 -24.06
N SER C 982 -10.41 23.72 -25.12
CA SER C 982 -9.53 22.57 -24.97
C SER C 982 -8.11 22.96 -24.59
N ALA C 983 -7.75 24.24 -24.69
CA ALA C 983 -6.40 24.65 -24.33
C ALA C 983 -6.11 24.39 -22.86
N LEU C 984 -7.08 24.66 -21.99
CA LEU C 984 -6.91 24.53 -20.56
C LEU C 984 -7.21 23.13 -20.06
N GLY C 985 -7.12 22.11 -20.93
CA GLY C 985 -7.40 20.76 -20.49
C GLY C 985 -6.49 20.32 -19.36
N LYS C 986 -5.21 20.71 -19.42
CA LYS C 986 -4.26 20.26 -18.41
C LYS C 986 -4.71 20.70 -17.02
N LEU C 987 -4.99 21.99 -16.85
CA LEU C 987 -5.44 22.47 -15.55
C LEU C 987 -6.77 21.84 -15.18
N GLN C 988 -7.70 21.74 -16.13
CA GLN C 988 -8.96 21.07 -15.87
C GLN C 988 -8.73 19.62 -15.49
N ASP C 989 -7.76 18.97 -16.13
CA ASP C 989 -7.47 17.58 -15.83
C ASP C 989 -7.04 17.42 -14.38
N VAL C 990 -6.15 18.29 -13.90
CA VAL C 990 -5.65 18.17 -12.54
C VAL C 990 -6.79 18.33 -11.54
N VAL C 991 -7.64 19.33 -11.75
CA VAL C 991 -8.76 19.54 -10.83
C VAL C 991 -9.70 18.33 -10.86
N ASN C 992 -9.99 17.83 -12.06
CA ASN C 992 -10.86 16.66 -12.15
C ASN C 992 -10.26 15.45 -11.45
N GLN C 993 -8.95 15.25 -11.62
CA GLN C 993 -8.30 14.11 -10.98
C GLN C 993 -8.46 14.16 -9.46
N ASN C 994 -8.14 15.31 -8.86
CA ASN C 994 -8.25 15.42 -7.41
C ASN C 994 -9.70 15.27 -6.96
N ALA C 995 -10.64 15.90 -7.68
CA ALA C 995 -12.04 15.75 -7.33
C ALA C 995 -12.48 14.31 -7.45
N GLN C 996 -12.06 13.62 -8.52
CA GLN C 996 -12.44 12.23 -8.70
C GLN C 996 -11.93 11.37 -7.55
N ALA C 997 -10.63 11.49 -7.23
CA ALA C 997 -10.08 10.67 -6.16
C ALA C 997 -10.77 10.95 -4.85
N LEU C 998 -11.01 12.23 -4.54
CA LEU C 998 -11.68 12.56 -3.30
C LEU C 998 -13.08 11.96 -3.26
N ASN C 999 -13.82 12.04 -4.37
CA ASN C 999 -15.17 11.50 -4.39
C ASN C 999 -15.16 9.99 -4.11
N THR C 1000 -14.21 9.27 -4.72
CA THR C 1000 -14.09 7.85 -4.44
C THR C 1000 -13.81 7.60 -2.96
N LEU C 1001 -12.91 8.39 -2.38
CA LEU C 1001 -12.64 8.26 -0.96
C LEU C 1001 -13.91 8.49 -0.15
N VAL C 1002 -14.66 9.53 -0.49
CA VAL C 1002 -15.92 9.78 0.22
C VAL C 1002 -16.89 8.62 0.00
N LYS C 1003 -16.99 8.15 -1.24
CA LYS C 1003 -17.91 7.05 -1.53
C LYS C 1003 -17.54 5.80 -0.75
N GLN C 1004 -16.25 5.60 -0.45
CA GLN C 1004 -15.83 4.37 0.20
C GLN C 1004 -16.49 4.19 1.56
N LEU C 1005 -16.87 5.28 2.21
CA LEU C 1005 -17.53 5.15 3.51
C LEU C 1005 -18.83 4.38 3.41
N SER C 1006 -19.43 4.31 2.22
CA SER C 1006 -20.64 3.52 2.03
C SER C 1006 -20.38 2.03 1.98
N SER C 1007 -19.13 1.61 1.84
CA SER C 1007 -18.82 0.19 1.71
C SER C 1007 -18.97 -0.51 3.05
N ASN C 1008 -19.05 -1.83 3.00
CA ASN C 1008 -19.28 -2.67 4.17
C ASN C 1008 -18.04 -3.42 4.63
N PHE C 1009 -17.17 -3.84 3.73
CA PHE C 1009 -16.00 -4.63 4.07
C PHE C 1009 -16.39 -5.88 4.86
N GLY C 1010 -17.50 -6.50 4.46
CA GLY C 1010 -17.94 -7.70 5.12
C GLY C 1010 -18.58 -7.49 6.47
N ALA C 1011 -18.85 -6.24 6.84
CA ALA C 1011 -19.47 -5.94 8.12
C ALA C 1011 -20.98 -6.02 8.03
N ILE C 1012 -21.64 -6.00 9.20
CA ILE C 1012 -23.09 -6.07 9.24
C ILE C 1012 -23.70 -4.86 8.55
N SER C 1013 -23.13 -3.68 8.79
CA SER C 1013 -23.61 -2.47 8.16
C SER C 1013 -22.48 -1.45 8.14
N SER C 1014 -22.67 -0.38 7.38
CA SER C 1014 -21.65 0.64 7.16
C SER C 1014 -22.05 1.96 7.81
N VAL C 1015 -22.62 1.90 9.00
CA VAL C 1015 -22.96 3.09 9.78
C VAL C 1015 -22.47 2.85 11.20
N LEU C 1016 -21.41 3.56 11.60
CA LEU C 1016 -20.78 3.28 12.88
C LEU C 1016 -21.78 3.40 14.02
N ASN C 1017 -22.59 4.45 14.01
CA ASN C 1017 -23.54 4.65 15.11
C ASN C 1017 -24.55 3.50 15.18
N ASP C 1018 -24.98 3.01 14.01
CA ASP C 1018 -25.95 1.93 14.01
C ASP C 1018 -25.40 0.68 14.68
N ILE C 1019 -24.14 0.33 14.37
CA ILE C 1019 -23.53 -0.83 15.01
C ILE C 1019 -23.46 -0.61 16.52
N LEU C 1020 -23.03 0.59 16.94
CA LEU C 1020 -22.97 0.89 18.36
C LEU C 1020 -24.35 0.80 19.01
N SER C 1021 -25.40 1.02 18.24
CA SER C 1021 -26.76 1.06 18.77
C SER C 1021 -27.47 -0.29 18.68
N ARG C 1022 -26.82 -1.32 18.13
CA ARG C 1022 -27.45 -2.63 17.95
C ARG C 1022 -26.79 -3.72 18.79
N LEU C 1023 -25.47 -3.83 18.73
CA LEU C 1023 -24.75 -4.87 19.46
C LEU C 1023 -24.25 -4.34 20.79
N ASP C 1024 -23.41 -5.11 21.46
CA ASP C 1024 -22.81 -4.76 22.73
C ASP C 1024 -21.30 -4.74 22.59
N PRO C 1025 -20.60 -4.09 23.52
CA PRO C 1025 -19.16 -3.82 23.34
C PRO C 1025 -18.39 -5.09 23.01
N PRO C 1026 -18.56 -6.16 23.78
CA PRO C 1026 -17.89 -7.42 23.45
C PRO C 1026 -18.41 -8.08 22.19
N GLU C 1027 -19.38 -7.47 21.50
CA GLU C 1027 -19.91 -7.98 20.25
C GLU C 1027 -19.80 -7.00 19.10
N ALA C 1028 -19.88 -5.70 19.36
CA ALA C 1028 -19.74 -4.72 18.30
C ALA C 1028 -18.28 -4.54 17.87
N GLU C 1029 -17.33 -4.98 18.69
CA GLU C 1029 -15.92 -4.72 18.38
C GLU C 1029 -15.52 -5.37 17.06
N VAL C 1030 -15.96 -6.59 16.81
CA VAL C 1030 -15.54 -7.30 15.61
C VAL C 1030 -15.96 -6.53 14.36
N GLN C 1031 -17.20 -6.04 14.34
CA GLN C 1031 -17.65 -5.25 13.20
C GLN C 1031 -16.80 -4.00 13.04
N ILE C 1032 -16.57 -3.29 14.14
CA ILE C 1032 -15.76 -2.08 14.06
C ILE C 1032 -14.38 -2.40 13.50
N ASP C 1033 -13.81 -3.54 13.93
CA ASP C 1033 -12.50 -3.93 13.43
C ASP C 1033 -12.47 -3.98 11.92
N ARG C 1034 -13.54 -4.51 11.30
CA ARG C 1034 -13.60 -4.51 9.85
C ARG C 1034 -13.78 -3.11 9.30
N LEU C 1035 -14.68 -2.33 9.91
CA LEU C 1035 -14.88 -0.96 9.45
C LEU C 1035 -13.58 -0.16 9.52
N ILE C 1036 -12.92 -0.19 10.67
CA ILE C 1036 -11.66 0.54 10.79
C ILE C 1036 -10.64 0.00 9.80
N THR C 1037 -10.53 -1.32 9.70
CA THR C 1037 -9.55 -1.92 8.80
C THR C 1037 -9.76 -1.45 7.36
N GLY C 1038 -10.99 -1.58 6.87
CA GLY C 1038 -11.27 -1.17 5.51
C GLY C 1038 -11.09 0.33 5.32
N ARG C 1039 -11.67 1.12 6.22
CA ARG C 1039 -11.59 2.57 6.09
C ARG C 1039 -10.15 3.04 6.18
N LEU C 1040 -9.40 2.54 7.18
CA LEU C 1040 -8.00 2.93 7.30
C LEU C 1040 -7.22 2.55 6.06
N GLN C 1041 -7.45 1.34 5.56
CA GLN C 1041 -6.74 0.90 4.35
C GLN C 1041 -7.06 1.81 3.18
N SER C 1042 -8.33 2.22 3.05
CA SER C 1042 -8.70 3.11 1.95
C SER C 1042 -8.00 4.45 2.06
N LEU C 1043 -7.94 5.02 3.27
CA LEU C 1043 -7.38 6.35 3.42
C LEU C 1043 -5.94 6.41 2.95
N GLN C 1044 -5.10 5.51 3.44
CA GLN C 1044 -3.69 5.54 3.06
C GLN C 1044 -3.54 5.42 1.55
N THR C 1045 -4.38 4.60 0.92
CA THR C 1045 -4.31 4.47 -0.53
C THR C 1045 -4.54 5.81 -1.20
N TYR C 1046 -5.57 6.55 -0.75
CA TYR C 1046 -5.78 7.90 -1.27
C TYR C 1046 -4.59 8.79 -0.97
N VAL C 1047 -4.02 8.67 0.23
CA VAL C 1047 -2.85 9.46 0.58
C VAL C 1047 -1.73 9.19 -0.41
N THR C 1048 -1.51 7.93 -0.76
CA THR C 1048 -0.45 7.60 -1.70
C THR C 1048 -0.69 8.27 -3.04
N GLN C 1049 -1.92 8.22 -3.55
CA GLN C 1049 -2.20 8.84 -4.84
C GLN C 1049 -1.92 10.34 -4.79
N GLN C 1050 -2.32 11.00 -3.71
CA GLN C 1050 -2.14 12.45 -3.63
C GLN C 1050 -0.67 12.82 -3.70
N LEU C 1051 0.16 12.22 -2.86
CA LEU C 1051 1.56 12.60 -2.82
C LEU C 1051 2.26 12.28 -4.13
N ILE C 1052 1.92 11.16 -4.76
CA ILE C 1052 2.50 10.84 -6.06
C ILE C 1052 2.12 11.91 -7.07
N ARG C 1053 0.84 12.28 -7.09
CA ARG C 1053 0.42 13.40 -7.93
C ARG C 1053 1.14 14.67 -7.52
N ALA C 1054 1.26 14.89 -6.20
CA ALA C 1054 2.03 16.04 -5.73
C ALA C 1054 3.48 15.95 -6.19
N ALA C 1055 4.04 14.74 -6.18
CA ALA C 1055 5.41 14.58 -6.68
C ALA C 1055 5.50 14.99 -8.14
N GLU C 1056 4.49 14.62 -8.94
CA GLU C 1056 4.48 15.03 -10.33
C GLU C 1056 4.27 16.54 -10.47
N ILE C 1057 3.28 17.08 -9.76
CA ILE C 1057 2.97 18.50 -9.91
C ILE C 1057 4.15 19.35 -9.48
N ARG C 1058 4.81 18.96 -8.38
CA ARG C 1058 5.98 19.71 -7.95
C ARG C 1058 7.06 19.71 -9.02
N ALA C 1059 7.27 18.56 -9.67
CA ALA C 1059 8.20 18.53 -10.79
C ALA C 1059 7.77 19.49 -11.88
N SER C 1060 6.47 19.52 -12.19
CA SER C 1060 5.96 20.49 -13.16
C SER C 1060 6.20 21.91 -12.68
N ALA C 1061 5.99 22.17 -11.39
CA ALA C 1061 6.20 23.51 -10.86
C ALA C 1061 7.62 23.98 -11.06
N ASN C 1062 8.60 23.10 -10.79
CA ASN C 1062 10.00 23.48 -11.00
C ASN C 1062 10.26 23.82 -12.45
N LEU C 1063 9.71 23.02 -13.38
CA LEU C 1063 9.89 23.32 -14.79
C LEU C 1063 9.33 24.69 -15.14
N ALA C 1064 8.15 25.02 -14.63
CA ALA C 1064 7.58 26.35 -14.89
C ALA C 1064 8.49 27.44 -14.36
N ALA C 1065 9.01 27.26 -13.14
CA ALA C 1065 9.87 28.28 -12.56
C ALA C 1065 11.07 28.55 -13.46
N THR C 1066 11.69 27.50 -13.97
CA THR C 1066 12.81 27.69 -14.89
C THR C 1066 12.36 28.45 -16.13
N LYS C 1067 11.20 28.09 -16.67
CA LYS C 1067 10.68 28.81 -17.83
C LYS C 1067 10.50 30.28 -17.51
N MET C 1068 9.93 30.59 -16.34
CA MET C 1068 9.79 31.98 -15.92
C MET C 1068 11.15 32.65 -15.83
N SER C 1069 12.08 32.03 -15.09
CA SER C 1069 13.40 32.63 -14.94
C SER C 1069 14.12 32.72 -16.28
N GLU C 1070 14.07 31.66 -17.06
CA GLU C 1070 14.79 31.64 -18.33
C GLU C 1070 14.04 32.45 -19.40
N CYS C 1071 12.82 32.04 -19.71
CA CYS C 1071 12.13 32.63 -20.85
C CYS C 1071 11.71 34.07 -20.60
N VAL C 1072 11.18 34.36 -19.40
CA VAL C 1072 10.62 35.68 -19.15
C VAL C 1072 11.71 36.68 -18.79
N LEU C 1073 12.45 36.39 -17.72
CA LEU C 1073 13.46 37.33 -17.25
C LEU C 1073 14.63 37.50 -18.22
N GLY C 1074 14.73 36.64 -19.24
CA GLY C 1074 15.83 36.76 -20.18
C GLY C 1074 15.51 36.04 -21.46
N GLN C 1075 16.48 36.07 -22.38
CA GLN C 1075 16.36 35.41 -23.68
C GLN C 1075 17.12 34.10 -23.62
N SER C 1076 16.45 33.00 -23.96
CA SER C 1076 17.02 31.67 -23.88
C SER C 1076 17.39 31.19 -25.28
N LYS C 1077 18.68 30.88 -25.47
CA LYS C 1077 19.13 30.30 -26.72
C LYS C 1077 18.72 28.85 -26.89
N ARG C 1078 18.20 28.21 -25.84
CA ARG C 1078 17.79 26.83 -25.94
C ARG C 1078 16.72 26.68 -27.02
N VAL C 1079 16.90 25.69 -27.88
CA VAL C 1079 16.04 25.53 -29.05
C VAL C 1079 14.69 24.98 -28.61
N ASP C 1080 13.62 25.66 -29.00
CA ASP C 1080 12.24 25.23 -28.80
C ASP C 1080 11.84 25.17 -27.33
N PHE C 1081 12.72 25.55 -26.40
CA PHE C 1081 12.35 25.50 -25.00
C PHE C 1081 11.26 26.53 -24.70
N CYS C 1082 11.46 27.78 -25.12
CA CYS C 1082 10.47 28.83 -24.94
C CYS C 1082 9.65 29.01 -26.21
N GLY C 1083 8.90 27.97 -26.56
CA GLY C 1083 8.04 28.00 -27.71
C GLY C 1083 8.77 27.69 -29.00
N LYS C 1084 7.98 27.45 -30.05
CA LYS C 1084 8.55 27.09 -31.34
C LYS C 1084 9.33 28.26 -31.93
N GLY C 1085 10.39 27.93 -32.66
CA GLY C 1085 11.18 28.94 -33.33
C GLY C 1085 12.07 29.70 -32.37
N TYR C 1086 12.77 30.69 -32.93
CA TYR C 1086 13.64 31.53 -32.11
C TYR C 1086 12.82 32.35 -31.14
N HIS C 1087 13.28 32.41 -29.89
CA HIS C 1087 12.54 33.00 -28.79
C HIS C 1087 12.95 34.45 -28.58
N LEU C 1088 11.96 35.31 -28.34
CA LEU C 1088 12.20 36.72 -28.09
C LEU C 1088 11.80 37.15 -26.68
N MET C 1089 10.60 36.80 -26.22
CA MET C 1089 10.19 37.17 -24.87
C MET C 1089 9.26 36.10 -24.34
N SER C 1090 8.66 36.37 -23.18
CA SER C 1090 7.63 35.50 -22.63
C SER C 1090 6.86 36.29 -21.60
N PHE C 1091 5.56 36.44 -21.80
CA PHE C 1091 4.72 37.19 -20.88
C PHE C 1091 3.89 36.22 -20.04
N PRO C 1092 4.10 36.14 -18.74
CA PRO C 1092 3.29 35.22 -17.93
C PRO C 1092 1.87 35.73 -17.78
N GLN C 1093 0.99 34.82 -17.37
CA GLN C 1093 -0.41 35.15 -17.14
C GLN C 1093 -0.96 34.24 -16.06
N SER C 1094 -1.42 34.84 -14.97
CA SER C 1094 -1.93 34.05 -13.85
C SER C 1094 -3.15 33.25 -14.28
N ALA C 1095 -3.24 32.03 -13.78
CA ALA C 1095 -4.35 31.14 -14.06
C ALA C 1095 -4.70 30.38 -12.79
N PRO C 1096 -5.92 29.85 -12.70
CA PRO C 1096 -6.29 29.09 -11.51
C PRO C 1096 -5.42 27.85 -11.36
N HIS C 1097 -4.75 27.73 -10.21
CA HIS C 1097 -3.90 26.60 -9.89
C HIS C 1097 -2.83 26.37 -10.96
N GLY C 1098 -2.48 27.40 -11.72
CA GLY C 1098 -1.49 27.25 -12.77
C GLY C 1098 -1.12 28.60 -13.34
N VAL C 1099 -0.26 28.56 -14.35
CA VAL C 1099 0.23 29.76 -15.01
C VAL C 1099 0.17 29.55 -16.52
N VAL C 1100 -0.09 30.64 -17.24
CA VAL C 1100 -0.15 30.62 -18.69
C VAL C 1100 0.99 31.48 -19.23
N PHE C 1101 1.78 30.92 -20.14
CA PHE C 1101 2.90 31.61 -20.74
C PHE C 1101 2.53 32.07 -22.14
N LEU C 1102 2.97 33.27 -22.49
CA LEU C 1102 2.76 33.84 -23.81
C LEU C 1102 4.11 33.95 -24.50
N HIS C 1103 4.47 32.92 -25.26
CA HIS C 1103 5.73 32.91 -25.97
C HIS C 1103 5.65 33.80 -27.20
N VAL C 1104 6.63 34.69 -27.36
CA VAL C 1104 6.77 35.52 -28.55
C VAL C 1104 8.03 35.07 -29.25
N THR C 1105 7.89 34.58 -30.48
CA THR C 1105 8.98 33.93 -31.19
C THR C 1105 9.08 34.46 -32.61
N TYR C 1106 10.31 34.48 -33.12
CA TYR C 1106 10.59 34.91 -34.48
C TYR C 1106 10.57 33.70 -35.40
N VAL C 1107 10.01 33.88 -36.59
CA VAL C 1107 9.84 32.77 -37.52
C VAL C 1107 10.03 33.27 -38.96
N PRO C 1108 11.04 32.80 -39.68
CA PRO C 1108 11.15 33.18 -41.10
C PRO C 1108 10.00 32.62 -41.91
N ALA C 1109 9.63 33.34 -42.97
CA ALA C 1109 8.45 33.01 -43.75
C ALA C 1109 8.77 32.59 -45.18
N GLN C 1110 9.45 33.44 -45.95
CA GLN C 1110 9.61 33.23 -47.38
C GLN C 1110 11.08 33.04 -47.71
N GLU C 1111 11.39 31.96 -48.42
CA GLU C 1111 12.74 31.67 -48.88
C GLU C 1111 12.87 31.98 -50.36
N LYS C 1112 14.12 32.07 -50.82
CA LYS C 1112 14.40 32.60 -52.15
C LYS C 1112 15.25 31.69 -53.04
N ASN C 1113 15.83 30.61 -52.51
CA ASN C 1113 16.45 29.61 -53.37
C ASN C 1113 17.69 30.13 -54.11
N PHE C 1114 18.69 30.61 -53.38
CA PHE C 1114 19.91 31.09 -53.99
C PHE C 1114 20.89 29.95 -54.24
N THR C 1115 22.09 30.31 -54.71
CA THR C 1115 23.21 29.39 -54.84
C THR C 1115 24.40 29.95 -54.06
N THR C 1116 25.20 29.07 -53.49
CA THR C 1116 26.25 29.45 -52.56
C THR C 1116 27.59 28.91 -53.02
N ALA C 1117 28.65 29.30 -52.28
CA ALA C 1117 30.00 28.81 -52.50
C ALA C 1117 30.76 28.98 -51.21
N PRO C 1118 31.58 28.01 -50.79
CA PRO C 1118 32.21 28.11 -49.47
C PRO C 1118 33.10 29.34 -49.31
N ALA C 1119 33.82 29.75 -50.35
CA ALA C 1119 34.81 30.80 -50.22
C ALA C 1119 34.94 31.53 -51.55
N ILE C 1120 35.94 32.40 -51.65
CA ILE C 1120 36.14 33.23 -52.83
C ILE C 1120 37.63 33.38 -53.10
N CYS C 1121 38.01 33.36 -54.37
CA CYS C 1121 39.39 33.56 -54.80
C CYS C 1121 39.48 34.94 -55.46
N HIS C 1122 40.11 35.89 -54.76
CA HIS C 1122 40.27 37.24 -55.29
C HIS C 1122 41.60 37.43 -56.01
N ASP C 1123 42.70 37.20 -55.30
CA ASP C 1123 44.05 37.36 -55.83
C ASP C 1123 44.88 36.13 -55.51
N GLY C 1124 44.31 34.95 -55.71
CA GLY C 1124 44.97 33.71 -55.38
C GLY C 1124 44.85 33.29 -53.94
N LYS C 1125 44.27 34.12 -53.08
CA LYS C 1125 44.05 33.81 -51.68
C LYS C 1125 42.58 33.53 -51.44
N ALA C 1126 42.29 32.92 -50.29
CA ALA C 1126 40.94 32.53 -49.94
C ALA C 1126 40.30 33.57 -49.04
N HIS C 1127 39.08 33.96 -49.36
CA HIS C 1127 38.31 34.89 -48.57
C HIS C 1127 37.12 34.17 -47.95
N PHE C 1128 36.81 34.49 -46.70
CA PHE C 1128 35.67 33.90 -46.01
C PHE C 1128 34.83 35.00 -45.38
N PRO C 1129 33.52 34.82 -45.29
CA PRO C 1129 32.67 35.86 -44.70
C PRO C 1129 32.83 35.88 -43.19
N ARG C 1130 33.16 37.06 -42.65
CA ARG C 1130 33.26 37.19 -41.20
C ARG C 1130 31.98 36.73 -40.54
N GLU C 1131 30.85 36.98 -41.18
CA GLU C 1131 29.57 36.46 -40.70
C GLU C 1131 28.60 36.48 -41.88
N GLY C 1132 28.02 35.32 -42.19
CA GLY C 1132 27.11 35.20 -43.31
C GLY C 1132 27.52 34.10 -44.24
N VAL C 1133 27.17 34.22 -45.52
CA VAL C 1133 27.52 33.22 -46.51
C VAL C 1133 27.64 33.90 -47.87
N PHE C 1134 28.61 33.45 -48.66
CA PHE C 1134 28.74 33.95 -50.03
C PHE C 1134 27.56 33.43 -50.85
N VAL C 1135 26.75 34.35 -51.35
CA VAL C 1135 25.51 34.02 -52.03
C VAL C 1135 25.46 34.77 -53.36
N SER C 1136 25.03 34.09 -54.41
CA SER C 1136 24.83 34.70 -55.71
C SER C 1136 23.49 34.25 -56.29
N ASN C 1137 22.86 35.15 -57.04
CA ASN C 1137 21.63 34.86 -57.76
C ASN C 1137 21.90 34.52 -59.22
N GLY C 1138 23.07 33.96 -59.51
CA GLY C 1138 23.44 33.54 -60.84
C GLY C 1138 24.27 34.54 -61.60
N THR C 1139 24.28 35.81 -61.19
CA THR C 1139 25.01 36.86 -61.88
C THR C 1139 26.08 37.50 -61.01
N HIS C 1140 25.74 37.91 -59.80
CA HIS C 1140 26.66 38.58 -58.89
C HIS C 1140 26.66 37.89 -57.55
N TRP C 1141 27.78 38.04 -56.83
CA TRP C 1141 27.96 37.42 -55.53
C TRP C 1141 27.82 38.44 -54.42
N PHE C 1142 27.31 38.00 -53.28
CA PHE C 1142 27.07 38.88 -52.15
C PHE C 1142 27.23 38.09 -50.85
N VAL C 1143 27.26 38.82 -49.74
CA VAL C 1143 27.25 38.25 -48.40
C VAL C 1143 26.07 38.83 -47.65
N THR C 1144 25.43 38.01 -46.84
CA THR C 1144 24.25 38.46 -46.09
C THR C 1144 24.12 37.61 -44.84
N GLN C 1145 23.39 38.15 -43.87
CA GLN C 1145 23.13 37.42 -42.64
C GLN C 1145 22.35 36.14 -42.95
N ARG C 1146 22.40 35.21 -42.00
CA ARG C 1146 21.99 33.83 -42.25
C ARG C 1146 20.53 33.57 -41.93
N ASN C 1147 19.76 34.58 -41.54
CA ASN C 1147 18.35 34.40 -41.25
C ASN C 1147 17.47 35.49 -41.85
N PHE C 1148 18.04 36.47 -42.54
CA PHE C 1148 17.26 37.48 -43.25
C PHE C 1148 18.07 37.96 -44.43
N TYR C 1149 17.57 37.70 -45.64
CA TYR C 1149 18.32 38.04 -46.84
C TYR C 1149 18.48 39.55 -46.96
N GLU C 1150 19.72 39.99 -47.12
CA GLU C 1150 20.02 41.39 -47.43
C GLU C 1150 21.36 41.41 -48.14
N PRO C 1151 21.36 41.45 -49.47
CA PRO C 1151 22.63 41.33 -50.20
C PRO C 1151 23.55 42.49 -49.90
N GLN C 1152 24.84 42.20 -49.88
CA GLN C 1152 25.87 43.20 -49.64
C GLN C 1152 27.03 42.97 -50.60
N ILE C 1153 27.72 44.06 -50.95
CA ILE C 1153 28.89 43.95 -51.79
C ILE C 1153 30.02 43.33 -50.98
N ILE C 1154 30.69 42.34 -51.57
CA ILE C 1154 31.73 41.60 -50.88
C ILE C 1154 33.00 42.45 -50.90
N THR C 1155 33.40 42.94 -49.73
CA THR C 1155 34.60 43.74 -49.58
C THR C 1155 35.47 43.16 -48.48
N THR C 1156 36.65 43.75 -48.32
CA THR C 1156 37.61 43.23 -47.35
C THR C 1156 37.02 43.21 -45.95
N ASP C 1157 36.39 44.32 -45.55
CA ASP C 1157 35.81 44.39 -44.21
C ASP C 1157 34.76 43.30 -44.01
N ASN C 1158 34.05 42.93 -45.06
CA ASN C 1158 33.03 41.88 -44.93
C ASN C 1158 33.68 40.53 -44.66
N THR C 1159 34.87 40.29 -45.21
CA THR C 1159 35.51 38.98 -45.17
C THR C 1159 36.84 39.07 -44.42
N PHE C 1160 37.58 37.97 -44.47
CA PHE C 1160 38.93 37.94 -43.93
C PHE C 1160 39.73 36.90 -44.70
N VAL C 1161 41.05 37.05 -44.65
CA VAL C 1161 41.97 36.26 -45.47
C VAL C 1161 42.49 35.09 -44.63
N SER C 1162 42.63 33.93 -45.28
CA SER C 1162 43.20 32.77 -44.62
C SER C 1162 43.59 31.74 -45.68
N GLY C 1163 44.87 31.38 -45.73
CA GLY C 1163 45.32 30.36 -46.65
C GLY C 1163 45.34 30.83 -48.09
N ASN C 1164 45.44 29.85 -48.99
CA ASN C 1164 45.48 30.08 -50.43
C ASN C 1164 44.30 29.39 -51.08
N CYS C 1165 44.28 29.37 -52.41
CA CYS C 1165 43.14 28.91 -53.19
C CYS C 1165 43.19 27.43 -53.54
N ASP C 1166 44.21 26.70 -53.12
CA ASP C 1166 44.41 25.33 -53.55
C ASP C 1166 43.92 24.29 -52.54
N VAL C 1167 43.31 24.72 -51.44
CA VAL C 1167 42.90 23.82 -50.36
C VAL C 1167 41.39 23.71 -50.28
N VAL C 1168 40.68 24.85 -50.33
CA VAL C 1168 39.23 24.82 -50.19
C VAL C 1168 38.63 23.94 -51.27
N ILE C 1169 37.46 23.38 -50.97
CA ILE C 1169 36.70 22.55 -51.91
C ILE C 1169 35.44 23.31 -52.28
N GLY C 1170 35.25 23.53 -53.58
CA GLY C 1170 34.09 24.25 -54.08
C GLY C 1170 34.24 25.74 -54.13
N ILE C 1171 35.41 26.28 -53.79
CA ILE C 1171 35.62 27.72 -53.86
C ILE C 1171 35.33 28.20 -55.28
N VAL C 1172 34.89 29.45 -55.40
CA VAL C 1172 34.47 30.00 -56.68
C VAL C 1172 35.18 31.32 -56.92
N ASN C 1173 35.35 31.67 -58.19
CA ASN C 1173 36.03 32.89 -58.57
C ASN C 1173 35.16 34.11 -58.30
N ASN C 1174 35.79 35.20 -57.89
CA ASN C 1174 35.13 36.49 -57.72
C ASN C 1174 36.21 37.49 -57.31
N THR C 1175 35.82 38.76 -57.28
CA THR C 1175 36.70 39.85 -56.89
C THR C 1175 36.16 40.55 -55.66
N VAL C 1176 37.01 40.70 -54.65
CA VAL C 1176 36.62 41.39 -53.42
C VAL C 1176 37.00 42.85 -53.55
N TYR C 1177 35.99 43.72 -53.49
CA TYR C 1177 36.22 45.15 -53.61
C TYR C 1177 36.92 45.69 -52.36
N ASP C 1178 37.70 46.75 -52.55
CA ASP C 1178 38.43 47.38 -51.46
C ASP C 1178 37.84 48.75 -51.15
N PRO C 1179 37.31 48.99 -49.95
CA PRO C 1179 36.80 50.33 -49.65
C PRO C 1179 37.87 51.40 -49.68
N LEU C 1180 39.11 51.05 -49.35
CA LEU C 1180 40.18 52.04 -49.31
C LEU C 1180 40.65 52.46 -50.69
N GLN C 1181 40.46 51.61 -51.70
CA GLN C 1181 40.99 51.91 -53.03
C GLN C 1181 40.52 53.24 -53.57
N PRO C 1182 39.21 53.55 -53.61
CA PRO C 1182 38.80 54.84 -54.19
C PRO C 1182 39.43 56.03 -53.50
N GLU C 1183 39.55 56.00 -52.18
CA GLU C 1183 40.21 57.09 -51.48
C GLU C 1183 41.68 57.17 -51.86
N LEU C 1184 42.33 56.01 -51.97
CA LEU C 1184 43.72 56.00 -52.42
C LEU C 1184 43.85 56.56 -53.83
N ASP C 1185 42.95 56.18 -54.73
CA ASP C 1185 43.01 56.68 -56.09
C ASP C 1185 42.81 58.19 -56.12
N SER C 1186 41.79 58.68 -55.41
CA SER C 1186 41.58 60.12 -55.33
C SER C 1186 42.76 60.82 -54.68
N PHE C 1187 43.31 60.23 -53.62
CA PHE C 1187 44.50 60.80 -52.99
C PHE C 1187 45.67 60.82 -53.96
N LYS C 1188 45.78 59.80 -54.82
CA LYS C 1188 46.81 59.81 -55.85
C LYS C 1188 46.62 60.97 -56.80
N GLU C 1189 45.38 61.24 -57.20
CA GLU C 1189 45.08 62.34 -58.11
C GLU C 1189 45.33 63.69 -57.43
C1 NAG D . 35.89 -7.12 16.21
C2 NAG D . 37.25 -6.92 15.57
C3 NAG D . 38.24 -5.95 16.08
C4 NAG D . 37.64 -4.83 16.83
C5 NAG D . 36.11 -4.82 17.10
C6 NAG D . 35.64 -3.46 16.71
C7 NAG D . 38.52 -8.68 14.24
C8 NAG D . 38.68 -7.65 13.12
N2 NAG D . 37.83 -8.31 15.47
O3 NAG D . 38.99 -5.41 14.95
O4 NAG D . 38.38 -5.03 18.02
O5 NAG D . 35.25 -5.77 16.37
O6 NAG D . 34.55 -3.09 17.53
O7 NAG D . 38.96 -9.77 14.12
C1 NAG D . 38.21 -4.01 19.00
C2 NAG D . 37.82 -4.78 20.25
C3 NAG D . 37.67 -3.86 21.38
C4 NAG D . 38.97 -3.19 21.68
C5 NAG D . 39.73 -2.60 20.48
C6 NAG D . 41.21 -2.75 20.75
C7 NAG D . 36.47 -6.85 19.53
C8 NAG D . 37.78 -7.62 19.31
N2 NAG D . 36.51 -5.45 19.99
O3 NAG D . 37.24 -4.64 22.52
O4 NAG D . 38.67 -2.12 22.58
O5 NAG D . 39.44 -3.17 19.15
O6 NAG D . 41.52 -4.09 20.99
O7 NAG D . 35.43 -7.37 19.32
C1 BMA D . 39.34 -2.35 23.83
C2 BMA D . 38.53 -3.38 24.65
C3 BMA D . 39.23 -3.62 25.96
C4 BMA D . 40.72 -3.97 25.74
C5 BMA D . 41.40 -2.93 24.83
C6 BMA D . 42.84 -3.27 24.51
O2 BMA D . 38.47 -4.64 24.01
O3 BMA D . 38.60 -4.65 26.71
O4 BMA D . 41.40 -4.01 26.97
O5 BMA D . 40.66 -2.84 23.62
O6 BMA D . 43.59 -3.21 25.71
C1 NAG E . 8.95 60.43 -27.25
C2 NAG E . 9.18 61.93 -27.19
C3 NAG E . 8.59 62.79 -28.24
C4 NAG E . 8.67 62.23 -29.64
C5 NAG E . 8.52 60.70 -29.75
C6 NAG E . 9.72 60.17 -30.47
C7 NAG E . 9.38 62.71 -24.76
C8 NAG E . 8.72 63.19 -23.46
N2 NAG E . 8.56 62.39 -25.92
O3 NAG E . 9.23 64.10 -28.17
O4 NAG E . 7.77 62.86 -30.58
O5 NAG E . 8.35 59.89 -28.52
O6 NAG E . 9.38 59.95 -31.81
O7 NAG E . 10.56 62.62 -24.83
C1 NAG E . 6.74 63.72 -30.04
C2 NAG E . 5.88 63.06 -28.95
C3 NAG E . 4.85 63.97 -28.40
C4 NAG E . 5.44 65.29 -27.99
C5 NAG E . 6.31 65.92 -29.08
C6 NAG E . 7.01 67.13 -28.52
C7 NAG E . 5.41 60.56 -28.67
C8 NAG E . 4.75 59.26 -29.12
N2 NAG E . 5.21 61.80 -29.44
O3 NAG E . 4.26 63.35 -27.22
O4 NAG E . 4.38 66.18 -27.71
O5 NAG E . 7.34 65.00 -29.53
O6 NAG E . 8.06 66.70 -27.70
O7 NAG E . 6.08 60.58 -27.69
C1 NAG F . 54.24 35.56 -11.84
C2 NAG F . 54.82 36.97 -11.92
C3 NAG F . 56.30 36.97 -11.95
C4 NAG F . 56.86 36.22 -10.79
C5 NAG F . 56.35 34.77 -10.80
C6 NAG F . 56.89 34.05 -9.59
C7 NAG F . 53.03 38.32 -13.14
C8 NAG F . 52.50 39.00 -14.42
N2 NAG F . 54.31 37.63 -13.16
O3 NAG F . 56.77 38.35 -11.90
O4 NAG F . 58.29 36.21 -10.88
O5 NAG F . 54.88 34.72 -10.75
O6 NAG F . 55.96 33.09 -9.17
O7 NAG F . 52.40 38.36 -12.14
H2 NAG F . 54.49 37.53 -11.05
H3 NAG F . 56.63 36.51 -12.88
H4 NAG F . 56.56 36.70 -9.88
H5 NAG F . 56.69 34.27 -11.69
H61 NAG F . 57.07 34.75 -8.79
H62 NAG F . 57.82 33.57 -9.86
H81 NAG F . 51.55 39.48 -14.20
H82 NAG F . 52.36 38.25 -15.19
H83 NAG F . 53.21 39.74 -14.76
HN2 NAG F . 54.86 37.58 -14.00
HO3 NAG F . 57.67 38.38 -12.16
HO6 NAG F . 55.12 33.28 -9.56
C1 NAG F . 58.78 37.24 -9.99
C2 NAG F . 60.19 36.90 -9.55
C3 NAG F . 60.74 37.92 -8.63
C4 NAG F . 60.67 39.30 -9.23
C5 NAG F . 59.27 39.64 -9.73
C6 NAG F . 59.30 40.94 -10.48
C7 NAG F . 60.56 34.36 -9.57
C8 NAG F . 60.55 33.01 -8.84
N2 NAG F . 60.18 35.58 -8.85
O3 NAG F . 62.13 37.60 -8.35
O4 NAG F . 61.05 40.25 -8.23
O5 NAG F . 58.72 38.60 -10.62
O6 NAG F . 60.48 41.64 -10.15
O7 NAG F . 60.88 34.41 -10.71
H2 NAG F . 60.83 36.83 -10.43
H3 NAG F . 60.17 37.91 -7.71
H4 NAG F . 61.36 39.35 -10.07
H5 NAG F . 58.61 39.74 -8.87
H61 NAG F . 58.45 41.54 -10.20
H62 NAG F . 59.30 40.75 -11.54
H81 NAG F . 60.86 32.23 -9.51
H82 NAG F . 59.54 32.79 -8.49
H83 NAG F . 61.22 33.05 -7.99
HN2 NAG F . 59.92 35.53 -7.88
HO3 NAG F . 62.32 37.79 -7.45
HO4 NAG F . 61.29 41.06 -8.65
HO6 NAG F . 60.76 42.14 -10.88
C1 NAG G . 20.63 -12.04 48.33
C2 NAG G . 21.31 -10.80 48.90
C3 NAG G . 22.65 -10.61 48.30
C4 NAG G . 23.51 -11.81 48.60
C5 NAG G . 22.81 -13.14 48.26
C6 NAG G . 23.62 -14.25 48.85
C7 NAG G . 19.90 -9.37 47.29
C8 NAG G . 19.01 -8.15 47.02
N2 NAG G . 20.44 -9.60 48.63
O3 NAG G . 23.18 -9.39 48.87
O4 NAG G . 24.74 -11.80 47.85
O5 NAG G . 21.42 -13.25 48.74
O6 NAG G . 24.94 -13.84 49.02
O7 NAG G . 20.16 -10.12 46.41
H2 NAG G . 21.41 -10.91 49.97
H3 NAG G . 22.55 -10.50 47.23
H4 NAG G . 23.74 -11.81 49.66
H5 NAG G . 22.81 -13.25 47.18
H61 NAG G . 23.59 -15.12 48.20
H62 NAG G . 23.20 -14.53 49.81
H81 NAG G . 18.71 -8.16 45.98
H82 NAG G . 19.57 -7.24 47.23
H83 NAG G . 18.14 -8.19 47.66
HN2 NAG G . 20.23 -8.96 49.37
HO3 NAG G . 23.03 -8.66 48.29
HO6 NAG G . 25.36 -14.37 49.69
C1 NAG G . 25.31 -10.49 47.74
C2 NAG G . 25.95 -10.07 49.04
C3 NAG G . 27.10 -10.93 49.40
C4 NAG G . 28.12 -11.00 48.29
C5 NAG G . 27.54 -11.19 46.88
C6 NAG G . 27.27 -12.65 46.65
C7 NAG G . 26.08 -7.58 49.78
C8 NAG G . 25.15 -7.81 50.98
N2 NAG G . 26.45 -8.66 48.86
O3 NAG G . 26.64 -12.27 49.73
O4 NAG G . 28.86 -9.79 48.31
O5 NAG G . 26.31 -10.42 46.61
O6 NAG G . 28.48 -13.32 46.46
O7 NAG G . 26.51 -6.49 49.58
H2 NAG G . 25.23 -10.11 49.84
H3 NAG G . 27.59 -10.51 50.28
H4 NAG G . 28.79 -11.82 48.50
H5 NAG G . 28.29 -10.87 46.17
H61 NAG G . 26.65 -12.76 45.76
H62 NAG G . 26.75 -13.08 47.50
H81 NAG G . 25.10 -6.91 51.58
H82 NAG G . 25.54 -8.63 51.57
H83 NAG G . 24.16 -8.06 50.62
HN2 NAG G . 27.07 -8.46 48.09
HO3 NAG G . 25.83 -12.45 49.28
HO6 NAG G . 28.34 -14.25 46.51
C1 BMA G . 30.22 -10.09 48.66
C2 BMA G . 31.14 -9.51 47.54
C3 BMA G . 32.61 -9.68 47.94
C4 BMA G . 32.86 -9.17 49.36
C5 BMA G . 31.89 -9.85 50.34
C6 BMA G . 32.07 -9.37 51.77
O2 BMA G . 30.91 -8.12 47.39
O3 BMA G . 33.47 -9.03 47.02
O4 BMA G . 34.20 -9.45 49.74
O5 BMA G . 30.56 -9.55 49.92
O6 BMA G . 33.41 -9.61 52.16
H2 BMA G . 30.93 -10.05 46.60
H3 BMA G . 32.87 -10.74 47.91
H4 BMA G . 32.67 -8.09 49.38
H5 BMA G . 32.06 -10.94 50.33
H61 BMA G . 31.35 -9.90 52.41
H62 BMA G . 31.81 -8.30 51.80
HO2 BMA G . 31.50 -7.83 46.67
HO3 BMA G . 34.18 -8.65 47.56
HO4 BMA G . 34.39 -8.83 50.46
C1 NAG H . 16.50 -33.80 -22.89
C2 NAG H . 15.11 -34.33 -23.23
C3 NAG H . 15.37 -35.68 -23.82
C4 NAG H . 16.23 -35.67 -25.05
C5 NAG H . 17.30 -34.56 -25.15
C6 NAG H . 17.25 -33.92 -26.52
C7 NAG H . 12.89 -34.87 -21.86
C8 NAG H . 12.02 -35.36 -23.03
N2 NAG H . 14.28 -34.40 -21.98
O3 NAG H . 14.15 -36.34 -24.24
O4 NAG H . 16.90 -36.94 -25.07
O5 NAG H . 17.16 -33.45 -24.19
O6 NAG H . 16.47 -32.77 -26.47
O7 NAG H . 12.39 -34.85 -20.79
H2 NAG H . 14.65 -33.69 -23.96
H3 NAG H . 15.85 -36.30 -23.07
H4 NAG H . 15.56 -35.57 -25.90
H5 NAG H . 18.27 -35.01 -25.01
H61 NAG H . 16.84 -34.62 -27.24
H62 NAG H . 18.26 -33.65 -26.81
H81 NAG H . 10.99 -35.12 -22.84
H82 NAG H . 12.12 -36.44 -23.12
H83 NAG H . 12.34 -34.90 -23.96
HN2 NAG H . 14.72 -34.10 -21.14
HO3 NAG H . 14.19 -37.25 -24.03
HO6 NAG H . 16.79 -32.16 -27.11
C1 NAG H . 17.40 -37.39 -26.36
C2 NAG H . 16.22 -37.76 -27.28
C3 NAG H . 16.69 -38.18 -28.62
C4 NAG H . 17.50 -37.09 -29.23
C5 NAG H . 18.74 -36.80 -28.38
C6 NAG H . 19.54 -35.72 -29.01
C7 NAG H . 14.00 -38.77 -26.50
C8 NAG H . 13.22 -39.91 -25.83
N2 NAG H . 15.45 -38.87 -26.63
O3 NAG H . 15.54 -38.48 -29.46
O4 NAG H . 17.90 -37.47 -30.56
O5 NAG H . 18.34 -36.40 -27.01
O6 NAG H . 18.72 -34.61 -29.30
O7 NAG H . 13.42 -37.82 -26.91
H2 NAG H . 15.58 -36.90 -27.42
H3 NAG H . 17.30 -39.07 -28.51
H4 NAG H . 16.91 -36.19 -29.28
H5 NAG H . 19.34 -37.70 -28.31
H61 NAG H . 19.99 -36.08 -29.93
H62 NAG H . 20.33 -35.40 -28.34
H81 NAG H . 12.16 -39.73 -25.94
H82 NAG H . 13.47 -39.95 -24.78
H83 NAG H . 13.49 -40.85 -26.29
HN2 NAG H . 15.94 -39.67 -26.27
HO3 NAG H . 14.92 -37.77 -29.38
HO6 NAG H . 19.21 -33.98 -29.80
C1 BMA H . 16.93 -36.97 -31.50
C2 BMA H . 17.03 -37.83 -32.78
C3 BMA H . 15.88 -37.48 -33.73
C4 BMA H . 14.53 -37.47 -33.01
C5 BMA H . 14.61 -36.52 -31.82
C6 BMA H . 13.30 -36.43 -31.03
O2 BMA H . 16.90 -39.20 -32.47
O3 BMA H . 15.84 -38.37 -34.83
O4 BMA H . 13.51 -37.06 -33.89
O5 BMA H . 15.61 -37.01 -30.94
O6 BMA H . 13.28 -37.50 -30.09
H2 BMA H . 17.99 -37.63 -33.26
H3 BMA H . 16.05 -36.48 -34.15
H4 BMA H . 14.34 -38.49 -32.62
H5 BMA H . 14.87 -35.51 -32.16
H61 BMA H . 12.47 -36.49 -31.74
H62 BMA H . 13.28 -35.45 -30.54
HO2 BMA H . 16.97 -39.27 -31.50
HO4 BMA H . 13.84 -37.24 -34.78
HO6 BMA H . 12.94 -37.15 -29.26
C1 MAN H . 16.13 -37.64 -36.04
C2 MAN H . 15.87 -38.58 -37.25
C3 MAN H . 16.96 -39.64 -37.35
C4 MAN H . 18.36 -38.99 -37.31
C5 MAN H . 18.49 -38.17 -36.02
C6 MAN H . 19.83 -37.48 -35.90
O2 MAN H . 15.91 -37.86 -38.49
O3 MAN H . 16.83 -40.44 -38.52
O4 MAN H . 19.36 -40.00 -37.34
O5 MAN H . 17.47 -37.16 -36.02
O6 MAN H . 20.85 -38.40 -36.30
H2 MAN H . 14.89 -39.07 -37.11
H3 MAN H . 16.88 -40.32 -36.50
H4 MAN H . 18.45 -38.31 -38.17
H5 MAN H . 18.37 -38.85 -35.16
H61 MAN H . 19.97 -37.16 -34.86
H62 MAN H . 19.81 -36.59 -36.54
HO2 MAN H . 16.02 -38.49 -39.21
HO3 MAN H . 17.69 -40.86 -38.65
HO4 MAN H . 20.18 -39.53 -37.56
HO6 MAN H . 21.70 -37.99 -36.09
C1 NAG I . 45.91 16.09 -36.17
C2 NAG I . 47.06 15.85 -37.12
C3 NAG I . 46.70 14.91 -38.21
C4 NAG I . 46.19 13.62 -37.66
C5 NAG I . 45.04 13.81 -36.67
C6 NAG I . 44.74 12.51 -35.99
C7 NAG I . 48.47 17.98 -37.06
C8 NAG I . 48.91 19.32 -37.67
N2 NAG I . 47.48 17.16 -37.73
O3 NAG I . 47.86 14.66 -39.03
O4 NAG I . 45.75 12.82 -38.75
O5 NAG I . 45.35 14.80 -35.63
O6 NAG I . 43.97 11.70 -36.84
O7 NAG I . 48.96 17.61 -36.03
H2 NAG I . 47.90 15.43 -36.57
H3 NAG I . 45.91 15.36 -38.82
H4 NAG I . 47.01 13.13 -37.15
H5 NAG I . 44.17 14.15 -37.22
H61 NAG I . 44.18 12.70 -35.08
H62 NAG I . 45.66 11.99 -35.75
H81 NAG I . 48.05 19.99 -37.69
H82 NAG I . 49.28 19.16 -38.66
H83 NAG I . 49.69 19.75 -37.05
HN2 NAG I . 47.06 17.47 -38.59
HO3 NAG I . 47.73 13.88 -39.54
HO6 NAG I . 43.19 12.17 -37.11
C1 NAG I . 46.24 11.47 -38.57
C2 NAG I . 45.62 10.56 -39.63
C3 NAG I . 46.14 9.18 -39.52
C4 NAG I . 47.64 9.17 -39.57
C5 NAG I . 48.25 10.05 -38.49
C6 NAG I . 49.74 10.07 -38.65
C7 NAG I . 43.29 10.18 -40.58
C8 NAG I . 41.76 10.15 -40.43
N2 NAG I . 44.14 10.54 -39.45
O3 NAG I . 45.62 8.39 -40.63
O4 NAG I . 48.12 7.83 -39.44
O5 NAG I . 47.75 11.44 -38.60
O6 NAG I . 50.07 10.58 -39.90
O7 NAG I . 43.78 9.91 -41.63
H2 NAG I . 45.86 10.95 -40.61
H3 NAG I . 45.81 8.74 -38.58
H4 NAG I . 47.94 9.54 -40.55
H5 NAG I . 47.99 9.66 -37.52
H61 NAG I . 50.12 9.06 -38.56
H62 NAG I . 50.18 10.69 -37.88
H81 NAG I . 41.38 11.16 -40.42
H82 NAG I . 41.50 9.66 -39.51
H83 NAG I . 41.32 9.60 -41.26
HN2 NAG I . 43.73 10.77 -38.57
HO3 NAG I . 46.17 8.49 -41.38
HO6 NAG I . 50.28 9.88 -40.49
C1 BMA I . 48.67 7.52 -40.73
C2 BMA I . 49.68 6.33 -40.62
C3 BMA I . 50.18 6.07 -42.03
C4 BMA I . 48.99 5.72 -42.94
C5 BMA I . 48.11 6.97 -43.00
C6 BMA I . 46.91 6.84 -43.95
O2 BMA I . 49.05 5.14 -40.16
O3 BMA I . 51.20 5.06 -42.12
O4 BMA I . 49.45 5.40 -44.24
O5 BMA I . 47.63 7.20 -41.67
O6 BMA I . 46.25 8.13 -44.15
H2 BMA I . 50.51 6.62 -39.96
H3 BMA I . 50.61 6.98 -42.39
H4 BMA I . 48.42 4.90 -42.49
H5 BMA I . 48.75 7.79 -43.30
H61 BMA I . 46.22 6.11 -43.51
H62 BMA I . 47.28 6.41 -44.89
HO2 BMA I . 48.16 5.42 -39.86
HO4 BMA I . 49.83 4.51 -44.17
C1 MAN I . 52.51 5.66 -42.02
C2 MAN I . 52.92 6.36 -43.36
C3 MAN I . 53.13 5.31 -44.43
C4 MAN I . 54.14 4.25 -43.95
C5 MAN I . 53.65 3.63 -42.64
C6 MAN I . 54.63 2.64 -42.06
O2 MAN I . 54.17 7.04 -43.24
O3 MAN I . 53.59 5.90 -45.66
O4 MAN I . 54.28 3.25 -44.94
O5 MAN I . 53.45 4.67 -41.66
O6 MAN I . 55.69 3.36 -41.46
H2 MAN I . 52.15 7.05 -43.68
H3 MAN I . 52.19 4.82 -44.65
H4 MAN I . 55.10 4.75 -43.76
H5 MAN I . 52.70 3.11 -42.83
H61 MAN I . 54.99 1.99 -42.88
H62 MAN I . 54.09 2.01 -41.35
HO2 MAN I . 54.01 7.98 -43.21
HO3 MAN I . 53.42 5.23 -46.34
HO4 MAN I . 54.60 3.70 -45.73
HO6 MAN I . 55.56 4.30 -41.67
C1 MAN I . 47.07 9.33 -44.31
C2 MAN I . 48.17 9.11 -45.43
C3 MAN I . 49.43 9.86 -45.07
C4 MAN I . 49.08 11.17 -44.37
C5 MAN I . 48.54 10.85 -42.98
C6 MAN I . 47.79 12.02 -42.35
O2 MAN I . 47.75 9.66 -46.68
O3 MAN I . 50.25 10.12 -46.22
O4 MAN I . 50.24 11.97 -44.24
O5 MAN I . 47.62 9.71 -43.03
O6 MAN I . 47.99 11.97 -40.94
H2 MAN I . 48.41 8.07 -45.55
H3 MAN I . 50.04 9.26 -44.39
H4 MAN I . 48.30 11.68 -44.95
H5 MAN I . 49.38 10.61 -42.33
H61 MAN I . 46.72 11.94 -42.61
H62 MAN I . 48.19 12.94 -42.79
HO2 MAN I . 48.50 9.69 -47.28
HO3 MAN I . 50.83 9.34 -46.29
HO4 MAN I . 49.91 12.88 -44.14
HO6 MAN I . 48.94 11.99 -40.77
C1 NAG J . 30.45 5.11 -46.99
C2 NAG J . 29.81 5.50 -48.31
C3 NAG J . 29.45 4.31 -49.13
C4 NAG J . 30.17 3.07 -48.69
C5 NAG J . 31.62 3.32 -48.23
C6 NAG J . 32.50 3.64 -49.41
C7 NAG J . 28.55 7.73 -48.20
C8 NAG J . 27.26 8.53 -47.94
N2 NAG J . 28.55 6.28 -48.06
O3 NAG J . 29.79 4.59 -50.51
O4 NAG J . 29.43 2.48 -47.61
O5 NAG J . 31.75 4.39 -47.24
O6 NAG J . 31.91 4.60 -50.23
O7 NAG J . 29.54 8.30 -48.53
H2 NAG J . 30.49 6.11 -48.87
H3 NAG J . 28.38 4.14 -49.04
H4 NAG J . 30.19 2.37 -49.52
H5 NAG J . 32.00 2.41 -47.78
H61 NAG J . 32.67 2.73 -49.98
H62 NAG J . 33.45 4.01 -49.05
H81 NAG J . 26.70 8.06 -47.15
H82 NAG J . 26.67 8.56 -48.84
H83 NAG J . 27.52 9.54 -47.64
HN2 NAG J . 27.72 5.80 -47.78
HO3 NAG J . 28.99 4.67 -51.02
HO6 NAG J . 31.85 4.28 -51.11
C1 NAG J . 29.80 1.09 -47.51
C2 NAG J . 29.93 0.72 -46.04
C3 NAG J . 30.44 -0.67 -45.94
C4 NAG J . 29.51 -1.63 -46.60
C5 NAG J . 29.22 -1.23 -48.07
C6 NAG J . 28.08 -2.05 -48.60
C7 NAG J . 30.35 2.87 -44.73
C8 NAG J . 31.31 3.83 -44.01
N2 NAG J . 30.87 1.65 -45.35
O3 NAG J . 30.56 -1.02 -44.53
O4 NAG J . 30.10 -2.95 -46.44
O5 NAG J . 28.82 0.18 -48.18
O6 NAG J . 28.50 -2.72 -49.76
O7 NAG J . 29.18 3.10 -44.76
H2 NAG J . 28.96 0.77 -45.57
H3 NAG J . 31.42 -0.72 -46.41
H4 NAG J . 28.57 -1.62 -46.07
H5 NAG J . 30.10 -1.37 -48.69
H61 NAG J . 27.26 -1.39 -48.85
H62 NAG J . 27.77 -2.77 -47.85
H81 NAG J . 31.97 4.29 -44.74
H82 NAG J . 31.89 3.29 -43.28
H83 NAG J . 30.74 4.61 -43.51
HN2 NAG J . 31.85 1.45 -45.32
HO3 NAG J . 31.47 -1.18 -44.32
HO6 NAG J . 28.09 -2.34 -50.51
C1 BMA J . 30.46 -3.62 -47.66
C2 BMA J . 31.87 -4.24 -47.46
C3 BMA J . 32.20 -5.23 -48.59
C4 BMA J . 31.03 -6.18 -48.86
C5 BMA J . 29.77 -5.35 -49.16
C6 BMA J . 28.57 -6.20 -49.49
O2 BMA J . 31.92 -4.98 -46.25
O3 BMA J . 33.38 -5.98 -48.30
O4 BMA J . 31.32 -7.02 -49.96
O5 BMA J . 29.48 -4.58 -48.00
O6 BMA J . 27.49 -5.33 -49.83
H2 BMA J . 32.62 -3.43 -47.45
H3 BMA J . 32.41 -4.68 -49.51
H4 BMA J . 30.83 -6.76 -47.94
H5 BMA J . 29.97 -4.69 -50.02
H61 BMA J . 28.33 -6.83 -48.61
H62 BMA J . 28.83 -6.87 -50.32
HO2 BMA J . 31.10 -4.77 -45.78
HO4 BMA J . 32.13 -6.65 -50.36
HO6 BMA J . 27.85 -4.62 -50.38
C1 NAG K . 54.25 22.88 -21.26
C2 NAG K . 54.35 21.38 -21.45
C3 NAG K . 55.22 20.81 -20.38
C4 NAG K . 56.56 21.50 -20.32
C5 NAG K . 56.45 23.03 -20.28
C6 NAG K . 57.82 23.62 -20.40
C7 NAG K . 52.11 21.06 -20.24
C8 NAG K . 50.71 20.44 -20.17
N2 NAG K . 52.99 20.77 -21.38
O3 NAG K . 55.42 19.40 -20.66
O4 NAG K . 57.33 21.01 -19.21
O5 NAG K . 55.61 23.53 -21.38
O6 NAG K . 58.02 23.97 -21.75
O7 NAG K . 52.48 21.78 -19.37
H2 NAG K . 54.80 21.18 -22.42
H3 NAG K . 54.71 20.93 -19.44
H4 NAG K . 57.09 21.23 -21.22
H5 NAG K . 56.01 23.34 -19.35
H61 NAG K . 58.56 22.89 -20.11
H62 NAG K . 57.89 24.50 -19.77
H81 NAG K . 50.80 19.36 -20.19
H82 NAG K . 50.13 20.77 -21.02
H83 NAG K . 50.22 20.75 -19.26
HN2 NAG K . 52.67 20.17 -22.11
HO3 NAG K . 56.33 19.23 -20.79
C1 NAG K . 56.72 21.29 -17.93
C2 NAG K . 56.83 20.07 -17.02
C3 NAG K . 56.17 20.29 -15.72
C4 NAG K . 56.75 21.48 -15.02
C5 NAG K . 56.76 22.73 -15.91
C6 NAG K . 57.56 23.80 -15.22
C7 NAG K . 57.01 18.00 -18.52
C8 NAG K . 56.38 16.79 -19.21
N2 NAG K . 56.19 18.89 -17.70
O3 NAG K . 56.36 19.11 -14.89
O4 NAG K . 55.97 21.73 -13.84
O5 NAG K . 57.31 22.50 -17.25
O6 NAG K . 58.00 24.73 -16.17
O7 NAG K . 58.17 18.21 -18.66
H2 NAG K . 57.88 19.86 -16.86
H3 NAG K . 55.11 20.45 -15.88
H4 NAG K . 57.77 21.24 -14.73
H5 NAG K . 55.74 23.08 -16.01
H61 NAG K . 58.42 23.35 -14.73
H62 NAG K . 56.96 24.30 -14.48
H81 NAG K . 55.53 17.11 -19.81
H82 NAG K . 56.04 16.08 -18.46
H83 NAG K . 57.11 16.30 -19.85
HN2 NAG K . 55.22 18.71 -17.58
HO3 NAG K . 55.53 18.82 -14.56
HO4 NAG K . 56.36 22.45 -13.37
HO6 NAG K . 57.25 25.11 -16.61
C1 FUC K . 58.75 25.21 -21.89
C2 FUC K . 58.72 25.54 -23.39
C3 FUC K . 57.28 25.71 -23.84
C4 FUC K . 56.60 26.82 -23.03
C5 FUC K . 56.77 26.55 -21.52
C6 FUC K . 56.37 27.75 -20.67
O2 FUC K . 59.39 24.55 -24.16
O3 FUC K . 57.24 26.10 -25.21
O4 FUC K . 57.17 28.07 -23.37
O5 FUC K . 58.15 26.26 -21.17
C1 NAG L . 58.27 30.60 -33.32
C2 NAG L . 58.56 32.11 -33.21
C3 NAG L . 58.96 32.78 -34.46
C4 NAG L . 59.98 32.08 -35.29
C5 NAG L . 59.79 30.56 -35.35
C6 NAG L . 60.98 29.89 -34.74
C7 NAG L . 57.20 33.82 -31.83
C8 NAG L . 55.85 34.44 -31.46
N2 NAG L . 57.27 32.75 -32.84
O3 NAG L . 59.50 34.09 -34.11
O4 NAG L . 59.83 32.63 -36.59
O5 NAG L . 58.56 30.06 -34.70
O6 NAG L . 61.91 29.61 -35.75
O7 NAG L . 58.20 34.20 -31.29
C1 NAG L . 60.87 32.15 -37.46
C2 NAG L . 60.24 31.79 -38.79
C3 NAG L . 61.26 31.32 -39.76
C4 NAG L . 62.31 32.35 -39.98
C5 NAG L . 62.95 32.82 -38.66
C6 NAG L . 63.78 34.04 -38.94
C7 NAG L . 57.83 31.09 -38.24
C8 NAG L . 57.44 32.57 -38.13
N2 NAG L . 59.22 30.72 -38.56
O3 NAG L . 60.60 31.05 -41.03
O4 NAG L . 63.34 31.81 -40.81
O5 NAG L . 61.97 33.16 -37.61
O6 NAG L . 62.99 35.17 -38.74
O7 NAG L . 57.03 30.24 -38.06
C1 BMA L . 63.04 32.10 -42.19
C2 BMA L . 63.95 33.26 -42.64
C3 BMA L . 63.81 33.50 -44.15
C4 BMA L . 63.88 32.21 -44.96
C5 BMA L . 62.94 31.14 -44.38
C6 BMA L . 63.09 29.80 -45.07
O2 BMA L . 65.32 32.95 -42.41
O3 BMA L . 64.82 34.40 -44.61
O4 BMA L . 63.51 32.46 -46.31
O5 BMA L . 63.25 30.96 -42.99
O6 BMA L . 64.46 29.61 -45.40
C1 MAN L . 64.34 35.74 -44.85
C2 MAN L . 64.92 36.65 -43.69
C3 MAN L . 64.03 36.60 -42.45
C4 MAN L . 62.60 36.95 -42.84
C5 MAN L . 62.07 35.88 -43.78
C6 MAN L . 60.64 36.16 -44.23
O2 MAN L . 64.97 38.02 -44.06
O3 MAN L . 64.51 37.47 -41.43
O4 MAN L . 61.79 36.99 -41.67
O5 MAN L . 62.89 35.83 -44.98
O6 MAN L . 60.67 37.21 -45.19
C1 MAN L . 65.19 29.18 -44.23
C2 MAN L . 66.03 30.37 -43.71
C3 MAN L . 67.19 30.66 -44.66
C4 MAN L . 67.99 29.38 -44.93
C5 MAN L . 67.06 28.29 -45.49
C6 MAN L . 67.76 26.96 -45.72
O2 MAN L . 66.63 30.08 -42.45
O3 MAN L . 68.05 31.67 -44.17
O4 MAN L . 69.02 29.64 -45.87
O5 MAN L . 66.00 28.05 -44.54
O6 MAN L . 69.02 27.24 -46.33
C1 NAG M . 57.79 48.90 -22.50
C2 NAG M . 58.86 48.56 -21.46
C3 NAG M . 58.86 49.53 -20.35
C4 NAG M . 59.12 50.92 -20.83
C5 NAG M . 58.13 51.32 -21.94
C6 NAG M . 58.56 52.62 -22.56
C7 NAG M . 57.33 46.84 -20.28
C8 NAG M . 57.13 45.43 -19.70
N2 NAG M . 58.62 47.20 -20.88
O3 NAG M . 59.90 49.16 -19.40
O4 NAG M . 58.96 51.82 -19.73
O5 NAG M . 58.03 50.31 -23.01
O6 NAG M . 59.96 52.66 -22.72
O7 NAG M . 56.45 47.64 -20.24
H2 NAG M . 59.83 48.58 -21.94
H3 NAG M . 57.89 49.51 -19.85
H4 NAG M . 60.13 50.97 -21.20
H5 NAG M . 57.15 51.45 -21.50
H61 NAG M . 58.25 53.44 -21.92
H62 NAG M . 58.09 52.73 -23.52
H81 NAG M . 57.83 45.28 -18.89
H82 NAG M . 57.30 44.70 -20.48
H83 NAG M . 56.12 45.34 -19.34
HN2 NAG M . 59.35 46.52 -20.91
HO3 NAG M . 59.87 49.75 -18.66
C1 NAG M . 60.19 52.51 -19.49
C2 NAG M . 59.94 53.59 -18.44
C3 NAG M . 61.19 54.33 -18.11
C4 NAG M . 62.28 53.41 -17.67
C5 NAG M . 62.52 52.30 -18.71
C6 NAG M . 63.51 51.32 -18.15
C7 NAG M . 59.24 55.32 -20.19
C8 NAG M . 58.22 56.32 -20.74
N2 NAG M . 58.94 54.56 -18.97
O3 NAG M . 60.88 55.26 -17.02
O4 NAG M . 63.49 54.15 -17.50
O5 NAG M . 61.30 51.58 -19.07
O6 NAG M . 63.36 50.09 -18.80
O7 NAG M . 60.28 55.16 -20.74
C1 BMA M . 63.56 54.60 -16.13
C2 BMA M . 64.89 54.09 -15.52
C3 BMA M . 65.06 54.63 -14.11
C4 BMA M . 64.87 56.15 -14.08
C5 BMA M . 63.53 56.54 -14.71
C6 BMA M . 63.31 58.04 -14.78
O2 BMA M . 65.99 54.54 -16.28
O3 BMA M . 66.32 54.29 -13.57
O4 BMA M . 64.91 56.62 -12.74
O5 BMA M . 63.51 56.03 -16.05
O6 BMA M . 62.08 58.28 -15.46
C1 NAG N . -6.81 50.62 9.20
C2 NAG N . -7.75 50.25 10.34
C3 NAG N . -8.43 51.39 10.99
C4 NAG N . -8.92 52.48 10.07
C5 NAG N . -7.87 52.88 9.01
C6 NAG N . -6.77 53.69 9.63
C7 NAG N . -8.68 47.82 10.02
C8 NAG N . -7.56 47.14 10.82
N2 NAG N . -8.76 49.28 9.81
O3 NAG N . -7.48 52.00 11.92
O4 NAG N . -10.11 52.13 9.34
O5 NAG N . -7.30 51.72 8.31
O6 NAG N . -7.31 54.82 10.26
O7 NAG N . -9.52 47.14 9.54
H2 NAG N . -7.16 49.76 11.12
H3 NAG N . -9.24 51.01 11.60
H4 NAG N . -9.12 53.36 10.66
H5 NAG N . -8.37 53.50 8.28
H61 NAG N . -6.09 54.01 8.85
H62 NAG N . -6.22 53.10 10.35
H81 NAG N . -7.21 46.27 10.28
H82 NAG N . -7.96 46.82 11.78
H83 NAG N . -6.73 47.80 10.99
HN2 NAG N . -9.52 49.63 9.25
HO3 NAG N . -7.89 52.70 12.38
HO6 NAG N . -7.45 54.63 11.18
C1 NAG N . -11.10 51.35 10.04
C2 NAG N . -12.00 52.23 10.91
C3 NAG N . -12.99 51.44 11.68
C4 NAG N . -13.60 50.31 10.89
C5 NAG N . -12.89 49.66 9.68
C6 NAG N . -13.92 49.31 8.65
C7 NAG N . -11.18 54.44 11.99
C8 NAG N . -12.02 55.29 11.04
N2 NAG N . -11.17 52.98 11.91
O3 NAG N . -14.06 52.33 12.10
O4 NAG N . -14.73 49.63 11.47
O5 NAG N . -11.89 50.54 9.06
O6 NAG N . -14.39 50.48 8.05
O7 NAG N . -10.50 54.97 12.81
H2 NAG N . -12.53 52.91 10.26
H3 NAG N . -12.50 51.03 12.55
H4 NAG N . -12.98 49.66 11.49
H5 NAG N . -12.40 48.75 10.02
H61 NAG N . -14.75 48.79 9.12
H62 NAG N . -13.48 48.67 7.90
H81 NAG N . -11.88 56.34 11.28
H82 NAG N . -13.07 55.05 11.17
H83 NAG N . -11.73 55.11 10.02
HN2 NAG N . -10.60 52.46 12.56
HO3 NAG N . -14.74 51.82 12.51
HO6 NAG N . -15.28 50.36 7.77
C1 NAG O . -48.25 -16.21 28.82
C2 NAG O . -47.80 -14.79 29.13
C3 NAG O . -46.86 -14.76 30.30
C4 NAG O . -47.42 -15.45 31.50
C5 NAG O . -48.05 -16.81 31.20
C6 NAG O . -48.83 -17.27 32.39
C7 NAG O . -46.13 -14.81 27.10
C8 NAG O . -45.67 -16.26 27.32
N2 NAG O . -47.13 -14.14 27.96
O3 NAG O . -46.60 -13.37 30.63
O4 NAG O . -46.36 -15.66 32.43
O5 NAG O . -48.94 -16.80 30.03
O6 NAG O . -49.84 -16.34 32.67
O7 NAG O . -45.67 -14.19 26.20
H2 NAG O . -48.67 -14.21 29.39
H3 NAG O . -45.94 -15.24 30.02
H4 NAG O . -48.19 -14.80 31.90
H5 NAG O . -47.24 -17.52 31.00
H61 NAG O . -48.16 -17.35 33.25
H62 NAG O . -49.26 -18.24 32.19
H81 NAG O . -44.73 -16.41 26.80
H82 NAG O . -46.40 -16.94 26.91
H83 NAG O . -45.53 -16.46 28.37
HN2 NAG O . -47.37 -13.19 27.74
HO3 NAG O . -45.67 -13.23 30.70
HO6 NAG O . -50.14 -15.95 31.88
C1 NAG O . -46.55 -15.07 33.75
C2 NAG O . -45.56 -13.91 33.85
C3 NAG O . -45.76 -13.08 35.07
C4 NAG O . -47.18 -12.59 35.15
C5 NAG O . -48.15 -13.78 35.18
C6 NAG O . -49.56 -13.25 35.17
C7 NAG O . -43.51 -14.94 32.70
C8 NAG O . -42.09 -15.51 32.76
N2 NAG O . -44.17 -14.47 33.91
O3 NAG O . -44.87 -11.93 35.02
O4 NAG O . -47.32 -11.84 36.35
O5 NAG O . -47.98 -14.65 34.02
O6 NAG O . -50.36 -14.10 34.40
O7 NAG O . -44.08 -14.89 31.65
H2 NAG O . -45.65 -13.28 32.98
H3 NAG O . -45.53 -13.68 35.94
H4 NAG O . -47.39 -11.98 34.29
H5 NAG O . -47.99 -14.35 36.08
H61 NAG O . -49.57 -12.26 34.74
H62 NAG O . -49.93 -13.21 36.18
H81 NAG O . -41.88 -16.09 31.87
H82 NAG O . -41.99 -16.16 33.64
H83 NAG O . -41.37 -14.70 32.85
HN2 NAG O . -43.69 -14.52 34.79
HO3 NAG O . -44.84 -11.52 35.87
HO6 NAG O . -49.82 -14.69 33.91
C1 BMA O . -47.61 -10.46 35.99
C2 BMA O . -47.68 -9.63 37.29
C3 BMA O . -47.85 -8.16 36.94
C4 BMA O . -46.76 -7.71 35.96
C5 BMA O . -46.86 -8.58 34.71
C6 BMA O . -45.84 -8.22 33.64
O2 BMA O . -46.47 -9.74 38.03
O3 BMA O . -47.92 -7.33 38.11
O4 BMA O . -46.94 -6.34 35.62
O5 BMA O . -46.62 -9.94 35.10
O6 BMA O . -45.77 -9.29 32.71
H2 BMA O . -48.52 -9.99 37.90
H3 BMA O . -48.82 -8.03 36.44
H4 BMA O . -45.77 -7.89 36.40
H5 BMA O . -47.86 -8.50 34.26
H61 BMA O . -44.87 -8.04 34.12
H62 BMA O . -46.17 -7.29 33.16
HO2 BMA O . -46.08 -10.60 37.77
HO4 BMA O . -46.08 -6.05 35.26
HO6 BMA O . -45.48 -10.08 33.18
C1 MAN O . -46.63 -6.80 38.49
C2 MAN O . -46.31 -7.35 39.90
C3 MAN O . -44.95 -6.84 40.44
C4 MAN O . -44.69 -5.36 40.08
C5 MAN O . -45.98 -4.72 39.52
C6 MAN O . -46.41 -3.28 39.87
O2 MAN O . -46.18 -8.78 39.89
O3 MAN O . -43.87 -7.65 39.98
O4 MAN O . -44.27 -4.65 41.23
O5 MAN O . -46.67 -5.40 38.45
O6 MAN O . -47.37 -2.87 38.89
H2 MAN O . -47.10 -7.04 40.59
H3 MAN O . -44.95 -6.92 41.53
H4 MAN O . -43.93 -5.32 39.29
H5 MAN O . -45.33 -4.25 38.76
H61 MAN O . -45.53 -2.64 39.87
H62 MAN O . -46.84 -3.31 40.88
HO2 MAN O . -47.00 -9.16 40.23
HO3 MAN O . -44.25 -8.53 39.85
HO4 MAN O . -43.47 -5.10 41.54
HO6 MAN O . -47.05 -3.15 38.03
C1 NAG P . 4.93 4.99 68.63
C2 NAG P . 5.21 3.83 67.66
C3 NAG P . 5.98 2.63 68.15
C4 NAG P . 6.15 2.49 69.63
C5 NAG P . 6.34 3.85 70.31
C6 NAG P . 7.55 4.52 69.75
C7 NAG P . 3.78 2.73 65.85
C8 NAG P . 5.02 2.56 64.97
N2 NAG P . 3.88 3.36 67.17
O3 NAG P . 7.29 2.63 67.51
O4 NAG P . 4.99 1.86 70.17
O5 NAG P . 5.15 4.66 70.08
O6 NAG P . 8.52 3.56 69.43
O7 NAG P . 2.72 2.37 65.46
C1 NAG P . 5.31 0.51 70.54
C2 NAG P . 4.61 -0.45 69.59
C3 NAG P . 4.86 -1.85 69.98
C4 NAG P . 6.33 -2.16 70.05
C5 NAG P . 7.10 -1.15 70.90
C6 NAG P . 8.57 -1.38 70.69
C7 NAG P . 2.37 -0.24 68.37
C8 NAG P . 0.86 0.04 68.39
N2 NAG P . 3.14 -0.17 69.61
O3 NAG P . 4.24 -2.73 69.00
O4 NAG P . 6.49 -3.46 70.63
O5 NAG P . 6.79 0.25 70.56
O6 NAG P . 9.30 -0.60 71.59
O7 NAG P . 2.90 -0.52 67.35
C1 NAG Q . 23.99 13.40 37.54
C2 NAG Q . 24.20 13.44 39.03
C3 NAG Q . 24.36 14.88 39.29
C4 NAG Q . 25.54 15.43 38.53
C5 NAG Q . 25.59 15.05 37.03
C6 NAG Q . 26.94 15.36 36.46
C7 NAG Q . 22.72 11.49 39.84
C8 NAG Q . 21.47 10.99 40.57
N2 NAG Q . 22.99 12.93 39.74
O3 NAG Q . 24.50 15.12 40.72
O4 NAG Q . 25.51 16.84 38.69
O5 NAG Q . 25.27 13.62 36.79
O6 NAG Q . 26.78 15.78 35.13
O7 NAG Q . 23.48 10.72 39.35
C1 NAG Q . 26.80 17.28 39.12
C2 NAG Q . 27.61 16.05 39.53
C3 NAG Q . 29.07 16.29 39.60
C4 NAG Q . 29.58 16.89 38.33
C5 NAG Q . 28.88 18.22 38.02
C6 NAG Q . 29.27 18.67 36.65
C7 NAG Q . 27.02 14.09 41.05
C8 NAG Q . 26.56 13.53 42.41
N2 NAG Q . 27.17 15.54 40.87
O3 NAG Q . 29.71 15.01 39.80
O4 NAG Q . 30.98 17.11 38.45
O5 NAG Q . 27.42 18.14 38.05
O6 NAG Q . 28.11 19.04 35.95
O7 NAG Q . 27.23 13.35 40.14
C1 BMA Q . 31.63 16.53 37.30
C2 BMA Q . 32.84 17.44 36.95
C3 BMA Q . 34.01 17.24 37.92
C4 BMA Q . 34.32 15.76 38.22
C5 BMA Q . 33.05 14.97 38.58
C6 BMA Q . 32.50 15.26 39.97
O2 BMA Q . 32.46 18.81 37.02
O3 BMA Q . 33.84 17.98 39.13
O4 BMA Q . 34.97 15.17 37.10
O5 BMA Q . 32.02 15.18 37.57
O6 BMA Q . 32.16 16.64 40.06
C1 MAN Q . 35.14 18.18 39.73
C2 MAN Q . 35.18 17.40 41.10
C3 MAN Q . 34.39 18.16 42.16
C4 MAN Q . 34.82 19.64 42.21
C5 MAN Q . 34.60 20.26 40.83
C6 MAN Q . 34.99 21.73 40.78
O2 MAN Q . 36.51 17.29 41.60
O3 MAN Q . 34.55 17.58 43.46
O4 MAN Q . 34.03 20.33 43.17
O5 MAN Q . 35.43 19.56 39.88
O6 MAN Q . 34.28 22.42 41.81
C1 NAG R . -21.01 32.17 9.77
C2 NAG R . -22.39 32.72 10.09
C3 NAG R . -23.17 33.06 8.89
C4 NAG R . -22.41 34.08 8.09
C5 NAG R . -21.02 33.56 7.71
C6 NAG R . -20.27 34.64 7.01
C7 NAG R . -23.06 31.83 12.39
C8 NAG R . -23.81 30.83 13.27
N2 NAG R . -23.13 31.73 10.93
O3 NAG R . -24.45 33.56 9.32
O4 NAG R . -23.09 34.46 6.89
O5 NAG R . -20.25 33.12 8.88
O6 NAG R . -19.74 34.15 5.81
O7 NAG R . -22.41 32.70 12.89
C1 NAG R . -24.33 35.15 7.19
C2 NAG R . -24.10 36.60 7.59
C3 NAG R . -25.37 37.32 7.84
C4 NAG R . -26.36 37.17 6.72
C5 NAG R . -26.56 35.71 6.31
C6 NAG R . -27.42 35.66 5.08
C7 NAG R . -21.89 37.04 8.84
C8 NAG R . -21.10 37.11 10.15
N2 NAG R . -23.31 36.66 8.86
O3 NAG R . -25.08 38.74 8.02
O4 NAG R . -27.62 37.70 7.16
O5 NAG R . -25.28 35.05 6.03
O6 NAG R . -28.15 34.46 5.07
O7 NAG R . -21.35 37.30 7.81
C1 BMA R . -28.11 38.62 6.17
C2 BMA R . -29.48 38.11 5.67
C3 BMA R . -30.11 39.13 4.73
C4 BMA R . -30.10 40.54 5.34
C5 BMA R . -28.67 40.92 5.78
C6 BMA R . -28.60 42.28 6.45
O2 BMA R . -30.38 37.94 6.75
O3 BMA R . -31.44 38.76 4.38
O4 BMA R . -30.56 41.48 4.39
O5 BMA R . -28.23 39.94 6.71
O6 BMA R . -29.25 42.19 7.71
C1 NAG S . 32.89 51.35 -8.23
C2 NAG S . 33.70 52.57 -7.80
C3 NAG S . 34.74 52.26 -6.80
C4 NAG S . 34.18 51.50 -5.65
C5 NAG S . 33.48 50.23 -6.11
C6 NAG S . 32.89 49.50 -4.94
C7 NAG S . 33.62 54.10 -9.85
C8 NAG S . 34.28 54.70 -11.10
N2 NAG S . 34.36 53.15 -9.01
O3 NAG S . 35.33 53.49 -6.31
O4 NAG S . 35.24 51.15 -4.76
O5 NAG S . 32.40 50.54 -7.06
O6 NAG S . 32.64 50.38 -3.88
O7 NAG S . 32.51 54.39 -9.57
H2 NAG S . 33.03 53.31 -7.37
H3 NAG S . 35.51 51.65 -7.27
H4 NAG S . 33.47 52.14 -5.13
H5 NAG S . 34.21 49.59 -6.61
H61 NAG S . 33.60 48.74 -4.60
H62 NAG S . 31.97 49.02 -5.23
H81 NAG S . 33.59 55.38 -11.57
H82 NAG S . 34.55 53.90 -11.78
H83 NAG S . 35.18 55.23 -10.80
HN2 NAG S . 35.30 52.90 -9.24
HO3 NAG S . 36.04 53.30 -5.72
HO6 NAG S . 31.83 50.14 -3.45
C1 NAG S . 35.12 51.95 -3.57
C2 NAG S . 35.50 51.13 -2.36
C3 NAG S . 35.24 51.85 -1.09
C4 NAG S . 35.67 53.30 -1.08
C5 NAG S . 35.71 54.03 -2.43
C6 NAG S . 36.81 55.04 -2.37
C7 NAG S . 35.35 48.59 -2.04
C8 NAG S . 34.53 47.29 -2.03
N2 NAG S . 34.71 49.85 -2.35
O3 NAG S . 35.96 51.14 -0.05
O4 NAG S . 34.71 54.02 -0.29
O5 NAG S . 35.95 53.18 -3.61
O6 NAG S . 38.05 54.39 -2.43
O7 NAG S . 36.51 48.55 -1.80
H2 NAG S . 36.56 50.89 -2.42
H3 NAG S . 34.18 51.81 -0.88
H4 NAG S . 36.67 53.36 -0.66
H5 NAG S . 34.77 54.54 -2.57
H61 NAG S . 36.74 55.60 -1.45
H62 NAG S . 36.72 55.73 -3.22
H81 NAG S . 35.18 46.45 -1.77
H82 NAG S . 34.10 47.12 -3.02
H83 NAG S . 33.74 47.37 -1.30
HN2 NAG S . 33.72 49.89 -2.56
HO3 NAG S . 35.34 50.72 0.52
HO6 NAG S . 37.98 53.62 -2.97
C1 BMA S . 35.01 54.41 1.10
C2 BMA S . 36.12 53.55 1.82
C3 BMA S . 36.16 54.00 3.27
C4 BMA S . 36.42 55.53 3.35
C5 BMA S . 35.37 56.30 2.51
C6 BMA S . 35.61 57.80 2.46
O2 BMA S . 37.41 53.81 1.31
O3 BMA S . 37.12 53.28 4.03
O4 BMA S . 36.34 55.96 4.70
O5 BMA S . 35.39 55.79 1.16
O6 BMA S . 35.60 58.28 3.80
H2 BMA S . 35.86 52.49 1.77
H3 BMA S . 35.19 53.81 3.74
H4 BMA S . 37.41 55.74 2.93
H5 BMA S . 34.36 56.14 2.94
H61 BMA S . 34.83 58.26 1.85
H62 BMA S . 36.58 57.96 1.97
HO2 BMA S . 37.37 54.68 0.90
HO4 BMA S . 36.54 56.90 4.69
C1 MAN S . 36.41 52.25 4.74
C2 MAN S . 36.71 52.41 6.26
C3 MAN S . 38.08 51.85 6.63
C4 MAN S . 38.24 50.44 6.07
C5 MAN S . 38.10 50.49 4.55
C6 MAN S . 38.28 49.14 3.90
O2 MAN S . 35.77 51.67 7.06
O3 MAN S . 38.30 51.85 8.04
O4 MAN S . 39.51 49.92 6.42
O5 MAN S . 36.77 50.95 4.23
O6 MAN S . 39.29 48.43 4.60
H2 MAN S . 36.67 53.48 6.52
H3 MAN S . 38.85 52.49 6.19
H4 MAN S . 37.43 49.81 6.47
H5 MAN S . 38.85 51.18 4.15
H61 MAN S . 38.56 49.29 2.84
H62 MAN S . 37.32 48.61 3.92
HO2 MAN S . 35.91 51.88 7.98
HO3 MAN S . 38.80 51.04 8.22
HO4 MAN S . 39.33 49.07 6.86
HO6 MAN S . 40.03 49.03 4.75
C1 NAG T . 44.40 33.89 2.46
C2 NAG T . 44.10 35.38 2.39
C3 NAG T . 44.39 35.96 3.75
C4 NAG T . 44.00 35.12 4.95
C5 NAG T . 43.80 33.61 4.70
C6 NAG T . 42.81 33.04 5.68
C7 NAG T . 46.36 35.82 1.25
C8 NAG T . 47.18 36.55 0.18
N2 NAG T . 44.93 36.09 1.37
O3 NAG T . 43.68 37.23 3.85
O4 NAG T . 45.04 35.18 5.93
O5 NAG T . 43.36 33.29 3.35
O6 NAG T . 42.48 31.74 5.31
O7 NAG T . 46.90 35.03 1.97
H2 NAG T . 43.04 35.53 2.17
H3 NAG T . 45.44 36.15 3.81
H4 NAG T . 43.08 35.52 5.35
H5 NAG T . 44.75 33.12 4.87
H61 NAG T . 41.92 33.65 5.70
H62 NAG T . 43.26 33.02 6.67
H81 NAG T . 47.77 37.33 0.65
H82 NAG T . 46.50 37.00 -0.54
H83 NAG T . 47.83 35.86 -0.33
HN2 NAG T . 44.50 36.75 0.75
HO3 NAG T . 44.21 37.84 4.32
HO6 NAG T . 42.23 31.72 4.41
C1 NAG T . 44.80 36.03 7.08
C2 NAG T . 43.98 35.32 8.16
C3 NAG T . 43.95 36.01 9.48
C4 NAG T . 45.27 36.50 9.99
C5 NAG T . 46.11 37.19 8.90
C6 NAG T . 47.53 37.24 9.40
C7 NAG T . 41.76 36.40 7.37
C8 NAG T . 40.29 36.24 6.96
N2 NAG T . 42.53 35.21 7.75
O3 NAG T . 43.42 35.06 10.44
O4 NAG T . 44.99 37.52 10.97
O5 NAG T . 46.13 36.50 7.59
O6 NAG T . 48.06 35.95 9.43
O7 NAG T . 42.26 37.47 7.37
H2 NAG T . 44.37 34.33 8.30
H3 NAG T . 43.28 36.86 9.43
H4 NAG T . 45.81 35.68 10.41
H5 NAG T . 45.76 38.19 8.76
H61 NAG T . 47.54 37.67 10.40
H62 NAG T . 48.12 37.87 8.75
H81 NAG T . 39.87 37.21 6.72
H82 NAG T . 39.73 35.80 7.79
H83 NAG T . 40.22 35.59 6.09
HN2 NAG T . 42.09 34.32 7.75
HO3 NAG T . 44.09 34.43 10.66
HO6 NAG T . 47.50 35.36 8.96
C1 BMA T . 45.35 37.17 12.34
C2 BMA T . 44.19 36.34 12.96
C3 BMA T . 44.53 36.00 14.41
C4 BMA T . 45.92 35.35 14.52
C5 BMA T . 46.98 36.22 13.81
C6 BMA T . 48.36 35.59 13.83
O2 BMA T . 44.04 35.10 12.30
O3 BMA T . 43.56 35.16 15.01
O4 BMA T . 46.28 35.18 15.88
O5 BMA T . 46.59 36.42 12.45
O6 BMA T . 48.25 34.24 13.42
H2 BMA T . 43.26 36.93 12.92
H3 BMA T . 44.55 36.93 15.01
H4 BMA T . 45.88 34.38 14.00
H5 BMA T . 47.06 37.20 14.33
H61 BMA T . 48.78 35.68 14.85
H62 BMA T . 49.01 36.18 13.15
HO2 BMA T . 43.87 34.44 12.99
HO3 BMA T . 43.73 35.20 15.96
HO4 BMA T . 47.01 34.54 15.87
HO6 BMA T . 48.86 33.71 13.96
C1 NAG U . 17.04 59.83 -14.09
C2 NAG U . 17.02 59.25 -12.68
C3 NAG U . 15.68 59.04 -12.08
C4 NAG U . 14.66 60.10 -12.37
C5 NAG U . 14.64 60.48 -13.86
C6 NAG U . 13.70 61.63 -14.07
C7 NAG U . 19.11 57.76 -12.78
C8 NAG U . 19.72 56.36 -12.84
N2 NAG U . 17.65 57.90 -12.74
O3 NAG U . 15.85 58.98 -10.63
O4 NAG U . 13.38 59.55 -12.00
O5 NAG U . 15.97 60.86 -14.34
O6 NAG U . 14.40 62.68 -14.70
O7 NAG U . 19.80 58.72 -12.76
H2 NAG U . 17.60 59.89 -12.03
H3 NAG U . 15.29 58.09 -12.42
H4 NAG U . 14.88 60.98 -11.79
H5 NAG U . 14.28 59.62 -14.43
H61 NAG U . 13.32 61.98 -13.12
H62 NAG U . 12.89 61.32 -14.71
H81 NAG U . 19.41 55.86 -13.76
H82 NAG U . 19.38 55.78 -11.99
H83 NAG U . 20.80 56.43 -12.82
HN2 NAG U . 17.08 57.08 -12.76
HO3 NAG U . 15.44 59.72 -10.23
C1 NAG U . 12.66 60.45 -11.12
C2 NAG U . 11.43 59.71 -10.61
C3 NAG U . 10.57 60.62 -9.80
C4 NAG U . 11.34 61.25 -8.67
C5 NAG U . 12.65 61.88 -9.15
C6 NAG U . 13.45 62.30 -7.94
C7 NAG U . 10.22 60.08 -12.85
C8 NAG U . 9.42 59.52 -14.04
N2 NAG U . 10.64 59.19 -11.77
O3 NAG U . 9.46 59.85 -9.24
O4 NAG U . 10.53 62.26 -8.08
O5 NAG U . 13.46 60.95 -9.95
O6 NAG U . 14.70 62.80 -8.36
O7 NAG U . 10.49 61.24 -12.82
H2 NAG U . 11.74 58.88 -9.99
H3 NAG U . 10.17 61.40 -10.43
H4 NAG U . 11.57 60.49 -7.93
H5 NAG U . 12.43 62.76 -9.74
H61 NAG U . 13.60 61.45 -7.29
H62 NAG U . 12.92 63.08 -7.42
H81 NAG U . 8.84 58.67 -13.71
H82 NAG U . 10.11 59.21 -14.82
H83 NAG U . 8.76 60.28 -14.42
HN2 NAG U . 10.41 58.21 -11.82
HO3 NAG U . 8.84 60.44 -8.86
HO4 NAG U . 10.54 62.17 -7.14
HO6 NAG U . 14.84 62.56 -9.27
C1 FUC U . 14.79 63.63 -13.69
C2 FUC U . 16.31 63.90 -13.85
C3 FUC U . 16.60 64.62 -15.16
C4 FUC U . 15.79 65.92 -15.22
C5 FUC U . 14.30 65.61 -15.02
C6 FUC U . 13.45 66.87 -14.90
O2 FUC U . 17.07 62.70 -13.77
O3 FUC U . 17.97 64.97 -15.25
O4 FUC U . 16.24 66.81 -14.21
O5 FUC U . 14.06 64.84 -13.82
H2 FUC U . 16.63 64.53 -13.02
H3 FUC U . 16.31 63.98 -16.01
H4 FUC U . 15.91 66.37 -16.22
H5 FUC U . 13.98 65.02 -15.88
H61 FUC U . 12.40 66.60 -14.77
H62 FUC U . 13.56 67.48 -15.80
H63 FUC U . 13.77 67.46 -14.04
HO2 FUC U . 17.18 62.41 -14.70
HO3 FUC U . 18.18 65.01 -16.18
HO4 FUC U . 17.18 66.60 -14.09
C1 NAG V . 28.88 65.33 -21.50
C2 NAG V . 29.02 66.61 -20.68
C3 NAG V . 30.05 67.52 -21.20
C4 NAG V . 31.36 66.83 -21.47
C5 NAG V . 31.20 65.56 -22.30
C6 NAG V . 32.50 64.83 -22.37
C7 NAG V . 26.68 67.03 -19.72
C8 NAG V . 25.35 67.77 -19.74
N2 NAG V . 27.71 67.34 -20.71
O3 NAG V . 30.27 68.58 -20.23
O4 NAG V . 32.17 67.77 -22.18
O5 NAG V . 30.20 64.65 -21.72
O6 NAG V . 33.28 65.36 -23.42
O7 NAG V . 26.88 66.19 -18.89
H2 NAG V . 29.26 66.34 -19.66
H3 NAG V . 29.71 67.97 -22.13
H4 NAG V . 31.83 66.59 -20.52
H5 NAG V . 30.88 65.84 -23.29
H61 NAG V . 32.32 63.78 -22.57
H62 NAG V . 33.04 64.94 -21.44
H81 NAG V . 24.70 67.40 -18.96
H82 NAG V . 24.86 67.63 -20.70
H83 NAG V . 25.52 68.83 -19.58
HN2 NAG V . 27.54 68.04 -21.40
HO3 NAG V . 31.02 68.36 -19.69
HO6 NAG V . 33.29 64.77 -24.14
C1 NAG V . 33.53 67.69 -21.71
C2 NAG V . 34.43 68.30 -22.77
C3 NAG V . 35.85 68.24 -22.37
C4 NAG V . 36.06 68.93 -21.07
C5 NAG V . 35.15 68.36 -19.98
C6 NAG V . 35.30 69.18 -18.73
C7 NAG V . 33.88 68.24 -25.28
C8 NAG V . 33.69 67.46 -26.59
N2 NAG V . 34.24 67.53 -24.06
O3 NAG V . 36.63 68.88 -23.41
O4 NAG V . 37.42 68.77 -20.67
O5 NAG V . 33.73 68.36 -20.37
O6 NAG V . 36.56 68.92 -18.15
O7 NAG V . 33.73 69.42 -25.27
H2 NAG V . 34.14 69.33 -22.92
H3 NAG V . 36.15 67.20 -22.27
H4 NAG V . 35.84 69.99 -21.19
H5 NAG V . 35.45 67.34 -19.77
H61 NAG V . 34.52 68.91 -18.03
H62 NAG V . 35.22 70.23 -18.96
H81 NAG V . 32.93 66.70 -26.45
H82 NAG V . 34.62 66.98 -26.86
H83 NAG V . 33.39 68.14 -27.38
HN2 NAG V . 34.37 66.53 -24.06
HO3 NAG V . 37.02 68.22 -23.96
HO6 NAG V . 36.46 68.29 -17.46
C1 MAN V . 38.00 70.04 -20.40
C2 MAN V . 38.41 70.34 -21.82
C3 MAN V . 39.45 69.42 -22.45
C4 MAN V . 40.60 69.16 -21.42
C5 MAN V . 40.03 68.89 -19.99
C6 MAN V . 41.11 68.85 -18.94
O2 MAN V . 38.06 71.57 -22.51
O3 MAN V . 39.97 69.94 -23.67
O4 MAN V . 41.36 68.05 -21.83
O5 MAN V . 39.08 69.94 -19.59
O6 MAN V . 42.14 67.97 -19.40
H2 MAN V . 39.23 70.85 -21.43
H3 MAN V . 38.98 68.46 -22.69
H4 MAN V . 41.23 70.06 -21.37
H5 MAN V . 39.53 67.92 -19.99
H61 MAN V . 40.67 68.49 -17.99
H62 MAN V . 41.48 69.87 -18.79
HO2 MAN V . 37.15 71.51 -22.81
HO4 MAN V . 41.93 68.38 -22.55
C1 MAN V . 39.00 69.70 -24.70
C2 MAN V . 39.74 69.04 -25.90
C3 MAN V . 40.63 70.05 -26.61
C4 MAN V . 39.84 71.33 -26.95
C5 MAN V . 39.24 71.92 -25.66
C6 MAN V . 38.41 73.16 -25.92
O2 MAN V . 38.82 68.57 -26.88
O3 MAN V . 41.21 69.51 -27.78
O4 MAN V . 40.70 72.29 -27.54
O5 MAN V . 38.37 70.93 -25.08
O6 MAN V . 38.16 73.78 -24.67
C1 NAG W . 18.99 67.24 -38.16
C2 NAG W . 19.95 67.38 -39.34
C3 NAG W . 19.14 67.46 -40.61
C4 NAG W . 17.67 67.10 -40.62
C5 NAG W . 17.10 66.41 -39.38
C6 NAG W . 16.39 65.14 -39.71
C7 NAG W . 21.58 69.02 -40.47
C8 NAG W . 22.44 70.29 -40.45
N2 NAG W . 20.80 68.62 -39.28
O3 NAG W . 19.79 66.58 -41.58
O4 NAG W . 16.93 68.32 -40.75
O5 NAG W . 18.17 66.04 -38.49
O6 NAG W . 15.96 64.55 -38.51
O7 NAG W . 21.53 68.37 -41.46
H2 NAG W . 20.60 66.51 -39.38
H3 NAG W . 19.21 68.47 -40.97
H4 NAG W . 17.48 66.48 -41.48
H5 NAG W . 16.42 67.08 -38.87
H61 NAG W . 17.08 64.46 -40.20
H62 NAG W . 15.54 65.33 -40.35
H81 NAG W . 23.32 70.12 -39.84
H82 NAG W . 21.87 71.11 -40.05
H83 NAG W . 22.75 70.52 -41.46
HN2 NAG W . 20.83 69.17 -38.44
HO3 NAG W . 19.55 66.85 -42.45
HO6 NAG W . 16.67 64.09 -38.10
C1 NAG W . 16.23 68.27 -42.01
C2 NAG W . 15.40 69.54 -42.18
C3 NAG W . 14.82 69.63 -43.54
C4 NAG W . 15.91 69.60 -44.56
C5 NAG W . 16.66 68.28 -44.48
C6 NAG W . 17.80 68.29 -45.45
C7 NAG W . 13.34 68.41 -41.11
C8 NAG W . 12.19 68.43 -40.07
N2 NAG W . 14.26 69.54 -41.18
O3 NAG W . 14.07 70.88 -43.67
O4 NAG W . 15.44 69.80 -45.91
O5 NAG W . 17.22 68.06 -43.13
O6 NAG W . 18.72 67.29 -45.09
O7 NAG W . 13.46 67.47 -41.83
H2 NAG W . 16.02 70.40 -42.00
H3 NAG W . 14.16 68.79 -43.68
H4 NAG W . 16.61 70.40 -44.32
H5 NAG W . 15.99 67.46 -44.72
H61 NAG W . 18.30 69.26 -45.42
H62 NAG W . 17.44 68.10 -46.45
H81 NAG W . 11.59 69.31 -40.23
H82 NAG W . 12.61 68.44 -39.08
H83 NAG W . 11.58 67.55 -40.20
HN2 NAG W . 14.15 70.31 -40.56
HO3 NAG W . 13.20 70.69 -43.98
HO6 NAG W . 19.39 67.66 -44.55
C1 MAN W . 14.11 69.28 -46.11
C2 MAN W . 13.98 68.85 -47.59
C3 MAN W . 13.88 70.06 -48.52
C4 MAN W . 12.83 71.05 -48.00
C5 MAN W . 13.21 71.44 -46.56
C6 MAN W . 12.29 72.48 -45.94
O2 MAN W . 12.78 68.09 -47.81
O3 MAN W . 13.58 69.69 -49.85
O4 MAN W . 12.80 72.21 -48.81
O5 MAN W . 13.15 70.26 -45.76
O6 MAN W . 12.72 72.74 -44.60
H2 MAN W . 14.87 68.25 -47.86
H3 MAN W . 14.85 70.57 -48.53
H4 MAN W . 11.84 70.55 -47.97
H5 MAN W . 14.23 71.83 -46.57
H61 MAN W . 11.27 72.07 -45.95
H62 MAN W . 12.29 73.36 -46.57
HO2 MAN W . 12.19 68.23 -47.07
HO3 MAN W . 14.37 69.21 -50.17
HO4 MAN W . 13.72 72.50 -48.89
C1 MAN W . 13.77 73.75 -44.43
C2 MAN W . 13.07 75.19 -44.34
C3 MAN W . 13.01 75.91 -45.67
C4 MAN W . 14.37 75.90 -46.36
C5 MAN W . 14.76 74.46 -46.68
C6 MAN W . 16.13 74.38 -47.33
O2 MAN W . 13.82 76.05 -43.48
O3 MAN W . 12.56 77.25 -45.51
O4 MAN W . 14.30 76.64 -47.56
O5 MAN W . 14.83 73.67 -45.46
O6 MAN W . 17.10 74.86 -46.40
H2 MAN W . 12.05 75.04 -43.95
H3 MAN W . 12.28 75.42 -46.32
H4 MAN W . 15.11 76.33 -45.67
H5 MAN W . 14.04 74.04 -47.38
H61 MAN W . 16.12 74.97 -48.25
H62 MAN W . 16.31 73.32 -47.60
HO2 MAN W . 14.74 75.76 -43.47
HO3 MAN W . 11.99 77.23 -44.72
HO4 MAN W . 13.41 77.03 -47.57
HO6 MAN W . 16.69 74.85 -45.53
C1 NAG X . -41.55 -6.66 -31.14
C2 NAG X . -40.08 -6.57 -31.54
C3 NAG X . -39.95 -6.51 -33.01
C4 NAG X . -40.56 -7.71 -33.67
C5 NAG X . -42.01 -7.94 -33.20
C6 NAG X . -42.48 -9.28 -33.68
C7 NAG X . -38.08 -5.33 -30.44
C8 NAG X . -37.21 -6.60 -30.50
N2 NAG X . -39.46 -5.34 -30.94
O3 NAG X . -38.54 -6.43 -33.36
O4 NAG X . -40.58 -7.49 -35.08
O5 NAG X . -42.14 -7.91 -31.73
O6 NAG X . -41.90 -10.28 -32.90
O7 NAG X . -37.63 -4.34 -29.97
H2 NAG X . -39.56 -7.45 -31.19
H3 NAG X . -40.45 -5.62 -33.37
H4 NAG X . -39.96 -8.57 -33.42
H5 NAG X . -42.64 -7.18 -33.62
H61 NAG X . -42.20 -9.42 -34.72
H62 NAG X . -43.56 -9.34 -33.59
H81 NAG X . -36.23 -6.37 -30.08
H82 NAG X . -37.09 -6.91 -31.53
H83 NAG X . -37.68 -7.38 -29.93
HN2 NAG X . -40.00 -4.49 -30.88
HO3 NAG X . -38.27 -5.53 -33.41
HO6 NAG X . -42.47 -10.50 -32.17
C1 NAG X . -39.84 -8.49 -35.83
C2 NAG X . -38.39 -8.06 -35.93
C3 NAG X . -37.61 -9.00 -36.79
C4 NAG X . -37.71 -10.41 -36.27
C5 NAG X . -39.16 -10.85 -36.03
C6 NAG X . -39.13 -12.16 -35.29
C7 NAG X . -37.45 -5.66 -35.98
C8 NAG X . -37.40 -4.26 -36.61
N2 NAG X . -38.32 -6.69 -36.54
O3 NAG X . -36.22 -8.59 -36.79
O4 NAG X . -37.11 -11.28 -37.25
O5 NAG X . -39.94 -9.88 -35.25
O6 NAG X . -40.45 -12.55 -34.99
O7 NAG X . -36.78 -5.91 -35.02
H2 NAG X . -37.94 -8.04 -34.95
H3 NAG X . -38.00 -8.97 -37.80
H4 NAG X . -37.16 -10.48 -35.34
H5 NAG X . -39.64 -11.00 -36.98
H61 NAG X . -38.58 -12.04 -34.36
H62 NAG X . -38.66 -12.91 -35.89
H81 NAG X . -36.77 -3.62 -36.00
H82 NAG X . -38.40 -3.86 -36.64
H83 NAG X . -37.01 -4.33 -37.61
HN2 NAG X . -38.89 -6.47 -37.34
HO3 NAG X . -35.78 -8.97 -37.54
HO4 NAG X . -36.69 -12.00 -36.80
HO6 NAG X . -40.44 -13.38 -34.55
C1 NAG Y . -8.08 0.47 -50.51
C2 NAG Y . -9.11 -0.65 -50.29
C3 NAG Y . -8.55 -2.00 -50.51
C4 NAG Y . -7.87 -2.13 -51.84
C5 NAG Y . -6.78 -1.06 -51.99
C6 NAG Y . -6.17 -1.16 -53.35
C7 NAG Y . -11.02 -0.57 -48.55
C8 NAG Y . -12.10 -0.59 -49.63
N2 NAG Y . -9.59 -0.60 -48.87
O3 NAG Y . -9.64 -2.96 -50.44
O4 NAG Y . -7.27 -3.42 -51.93
O5 NAG Y . -7.32 0.30 -51.80
O6 NAG Y . -5.05 -0.33 -53.42
O7 NAG Y . -11.34 -0.53 -47.40
H2 NAG Y . -9.93 -0.49 -50.98
H3 NAG Y . -7.84 -2.22 -49.73
H4 NAG Y . -8.60 -2.00 -52.63
H5 NAG Y . -6.01 -1.24 -51.24
H61 NAG Y . -6.90 -0.85 -54.09
H62 NAG Y . -5.87 -2.19 -53.55
H81 NAG Y . -13.08 -0.59 -49.17
H82 NAG Y . -11.98 -1.47 -50.24
H83 NAG Y . -11.99 0.30 -50.25
HN2 NAG Y . -8.91 -0.59 -48.13
HO3 NAG Y . -10.03 -2.94 -49.57
HO6 NAG Y . -4.54 -0.55 -54.18
C1 NAG Y . -7.80 -4.20 -53.03
C2 NAG Y . -9.22 -4.67 -52.69
C3 NAG Y . -9.72 -5.57 -53.74
C4 NAG Y . -9.78 -4.82 -55.05
C5 NAG Y . -8.39 -4.27 -55.42
C6 NAG Y . -8.52 -3.43 -56.65
C7 NAG Y . -8.42 -6.46 -50.92
C8 NAG Y . -7.38 -7.13 -51.84
N2 NAG Y . -9.27 -5.32 -51.33
O3 NAG Y . -11.04 -6.05 -53.39
O4 NAG Y . -10.29 -5.61 -56.14
O5 NAG Y . -7.80 -3.47 -54.33
O6 NAG Y . -9.27 -2.28 -56.36
O7 NAG Y . -8.55 -6.88 -49.82
H2 NAG Y . -9.87 -3.80 -52.66
H3 NAG Y . -9.03 -6.40 -53.82
H4 NAG Y . -10.44 -3.97 -54.91
H5 NAG Y . -7.73 -5.12 -55.63
H61 NAG Y . -9.00 -4.00 -57.43
H62 NAG Y . -7.53 -3.13 -56.99
H81 NAG Y . -6.79 -7.81 -51.25
H82 NAG Y . -6.74 -6.39 -52.28
H83 NAG Y . -7.90 -7.69 -52.60
HN2 NAG Y . -9.91 -4.96 -50.65
HO3 NAG Y . -11.64 -5.92 -54.11
HO6 NAG Y . -9.07 -1.99 -55.49
C1 BMA Y . -10.10 -7.03 -55.95
C2 BMA Y . -10.91 -7.77 -57.04
C3 BMA Y . -10.64 -9.28 -56.97
C4 BMA Y . -9.13 -9.56 -56.91
C5 BMA Y . -8.49 -8.77 -55.77
C6 BMA Y . -6.99 -8.98 -55.66
O2 BMA Y . -10.52 -7.35 -58.34
O3 BMA Y . -11.22 -9.97 -58.07
O4 BMA Y . -8.91 -10.96 -56.70
O5 BMA Y . -8.73 -7.38 -56.02
O6 BMA Y . -6.76 -10.28 -55.12
H2 BMA Y . -11.98 -7.58 -56.89
H3 BMA Y . -11.10 -9.69 -56.07
H4 BMA Y . -8.67 -9.24 -57.86
H5 BMA Y . -8.94 -9.07 -54.81
H61 BMA Y . -6.57 -8.20 -55.02
H62 BMA Y . -6.56 -8.88 -56.67
HO2 BMA Y . -9.56 -7.21 -58.29
HO3 BMA Y . -12.17 -9.97 -57.90
HO4 BMA Y . -9.79 -11.37 -56.79
HO6 BMA Y . -7.17 -10.31 -54.24
C1 NAG Z . 28.37 19.28 -56.54
C2 NAG Z . 29.85 19.00 -56.79
C3 NAG Z . 30.17 19.02 -58.23
C4 NAG Z . 29.30 18.08 -59.01
C5 NAG Z . 27.81 18.32 -58.73
C6 NAG Z . 27.02 17.22 -59.39
C7 NAG Z . 31.08 19.83 -54.71
C8 NAG Z . 31.92 20.89 -53.99
N2 NAG Z . 30.66 20.04 -56.10
O3 NAG Z . 31.56 18.63 -58.41
O4 NAG Z . 29.54 18.28 -60.40
O5 NAG Z . 27.50 18.32 -57.29
O6 NAG Z . 27.31 17.19 -60.76
O7 NAG Z . 30.76 18.84 -54.14
H2 NAG Z . 30.09 18.03 -56.39
H3 NAG Z . 30.03 20.02 -58.61
H4 NAG Z . 29.54 17.06 -58.74
H5 NAG Z . 27.52 19.26 -59.16
H61 NAG Z . 25.97 17.41 -59.25
H62 NAG Z . 27.29 16.27 -58.95
H81 NAG Z . 32.13 20.57 -52.98
H82 NAG Z . 31.37 21.82 -53.96
H83 NAG Z . 32.85 21.04 -54.52
HN2 NAG Z . 30.93 20.87 -56.59
HO3 NAG Z . 31.60 17.75 -58.78
HO6 NAG Z . 27.51 18.07 -61.05
C1 NAG Z . 30.18 17.12 -60.97
C2 NAG Z . 30.56 17.46 -62.41
C3 NAG Z . 31.36 16.39 -63.06
C4 NAG Z . 32.53 15.98 -62.23
C5 NAG Z . 32.09 15.56 -60.83
C6 NAG Z . 33.29 15.20 -60.01
C7 NAG Z . 28.85 18.98 -63.62
C8 NAG Z . 29.65 20.24 -63.29
N2 NAG Z . 29.30 17.65 -63.20
O3 NAG Z . 31.83 16.86 -64.35
O4 NAG Z . 33.18 14.87 -62.87
O5 NAG Z . 31.37 16.67 -60.16
O6 NAG Z . 34.11 16.34 -59.83
O7 NAG Z . 27.84 19.08 -64.24
H2 NAG Z . 31.15 18.37 -62.41
H3 NAG Z . 30.72 15.52 -63.21
H4 NAG Z . 33.21 16.81 -62.12
H5 NAG Z . 31.43 14.71 -60.90
H61 NAG Z . 33.85 14.43 -60.51
H62 NAG Z . 32.98 14.84 -59.04
H81 NAG Z . 29.12 21.12 -63.65
H82 NAG Z . 30.63 20.20 -63.76
H83 NAG Z . 29.77 20.32 -62.22
HN2 NAG Z . 28.75 16.85 -63.44
HO3 NAG Z . 31.37 16.42 -65.04
HO6 NAG Z . 33.60 17.11 -60.00
C1 BMA Z . 34.38 15.26 -63.57
C2 BMA Z . 34.53 14.34 -64.81
C3 BMA Z . 35.74 14.75 -65.65
C4 BMA Z . 35.75 16.26 -65.91
C5 BMA Z . 35.61 17.04 -64.59
C6 BMA Z . 35.57 18.54 -64.78
O2 BMA Z . 33.39 14.46 -65.65
O3 BMA Z . 35.80 14.04 -66.87
O4 BMA Z . 36.97 16.63 -66.55
O5 BMA Z . 34.38 16.63 -63.99
O6 BMA Z . 34.44 18.87 -65.57
H2 BMA Z . 34.64 13.31 -64.46
H3 BMA Z . 36.66 14.50 -65.10
H4 BMA Z . 34.88 16.50 -66.55
H5 BMA Z . 36.46 16.79 -63.93
H61 BMA Z . 36.51 18.85 -65.27
H62 BMA Z . 35.54 19.00 -63.79
HO2 BMA Z . 33.07 15.36 -65.54
HO3 BMA Z . 35.60 13.11 -66.65
HO4 BMA Z . 37.23 15.86 -67.07
HO6 BMA Z . 33.75 18.22 -65.38
C1 NAG AA . -11.46 -47.32 -19.74
C2 NAG AA . -10.23 -48.19 -19.93
C3 NAG AA . -9.68 -47.99 -21.29
C4 NAG AA . -10.71 -47.89 -22.39
C5 NAG AA . -12.18 -47.64 -22.02
C6 NAG AA . -13.05 -48.52 -22.88
C7 NAG AA . -8.72 -46.49 -18.73
C8 NAG AA . -7.62 -46.18 -17.71
N2 NAG AA . -9.16 -47.87 -18.93
O3 NAG AA . -8.80 -49.12 -21.60
O4 NAG AA . -10.31 -46.78 -23.20
O5 NAG AA . -12.53 -47.88 -20.62
O6 NAG AA . -12.74 -49.87 -22.62
O7 NAG AA . -9.19 -45.60 -19.36
H2 NAG AA . -10.51 -49.23 -19.82
H3 NAG AA . -9.09 -47.08 -21.30
H4 NAG AA . -10.64 -48.79 -22.99
H5 NAG AA . -12.41 -46.61 -22.26
H61 NAG AA . -12.86 -48.31 -23.93
H62 NAG AA . -14.09 -48.34 -22.66
H81 NAG AA . -7.31 -45.15 -17.79
H82 NAG AA . -6.76 -46.84 -17.88
H83 NAG AA . -8.00 -46.37 -16.71
HN2 NAG AA . -8.74 -48.59 -18.39
HO3 NAG AA . -8.39 -48.98 -22.43
HO6 NAG AA . -12.68 -50.34 -23.44
C1 NAG AA . -9.55 -47.31 -24.29
C2 NAG AA . -9.42 -46.25 -25.36
C3 NAG AA . -8.75 -46.81 -26.55
C4 NAG AA . -7.38 -47.33 -26.18
C5 NAG AA . -7.44 -48.33 -25.01
C6 NAG AA . -6.04 -48.62 -24.54
C7 NAG AA . -11.85 -46.73 -26.11
C8 NAG AA . -13.23 -46.22 -26.51
N2 NAG AA . -10.80 -45.76 -25.76
O3 NAG AA . -8.64 -45.78 -27.56
O4 NAG AA . -6.71 -47.99 -27.27
O5 NAG AA . -8.20 -47.80 -23.86
O6 NAG AA . -6.05 -48.81 -23.15
O7 NAG AA . -11.63 -47.89 -26.09
H2 NAG AA . -8.84 -45.42 -24.98
H3 NAG AA . -9.39 -47.62 -26.88
H4 NAG AA . -6.78 -46.48 -25.88
H5 NAG AA . -7.89 -49.24 -25.35
H61 NAG AA . -5.38 -47.78 -24.78
H62 NAG AA . -5.67 -49.51 -25.02
H81 NAG AA . -13.86 -47.05 -26.79
H82 NAG AA . -13.15 -45.53 -27.35
H83 NAG AA . -13.68 -45.69 -25.67
HN2 NAG AA . -10.99 -44.79 -25.76
HO3 NAG AA . -7.73 -45.60 -27.73
HO6 NAG AA . -6.41 -48.05 -22.73
C1 BMA AA . -7.61 -48.24 -28.37
C2 BMA AA . -6.83 -48.53 -29.66
C3 BMA AA . -7.84 -48.77 -30.77
C4 BMA AA . -8.82 -49.91 -30.36
C5 BMA AA . -9.51 -49.53 -29.04
C6 BMA AA . -10.46 -50.59 -28.52
O2 BMA AA . -6.05 -49.71 -29.54
O3 BMA AA . -7.22 -49.00 -32.04
O4 BMA AA . -9.80 -50.10 -31.36
O5 BMA AA . -8.47 -49.35 -28.06
O6 BMA AA . -11.77 -50.05 -28.55
H2 BMA AA . -6.20 -47.66 -29.91
H3 BMA AA . -8.45 -47.87 -30.90
H4 BMA AA . -8.24 -50.84 -30.17
H5 BMA AA . -10.07 -48.60 -29.17
H61 BMA AA . -10.15 -50.86 -27.50
H62 BMA AA . -10.35 -51.48 -29.16
HO2 BMA AA . -6.46 -50.22 -28.83
HO4 BMA AA . -9.93 -49.23 -31.78
HO6 BMA AA . -11.79 -49.28 -27.98
C1 MAN AA . -7.13 -50.40 -32.37
C2 MAN AA . -5.71 -50.64 -32.95
C3 MAN AA . -5.59 -49.99 -34.31
C4 MAN AA . -6.75 -50.39 -35.22
C5 MAN AA . -8.08 -50.04 -34.54
C6 MAN AA . -9.29 -50.45 -35.36
O2 MAN AA . -5.48 -52.03 -33.16
O3 MAN AA . -4.34 -50.28 -34.94
O4 MAN AA . -6.66 -49.71 -36.46
O5 MAN AA . -8.14 -50.74 -33.28
O6 MAN AA . -10.44 -49.92 -34.72
H2 MAN AA . -4.97 -50.22 -32.26
H3 MAN AA . -5.61 -48.89 -34.18
H4 MAN AA . -6.71 -51.48 -35.38
H5 MAN AA . -8.13 -48.96 -34.37
H61 MAN AA . -9.32 -51.56 -35.41
H62 MAN AA . -9.16 -50.07 -36.37
HO2 MAN AA . -5.73 -52.52 -32.38
HO3 MAN AA . -3.68 -49.81 -34.40
HO4 MAN AA . -5.72 -49.67 -36.67
HO6 MAN AA . -11.22 -50.38 -35.09
C1 NAG BA . -60.01 -22.48 5.62
C2 NAG BA . -60.18 -23.62 6.61
C3 NAG BA . -59.72 -24.93 6.09
C4 NAG BA . -60.36 -25.26 4.76
C5 NAG BA . -60.22 -24.10 3.77
C6 NAG BA . -61.02 -24.42 2.54
C7 NAG BA . -58.03 -23.00 8.00
C8 NAG BA . -57.06 -22.99 6.80
N2 NAG BA . -59.46 -23.29 7.89
O3 NAG BA . -60.08 -25.94 7.07
O4 NAG BA . -59.72 -26.40 4.17
O5 NAG BA . -60.68 -22.81 4.30
O6 NAG BA . -62.39 -24.36 2.85
O7 NAG BA . -57.59 -22.74 9.07
H2 NAG BA . -61.24 -23.71 6.83
H3 NAG BA . -58.66 -24.91 5.95
H4 NAG BA . -61.42 -25.45 4.91
H5 NAG BA . -59.18 -24.00 3.48
H61 NAG BA . -60.78 -25.41 2.18
H62 NAG BA . -60.80 -23.69 1.76
H81 NAG BA . -56.15 -22.49 7.10
H82 NAG BA . -56.82 -24.01 6.52
H83 NAG BA . -57.49 -22.46 5.97
HN2 NAG BA . -60.01 -23.26 8.74
HO3 NAG BA . -59.30 -26.24 7.51
HO6 NAG BA . -62.50 -23.87 3.65
C1 NAG BA . -59.97 -27.61 4.93
C2 NAG BA . -58.66 -28.02 5.61
C3 NAG BA . -58.82 -29.20 6.49
C4 NAG BA . -59.94 -29.01 7.48
C5 NAG BA . -61.25 -28.64 6.79
C6 NAG BA . -62.29 -28.35 7.82
C7 NAG BA . -57.81 -29.40 3.58
C8 NAG BA . -59.07 -30.28 3.59
N2 NAG BA . -57.64 -28.32 4.56
O3 NAG BA . -57.58 -29.41 7.23
O4 NAG BA . -60.13 -30.23 8.20
O5 NAG BA . -61.10 -27.47 5.92
O6 NAG BA . -63.33 -27.61 7.25
O7 NAG BA . -56.97 -29.60 2.77
C1 NAG CA . -23.71 -63.77 -6.59
C2 NAG CA . -23.37 -63.60 -8.07
C3 NAG CA . -23.92 -62.32 -8.59
C4 NAG CA . -25.38 -62.14 -8.27
C5 NAG CA . -25.72 -62.45 -6.80
C6 NAG CA . -27.22 -62.44 -6.60
C7 NAG CA . -21.14 -64.86 -8.30
C8 NAG CA . -19.62 -64.84 -8.47
N2 NAG CA . -21.89 -63.59 -8.25
O3 NAG CA . -23.77 -62.29 -10.04
O4 NAG CA . -25.72 -60.77 -8.51
O5 NAG CA . -25.19 -63.75 -6.39
O6 NAG CA . -27.82 -63.30 -7.53
O7 NAG CA . -21.72 -65.89 -8.19
H2 NAG CA . -23.79 -64.42 -8.63
H3 NAG CA . -23.37 -61.51 -8.15
H4 NAG CA . -25.96 -62.78 -8.92
H5 NAG CA . -25.28 -61.69 -6.19
H61 NAG CA . -27.59 -61.43 -6.74
H62 NAG CA . -27.44 -62.78 -5.60
H81 NAG CA . -19.17 -65.51 -7.75
H82 NAG CA . -19.25 -63.85 -8.33
H83 NAG CA . -19.38 -65.18 -9.48
HN2 NAG CA . -21.39 -62.73 -8.33
HO3 NAG CA . -23.52 -61.41 -10.31
HO6 NAG CA . -28.76 -63.19 -7.49
C1 NAG CA . -26.46 -60.70 -9.74
C2 NAG CA . -27.08 -59.32 -9.87
C3 NAG CA . -27.82 -59.14 -11.14
C4 NAG CA . -27.00 -59.53 -12.34
C5 NAG CA . -26.34 -60.90 -12.20
C6 NAG CA . -25.38 -61.11 -13.32
C7 NAG CA . -29.11 -59.87 -8.30
C8 NAG CA . -29.57 -61.13 -9.05
N2 NAG CA . -27.97 -59.03 -8.69
O3 NAG CA . -28.19 -57.74 -11.27
O4 NAG CA . -27.84 -59.53 -13.49
O5 NAG CA . -25.61 -61.05 -10.93
O6 NAG CA . -24.56 -62.20 -13.02
O7 NAG CA . -29.74 -59.54 -7.33
H2 NAG CA . -26.27 -58.59 -9.86
H3 NAG CA . -28.71 -59.74 -11.14
H4 NAG CA . -26.22 -58.78 -12.47
H5 NAG CA . -27.12 -61.66 -12.22
H61 NAG CA . -24.77 -60.23 -13.45
H62 NAG CA . -25.94 -61.32 -14.23
H81 NAG CA . -30.25 -61.68 -8.42
H82 NAG CA . -28.73 -61.76 -9.29
H83 NAG CA . -30.09 -60.84 -9.96
HN2 NAG CA . -27.75 -58.23 -8.13
HO3 NAG CA . -28.43 -57.39 -10.43
HO4 NAG CA . -27.36 -59.25 -14.24
HO6 NAG CA . -24.21 -62.10 -12.15
C1 NAG DA . -45.44 -20.53 -6.18
C2 NAG DA . -44.37 -21.57 -5.96
C3 NAG DA . -43.82 -22.04 -7.25
C4 NAG DA . -44.88 -22.55 -8.17
C5 NAG DA . -45.94 -21.48 -8.43
C6 NAG DA . -47.06 -22.07 -9.25
C7 NAG DA . -42.50 -19.82 -5.56
C8 NAG DA . -42.78 -19.12 -6.91
N2 NAG DA . -43.27 -20.99 -5.13
O3 NAG DA . -42.84 -23.09 -7.00
O4 NAG DA . -44.30 -22.92 -9.42
O5 NAG DA . -46.50 -20.98 -7.16
O6 NAG DA . -46.93 -21.65 -10.58
O7 NAG DA . -41.64 -19.39 -4.87
C1 NAG DA . -44.59 -24.31 -9.70
C2 NAG DA . -44.92 -25.04 -8.39
C3 NAG DA . -45.38 -26.44 -8.57
C4 NAG DA . -46.23 -26.72 -9.79
C5 NAG DA . -45.91 -25.87 -11.03
C6 NAG DA . -47.04 -25.99 -12.00
C7 NAG DA . -42.41 -25.58 -8.10
C8 NAG DA . -41.15 -25.63 -7.22
N2 NAG DA . -43.67 -25.09 -7.55
O3 NAG DA . -46.17 -26.80 -7.40
O4 NAG DA . -46.09 -28.12 -10.10
O5 NAG DA . -45.72 -24.46 -10.68
O6 NAG DA . -48.04 -25.06 -11.68
O7 NAG DA . -42.33 -25.94 -9.24
C1 BMA DA . -45.11 -28.35 -11.14
C2 BMA DA . -43.69 -27.97 -10.60
C3 BMA DA . -42.63 -28.34 -11.63
C4 BMA DA . -42.79 -29.81 -12.08
C5 BMA DA . -44.21 -30.03 -12.60
C6 BMA DA . -44.46 -31.48 -13.01
O2 BMA DA . -43.40 -28.69 -9.41
O3 BMA DA . -41.33 -28.14 -11.11
O4 BMA DA . -41.85 -30.09 -13.10
O5 BMA DA . -45.15 -29.71 -11.55
O6 BMA DA . -45.85 -31.64 -13.25
C1 NAG EA . -40.36 27.63 -7.81
C2 NAG EA . -39.40 28.00 -8.91
C3 NAG EA . -39.46 29.48 -9.06
C4 NAG EA . -40.84 29.91 -9.47
C5 NAG EA . -41.96 29.30 -8.61
C6 NAG EA . -43.28 29.43 -9.30
C7 NAG EA . -37.65 26.13 -8.86
C8 NAG EA . -36.26 25.61 -8.53
N2 NAG EA . -38.03 27.52 -8.58
O3 NAG EA . -38.50 29.91 -10.08
O4 NAG EA . -40.92 31.33 -9.32
O5 NAG EA . -41.76 27.87 -8.28
O6 NAG EA . -43.20 28.89 -10.59
O7 NAG EA . -38.46 25.39 -9.34
H2 NAG EA . -39.73 27.54 -9.84
H3 NAG EA . -39.21 29.94 -8.12
H4 NAG EA . -40.99 29.62 -10.50
H5 NAG EA . -42.00 29.85 -7.67
H61 NAG EA . -43.54 30.48 -9.37
H62 NAG EA . -44.04 28.91 -8.74
H81 NAG EA . -36.28 24.54 -8.41
H82 NAG EA . -35.91 26.07 -7.60
H83 NAG EA . -35.57 25.87 -9.33
HN2 NAG EA . -37.35 28.15 -8.19
HO3 NAG EA . -37.91 30.54 -9.69
HO6 NAG EA . -43.00 29.57 -11.21
C1 BMA EA . -41.31 32.00 -10.55
C2 BMA EA . -40.04 32.24 -11.39
C3 BMA EA . -40.43 32.93 -12.69
C4 BMA EA . -41.56 32.18 -13.41
C5 BMA EA . -42.75 31.97 -12.46
C6 BMA EA . -43.87 31.15 -13.09
O2 BMA EA . -39.43 31.01 -11.75
O3 BMA EA . -39.31 33.08 -13.56
O4 BMA EA . -41.99 32.91 -14.54
O5 BMA EA . -42.29 31.26 -11.30
O6 BMA EA . -44.50 31.96 -14.08
H2 BMA EA . -39.34 32.86 -10.82
H3 BMA EA . -40.78 33.95 -12.48
H4 BMA EA . -41.18 31.18 -13.70
H5 BMA EA . -43.16 32.95 -12.17
H61 BMA EA . -44.57 30.85 -12.30
H62 BMA EA . -43.42 30.25 -13.52
HO2 BMA EA . -38.50 31.07 -11.46
HO3 BMA EA . -38.53 33.01 -12.99
HO6 BMA EA . -44.04 32.81 -14.12
C1 NAG FA . -8.85 -15.77 -36.15
C2 NAG FA . -7.42 -16.21 -36.45
C3 NAG FA . -7.27 -16.65 -37.86
C4 NAG FA . -8.24 -17.73 -38.21
C5 NAG FA . -9.69 -17.36 -37.84
C6 NAG FA . -10.56 -18.57 -38.01
C7 NAG FA . -6.61 -13.84 -37.05
C8 NAG FA . -5.67 -12.66 -36.82
N2 NAG FA . -6.50 -15.04 -36.22
O3 NAG FA . -5.92 -17.15 -38.05
O4 NAG FA . -8.18 -17.99 -39.61
O5 NAG FA . -9.82 -16.89 -36.45
O6 NAG FA . -10.74 -19.20 -36.77
O7 NAG FA . -7.43 -13.80 -37.91
C1 NAG FA . -7.17 -18.98 -39.83
C2 NAG FA . -7.72 -20.05 -40.78
C3 NAG FA . -6.73 -21.12 -41.00
C4 NAG FA . -5.41 -20.58 -41.48
C5 NAG FA . -4.88 -19.43 -40.62
C6 NAG FA . -3.71 -18.79 -41.31
C7 NAG FA . -8.93 -21.27 -38.87
C8 NAG FA . -10.21 -21.87 -38.27
N2 NAG FA . -8.97 -20.63 -40.19
O3 NAG FA . -7.25 -22.05 -41.99
O4 NAG FA . -4.45 -21.64 -41.46
O5 NAG FA . -5.90 -18.39 -40.37
O6 NAG FA . -3.41 -17.57 -40.69
O7 NAG FA . -7.91 -21.32 -38.25
C1 BMA FA . -4.02 -21.92 -42.81
C2 BMA FA . -2.56 -21.41 -42.96
C3 BMA FA . -1.97 -21.85 -44.30
C4 BMA FA . -2.22 -23.36 -44.55
C5 BMA FA . -3.72 -23.66 -44.42
C6 BMA FA . -4.03 -25.13 -44.63
O2 BMA FA . -1.73 -21.96 -41.95
O3 BMA FA . -0.58 -21.57 -44.38
O4 BMA FA . -1.78 -23.71 -45.85
O5 BMA FA . -4.12 -23.31 -43.09
O6 BMA FA . -5.43 -25.32 -44.44
C1 NAG GA . -4.80 48.11 -28.10
C2 NAG GA . -5.33 49.50 -28.35
C3 NAG GA . -6.65 49.72 -27.73
C4 NAG GA . -7.64 48.66 -28.14
C5 NAG GA . -7.10 47.24 -27.98
C6 NAG GA . -8.04 46.29 -28.65
C7 NAG GA . -3.50 51.26 -28.66
C8 NAG GA . -2.52 52.29 -28.09
N2 NAG GA . -4.37 50.50 -27.77
O3 NAG GA . -7.16 51.01 -28.16
O4 NAG GA . -8.80 48.80 -27.31
O5 NAG GA . -5.77 47.07 -28.58
O6 NAG GA . -7.77 46.28 -30.03
O7 NAG GA . -3.57 51.09 -29.84
C1 NAG GA . -9.96 48.78 -28.14
C2 NAG GA . -11.09 48.09 -27.39
C3 NAG GA . -12.35 48.09 -28.17
C4 NAG GA . -12.75 49.49 -28.53
C5 NAG GA . -11.63 50.20 -29.31
C6 NAG GA . -12.03 51.63 -29.52
C7 NAG GA . -10.03 46.32 -25.87
C8 NAG GA . -9.73 47.40 -24.84
N2 NAG GA . -10.69 46.66 -27.13
O3 NAG GA . -13.40 47.48 -27.38
O4 NAG GA . -13.93 49.44 -29.33
O5 NAG GA . -10.35 50.17 -28.58
O6 NAG GA . -12.35 52.19 -28.28
O7 NAG GA . -9.71 45.19 -25.66
C1 BMA GA . -14.96 50.23 -28.70
C2 BMA GA . -15.78 49.30 -27.77
C3 BMA GA . -16.75 50.12 -26.92
C4 BMA GA . -16.05 51.33 -26.26
C5 BMA GA . -15.35 52.16 -27.34
C6 BMA GA . -14.61 53.35 -26.78
O2 BMA GA . -14.94 48.61 -26.85
O3 BMA GA . -17.39 49.33 -25.93
O4 BMA GA . -16.99 52.14 -25.58
O5 BMA GA . -14.38 51.31 -27.97
O6 BMA GA . -13.31 52.94 -26.39
C1 NAG HA . 6.05 40.13 -45.68
C2 NAG HA . 6.39 41.47 -46.34
C3 NAG HA . 5.52 42.57 -45.86
C4 NAG HA . 4.05 42.24 -45.88
C5 NAG HA . 3.72 40.82 -45.39
C6 NAG HA . 2.31 40.43 -45.74
C7 NAG HA . 8.90 41.23 -46.76
C8 NAG HA . 10.35 41.58 -46.40
N2 NAG HA . 7.81 41.80 -45.98
O3 NAG HA . 5.74 43.72 -46.71
O4 NAG HA . 3.43 43.21 -45.01
O5 NAG HA . 4.61 39.80 -45.97
O6 NAG HA . 1.89 41.05 -46.92
O7 NAG HA . 8.66 40.51 -47.68
H2 NAG HA . 6.30 41.38 -47.41
H3 NAG HA . 5.80 42.81 -44.84
H4 NAG HA . 3.72 42.37 -46.90
H5 NAG HA . 3.83 40.79 -44.32
H61 NAG HA . 1.65 40.73 -44.93
H62 NAG HA . 2.25 39.36 -45.86
H81 NAG HA . 10.56 41.24 -45.40
H82 NAG HA . 10.50 42.64 -46.46
H83 NAG HA . 11.03 41.08 -47.09
HN2 NAG HA . 8.00 42.42 -45.21
HO3 NAG HA . 5.87 44.49 -46.18
HO6 NAG HA . 0.95 41.01 -47.00
C1 NAG HA . 2.03 43.41 -45.28
C2 NAG HA . 1.62 44.78 -44.72
C3 NAG HA . 0.24 45.18 -45.07
C4 NAG HA . 0.00 45.06 -46.55
C5 NAG HA . 0.29 43.63 -47.01
C6 NAG HA . 0.06 43.50 -48.49
C7 NAG HA . 1.00 43.76 -42.44
C8 NAG HA . 1.12 43.77 -40.91
N2 NAG HA . 1.72 44.77 -43.22
O3 NAG HA . 0.03 46.56 -44.67
O4 NAG HA . -1.34 45.48 -46.84
O5 NAG HA . 1.69 43.27 -46.74
O6 NAG HA . -0.39 42.20 -48.78
O7 NAG HA . 0.34 42.94 -42.98
H2 NAG HA . 2.31 45.52 -45.10
H3 NAG HA . -0.46 44.55 -44.55
H4 NAG HA . 0.69 45.72 -47.06
H5 NAG HA . -0.33 42.93 -46.49
H61 NAG HA . 0.99 43.69 -49.02
H62 NAG HA . -0.69 44.22 -48.81
H81 NAG HA . 1.91 44.44 -40.61
H82 NAG HA . 1.33 42.77 -40.56
H83 NAG HA . 0.18 44.11 -40.48
HN2 NAG HA . 2.28 45.45 -42.76
HO3 NAG HA . -0.88 46.74 -44.59
HO6 NAG HA . -1.33 42.21 -48.87
C1 BMA HA . -2.30 44.45 -46.58
C2 BMA HA . -3.34 44.97 -45.56
C3 BMA HA . -4.46 43.96 -45.38
C4 BMA HA . -5.03 43.51 -46.74
C5 BMA HA . -3.90 43.01 -47.65
C6 BMA HA . -4.37 42.62 -49.05
O2 BMA HA . -3.95 46.17 -46.03
O3 BMA HA . -5.50 44.47 -44.56
O4 BMA HA . -5.97 42.47 -46.55
O5 BMA HA . -2.93 44.06 -47.79
O6 BMA HA . -5.34 43.55 -49.50
H2 BMA HA . -2.83 45.15 -44.60
H3 BMA HA . -4.07 43.07 -44.87
H4 BMA HA . -5.50 44.39 -47.20
H5 BMA HA . -3.42 42.14 -47.19
H61 BMA HA . -4.77 41.60 -49.00
H62 BMA HA . -3.48 42.61 -49.71
HO2 BMA HA . -3.24 46.69 -46.44
HO3 BMA HA . -5.19 44.35 -43.65
HO4 BMA HA . -5.78 42.11 -45.68
C1 MAN HA . -4.74 44.86 -49.67
C2 MAN HA . -5.90 45.90 -49.80
C3 MAN HA . -5.39 47.18 -50.44
C4 MAN HA . -3.88 47.28 -50.29
C5 MAN HA . -3.21 46.15 -51.10
C6 MAN HA . -1.73 45.97 -50.83
O2 MAN HA . -6.40 46.28 -48.52
O3 MAN HA . -6.03 48.33 -49.90
O4 MAN HA . -3.43 48.53 -50.79
O5 MAN HA . -3.88 44.87 -50.82
O6 MAN HA . -1.45 46.44 -49.52
H2 MAN HA . -6.70 45.46 -50.41
H3 MAN HA . -5.64 47.17 -51.51
H4 MAN HA . -3.62 47.17 -49.23
H5 MAN HA . -3.33 46.38 -52.17
H61 MAN HA . -1.16 46.53 -51.59
H62 MAN HA . -1.49 44.90 -50.93
HO2 MAN HA . -5.64 46.44 -47.92
HO3 MAN HA . -6.95 48.07 -49.75
HO4 MAN HA . -4.24 49.03 -50.99
HO6 MAN HA . -1.95 45.91 -48.89
C1 NAG IA . 21.29 39.29 -59.47
C2 NAG IA . 20.53 39.85 -60.65
C3 NAG IA . 21.21 41.07 -61.18
C4 NAG IA . 21.42 42.10 -60.12
C5 NAG IA . 22.00 41.55 -58.82
C6 NAG IA . 21.82 42.57 -57.75
C7 NAG IA . 19.49 38.94 -62.81
C8 NAG IA . 19.41 37.87 -63.91
N2 NAG IA . 20.46 38.80 -61.73
O3 NAG IA . 20.38 41.64 -62.23
O4 NAG IA . 22.34 43.07 -60.64
O5 NAG IA . 21.35 40.29 -58.37
O6 NAG IA . 22.49 43.75 -58.11
O7 NAG IA . 18.77 39.88 -62.84
H2 NAG IA . 19.52 40.12 -60.34
H3 NAG IA . 22.16 40.77 -61.60
H4 NAG IA . 20.48 42.58 -59.91
H5 NAG IA . 23.05 41.35 -58.95
H61 NAG IA . 22.22 42.20 -56.81
H62 NAG IA . 20.77 42.79 -57.62
H81 NAG IA . 18.51 38.01 -64.49
H82 NAG IA . 19.39 36.89 -63.45
H83 NAG IA . 20.28 37.94 -64.55
HN2 NAG IA . 21.07 38.01 -61.68
HO3 NAG IA . 20.03 42.46 -61.94
HO6 NAG IA . 23.42 43.64 -57.97
C1 NAG IA . 21.67 44.33 -60.78
C2 NAG IA . 22.68 45.37 -61.24
C3 NAG IA . 22.05 46.72 -61.34
C4 NAG IA . 20.88 46.69 -62.27
C5 NAG IA . 19.87 45.58 -61.93
C6 NAG IA . 18.88 45.48 -63.04
C7 NAG IA . 25.21 45.29 -60.65
C8 NAG IA . 25.60 45.12 -62.12
N2 NAG IA . 23.80 45.40 -60.24
O3 NAG IA . 23.04 47.66 -61.83
O4 NAG IA . 20.21 47.96 -62.18
O5 NAG IA . 20.50 44.27 -61.74
O6 NAG IA . 18.12 44.31 -62.87
O7 NAG IA . 26.05 45.32 -59.82
H2 NAG IA . 23.05 45.09 -62.21
H3 NAG IA . 21.72 47.02 -60.36
H4 NAG IA . 21.24 46.55 -63.28
H5 NAG IA . 19.37 45.85 -61.01
H61 NAG IA . 19.39 45.44 -63.99
H62 NAG IA . 18.22 46.34 -63.02
H81 NAG IA . 26.67 44.95 -62.19
H82 NAG IA . 25.34 46.02 -62.67
H83 NAG IA . 25.07 44.28 -62.55
HN2 NAG IA . 23.58 45.51 -59.26
HO3 NAG IA . 22.85 48.51 -61.48
HO6 NAG IA . 18.57 43.58 -63.27
C1 BMA IA . 20.53 48.76 -63.33
C2 BMA IA . 19.47 49.88 -63.43
C3 BMA IA . 19.87 50.92 -64.49
C4 BMA IA . 21.33 51.34 -64.34
C5 BMA IA . 22.23 50.11 -64.34
C6 BMA IA . 23.70 50.44 -64.20
O2 BMA IA . 19.37 50.57 -62.20
O3 BMA IA . 19.03 52.08 -64.42
O4 BMA IA . 21.71 52.20 -65.41
O5 BMA IA . 21.85 49.28 -63.23
O6 BMA IA . 23.89 51.13 -62.97
H2 BMA IA . 18.51 49.43 -63.69
H3 BMA IA . 19.74 50.49 -65.49
H4 BMA IA . 21.46 51.84 -63.36
H5 BMA IA . 22.09 49.55 -65.29
H61 BMA IA . 24.01 51.05 -65.06
H62 BMA IA . 24.27 49.49 -64.23
HO2 BMA IA . 20.18 50.36 -61.70
HO4 BMA IA . 20.88 52.40 -65.87
HO6 BMA IA . 23.26 50.76 -62.33
C1 MAN IA . 17.88 51.96 -65.29
C2 MAN IA . 16.75 52.82 -64.65
C3 MAN IA . 15.40 52.19 -64.95
C4 MAN IA . 15.40 51.59 -66.36
C5 MAN IA . 16.37 50.39 -66.40
C6 MAN IA . 16.97 50.16 -67.77
O2 MAN IA . 16.71 54.13 -65.20
O3 MAN IA . 14.33 53.14 -64.83
O4 MAN IA . 14.09 51.14 -66.70
O5 MAN IA . 17.48 50.62 -65.47
O6 MAN IA . 17.95 49.13 -67.66
H2 MAN IA . 16.91 52.86 -63.57
H3 MAN IA . 15.20 51.40 -64.23
H4 MAN IA . 15.75 52.35 -67.07
H5 MAN IA . 15.83 49.49 -66.11
H61 MAN IA . 17.41 51.10 -68.12
H62 MAN IA . 16.15 49.88 -68.46
HO2 MAN IA . 15.79 54.39 -65.33
HO3 MAN IA . 14.46 53.56 -63.96
HO4 MAN IA . 13.49 51.74 -66.23
HO6 MAN IA . 18.64 49.45 -67.08
C1 NAG JA . 14.61 25.70 -55.71
C2 NAG JA . 13.27 24.99 -55.56
C3 NAG JA . 13.46 23.54 -55.81
C4 NAG JA . 13.97 23.30 -57.20
C5 NAG JA . 15.19 24.16 -57.56
C6 NAG JA . 15.33 24.17 -59.05
C7 NAG JA . 13.37 25.31 -52.94
C8 NAG JA . 14.89 25.11 -52.83
N2 NAG JA . 12.65 25.24 -54.21
O3 NAG JA . 12.17 22.87 -55.65
O4 NAG JA . 14.31 21.92 -57.34
O5 NAG JA . 15.09 25.57 -57.13
O6 NAG JA . 16.67 24.36 -59.49
O7 NAG JA . 12.76 25.52 -51.94
C1 FUC JA . 17.36 25.53 -58.96
C2 FUC JA . 16.57 26.88 -59.29
C3 FUC JA . 16.61 27.83 -58.10
C4 FUC JA . 18.02 27.85 -57.50
C5 FUC JA . 18.33 26.48 -56.91
C6 FUC JA . 19.80 26.10 -57.02
O2 FUC JA . 15.24 26.70 -59.76
O3 FUC JA . 16.30 29.16 -58.52
O4 FUC JA . 18.95 28.19 -58.51
O5 FUC JA . 17.59 25.41 -57.56
C1 NAG KA . 39.59 30.78 -60.11
C2 NAG KA . 39.54 30.06 -61.45
C3 NAG KA . 40.71 29.18 -61.67
C4 NAG KA . 42.01 29.93 -61.55
C5 NAG KA . 42.12 30.68 -60.24
C6 NAG KA . 43.25 31.65 -60.33
C7 NAG KA . 38.04 28.12 -60.63
C8 NAG KA . 39.00 27.76 -59.50
N2 NAG KA . 38.31 29.22 -61.55
O3 NAG KA . 40.61 28.59 -63.00
O4 NAG KA . 43.07 28.98 -61.61
O5 NAG KA . 40.92 31.47 -59.88
O6 NAG KA . 43.28 32.19 -61.63
O7 NAG KA . 37.03 27.49 -60.76
C1 NAG KA . 43.94 29.30 -62.72
C2 NAG KA . 43.24 29.03 -64.04
C3 NAG KA . 43.86 29.69 -65.22
C4 NAG KA . 45.22 30.32 -65.02
C5 NAG KA . 45.50 30.92 -63.64
C6 NAG KA . 45.77 32.39 -63.79
C7 NAG KA . 42.14 26.94 -65.03
C8 NAG KA . 42.10 25.43 -65.26
N2 NAG KA . 43.22 27.55 -64.25
O3 NAG KA . 42.95 30.72 -65.70
O4 NAG KA . 46.25 29.36 -65.35
O5 NAG KA . 44.40 30.74 -62.69
O6 NAG KA . 45.39 33.05 -62.61
O7 NAG KA . 41.27 27.63 -65.47
C1 BMA KA . 46.37 28.44 -64.25
C2 BMA KA . 46.14 27.02 -64.81
C3 BMA KA . 46.25 26.02 -63.67
C4 BMA KA . 47.58 26.20 -62.91
C5 BMA KA . 47.79 27.68 -62.50
C6 BMA KA . 49.18 27.93 -61.92
O2 BMA KA . 47.14 26.69 -65.76
O3 BMA KA . 46.15 24.68 -64.11
O4 BMA KA . 47.59 25.40 -61.74
O5 BMA KA . 47.66 28.51 -63.66
O6 BMA KA . 50.04 28.25 -63.00
C1 MAN KA . 45.30 24.60 -65.28
C2 MAN KA . 44.60 23.23 -65.25
C3 MAN KA . 45.62 22.12 -65.45
C4 MAN KA . 46.48 22.38 -66.70
C5 MAN KA . 47.12 23.77 -66.62
C6 MAN KA . 47.89 24.15 -67.87
O2 MAN KA . 43.66 23.09 -66.32
O3 MAN KA . 45.00 20.84 -65.54
O4 MAN KA . 47.51 21.41 -66.79
O5 MAN KA . 46.07 24.75 -66.46
O6 MAN KA . 46.96 24.38 -68.92
C1 MAN KA . 51.21 27.40 -62.98
C2 MAN KA . 52.19 27.93 -64.04
C3 MAN KA . 51.62 27.67 -65.44
C4 MAN KA . 51.26 26.18 -65.60
C5 MAN KA . 50.27 25.78 -64.50
C6 MAN KA . 49.94 24.29 -64.54
O2 MAN KA . 53.44 27.23 -64.00
O3 MAN KA . 52.53 28.07 -66.46
O4 MAN KA . 50.67 25.97 -66.87
O5 MAN KA . 50.86 26.05 -63.21
O6 MAN KA . 50.00 23.85 -65.89
C1 FUC KA . 42.19 33.13 -61.77
C2 FUC KA . 42.69 34.34 -62.58
C3 FUC KA . 42.99 33.95 -64.02
C4 FUC KA . 41.78 33.27 -64.66
C5 FUC KA . 41.33 32.10 -63.79
C6 FUC KA . 40.03 31.49 -64.27
O2 FUC KA . 43.81 34.97 -61.97
O3 FUC KA . 43.29 35.12 -64.79
O4 FUC KA . 40.73 34.21 -64.81
O5 FUC KA . 41.10 32.51 -62.42
C1 NAG LA . 9.23 -65.79 -6.49
C2 NAG LA . 9.36 -67.33 -6.47
C3 NAG LA . 8.09 -68.11 -6.48
C4 NAG LA . 7.04 -67.54 -5.61
C5 NAG LA . 6.80 -66.07 -5.95
C6 NAG LA . 5.70 -65.56 -5.08
C7 NAG LA . 10.88 -69.05 -7.60
C8 NAG LA . 11.62 -69.58 -8.83
N2 NAG LA . 10.09 -67.82 -7.70
O3 NAG LA . 8.38 -69.46 -6.02
O4 NAG LA . 5.82 -68.25 -5.83
O5 NAG LA . 8.02 -65.28 -5.72
O6 NAG LA . 5.54 -66.40 -3.96
O7 NAG LA . 10.95 -69.63 -6.57
H2 NAG LA . 9.92 -67.61 -5.60
H3 NAG LA . 7.71 -68.16 -7.50
H4 NAG LA . 7.35 -67.63 -4.58
H5 NAG LA . 6.50 -65.99 -6.99
H61 NAG LA . 4.77 -65.54 -5.62
H62 NAG LA . 5.96 -64.56 -4.74
H81 NAG LA . 12.55 -70.04 -8.53
H82 NAG LA . 11.81 -68.78 -9.53
H83 NAG LA . 11.01 -70.33 -9.32
HN2 NAG LA . 10.02 -67.32 -8.56
HO3 NAG LA . 8.02 -70.08 -6.64
HO4 NAG LA . 5.41 -67.93 -6.62
HO6 NAG LA . 6.02 -66.04 -3.24
C1 NAG MA . 5.36 -45.00 14.36
C2 NAG MA . 4.68 -43.65 14.63
C3 NAG MA . 3.46 -43.51 15.48
C4 NAG MA . 3.13 -44.72 16.34
C5 NAG MA . 3.51 -46.07 15.70
C6 NAG MA . 2.65 -46.41 14.49
C7 NAG MA . 5.25 -41.86 12.88
C8 NAG MA . 5.96 -40.59 12.37
N2 NAG MA . 5.43 -42.41 14.24
O3 NAG MA . 2.35 -43.26 14.58
O4 NAG MA . 3.89 -44.71 17.55
O5 NAG MA . 4.95 -46.03 15.38
O6 NAG MA . 1.58 -47.29 14.76
O7 NAG MA . 4.48 -42.41 12.15
H2 NAG MA . 5.22 -43.71 15.57
H3 NAG MA . 3.60 -42.63 16.12
H4 NAG MA . 2.06 -44.71 16.56
H5 NAG MA . 3.36 -46.85 16.44
H61 NAG MA . 3.28 -46.94 13.78
H62 NAG MA . 2.30 -45.49 14.03
H81 NAG MA . 5.54 -40.34 11.41
H82 NAG MA . 7.03 -40.77 12.25
H83 NAG MA . 5.81 -39.75 13.03
HN2 NAG MA . 6.05 -41.98 14.90
HO3 NAG MA . 1.55 -43.12 15.09
HO4 NAG MA . 4.42 -45.49 17.52
HO6 NAG MA . 1.23 -47.05 15.59
C1 NAG NA . 33.34 -16.37 -20.56
C2 NAG NA . 33.27 -14.99 -19.92
C3 NAG NA . 33.00 -13.95 -20.96
C4 NAG NA . 33.84 -14.15 -22.19
C5 NAG NA . 34.75 -15.38 -22.40
C6 NAG NA . 36.17 -14.92 -22.30
C7 NAG NA . 32.03 -13.72 -18.08
C8 NAG NA . 30.92 -13.62 -17.03
N2 NAG NA . 32.17 -14.93 -18.90
O3 NAG NA . 33.29 -12.64 -20.40
O4 NAG NA . 33.57 -13.31 -23.32
O5 NAG NA . 34.56 -16.48 -21.44
O6 NAG NA . 37.02 -15.90 -22.81
O7 NAG NA . 32.77 -12.80 -18.24
H2 NAG NA . 34.22 -14.77 -19.45
H3 NAG NA . 31.95 -14.01 -21.22
H4 NAG NA . 33.03 -14.78 -22.55
H5 NAG NA . 34.58 -15.76 -23.40
H61 NAG NA . 36.41 -14.75 -21.25
H62 NAG NA . 36.29 -14.00 -22.85
H81 NAG NA . 29.97 -13.45 -17.52
H82 NAG NA . 31.13 -12.80 -16.36
H83 NAG NA . 30.87 -14.55 -16.47
HN2 NAG NA . 31.56 -15.70 -18.77
HO3 NAG NA . 33.00 -11.98 -21.01
HO4 NAG NA . 33.26 -13.84 -24.04
HO6 NAG NA . 36.60 -16.74 -22.77
C1 NAG OA . 51.69 -2.32 2.14
C2 NAG OA . 52.10 -3.21 3.30
C3 NAG OA . 52.18 -2.43 4.57
C4 NAG OA . 53.06 -1.22 4.44
C5 NAG OA . 52.66 -0.35 3.25
C6 NAG OA . 53.67 0.75 3.07
C7 NAG OA . 51.11 -5.47 2.61
C8 NAG OA . 50.06 -6.58 2.80
N2 NAG OA . 51.09 -4.29 3.48
O3 NAG OA . 52.73 -3.29 5.61
O4 NAG OA . 52.94 -0.44 5.63
O5 NAG OA . 52.60 -1.13 2.00
O6 NAG OA . 53.23 1.88 3.78
O7 NAG OA . 51.93 -5.56 1.76
H2 NAG OA . 53.07 -3.65 3.10
H3 NAG OA . 51.19 -2.12 4.86
H4 NAG OA . 54.08 -1.54 4.32
H5 NAG OA . 51.69 0.07 3.43
H61 NAG OA . 53.76 0.99 2.02
H62 NAG OA . 54.62 0.44 3.45
H81 NAG OA . 50.28 -7.39 2.12
H82 NAG OA . 49.08 -6.18 2.58
H83 NAG OA . 50.10 -6.94 3.81
HN2 NAG OA . 50.40 -4.22 4.20
HO3 NAG OA . 53.16 -2.77 6.26
HO4 NAG OA . 53.78 -0.06 5.84
HO6 NAG OA . 52.98 1.64 4.64
C1 NAG PA . -3.47 -58.90 13.87
C2 NAG PA . -3.30 -60.24 14.59
C3 NAG PA . -3.28 -59.99 16.05
C4 NAG PA . -2.18 -59.04 16.42
C5 NAG PA . -2.17 -57.76 15.57
C6 NAG PA . -0.92 -56.98 15.86
C7 NAG PA . -4.10 -62.57 13.88
C8 NAG PA . -5.23 -63.53 13.51
N2 NAG PA . -4.40 -61.18 14.23
O3 NAG PA . -3.08 -61.26 16.74
O4 NAG PA . -2.33 -58.68 17.80
O5 NAG PA . -2.25 -58.05 14.12
O6 NAG PA . 0.20 -57.68 15.39
O7 NAG PA . -2.98 -62.96 13.91
H2 NAG PA . -2.33 -60.67 14.33
H3 NAG PA . -4.23 -59.56 16.36
H4 NAG PA . -1.23 -59.55 16.30
H5 NAG PA . -3.03 -57.17 15.85
H61 NAG PA . -0.83 -56.84 16.93
H62 NAG PA . -0.97 -56.02 15.37
H81 NAG PA . -4.82 -64.51 13.28
H82 NAG PA . -5.76 -63.15 12.66
H83 NAG PA . -5.91 -63.63 14.35
HN2 NAG PA . -5.35 -60.85 14.22
HO3 NAG PA . -2.92 -61.10 17.66
HO4 NAG PA . -1.54 -58.86 18.26
HO6 NAG PA . 0.85 -57.07 15.10
C1 NAG QA . 12.66 -25.26 61.80
C2 NAG QA . 12.73 -26.02 63.12
C3 NAG QA . 14.10 -26.45 63.56
C4 NAG QA . 15.04 -26.81 62.46
C5 NAG QA . 14.98 -25.82 61.30
C6 NAG QA . 15.94 -26.23 60.23
C7 NAG QA . 11.52 -25.58 65.36
C8 NAG QA . 11.03 -24.57 66.41
N2 NAG QA . 12.23 -25.09 64.18
O3 NAG QA . 13.95 -27.59 64.44
O4 NAG QA . 16.37 -26.84 62.98
O5 NAG QA . 13.62 -25.77 60.76
O6 NAG QA . 15.52 -27.44 59.66
O7 NAG QA . 11.30 -26.74 65.49
C1 NAG RA . -3.48 18.35 82.40
C2 NAG RA . -4.40 17.73 81.36
C3 NAG RA . -5.79 17.56 81.86
C4 NAG RA . -5.80 16.78 83.13
C5 NAG RA . -4.87 17.38 84.19
C6 NAG RA . -4.84 16.47 85.38
C7 NAG RA . -3.91 18.15 78.88
C8 NAG RA . -3.92 19.08 77.66
N2 NAG RA . -4.41 18.63 80.16
O3 NAG RA . -6.57 16.85 80.86
O4 NAG RA . -7.15 16.77 83.65
O5 NAG RA . -3.50 17.57 83.68
O6 NAG RA . -5.96 15.62 85.35
O7 NAG RA . -3.49 17.04 78.78
H2 NAG RA . -4.01 16.76 81.08
H3 NAG RA . -6.22 18.54 82.04
H4 NAG RA . -5.50 15.76 82.93
H5 NAG RA . -5.26 18.35 84.49
H61 NAG RA . -4.87 17.07 86.28
H62 NAG RA . -3.93 15.88 85.35
H81 NAG RA . -4.02 18.49 76.76
H82 NAG RA . -2.98 19.63 77.62
H83 NAG RA . -4.74 19.77 77.75
HN2 NAG RA . -4.76 19.56 80.24
HO3 NAG RA . -7.47 16.82 81.13
HO4 NAG RA . -7.36 15.91 83.96
HO6 NAG RA . -5.74 14.80 85.74
C1 NAG SA . -49.69 11.71 17.79
C2 NAG SA . -48.88 12.97 18.00
C3 NAG SA . -49.02 13.90 16.85
C4 NAG SA . -49.76 13.29 15.70
C5 NAG SA . -49.33 11.85 15.36
C6 NAG SA . -47.99 11.86 14.71
C7 NAG SA . -50.79 13.86 19.50
C8 NAG SA . -51.25 14.56 20.78
N2 NAG SA . -49.36 13.65 19.25
O3 NAG SA . -47.69 14.28 16.40
O4 NAG SA . -51.16 13.28 16.01
O5 NAG SA . -49.27 10.97 16.56
O6 NAG SA . -47.90 10.79 13.80
O7 NAG SA . -51.60 13.50 18.70
H2 NAG SA . -47.84 12.71 18.12
H3 NAG SA . -49.55 14.79 17.18
H4 NAG SA . -49.61 13.91 14.82
H5 NAG SA . -50.05 11.43 14.68
H61 NAG SA . -47.22 11.76 15.45
H62 NAG SA . -47.86 12.79 14.16
H81 NAG SA . -51.00 15.61 20.73
H82 NAG SA . -50.76 14.10 21.63
H83 NAG SA . -52.33 14.45 20.88
HN2 NAG SA . -48.69 13.96 19.93
HO3 NAG SA . -47.75 14.67 15.55
HO6 NAG SA . -48.52 10.93 13.10
C1 NAG TA . 16.04 32.34 21.43
C2 NAG TA . 16.19 33.81 21.05
C3 NAG TA . 17.37 34.08 20.18
C4 NAG TA . 17.91 32.89 19.45
C5 NAG TA . 18.16 31.66 20.33
C6 NAG TA . 19.63 31.50 20.57
C7 NAG TA . 14.39 33.51 19.26
C8 NAG TA . 13.10 34.00 18.59
N2 NAG TA . 14.95 34.28 20.38
O3 NAG TA . 18.44 34.61 21.01
O4 NAG TA . 16.97 32.52 18.45
O5 NAG TA . 17.42 31.75 21.61
O6 NAG TA . 20.06 32.48 21.47
O7 NAG TA . 14.91 32.51 18.90
H2 NAG TA . 16.34 34.41 21.94
H3 NAG TA . 17.11 34.84 19.46
H4 NAG TA . 18.83 33.17 18.96
H5 NAG TA . 17.80 30.78 19.81
H61 NAG TA . 20.18 31.60 19.64
H62 NAG TA . 19.84 30.51 20.99
H81 NAG TA . 12.85 33.33 17.79
H82 NAG TA . 13.24 35.00 18.20
H83 NAG TA . 12.30 34.02 19.31
HN2 NAG TA . 14.49 35.12 20.68
HO3 NAG TA . 19.27 34.45 20.59
HO4 NAG TA . 17.25 31.74 18.02
HO6 NAG TA . 19.30 32.86 21.90
C1 NAG UA . -15.01 -11.74 61.70
C2 NAG UA . -15.13 -12.57 60.43
C3 NAG UA . -16.50 -12.84 59.90
C4 NAG UA . -17.53 -13.07 60.96
C5 NAG UA . -17.36 -12.06 62.11
C6 NAG UA . -18.56 -12.16 63.05
C7 NAG UA . -14.42 -10.44 59.05
C8 NAG UA . -15.57 -9.53 59.54
N2 NAG UA . -14.24 -11.83 59.45
O3 NAG UA . -16.40 -14.06 59.13
O4 NAG UA . -18.82 -12.95 60.35
O5 NAG UA . -16.01 -12.22 62.74
O6 NAG UA . -18.55 -13.31 63.85
O7 NAG UA . -13.65 -9.96 58.29
H2 NAG UA . -14.68 -13.53 60.64
H3 NAG UA . -16.82 -12.03 59.26
H4 NAG UA . -17.41 -14.08 61.35
H5 NAG UA . -17.39 -11.08 61.67
H61 NAG UA . -19.45 -12.18 62.45
H62 NAG UA . -18.60 -11.28 63.68
H81 NAG UA . -15.19 -8.76 60.21
H82 NAG UA . -16.33 -10.10 60.06
H83 NAG UA . -16.01 -9.04 58.68
HN2 NAG UA . -13.45 -12.33 59.08
HO3 NAG UA . -16.68 -13.91 58.25
HO4 NAG UA . -19.31 -13.75 60.48
HO6 NAG UA . -17.70 -13.72 63.83
C1 NAG VA . -9.39 28.21 42.11
C2 NAG VA . -9.58 29.72 42.25
C3 NAG VA . -10.91 30.15 41.78
C4 NAG VA . -11.09 29.79 40.35
C5 NAG VA . -10.95 28.28 40.12
C6 NAG VA . -10.80 28.05 38.64
C7 NAG VA . -7.97 30.07 44.22
C8 NAG VA . -7.65 30.46 45.66
N2 NAG VA . -9.34 30.12 43.67
O3 NAG VA . -11.01 31.60 41.91
O4 NAG VA . -12.39 30.20 39.92
O5 NAG VA . -9.78 27.66 40.77
O6 NAG VA . -9.49 28.38 38.27
O7 NAG VA . -7.08 29.70 43.50
C1 NAG WA . -15.91 -1.94 46.92
C2 NAG WA . -17.30 -1.36 47.15
C3 NAG WA . -17.99 -2.29 48.07
C4 NAG WA . -18.03 -3.68 47.50
C5 NAG WA . -16.72 -4.17 46.85
C6 NAG WA . -17.04 -5.37 46.01
C7 NAG WA . -16.86 1.19 47.02
C8 NAG WA . -16.82 2.57 47.71
N2 NAG WA . -17.26 0.00 47.78
O3 NAG WA . -19.34 -1.81 48.34
O4 NAG WA . -18.39 -4.56 48.56
O5 NAG WA . -16.00 -3.16 46.04
O6 NAG WA . -18.37 -5.28 45.58
O7 NAG WA . -16.54 1.09 45.89
C1 NAG XA . -78.54 -6.74 -18.90
C2 NAG XA . -78.05 -7.31 -17.56
C3 NAG XA . -78.73 -6.70 -16.39
C4 NAG XA . -78.91 -5.22 -16.58
C5 NAG XA . -79.87 -4.93 -17.73
C6 NAG XA . -79.57 -3.59 -18.32
C7 NAG XA . -77.28 -9.71 -17.08
C8 NAG XA . -77.56 -11.23 -17.05
N2 NAG XA . -78.32 -8.79 -17.54
O3 NAG XA . -77.91 -6.92 -15.21
O4 NAG XA . -79.44 -4.66 -15.37
O5 NAG XA . -79.81 -5.95 -18.79
O6 NAG XA . -80.76 -2.98 -18.74
O7 NAG XA . -76.23 -9.30 -16.71
H2 NAG XA . -76.99 -7.14 -17.47
H3 NAG XA . -79.69 -7.16 -16.25
H4 NAG XA . -77.95 -4.77 -16.78
H5 NAG XA . -80.89 -4.91 -17.33
H61 NAG XA . -78.91 -3.70 -19.16
H62 NAG XA . -79.10 -2.96 -17.57
H81 NAG XA . -76.66 -11.75 -16.77
H82 NAG XA . -77.86 -11.55 -18.04
H83 NAG XA . -78.34 -11.44 -16.33
HN2 NAG XA . -79.21 -9.15 -17.85
HO3 NAG XA . -78.09 -6.26 -14.56
HO4 NAG XA . -79.59 -3.73 -15.49
HO6 NAG XA . -80.56 -2.22 -19.26
C1 NAG YA . -23.39 19.31 -28.08
C2 NAG YA . -22.06 18.78 -27.55
C3 NAG YA . -20.91 19.40 -28.26
C4 NAG YA . -21.06 20.88 -28.36
C5 NAG YA . -22.32 21.28 -29.16
C6 NAG YA . -21.91 21.71 -30.53
C7 NAG YA . -21.19 18.09 -25.22
C8 NAG YA . -20.52 16.84 -25.81
N2 NAG YA . -21.94 19.02 -26.07
O3 NAG YA . -20.85 18.84 -29.61
O4 NAG YA . -21.18 21.42 -27.03
O5 NAG YA . -23.25 20.16 -29.31
O6 NAG YA . -21.34 22.99 -30.47
O7 NAG YA . -21.10 18.30 -24.05
H2 NAG YA . -22.00 17.72 -27.70
H3 NAG YA . -20.01 19.16 -27.73
H4 NAG YA . -20.18 21.29 -28.84
H5 NAG YA . -22.81 22.10 -28.65
H61 NAG YA . -22.79 21.71 -31.16
H62 NAG YA . -21.19 21.00 -30.93
H81 NAG YA . -19.92 16.35 -25.06
H82 NAG YA . -19.90 17.15 -26.64
H83 NAG YA . -21.29 16.16 -26.17
HN2 NAG YA . -22.38 19.82 -25.67
HO3 NAG YA . -20.17 18.18 -29.64
HO4 NAG YA . -20.50 22.07 -26.91
HO6 NAG YA . -21.49 23.42 -31.29
C1 NAG ZA . -39.06 22.57 -8.44
C2 NAG ZA . -40.37 22.67 -9.21
C3 NAG ZA . -41.47 23.25 -8.41
C4 NAG ZA . -41.04 24.59 -7.93
C5 NAG ZA . -39.90 24.48 -6.91
C6 NAG ZA . -40.47 24.45 -5.51
C7 NAG ZA . -39.13 23.18 -11.42
C8 NAG ZA . -38.94 24.06 -12.67
N2 NAG ZA . -40.15 23.53 -10.43
O3 NAG ZA . -41.76 22.40 -7.28
O4 NAG ZA . -40.58 25.29 -9.08
O5 NAG ZA . -39.04 23.29 -7.11
O6 NAG ZA . -41.15 25.65 -5.24
O7 NAG ZA . -38.46 22.21 -11.29
H2 NAG ZA . -40.66 21.67 -9.54
H3 NAG ZA . -42.35 23.34 -9.03
H4 NAG ZA . -41.91 25.09 -7.50
H5 NAG ZA . -39.30 25.39 -6.97
H61 NAG ZA . -39.66 24.33 -4.79
H62 NAG ZA . -41.15 23.62 -5.38
H81 NAG ZA . -38.46 23.46 -13.44
H82 NAG ZA . -38.32 24.92 -12.43
H83 NAG ZA . -39.92 24.39 -13.02
HN2 NAG ZA . -40.71 24.35 -10.57
HO3 NAG ZA . -42.49 22.76 -6.79
HO6 NAG ZA . -40.55 26.29 -4.86
#